data_3TAE
#
_entry.id   3TAE
#
_cell.length_a   133.274
_cell.length_b   123.709
_cell.length_c   165.895
_cell.angle_alpha   90.00
_cell.angle_beta   95.97
_cell.angle_gamma   90.00
#
_symmetry.space_group_name_H-M   'P 1 21 1'
#
loop_
_entity.id
_entity.type
_entity.pdbx_description
1 polymer "DNA (5'-D(*CP*CP*(5OC)P*GP*GP*TP*AP*TP*GP*AP*CP*AP*GP*CP*CP*GP*CP*G)-3')"
2 polymer "DNA (5'-D(*GP*CP*GP*GP*CP*TP*GP*TP*CP*AP*TP*AP*CP*CP*A)-3')"
3 polymer 'DNA polymerase'
4 non-polymer 'SULFATE ION'
5 water water
#
loop_
_entity_poly.entity_id
_entity_poly.type
_entity_poly.pdbx_seq_one_letter_code
_entity_poly.pdbx_strand_id
1 'polydeoxyribonucleotide' (DC)(DC)(5OC)(DG)(DG)(DT)(DA)(DT)(DG)(DA)(DC)(DA)(DG)(DC)(DC)(DG)(DC)(DG) E,I,G,K
2 'polydeoxyribonucleotide' (DG)(DC)(DG)(DG)(DC)(DT)(DG)(DT)(DC)(DA)(DT)(DA)(DC)(DC)(DA) F,J,H,L
3 'polypeptide(L)'
;MKEFYLTVEQIGDSIFERYIDSNGRERTREVEYKPSLFAHCPESQATKYFDIYGKPCTRKLFANMRDASQWIKRMEDIGL
EALGMDDFKLAYLSDTYNYEIKYDHTKIRVANFDIEVTSPDGFPEPSQAKHPIDAITHYDSIDDRFYVFDLLNSPYGNVE
EWSIEIAAKLQEQGGDEVPSEIIDKIIYMPFDNEKELLMEYLNFWQQKTPVILTGWNVESFAIPYVYNRIKNIFGESTAK
RLSPHRKTRVKVIENMYGSREIITLFGISVLDYIDLYKKFSFTNQPSYSLDYISEFELNVGKLKYDGPISKLRESNHQRY
ISYNIIAVYRVLQIDAKRQFINLSLDMGYYAKIQIQSVFSPIKTWDAIIFNSLKEQNKVIPQGRSHPVQPYPGAFVKEPI
PNRYKYVMSFDLTSLYPSIIRQVNISPETIAGTFKVAPLHDYINAVAERPSDVYSCSPNGMMYYKDRDGVVPTEITKVFN
QRKEHKGYMLAAQRNGEIIKEALHNPNLSVDEPLDVDYRFDFSDEIKEKIKKLSAKSLNEMLFRAQRTEVAGMTAQINRK
LLINSLYGALGNVWFRYYDLRNATAITTFGQMALQWIERKVNEYLNEVCGTEGEAFVLYGDTDSIYVSADKIIDKVGESK
FRDTNHWVDFLDKFARERMEPAIDRGFREMCEYMNNKQHLMFMDREAIAGPPLGSKGIGGFWTGKKRYALNVWDMEGTRY
AEPKLKIMGLETQKSSTPKAVQKALKECIRRMLQEGEESLQEYFKEFEKEFRQLNYISIASVSSANNIAKYDVGGFPGPK
CPFHIRGILTYNRAIKGNIDAPQVVEGEKVYVLPLREGNPFGDKCIAWPSGTEITDLIKDDVLHWMDYTVLLEKTFIKPL
EGFTSAAKLDYEKKASLFDMFDFHHH
;
A,B,C,D
#
# COMPACT_ATOMS: atom_id res chain seq x y z
N MET I 1 9.53 17.66 30.35
CA MET I 1 10.75 16.87 30.70
C MET I 1 12.00 17.77 30.67
N LYS I 2 12.56 18.01 31.85
CA LYS I 2 13.77 18.82 31.98
C LYS I 2 15.00 17.90 32.00
N GLU I 3 16.08 18.36 31.39
CA GLU I 3 17.23 17.50 31.11
C GLU I 3 18.04 17.14 32.35
N PHE I 4 18.64 15.95 32.32
CA PHE I 4 19.43 15.42 33.43
C PHE I 4 20.71 14.75 32.91
N TYR I 5 21.70 14.58 33.78
CA TYR I 5 22.98 13.98 33.40
C TYR I 5 22.97 12.46 33.48
N LEU I 6 23.84 11.82 32.70
CA LEU I 6 24.04 10.38 32.78
C LEU I 6 25.40 10.08 33.42
N THR I 7 26.48 10.57 32.82
CA THR I 7 27.81 10.45 33.41
C THR I 7 28.57 11.76 33.25
N VAL I 8 29.54 12.00 34.14
CA VAL I 8 30.42 13.16 34.05
C VAL I 8 31.85 12.72 34.31
N GLU I 9 32.80 13.41 33.69
CA GLU I 9 34.19 12.99 33.70
C GLU I 9 35.13 14.17 33.44
N GLN I 10 36.31 14.15 34.06
CA GLN I 10 37.31 15.18 33.81
C GLN I 10 38.54 14.61 33.10
N ILE I 11 38.78 15.09 31.88
CA ILE I 11 39.98 14.74 31.12
C ILE I 11 40.73 16.02 30.78
N GLY I 12 41.84 16.27 31.48
CA GLY I 12 42.60 17.50 31.33
C GLY I 12 41.79 18.73 31.71
N ASP I 13 41.60 19.63 30.75
CA ASP I 13 40.86 20.88 30.95
C ASP I 13 39.40 20.82 30.52
N SER I 14 38.91 19.63 30.20
CA SER I 14 37.53 19.49 29.74
C SER I 14 36.70 18.58 30.64
N ILE I 15 35.45 18.98 30.86
CA ILE I 15 34.43 18.06 31.35
C ILE I 15 33.79 17.34 30.16
N PHE I 16 33.81 16.02 30.20
CA PHE I 16 33.07 15.21 29.23
C PHE I 16 31.80 14.70 29.91
N GLU I 17 30.65 15.07 29.36
CA GLU I 17 29.38 14.72 29.99
C GLU I 17 28.42 14.00 29.04
N ARG I 18 27.87 12.89 29.51
CA ARG I 18 26.76 12.22 28.85
C ARG I 18 25.45 12.65 29.51
N TYR I 19 24.46 13.01 28.70
CA TYR I 19 23.19 13.49 29.25
C TYR I 19 22.00 13.26 28.32
N ILE I 20 20.81 13.27 28.91
CA ILE I 20 19.56 13.23 28.17
C ILE I 20 19.08 14.67 28.02
N ASP I 21 18.86 15.11 26.78
CA ASP I 21 18.45 16.50 26.53
C ASP I 21 16.94 16.69 26.71
N SER I 22 16.47 17.93 26.60
CA SER I 22 15.06 18.26 26.86
C SER I 22 14.07 17.61 25.87
N ASN I 23 14.60 16.86 24.90
CA ASN I 23 13.78 16.08 23.98
C ASN I 23 13.83 14.58 24.23
N GLY I 24 14.74 14.16 25.12
CA GLY I 24 14.84 12.74 25.48
C GLY I 24 15.93 11.98 24.75
N ARG I 25 16.70 12.66 23.90
CA ARG I 25 17.79 12.04 23.16
C ARG I 25 19.05 11.97 24.01
N GLU I 26 19.76 10.84 23.93
CA GLU I 26 21.05 10.73 24.58
C GLU I 26 22.12 11.52 23.82
N ARG I 27 22.94 12.26 24.56
CA ARG I 27 23.90 13.18 23.96
C ARG I 27 25.21 13.30 24.73
N THR I 28 26.22 13.84 24.06
CA THR I 28 27.53 14.05 24.66
C THR I 28 28.00 15.49 24.46
N ARG I 29 28.51 16.08 25.54
CA ARG I 29 29.03 17.46 25.58
C ARG I 29 30.50 17.45 25.92
N GLU I 30 31.27 18.32 25.28
CA GLU I 30 32.56 18.69 25.84
C GLU I 30 32.52 20.14 26.27
N VAL I 31 32.81 20.38 27.54
CA VAL I 31 32.76 21.74 28.10
C VAL I 31 34.12 22.11 28.71
N GLU I 32 34.64 23.27 28.31
CA GLU I 32 35.82 23.81 28.96
C GLU I 32 35.39 24.58 30.20
N TYR I 33 35.09 23.83 31.26
CA TYR I 33 34.48 24.36 32.47
C TYR I 33 35.42 25.30 33.23
N LYS I 34 34.87 26.43 33.67
CA LYS I 34 35.61 27.43 34.43
C LYS I 34 35.23 27.32 35.90
N PRO I 35 36.15 26.79 36.73
CA PRO I 35 35.82 26.61 38.14
C PRO I 35 36.08 27.84 38.99
N SER I 36 35.34 27.99 40.07
CA SER I 36 35.62 29.02 41.06
C SER I 36 36.15 28.39 42.33
N LEU I 37 37.15 29.01 42.93
CA LEU I 37 37.57 28.70 44.29
C LEU I 37 37.62 29.98 45.10
N PHE I 38 37.98 29.86 46.39
CA PHE I 38 37.86 30.97 47.31
C PHE I 38 39.04 31.08 48.28
N ALA I 39 39.41 32.31 48.59
CA ALA I 39 40.41 32.60 49.61
C ALA I 39 39.86 33.64 50.59
N HIS I 40 40.44 33.68 51.79
CA HIS I 40 40.05 34.69 52.79
C HIS I 40 40.49 36.06 52.39
N CYS I 41 39.65 37.05 52.67
CA CYS I 41 39.93 38.45 52.36
C CYS I 41 39.79 39.33 53.60
N PRO I 42 40.27 40.59 53.55
CA PRO I 42 40.05 41.48 54.70
C PRO I 42 38.60 41.92 54.84
N GLU I 43 38.26 42.44 56.03
CA GLU I 43 36.90 42.92 56.32
C GLU I 43 36.46 44.09 55.43
N SER I 44 37.44 44.79 54.85
CA SER I 44 37.20 45.92 53.95
C SER I 44 36.51 45.53 52.64
N GLN I 45 36.80 44.32 52.16
CA GLN I 45 36.20 43.80 50.93
C GLN I 45 34.74 43.39 51.12
N ALA I 46 33.87 43.97 50.30
CA ALA I 46 32.43 43.70 50.34
C ALA I 46 32.04 42.52 49.44
N THR I 47 32.13 41.32 49.98
CA THR I 47 31.66 40.13 49.27
C THR I 47 30.37 39.62 49.88
N LYS I 48 29.70 38.74 49.15
CA LYS I 48 28.55 38.01 49.67
C LYS I 48 28.93 36.57 50.03
N TYR I 49 30.20 36.23 49.87
CA TYR I 49 30.68 34.87 50.15
C TYR I 49 31.35 34.78 51.53
N PHE I 50 30.82 33.91 52.37
CA PHE I 50 31.35 33.71 53.71
C PHE I 50 31.56 32.22 53.97
N ASP I 51 32.65 31.88 54.65
CA ASP I 51 32.87 30.48 55.04
C ASP I 51 31.96 30.09 56.21
N ILE I 52 32.03 28.83 56.64
CA ILE I 52 31.13 28.33 57.68
C ILE I 52 31.35 28.98 59.06
N TYR I 53 32.47 29.66 59.22
CA TYR I 53 32.81 30.41 60.44
C TYR I 53 32.40 31.88 60.35
N GLY I 54 31.80 32.26 59.22
CA GLY I 54 31.34 33.63 59.00
C GLY I 54 32.44 34.58 58.58
N LYS I 55 33.58 34.03 58.18
CA LYS I 55 34.71 34.84 57.75
C LYS I 55 34.60 35.15 56.25
N PRO I 56 34.78 36.43 55.87
CA PRO I 56 34.60 36.88 54.48
C PRO I 56 35.56 36.19 53.48
N CYS I 57 35.04 35.90 52.29
CA CYS I 57 35.81 35.20 51.26
C CYS I 57 35.66 35.83 49.89
N THR I 58 36.75 35.86 49.15
CA THR I 58 36.75 36.40 47.80
C THR I 58 36.73 35.26 46.78
N ARG I 59 35.99 35.47 45.70
CA ARG I 59 35.77 34.47 44.67
C ARG I 59 36.82 34.57 43.56
N LYS I 60 37.59 33.51 43.37
CA LYS I 60 38.60 33.44 42.33
C LYS I 60 38.07 32.62 41.17
N LEU I 61 37.81 33.27 40.04
CA LEU I 61 37.37 32.55 38.84
C LEU I 61 38.54 32.19 37.94
N PHE I 62 38.65 30.91 37.60
CA PHE I 62 39.80 30.40 36.86
C PHE I 62 39.54 30.21 35.37
N ALA I 63 40.59 30.40 34.56
CA ALA I 63 40.49 30.24 33.11
C ALA I 63 40.26 28.78 32.69
N ASN I 64 40.82 27.86 33.47
CA ASN I 64 40.61 26.43 33.27
C ASN I 64 40.86 25.67 34.56
N MET I 65 40.64 24.36 34.52
CA MET I 65 40.70 23.53 35.73
C MET I 65 42.13 23.27 36.23
N ARG I 66 43.10 23.22 35.31
CA ARG I 66 44.49 23.02 35.70
C ARG I 66 45.04 24.21 36.48
N ASP I 67 44.63 25.42 36.11
CA ASP I 67 45.01 26.62 36.84
C ASP I 67 44.48 26.63 38.28
N ALA I 68 43.24 26.17 38.45
CA ALA I 68 42.60 26.08 39.77
C ALA I 68 43.36 25.10 40.66
N SER I 69 43.78 23.99 40.07
CA SER I 69 44.49 22.93 40.77
C SER I 69 45.91 23.36 41.13
N GLN I 70 46.54 24.13 40.25
CA GLN I 70 47.88 24.65 40.49
C GLN I 70 47.86 25.75 41.55
N TRP I 71 46.75 26.46 41.62
CA TRP I 71 46.55 27.49 42.62
C TRP I 71 46.41 26.89 43.99
N ILE I 72 45.68 25.77 44.08
CA ILE I 72 45.56 25.01 45.32
C ILE I 72 46.95 24.61 45.84
N LYS I 73 47.81 24.10 44.96
CA LYS I 73 49.16 23.70 45.34
C LYS I 73 50.00 24.88 45.86
N ARG I 74 49.83 26.06 45.25
CA ARG I 74 50.56 27.27 45.69
C ARG I 74 50.08 27.77 47.05
N MET I 75 48.78 27.62 47.32
CA MET I 75 48.23 28.00 48.62
C MET I 75 48.73 27.08 49.73
N GLU I 76 48.85 25.78 49.43
CA GLU I 76 49.38 24.80 50.36
C GLU I 76 50.83 25.15 50.74
N ASP I 77 51.60 25.54 49.73
CA ASP I 77 52.98 25.93 49.89
C ASP I 77 53.17 27.21 50.69
N ILE I 78 52.19 28.11 50.62
CA ILE I 78 52.24 29.35 51.38
C ILE I 78 51.67 29.12 52.79
N GLY I 79 50.79 28.14 52.91
CA GLY I 79 50.18 27.80 54.19
C GLY I 79 48.90 28.56 54.48
N LEU I 80 48.16 28.90 53.43
CA LEU I 80 46.87 29.58 53.56
C LEU I 80 45.76 28.73 52.98
N GLU I 81 44.58 28.79 53.60
CA GLU I 81 43.46 27.96 53.20
C GLU I 81 43.02 28.25 51.77
N ALA I 82 42.71 27.20 51.03
CA ALA I 82 42.11 27.33 49.70
C ALA I 82 40.70 26.73 49.75
N LEU I 83 39.70 27.59 49.91
CA LEU I 83 38.33 27.14 50.17
C LEU I 83 37.54 26.89 48.89
N GLY I 84 36.51 26.05 48.99
CA GLY I 84 35.67 25.69 47.84
C GLY I 84 35.76 24.23 47.41
N MET I 85 34.89 23.85 46.48
CA MET I 85 34.80 22.48 45.98
C MET I 85 35.93 22.14 45.00
N ASP I 86 36.84 21.27 45.45
CA ASP I 86 38.06 20.93 44.70
C ASP I 86 37.88 19.77 43.71
N ASP I 87 36.83 18.97 43.89
CA ASP I 87 36.38 18.01 42.89
C ASP I 87 35.46 18.75 41.92
N PHE I 88 36.02 19.15 40.78
CA PHE I 88 35.31 20.02 39.84
C PHE I 88 34.15 19.37 39.09
N LYS I 89 34.05 18.04 39.13
CA LYS I 89 32.91 17.34 38.55
C LYS I 89 31.62 17.67 39.30
N LEU I 90 31.72 17.70 40.63
CA LEU I 90 30.58 17.99 41.49
C LEU I 90 30.14 19.44 41.29
N ALA I 91 31.10 20.35 41.26
CA ALA I 91 30.83 21.77 41.01
C ALA I 91 30.17 21.97 39.64
N TYR I 92 30.71 21.31 38.62
CA TYR I 92 30.10 21.32 37.29
C TYR I 92 28.65 20.81 37.31
N LEU I 93 28.39 19.75 38.06
CA LEU I 93 27.06 19.17 38.14
C LEU I 93 26.10 20.13 38.83
N SER I 94 26.58 20.76 39.89
CA SER I 94 25.81 21.71 40.69
C SER I 94 25.50 22.99 39.92
N ASP I 95 26.43 23.42 39.05
CA ASP I 95 26.22 24.59 38.20
C ASP I 95 25.24 24.32 37.05
N THR I 96 25.43 23.19 36.37
CA THR I 96 24.59 22.81 35.24
C THR I 96 23.19 22.34 35.64
N TYR I 97 23.07 21.76 36.84
CA TYR I 97 21.80 21.22 37.31
C TYR I 97 21.40 21.78 38.67
N ASN I 98 21.10 23.08 38.69
CA ASN I 98 20.79 23.80 39.91
C ASN I 98 19.30 23.82 40.21
N TYR I 99 18.74 22.62 40.36
CA TYR I 99 17.31 22.42 40.63
C TYR I 99 17.11 20.96 41.04
N GLU I 100 15.92 20.62 41.50
CA GLU I 100 15.60 19.25 41.88
C GLU I 100 15.53 18.39 40.63
N ILE I 101 16.52 17.51 40.47
CA ILE I 101 16.61 16.63 39.31
C ILE I 101 15.50 15.58 39.27
N LYS I 102 14.71 15.60 38.20
CA LYS I 102 13.74 14.55 37.91
C LYS I 102 14.23 13.74 36.70
N TYR I 103 14.44 12.45 36.92
CA TYR I 103 14.96 11.58 35.86
C TYR I 103 13.93 10.58 35.36
N ASP I 104 14.18 10.04 34.18
CA ASP I 104 13.31 9.06 33.55
C ASP I 104 14.13 7.81 33.22
N HIS I 105 13.96 6.76 34.03
CA HIS I 105 14.80 5.56 33.93
C HIS I 105 14.81 4.93 32.57
N THR I 106 13.67 5.03 31.87
CA THR I 106 13.48 4.42 30.54
C THR I 106 14.44 4.97 29.50
N LYS I 107 15.02 6.15 29.77
CA LYS I 107 15.99 6.74 28.86
C LYS I 107 17.45 6.56 29.30
N ILE I 108 17.63 5.83 30.40
CA ILE I 108 18.95 5.45 30.90
C ILE I 108 19.27 4.02 30.47
N ARG I 109 20.31 3.86 29.67
CA ARG I 109 20.73 2.53 29.22
C ARG I 109 21.43 1.80 30.36
N VAL I 110 20.78 0.78 30.89
CA VAL I 110 21.34 -0.07 31.93
C VAL I 110 21.66 -1.43 31.33
N ALA I 111 22.94 -1.80 31.34
CA ALA I 111 23.36 -3.09 30.82
C ALA I 111 23.79 -4.03 31.94
N ASN I 112 23.40 -5.29 31.83
CA ASN I 112 24.03 -6.34 32.63
C ASN I 112 24.48 -7.46 31.74
N PHE I 113 25.70 -7.91 31.98
CA PHE I 113 26.31 -8.89 31.10
C PHE I 113 27.13 -9.91 31.85
N ASP I 114 27.31 -11.07 31.23
CA ASP I 114 28.07 -12.16 31.80
C ASP I 114 28.87 -12.84 30.71
N ILE I 115 30.07 -13.26 31.07
CA ILE I 115 31.03 -13.84 30.16
C ILE I 115 31.28 -15.31 30.49
N GLU I 116 31.66 -16.11 29.50
CA GLU I 116 32.11 -17.48 29.77
C GLU I 116 33.44 -17.72 29.07
N VAL I 117 34.36 -18.36 29.78
CA VAL I 117 35.70 -18.63 29.30
C VAL I 117 36.10 -20.06 29.67
N THR I 118 36.09 -20.96 28.69
CA THR I 118 36.56 -22.33 28.92
C THR I 118 38.04 -22.29 29.25
N SER I 119 38.40 -22.92 30.37
CA SER I 119 39.78 -22.91 30.86
C SER I 119 40.17 -24.24 31.52
N PRO I 120 41.04 -25.03 30.86
CA PRO I 120 41.51 -26.27 31.47
C PRO I 120 42.59 -26.03 32.53
N ASP I 121 43.09 -24.80 32.58
CA ASP I 121 44.21 -24.38 33.43
C ASP I 121 43.82 -24.06 34.87
N GLY I 122 42.53 -23.99 35.16
CA GLY I 122 42.04 -23.45 36.43
C GLY I 122 41.35 -22.12 36.20
N PHE I 123 41.22 -21.30 37.25
CA PHE I 123 40.55 -20.01 37.11
C PHE I 123 41.36 -19.07 36.23
N PRO I 124 40.74 -18.57 35.14
CA PRO I 124 41.46 -17.75 34.16
C PRO I 124 41.62 -16.29 34.60
N GLU I 125 42.83 -15.96 35.05
CA GLU I 125 43.14 -14.60 35.51
C GLU I 125 42.84 -13.52 34.48
N PRO I 126 42.02 -12.52 34.85
CA PRO I 126 41.62 -11.41 33.98
C PRO I 126 42.78 -10.52 33.52
N SER I 127 43.85 -10.46 34.32
CA SER I 127 44.99 -9.62 33.95
C SER I 127 45.87 -10.25 32.85
N GLN I 128 45.69 -11.54 32.64
CA GLN I 128 46.42 -12.25 31.60
C GLN I 128 45.53 -12.50 30.36
N ALA I 129 44.25 -12.76 30.60
CA ALA I 129 43.30 -13.19 29.55
C ALA I 129 43.92 -14.16 28.53
N LYS I 130 44.39 -15.29 29.05
CA LYS I 130 45.09 -16.31 28.25
C LYS I 130 44.17 -17.12 27.33
N HIS I 131 42.88 -17.19 27.65
CA HIS I 131 41.96 -18.07 26.93
C HIS I 131 40.86 -17.35 26.21
N PRO I 132 40.34 -17.96 25.13
CA PRO I 132 39.25 -17.35 24.37
C PRO I 132 37.99 -17.12 25.19
N ILE I 133 37.32 -16.00 24.94
CA ILE I 133 36.01 -15.73 25.49
C ILE I 133 35.07 -16.49 24.56
N ASP I 134 34.38 -17.48 25.09
CA ASP I 134 33.55 -18.30 24.21
C ASP I 134 32.04 -18.06 24.32
N ALA I 135 31.64 -17.09 25.14
CA ALA I 135 30.23 -16.70 25.25
C ALA I 135 30.08 -15.36 25.97
N ILE I 136 29.16 -14.55 25.47
CA ILE I 136 28.77 -13.31 26.12
C ILE I 136 27.27 -13.20 26.01
N THR I 137 26.61 -12.97 27.13
CA THR I 137 25.21 -12.57 27.15
C THR I 137 25.14 -11.15 27.68
N HIS I 138 24.43 -10.29 26.95
CA HIS I 138 24.43 -8.86 27.24
C HIS I 138 23.03 -8.32 27.15
N TYR I 139 22.43 -8.03 28.30
CA TYR I 139 21.08 -7.47 28.33
C TYR I 139 21.08 -5.94 28.32
N ASP I 140 20.25 -5.39 27.44
CA ASP I 140 20.08 -3.95 27.28
C ASP I 140 18.67 -3.54 27.73
N SER I 141 18.59 -2.69 28.74
CA SER I 141 17.29 -2.30 29.33
C SER I 141 16.39 -1.47 28.41
N ILE I 142 16.98 -0.76 27.45
CA ILE I 142 16.20 0.05 26.51
C ILE I 142 15.55 -0.81 25.43
N ASP I 143 16.32 -1.72 24.83
CA ASP I 143 15.79 -2.65 23.85
C ASP I 143 14.90 -3.71 24.50
N ASP I 144 15.22 -4.03 25.75
CA ASP I 144 14.60 -5.15 26.49
C ASP I 144 14.93 -6.49 25.82
N ARG I 145 16.18 -6.63 25.38
CA ARG I 145 16.63 -7.85 24.70
C ARG I 145 17.90 -8.41 25.34
N PHE I 146 18.01 -9.74 25.31
CA PHE I 146 19.24 -10.42 25.68
C PHE I 146 20.01 -10.71 24.40
N TYR I 147 21.22 -10.16 24.30
CA TYR I 147 22.05 -10.38 23.13
C TYR I 147 23.07 -11.44 23.44
N VAL I 148 23.00 -12.57 22.71
CA VAL I 148 23.88 -13.71 22.97
C VAL I 148 24.94 -13.89 21.88
N PHE I 149 26.20 -13.77 22.28
CA PHE I 149 27.32 -13.91 21.37
C PHE I 149 27.95 -15.26 21.67
N ASP I 150 27.97 -16.14 20.69
CA ASP I 150 28.31 -17.55 20.88
C ASP I 150 29.45 -17.96 19.97
N LEU I 151 30.54 -18.45 20.56
CA LEU I 151 31.70 -18.90 19.79
C LEU I 151 31.54 -20.37 19.40
N LEU I 152 31.52 -20.64 18.10
CA LEU I 152 31.38 -22.01 17.59
C LEU I 152 32.69 -22.77 17.46
N ASN I 153 33.79 -22.06 17.23
CA ASN I 153 35.09 -22.70 17.01
C ASN I 153 36.18 -22.14 17.92
N SER I 154 36.78 -23.01 18.73
CA SER I 154 37.88 -22.60 19.60
C SER I 154 38.90 -23.71 19.78
N PRO I 155 40.07 -23.39 20.36
CA PRO I 155 41.07 -24.43 20.68
C PRO I 155 40.51 -25.59 21.48
N TYR I 156 39.42 -25.37 22.22
CA TYR I 156 38.88 -26.42 23.09
C TYR I 156 37.68 -27.16 22.51
N GLY I 157 37.27 -26.79 21.30
CA GLY I 157 36.26 -27.54 20.58
C GLY I 157 35.51 -26.79 19.51
N ASN I 158 34.96 -27.55 18.57
CA ASN I 158 34.04 -27.04 17.57
C ASN I 158 32.67 -27.55 17.92
N VAL I 159 31.70 -26.66 18.02
CA VAL I 159 30.39 -27.06 18.53
C VAL I 159 29.25 -26.71 17.58
N GLU I 160 28.10 -27.34 17.82
CA GLU I 160 26.84 -27.03 17.15
C GLU I 160 26.37 -25.65 17.61
N GLU I 161 25.45 -25.03 16.86
CA GLU I 161 24.75 -23.83 17.29
C GLU I 161 23.76 -24.17 18.38
N TRP I 162 23.64 -23.27 19.35
CA TRP I 162 22.65 -23.35 20.40
C TRP I 162 21.25 -23.32 19.82
N SER I 163 20.37 -24.12 20.40
CA SER I 163 18.97 -24.19 19.96
C SER I 163 18.06 -23.54 20.99
N ILE I 164 17.22 -22.61 20.54
CA ILE I 164 16.26 -21.94 21.41
C ILE I 164 15.01 -22.82 21.62
N GLU I 165 14.75 -23.70 20.66
CA GLU I 165 13.68 -24.69 20.77
C GLU I 165 13.98 -25.68 21.89
N ILE I 166 15.18 -26.26 21.88
CA ILE I 166 15.67 -27.15 22.93
C ILE I 166 15.74 -26.41 24.28
N ALA I 167 16.16 -25.14 24.25
CA ALA I 167 16.32 -24.33 25.46
C ALA I 167 15.03 -24.09 26.26
N ALA I 168 13.89 -24.15 25.59
CA ALA I 168 12.60 -23.83 26.22
C ALA I 168 11.88 -25.06 26.78
N LYS I 169 12.22 -26.25 26.27
CA LYS I 169 11.60 -27.50 26.73
C LYS I 169 11.95 -27.79 28.20
N LEU I 170 11.15 -28.63 28.85
CA LEU I 170 11.41 -29.03 30.24
C LEU I 170 12.72 -29.80 30.36
N GLN I 171 13.28 -29.82 31.57
CA GLN I 171 14.53 -30.55 31.85
C GLN I 171 14.36 -32.06 31.69
N GLU I 172 13.13 -32.54 31.92
CA GLU I 172 12.78 -33.93 31.72
C GLU I 172 12.83 -34.31 30.23
N GLN I 173 12.74 -33.30 29.37
CA GLN I 173 12.64 -33.47 27.92
C GLN I 173 13.95 -33.19 27.19
N GLY I 174 15.01 -32.92 27.95
CA GLY I 174 16.30 -32.55 27.36
C GLY I 174 16.43 -31.04 27.19
N GLY I 175 15.49 -30.30 27.78
CA GLY I 175 15.46 -28.86 27.64
C GLY I 175 16.26 -28.15 28.72
N ASP I 176 16.35 -26.83 28.60
CA ASP I 176 17.13 -26.03 29.53
C ASP I 176 16.26 -25.23 30.50
N GLU I 177 14.95 -25.30 30.31
CA GLU I 177 13.97 -24.57 31.12
C GLU I 177 14.22 -23.06 31.19
N VAL I 178 14.75 -22.50 30.12
CA VAL I 178 14.82 -21.06 29.95
C VAL I 178 13.37 -20.56 29.98
N PRO I 179 13.06 -19.60 30.88
CA PRO I 179 11.68 -19.15 31.11
C PRO I 179 11.07 -18.51 29.87
N SER I 180 9.77 -18.74 29.67
CA SER I 180 9.04 -18.21 28.53
C SER I 180 8.87 -16.68 28.60
N GLU I 181 9.21 -16.09 29.75
CA GLU I 181 9.19 -14.64 29.89
C GLU I 181 10.29 -13.98 29.08
N ILE I 182 11.37 -14.71 28.83
CA ILE I 182 12.53 -14.15 28.13
C ILE I 182 12.87 -14.80 26.79
N ILE I 183 12.20 -15.91 26.48
CA ILE I 183 12.41 -16.66 25.23
C ILE I 183 12.22 -15.82 23.96
N ASP I 184 11.19 -14.97 23.96
CA ASP I 184 10.92 -14.09 22.81
C ASP I 184 11.84 -12.85 22.79
N LYS I 185 12.79 -12.80 23.72
CA LYS I 185 13.66 -11.63 23.87
C LYS I 185 15.14 -11.91 23.60
N ILE I 186 15.47 -13.14 23.22
CA ILE I 186 16.85 -13.50 22.96
C ILE I 186 17.19 -13.24 21.50
N ILE I 187 18.25 -12.48 21.28
CA ILE I 187 18.79 -12.25 19.95
C ILE I 187 20.07 -13.07 19.89
N TYR I 188 20.02 -14.18 19.17
CA TYR I 188 21.13 -15.11 19.12
C TYR I 188 22.02 -14.82 17.92
N MET I 189 23.33 -14.75 18.15
CA MET I 189 24.27 -14.61 17.04
C MET I 189 25.57 -15.42 17.23
N PRO I 190 25.72 -16.50 16.44
CA PRO I 190 26.89 -17.40 16.45
C PRO I 190 28.07 -16.84 15.67
N PHE I 191 29.28 -17.28 16.00
CA PHE I 191 30.48 -16.78 15.32
C PHE I 191 31.48 -17.88 15.00
N ASP I 192 32.09 -17.79 13.82
CA ASP I 192 33.07 -18.78 13.34
C ASP I 192 34.40 -18.75 14.10
N ASN I 193 34.83 -17.57 14.54
CA ASN I 193 36.06 -17.43 15.31
C ASN I 193 35.98 -16.30 16.36
N GLU I 194 36.94 -16.27 17.27
CA GLU I 194 36.92 -15.31 18.38
C GLU I 194 37.04 -13.85 17.94
N LYS I 195 37.98 -13.58 17.04
CA LYS I 195 38.19 -12.23 16.51
C LYS I 195 36.92 -11.58 15.96
N GLU I 196 36.12 -12.35 15.22
CA GLU I 196 34.85 -11.87 14.67
C GLU I 196 33.85 -11.55 15.78
N LEU I 197 33.74 -12.46 16.74
CA LEU I 197 32.86 -12.29 17.90
C LEU I 197 33.22 -11.03 18.69
N LEU I 198 34.50 -10.90 19.03
CA LEU I 198 35.02 -9.76 19.77
C LEU I 198 34.81 -8.41 19.06
N MET I 199 35.07 -8.38 17.76
CA MET I 199 34.90 -7.17 16.97
C MET I 199 33.44 -6.80 16.77
N GLU I 200 32.58 -7.81 16.67
CA GLU I 200 31.14 -7.57 16.65
C GLU I 200 30.61 -7.12 17.99
N TYR I 201 31.21 -7.58 19.07
CA TYR I 201 30.81 -7.13 20.40
C TYR I 201 31.18 -5.67 20.61
N LEU I 202 32.36 -5.28 20.12
CA LEU I 202 32.81 -3.89 20.19
C LEU I 202 31.94 -2.90 19.40
N ASN I 203 31.54 -3.27 18.18
CA ASN I 203 30.70 -2.39 17.37
C ASN I 203 29.32 -2.25 18.00
N PHE I 204 28.81 -3.37 18.50
CA PHE I 204 27.55 -3.41 19.22
C PHE I 204 27.60 -2.45 20.42
N TRP I 205 28.70 -2.51 21.17
CA TRP I 205 28.95 -1.65 22.33
C TRP I 205 28.94 -0.18 21.99
N GLN I 206 29.42 0.19 20.80
CA GLN I 206 29.46 1.59 20.37
C GLN I 206 28.09 2.10 19.98
N GLN I 207 27.23 1.19 19.52
CA GLN I 207 25.90 1.56 19.09
C GLN I 207 24.94 1.60 20.28
N LYS I 208 25.27 0.84 21.31
CA LYS I 208 24.47 0.77 22.53
C LYS I 208 25.40 0.83 23.73
N THR I 209 25.96 2.00 23.98
CA THR I 209 26.96 2.17 25.02
C THR I 209 26.31 2.36 26.38
N PRO I 210 26.56 1.41 27.31
CA PRO I 210 25.95 1.44 28.64
C PRO I 210 26.25 2.73 29.38
N VAL I 211 25.25 3.25 30.09
CA VAL I 211 25.46 4.31 31.07
C VAL I 211 25.80 3.64 32.39
N ILE I 212 24.94 2.72 32.82
CA ILE I 212 25.17 1.89 34.00
C ILE I 212 25.45 0.48 33.53
N LEU I 213 26.59 -0.06 33.98
CA LEU I 213 27.03 -1.40 33.63
C LEU I 213 27.03 -2.23 34.89
N THR I 214 26.32 -3.35 34.86
CA THR I 214 26.17 -4.20 36.04
C THR I 214 26.23 -5.69 35.65
N GLY I 215 25.94 -6.55 36.62
CA GLY I 215 26.12 -7.99 36.48
C GLY I 215 26.84 -8.50 37.71
N TRP I 216 26.84 -9.81 37.88
CA TRP I 216 27.48 -10.41 39.03
C TRP I 216 28.95 -10.55 38.78
N ASN I 217 29.76 -9.85 39.57
CA ASN I 217 31.22 -9.85 39.48
C ASN I 217 31.85 -9.08 38.32
N VAL I 218 31.06 -8.28 37.60
CA VAL I 218 31.57 -7.61 36.39
C VAL I 218 32.87 -6.80 36.59
N GLU I 219 33.03 -6.20 37.76
CA GLU I 219 34.16 -5.30 38.00
C GLU I 219 35.50 -6.01 38.22
N SER I 220 35.48 -7.23 38.74
CA SER I 220 36.73 -7.93 39.03
C SER I 220 37.00 -9.12 38.12
N PHE I 221 36.05 -9.42 37.23
CA PHE I 221 36.27 -10.47 36.23
C PHE I 221 35.85 -10.07 34.80
N ALA I 222 34.55 -10.00 34.55
CA ALA I 222 34.05 -9.82 33.18
C ALA I 222 34.66 -8.61 32.46
N ILE I 223 34.59 -7.42 33.08
CA ILE I 223 35.18 -6.22 32.46
C ILE I 223 36.70 -6.34 32.26
N PRO I 224 37.47 -6.69 33.32
CA PRO I 224 38.90 -6.77 33.07
C PRO I 224 39.25 -7.86 32.05
N TYR I 225 38.46 -8.94 31.99
CA TYR I 225 38.74 -10.00 31.02
C TYR I 225 38.50 -9.55 29.59
N VAL I 226 37.34 -8.95 29.32
CA VAL I 226 37.03 -8.46 27.98
C VAL I 226 38.06 -7.43 27.52
N TYR I 227 38.43 -6.53 28.42
CA TYR I 227 39.33 -5.43 28.10
C TYR I 227 40.71 -5.95 27.72
N ASN I 228 41.24 -6.85 28.54
CA ASN I 228 42.59 -7.38 28.37
C ASN I 228 42.72 -8.36 27.20
N ARG I 229 41.65 -9.11 26.96
CA ARG I 229 41.59 -10.03 25.84
C ARG I 229 41.66 -9.26 24.53
N ILE I 230 40.78 -8.26 24.40
CA ILE I 230 40.77 -7.37 23.22
C ILE I 230 42.11 -6.66 23.13
N LYS I 231 42.62 -6.20 24.26
CA LYS I 231 43.92 -5.52 24.32
C LYS I 231 45.05 -6.39 23.78
N ASN I 232 45.15 -7.64 24.25
CA ASN I 232 46.22 -8.55 23.82
C ASN I 232 46.15 -8.92 22.35
N ILE I 233 44.94 -9.16 21.85
CA ILE I 233 44.75 -9.54 20.45
C ILE I 233 44.89 -8.36 19.48
N PHE I 234 44.18 -7.27 19.74
CA PHE I 234 44.06 -6.18 18.77
C PHE I 234 44.93 -4.97 19.05
N GLY I 235 45.36 -4.80 20.30
CA GLY I 235 46.07 -3.59 20.72
C GLY I 235 45.26 -2.70 21.66
N GLU I 236 45.98 -1.89 22.43
CA GLU I 236 45.42 -1.00 23.45
C GLU I 236 44.36 -0.02 22.91
N SER I 237 44.62 0.54 21.73
CA SER I 237 43.69 1.45 21.05
C SER I 237 42.29 0.87 20.84
N THR I 238 42.23 -0.39 20.42
CA THR I 238 40.97 -1.06 20.15
C THR I 238 40.25 -1.35 21.45
N ALA I 239 41.01 -1.71 22.49
CA ALA I 239 40.43 -1.94 23.80
C ALA I 239 39.84 -0.68 24.42
N LYS I 240 40.48 0.48 24.21
CA LYS I 240 40.00 1.77 24.74
C LYS I 240 38.63 2.14 24.20
N ARG I 241 38.27 1.54 23.07
CA ARG I 241 37.00 1.77 22.38
C ARG I 241 35.80 1.39 23.25
N LEU I 242 36.05 0.60 24.30
CA LEU I 242 35.03 0.27 25.31
C LEU I 242 34.63 1.47 26.17
N SER I 243 35.39 2.57 26.07
CA SER I 243 35.02 3.81 26.72
C SER I 243 34.50 4.80 25.69
N PRO I 244 33.33 5.42 25.96
CA PRO I 244 32.77 6.44 25.07
C PRO I 244 33.77 7.55 24.75
N HIS I 245 34.71 7.78 25.66
CA HIS I 245 35.71 8.84 25.51
C HIS I 245 37.09 8.31 25.24
N ARG I 246 37.18 7.01 24.90
CA ARG I 246 38.45 6.37 24.55
C ARG I 246 39.54 6.53 25.62
N LYS I 247 39.12 6.59 26.88
CA LYS I 247 40.04 6.77 27.99
C LYS I 247 39.77 5.73 29.08
N THR I 248 40.83 5.04 29.48
CA THR I 248 40.73 4.00 30.49
C THR I 248 41.86 4.12 31.50
N ARG I 249 41.63 3.60 32.70
CA ARG I 249 42.67 3.58 33.72
C ARG I 249 42.74 2.20 34.35
N VAL I 250 43.96 1.69 34.48
CA VAL I 250 44.21 0.43 35.18
C VAL I 250 44.45 0.75 36.66
N LYS I 251 43.42 0.48 37.46
CA LYS I 251 43.44 0.71 38.91
C LYS I 251 43.83 -0.59 39.60
N VAL I 252 44.84 -0.53 40.47
CA VAL I 252 45.23 -1.68 41.27
C VAL I 252 44.69 -1.55 42.69
N ILE I 253 43.67 -2.34 43.00
CA ILE I 253 43.08 -2.39 44.33
C ILE I 253 44.00 -3.21 45.23
N GLU I 254 44.46 -2.58 46.31
CA GLU I 254 45.39 -3.22 47.23
C GLU I 254 44.70 -3.52 48.56
N ASN I 255 43.81 -4.50 48.55
CA ASN I 255 43.15 -4.97 49.76
C ASN I 255 44.16 -5.54 50.76
N MET I 256 43.82 -5.50 52.04
CA MET I 256 44.76 -5.84 53.11
C MET I 256 45.09 -7.32 53.21
N TYR I 257 45.09 -8.01 52.05
CA TYR I 257 45.49 -9.40 51.94
C TYR I 257 46.36 -9.64 50.71
N GLY I 258 46.00 -9.02 49.59
CA GLY I 258 46.75 -9.14 48.35
C GLY I 258 46.61 -7.91 47.46
N SER I 259 46.44 -8.14 46.16
CA SER I 259 46.25 -7.08 45.17
C SER I 259 45.59 -7.60 43.90
N ARG I 260 44.59 -6.87 43.42
CA ARG I 260 43.89 -7.20 42.17
C ARG I 260 43.68 -5.94 41.32
N GLU I 261 43.45 -6.12 40.02
CA GLU I 261 43.28 -4.98 39.11
C GLU I 261 41.86 -4.82 38.59
N ILE I 262 41.36 -3.59 38.65
CA ILE I 262 40.09 -3.26 38.01
C ILE I 262 40.35 -2.18 36.96
N ILE I 263 39.49 -2.15 35.95
CA ILE I 263 39.66 -1.20 34.86
C ILE I 263 38.58 -0.13 34.92
N THR I 264 39.03 1.12 35.01
CA THR I 264 38.14 2.28 34.97
C THR I 264 37.84 2.60 33.53
N LEU I 265 36.57 2.55 33.17
CA LEU I 265 36.13 2.96 31.84
C LEU I 265 35.49 4.34 31.92
N PHE I 266 36.22 5.35 31.46
CA PHE I 266 35.73 6.73 31.51
C PHE I 266 34.47 6.91 30.69
N GLY I 267 33.45 7.50 31.30
CA GLY I 267 32.17 7.74 30.65
C GLY I 267 31.12 6.68 30.88
N ILE I 268 31.43 5.71 31.74
CA ILE I 268 30.47 4.67 32.14
C ILE I 268 30.48 4.52 33.67
N SER I 269 29.31 4.35 34.26
CA SER I 269 29.21 4.03 35.68
C SER I 269 29.07 2.52 35.89
N VAL I 270 30.08 1.92 36.53
CA VAL I 270 30.04 0.50 36.84
C VAL I 270 29.46 0.30 38.24
N LEU I 271 28.35 -0.42 38.31
CA LEU I 271 27.72 -0.76 39.58
C LEU I 271 27.60 -2.27 39.67
N ASP I 272 28.66 -2.93 40.14
CA ASP I 272 28.69 -4.38 40.26
C ASP I 272 27.62 -4.78 41.24
N TYR I 273 26.75 -5.71 40.82
CA TYR I 273 25.61 -6.06 41.65
C TYR I 273 26.00 -6.78 42.94
N ILE I 274 27.17 -7.42 42.95
CA ILE I 274 27.68 -8.09 44.15
C ILE I 274 28.05 -7.06 45.22
N ASP I 275 28.46 -5.87 44.79
CA ASP I 275 28.80 -4.79 45.71
C ASP I 275 27.54 -4.05 46.13
N LEU I 276 26.62 -3.93 45.19
CA LEU I 276 25.33 -3.30 45.41
C LEU I 276 24.53 -4.11 46.42
N TYR I 277 24.67 -5.43 46.33
CA TYR I 277 23.99 -6.33 47.25
C TYR I 277 24.60 -6.29 48.65
N LYS I 278 25.94 -6.33 48.71
CA LYS I 278 26.66 -6.23 49.99
C LYS I 278 26.45 -4.89 50.67
N LYS I 279 26.08 -3.87 49.91
CA LYS I 279 25.95 -2.53 50.44
C LYS I 279 24.55 -2.24 50.95
N PHE I 280 23.52 -2.75 50.26
CA PHE I 280 22.15 -2.34 50.52
C PHE I 280 21.14 -3.45 50.89
N SER I 281 21.59 -4.69 50.90
CA SER I 281 20.71 -5.80 51.28
C SER I 281 20.51 -5.87 52.80
N PHE I 282 21.56 -5.48 53.52
CA PHE I 282 21.60 -5.52 55.00
C PHE I 282 21.27 -6.88 55.59
N THR I 283 21.74 -7.92 54.91
CA THR I 283 21.64 -9.29 55.37
C THR I 283 22.98 -9.98 55.14
N ASN I 284 23.58 -10.44 56.23
CA ASN I 284 24.86 -11.16 56.17
C ASN I 284 24.64 -12.56 55.62
N GLN I 285 25.40 -12.90 54.58
CA GLN I 285 25.26 -14.18 53.91
C GLN I 285 26.58 -14.98 53.93
N PRO I 286 26.49 -16.29 54.25
CA PRO I 286 27.64 -17.19 54.26
C PRO I 286 28.41 -17.17 52.93
N SER I 287 27.68 -17.13 51.82
CA SER I 287 28.27 -17.07 50.49
C SER I 287 27.70 -15.90 49.71
N TYR I 288 28.51 -15.31 48.83
CA TYR I 288 28.03 -14.24 47.96
C TYR I 288 28.11 -14.61 46.48
N SER I 289 28.13 -15.91 46.20
CA SER I 289 28.02 -16.40 44.83
C SER I 289 26.58 -16.18 44.35
N LEU I 290 26.41 -16.09 43.04
CA LEU I 290 25.09 -15.86 42.46
C LEU I 290 24.10 -16.98 42.79
N ASP I 291 24.61 -18.21 42.88
CA ASP I 291 23.79 -19.36 43.25
C ASP I 291 23.06 -19.19 44.58
N TYR I 292 23.85 -19.00 45.64
CA TYR I 292 23.31 -18.87 46.97
C TYR I 292 22.34 -17.70 47.05
N ILE I 293 22.75 -16.56 46.47
CA ILE I 293 21.95 -15.35 46.47
C ILE I 293 20.64 -15.50 45.68
N SER I 294 20.72 -16.08 44.48
CA SER I 294 19.52 -16.41 43.69
C SER I 294 18.52 -17.28 44.46
N GLU I 295 19.00 -18.38 45.04
CA GLU I 295 18.10 -19.28 45.77
C GLU I 295 17.50 -18.60 47.01
N PHE I 296 18.28 -17.73 47.65
CA PHE I 296 17.81 -16.97 48.80
C PHE I 296 16.68 -16.01 48.42
N GLU I 297 16.89 -15.24 47.36
CA GLU I 297 15.94 -14.20 46.95
C GLU I 297 14.78 -14.75 46.11
N LEU I 298 15.07 -15.73 45.27
CA LEU I 298 14.12 -16.18 44.23
C LEU I 298 13.67 -17.62 44.36
N ASN I 299 14.28 -18.36 45.29
CA ASN I 299 13.98 -19.78 45.52
C ASN I 299 14.08 -20.64 44.25
N VAL I 300 15.08 -20.36 43.42
CA VAL I 300 15.29 -21.11 42.17
C VAL I 300 16.76 -21.46 41.90
N GLY I 301 17.68 -20.57 42.23
CA GLY I 301 19.12 -20.79 42.01
C GLY I 301 19.60 -20.76 40.57
N LYS I 302 20.90 -20.89 40.39
CA LYS I 302 21.54 -20.94 39.07
C LYS I 302 21.36 -22.32 38.42
N LEU I 303 21.42 -22.37 37.09
CA LEU I 303 21.15 -23.60 36.34
C LEU I 303 22.16 -24.71 36.64
N LYS I 304 21.65 -25.94 36.78
CA LYS I 304 22.48 -27.10 37.10
C LYS I 304 23.04 -27.77 35.84
N TYR I 305 24.10 -28.57 36.01
CA TYR I 305 24.81 -29.23 34.92
C TYR I 305 25.73 -30.33 35.43
N ASP I 306 26.08 -31.28 34.57
CA ASP I 306 26.95 -32.41 34.93
C ASP I 306 28.41 -32.14 34.61
N GLY I 307 29.31 -32.61 35.47
CA GLY I 307 30.75 -32.48 35.27
C GLY I 307 31.29 -31.08 35.55
N PRO I 308 32.62 -30.88 35.40
CA PRO I 308 33.24 -29.57 35.64
C PRO I 308 32.88 -28.55 34.56
N ILE I 309 32.82 -27.27 34.91
CA ILE I 309 32.45 -26.24 33.94
C ILE I 309 33.49 -26.09 32.82
N SER I 310 34.72 -26.51 33.10
CA SER I 310 35.78 -26.49 32.10
C SER I 310 35.54 -27.52 31.00
N LYS I 311 34.61 -28.44 31.24
CA LYS I 311 34.27 -29.48 30.27
C LYS I 311 32.84 -29.39 29.74
N LEU I 312 32.13 -28.34 30.13
CA LEU I 312 30.71 -28.23 29.77
C LEU I 312 30.46 -27.83 28.31
N ARG I 313 31.29 -26.92 27.77
CA ARG I 313 31.14 -26.50 26.35
C ARG I 313 31.40 -27.66 25.39
N GLU I 314 32.40 -28.50 25.71
CA GLU I 314 32.69 -29.69 24.90
C GLU I 314 31.51 -30.66 24.93
N SER I 315 31.12 -31.08 26.13
CA SER I 315 30.16 -32.16 26.33
C SER I 315 28.69 -31.77 26.14
N ASN I 316 28.36 -30.51 26.42
CA ASN I 316 26.99 -30.03 26.32
C ASN I 316 26.93 -28.52 26.10
N HIS I 317 27.29 -28.09 24.89
CA HIS I 317 27.31 -26.68 24.53
C HIS I 317 25.97 -26.01 24.67
N GLN I 318 24.90 -26.78 24.51
CA GLN I 318 23.52 -26.33 24.66
C GLN I 318 23.27 -25.82 26.09
N ARG I 319 23.58 -26.66 27.08
CA ARG I 319 23.56 -26.28 28.49
C ARG I 319 24.37 -25.00 28.75
N TYR I 320 25.62 -25.03 28.28
CA TYR I 320 26.60 -23.97 28.46
C TYR I 320 26.07 -22.59 28.11
N ILE I 321 25.47 -22.45 26.92
CA ILE I 321 24.90 -21.17 26.51
C ILE I 321 23.70 -20.78 27.36
N SER I 322 22.77 -21.72 27.56
CA SER I 322 21.59 -21.47 28.36
C SER I 322 21.93 -21.05 29.79
N TYR I 323 22.93 -21.72 30.36
CA TYR I 323 23.47 -21.41 31.69
C TYR I 323 23.95 -19.97 31.74
N ASN I 324 24.63 -19.53 30.68
CA ASN I 324 25.07 -18.14 30.55
C ASN I 324 23.92 -17.16 30.44
N ILE I 325 22.83 -17.55 29.78
CA ILE I 325 21.67 -16.67 29.64
C ILE I 325 20.93 -16.55 30.97
N ILE I 326 20.68 -17.68 31.63
CA ILE I 326 19.98 -17.70 32.90
C ILE I 326 20.72 -16.86 33.95
N ALA I 327 22.05 -16.95 33.95
CA ALA I 327 22.91 -16.18 34.85
C ALA I 327 22.61 -14.69 34.82
N VAL I 328 22.55 -14.11 33.62
CA VAL I 328 22.20 -12.70 33.46
C VAL I 328 20.76 -12.43 33.94
N TYR I 329 19.85 -13.35 33.63
CA TYR I 329 18.45 -13.20 34.02
C TYR I 329 18.24 -13.22 35.54
N ARG I 330 19.04 -14.02 36.25
CA ARG I 330 18.93 -14.13 37.71
C ARG I 330 19.20 -12.77 38.35
N VAL I 331 20.24 -12.10 37.86
CA VAL I 331 20.61 -10.77 38.33
C VAL I 331 19.46 -9.79 38.14
N LEU I 332 18.80 -9.85 36.98
CA LEU I 332 17.63 -9.01 36.71
C LEU I 332 16.43 -9.33 37.60
N GLN I 333 16.25 -10.61 37.93
CA GLN I 333 15.14 -11.04 38.78
C GLN I 333 15.35 -10.52 40.21
N ILE I 334 16.60 -10.53 40.66
CA ILE I 334 16.93 -9.97 41.96
C ILE I 334 16.66 -8.46 41.98
N ASP I 335 17.10 -7.77 40.93
CA ASP I 335 16.88 -6.34 40.82
C ASP I 335 15.41 -5.94 40.67
N ALA I 336 14.57 -6.88 40.24
CA ALA I 336 13.12 -6.68 40.18
C ALA I 336 12.53 -6.67 41.59
N LYS I 337 13.20 -7.40 42.48
CA LYS I 337 12.75 -7.59 43.84
C LYS I 337 13.34 -6.53 44.79
N ARG I 338 14.64 -6.27 44.66
CA ARG I 338 15.35 -5.37 45.58
C ARG I 338 15.49 -3.94 45.03
N GLN I 339 15.51 -3.80 43.71
CA GLN I 339 15.58 -2.50 43.03
C GLN I 339 16.74 -1.62 43.47
N PHE I 340 17.95 -2.18 43.51
CA PHE I 340 19.14 -1.46 43.97
C PHE I 340 19.70 -0.44 42.96
N ILE I 341 19.40 -0.65 41.67
CA ILE I 341 19.84 0.30 40.64
C ILE I 341 19.05 1.60 40.73
N ASN I 342 17.71 1.49 40.78
CA ASN I 342 16.83 2.61 41.09
C ASN I 342 17.26 3.37 42.33
N LEU I 343 17.50 2.63 43.41
CA LEU I 343 18.04 3.19 44.65
C LEU I 343 19.27 4.04 44.35
N SER I 344 20.22 3.47 43.61
CA SER I 344 21.46 4.15 43.25
C SER I 344 21.22 5.39 42.41
N LEU I 345 20.30 5.26 41.46
CA LEU I 345 19.93 6.38 40.61
C LEU I 345 19.31 7.51 41.44
N ASP I 346 18.35 7.16 42.30
CA ASP I 346 17.66 8.14 43.14
C ASP I 346 18.63 8.95 44.01
N MET I 347 19.58 8.27 44.64
CA MET I 347 20.51 8.94 45.54
C MET I 347 21.58 9.74 44.79
N GLY I 348 22.04 9.20 43.68
CA GLY I 348 23.04 9.88 42.85
C GLY I 348 22.55 11.22 42.34
N TYR I 349 21.30 11.27 41.90
CA TYR I 349 20.71 12.52 41.43
C TYR I 349 20.33 13.45 42.58
N TYR I 350 19.96 12.86 43.71
CA TYR I 350 19.67 13.61 44.92
C TYR I 350 20.89 14.42 45.36
N ALA I 351 22.00 13.72 45.62
CA ALA I 351 23.25 14.36 46.03
C ALA I 351 23.95 15.10 44.90
N LYS I 352 23.56 14.81 43.66
CA LYS I 352 24.19 15.36 42.45
C LYS I 352 25.65 14.87 42.35
N ILE I 353 25.79 13.56 42.24
CA ILE I 353 27.09 12.92 42.12
C ILE I 353 27.12 11.96 40.93
N GLN I 354 28.32 11.52 40.56
CA GLN I 354 28.46 10.33 39.72
C GLN I 354 27.76 9.19 40.44
N ILE I 355 26.98 8.41 39.71
CA ILE I 355 26.16 7.37 40.32
C ILE I 355 27.00 6.34 41.09
N GLN I 356 28.13 5.92 40.55
CA GLN I 356 28.99 4.96 41.23
C GLN I 356 29.54 5.46 42.58
N SER I 357 29.33 6.74 42.87
CA SER I 357 29.81 7.31 44.13
C SER I 357 28.87 7.04 45.29
N VAL I 358 27.70 6.46 45.01
CA VAL I 358 26.78 6.02 46.07
C VAL I 358 27.45 5.01 47.01
N PHE I 359 28.55 4.39 46.56
CA PHE I 359 29.34 3.49 47.39
C PHE I 359 30.18 4.25 48.41
N SER I 360 30.21 5.57 48.29
CA SER I 360 31.02 6.42 49.14
C SER I 360 30.13 7.37 49.97
N PRO I 361 29.94 7.04 51.27
CA PRO I 361 29.27 7.96 52.19
C PRO I 361 29.92 9.34 52.28
N ILE I 362 31.24 9.40 52.16
CA ILE I 362 31.97 10.67 52.14
C ILE I 362 31.56 11.55 50.95
N LYS I 363 31.72 11.03 49.73
CA LYS I 363 31.38 11.80 48.52
C LYS I 363 29.96 12.30 48.55
N THR I 364 29.05 11.41 48.93
CA THR I 364 27.62 11.69 48.98
C THR I 364 27.34 12.86 49.92
N TRP I 365 27.77 12.73 51.16
CA TRP I 365 27.57 13.78 52.15
C TRP I 365 28.27 15.07 51.81
N ASP I 366 29.49 14.96 51.26
CA ASP I 366 30.21 16.13 50.81
C ASP I 366 29.39 16.93 49.80
N ALA I 367 28.76 16.23 48.87
CA ALA I 367 27.99 16.87 47.80
C ALA I 367 26.67 17.45 48.29
N ILE I 368 26.02 16.77 49.23
CA ILE I 368 24.76 17.25 49.78
C ILE I 368 25.01 18.54 50.56
N ILE I 369 26.06 18.56 51.36
CA ILE I 369 26.39 19.74 52.16
C ILE I 369 26.87 20.87 51.25
N PHE I 370 27.77 20.55 50.32
CA PHE I 370 28.28 21.52 49.35
C PHE I 370 27.14 22.27 48.67
N ASN I 371 26.15 21.51 48.19
CA ASN I 371 25.02 22.07 47.46
C ASN I 371 24.14 23.03 48.24
N SER I 372 23.69 22.62 49.42
CA SER I 372 22.85 23.50 50.25
C SER I 372 23.59 24.76 50.70
N LEU I 373 24.88 24.63 51.00
CA LEU I 373 25.75 25.75 51.36
C LEU I 373 25.97 26.71 50.19
N LYS I 374 26.11 26.15 48.99
CA LYS I 374 26.20 26.95 47.77
C LYS I 374 25.00 27.90 47.66
N GLU I 375 23.80 27.35 47.87
CA GLU I 375 22.56 28.11 47.70
C GLU I 375 22.29 29.12 48.82
N GLN I 376 23.19 29.18 49.79
CA GLN I 376 23.20 30.22 50.84
C GLN I 376 24.38 31.17 50.65
N ASN I 377 25.08 31.04 49.53
CA ASN I 377 26.31 31.79 49.23
C ASN I 377 27.46 31.46 50.18
N LYS I 378 27.40 30.29 50.82
CA LYS I 378 28.46 29.88 51.75
C LYS I 378 29.56 29.08 51.07
N VAL I 379 30.76 29.13 51.65
CA VAL I 379 31.94 28.47 51.05
C VAL I 379 32.46 27.32 51.92
N ILE I 380 32.53 26.12 51.35
CA ILE I 380 32.98 24.94 52.08
C ILE I 380 34.47 25.02 52.44
N PRO I 381 34.88 24.43 53.59
CA PRO I 381 36.29 24.53 53.97
C PRO I 381 37.17 23.65 53.11
N GLN I 382 38.47 23.95 53.11
CA GLN I 382 39.42 23.08 52.45
C GLN I 382 39.49 21.76 53.20
N GLY I 383 39.54 20.66 52.44
CA GLY I 383 39.78 19.35 53.03
C GLY I 383 41.20 19.33 53.55
N ARG I 384 41.34 18.96 54.82
CA ARG I 384 42.65 18.90 55.46
C ARG I 384 43.03 17.47 55.78
N SER I 385 44.33 17.18 55.71
CA SER I 385 44.86 15.88 56.05
C SER I 385 44.89 15.69 57.57
N HIS I 386 44.51 14.50 58.03
CA HIS I 386 44.52 14.20 59.45
C HIS I 386 45.10 12.83 59.72
N PRO I 387 45.83 12.67 60.85
CA PRO I 387 46.39 11.36 61.18
C PRO I 387 45.33 10.43 61.75
N VAL I 388 45.29 9.19 61.26
CA VAL I 388 44.31 8.22 61.73
C VAL I 388 44.57 7.90 63.21
N GLN I 389 43.60 8.25 64.04
CA GLN I 389 43.73 8.17 65.48
C GLN I 389 42.51 7.46 66.06
N PRO I 390 42.73 6.28 66.68
CA PRO I 390 41.62 5.57 67.32
C PRO I 390 41.04 6.35 68.48
N TYR I 391 39.72 6.30 68.64
CA TYR I 391 39.04 6.98 69.73
C TYR I 391 37.99 6.06 70.37
N PRO I 392 37.52 6.39 71.59
CA PRO I 392 36.46 5.61 72.23
C PRO I 392 35.26 5.37 71.31
N GLY I 393 34.71 4.15 71.39
CA GLY I 393 33.52 3.78 70.62
C GLY I 393 32.39 3.39 71.55
N ALA I 394 31.50 2.53 71.04
CA ALA I 394 30.28 2.14 71.77
C ALA I 394 30.55 1.43 73.11
N PHE I 395 29.65 1.66 74.05
CA PHE I 395 29.69 0.95 75.33
C PHE I 395 28.96 -0.36 75.21
N VAL I 396 29.62 -1.43 75.66
CA VAL I 396 28.99 -2.74 75.75
C VAL I 396 29.17 -3.22 77.19
N LYS I 397 28.06 -3.50 77.85
CA LYS I 397 28.05 -4.00 79.21
C LYS I 397 28.48 -5.47 79.26
N GLU I 398 29.34 -5.80 80.22
CA GLU I 398 29.67 -7.19 80.50
C GLU I 398 28.51 -7.82 81.30
N PRO I 399 27.78 -8.75 80.68
CA PRO I 399 26.67 -9.34 81.40
C PRO I 399 27.15 -10.44 82.31
N ILE I 400 26.47 -10.62 83.44
CA ILE I 400 26.68 -11.79 84.26
C ILE I 400 26.12 -12.97 83.46
N PRO I 401 26.97 -13.99 83.20
CA PRO I 401 26.48 -15.15 82.46
C PRO I 401 25.45 -15.90 83.28
N ASN I 402 24.21 -15.92 82.81
CA ASN I 402 23.12 -16.56 83.52
C ASN I 402 21.98 -16.96 82.60
N ARG I 403 20.97 -17.62 83.17
CA ARG I 403 19.65 -17.72 82.57
C ARG I 403 18.88 -16.47 82.98
N TYR I 404 18.05 -15.97 82.07
CA TYR I 404 17.13 -14.87 82.38
C TYR I 404 15.72 -15.24 81.93
N LYS I 405 14.79 -15.31 82.88
CA LYS I 405 13.46 -15.86 82.62
C LYS I 405 12.56 -14.94 81.77
N TYR I 406 12.38 -13.71 82.21
CA TYR I 406 11.55 -12.75 81.50
C TYR I 406 12.41 -11.56 81.17
N VAL I 407 12.46 -11.17 79.90
CA VAL I 407 13.31 -10.08 79.46
C VAL I 407 12.53 -9.14 78.54
N MET I 408 12.72 -7.85 78.75
CA MET I 408 12.13 -6.82 77.92
C MET I 408 13.22 -5.86 77.44
N SER I 409 13.31 -5.66 76.12
CA SER I 409 14.36 -4.77 75.56
C SER I 409 13.83 -3.41 75.06
N PHE I 410 14.72 -2.42 75.05
CA PHE I 410 14.41 -1.06 74.59
C PHE I 410 15.55 -0.51 73.71
N ASP I 411 15.21 0.29 72.70
CA ASP I 411 16.20 0.87 71.77
C ASP I 411 16.11 2.40 71.72
N LEU I 412 17.26 3.07 71.76
CA LEU I 412 17.34 4.49 71.38
C LEU I 412 17.16 4.57 69.87
N THR I 413 16.35 5.51 69.42
CA THR I 413 16.16 5.71 67.97
C THR I 413 17.26 6.60 67.38
N SER I 414 17.83 6.14 66.27
CA SER I 414 18.90 6.85 65.55
C SER I 414 19.87 7.55 66.48
N LEU I 415 20.54 6.78 67.32
CA LEU I 415 21.33 7.34 68.41
C LEU I 415 22.31 8.43 68.01
N TYR I 416 23.19 8.16 67.06
CA TYR I 416 24.28 9.11 66.79
C TYR I 416 23.82 10.37 66.06
N PRO I 417 22.96 10.20 65.03
CA PRO I 417 22.36 11.38 64.42
C PRO I 417 21.56 12.21 65.44
N SER I 418 20.88 11.55 66.36
CA SER I 418 20.18 12.25 67.44
C SER I 418 21.11 13.06 68.35
N ILE I 419 22.26 12.48 68.69
CA ILE I 419 23.28 13.13 69.53
C ILE I 419 23.89 14.36 68.84
N ILE I 420 24.11 14.26 67.53
CA ILE I 420 24.61 15.40 66.75
C ILE I 420 23.66 16.58 66.85
N ARG I 421 22.36 16.30 66.74
CA ARG I 421 21.32 17.33 66.77
C ARG I 421 21.06 17.87 68.16
N GLN I 422 21.08 16.98 69.16
CA GLN I 422 20.84 17.37 70.55
C GLN I 422 21.93 18.30 71.06
N VAL I 423 23.18 17.92 70.85
CA VAL I 423 24.33 18.65 71.36
C VAL I 423 24.73 19.80 70.44
N ASN I 424 24.31 19.73 69.17
CA ASN I 424 24.65 20.74 68.16
C ASN I 424 26.11 20.63 67.70
N ILE I 425 26.58 19.41 67.47
CA ILE I 425 27.97 19.13 67.14
C ILE I 425 28.28 19.41 65.67
N SER I 426 29.25 20.27 65.42
CA SER I 426 29.61 20.74 64.08
C SER I 426 30.96 21.47 64.18
N PRO I 427 31.78 21.46 63.12
CA PRO I 427 33.12 22.06 63.25
C PRO I 427 33.08 23.52 63.68
N GLU I 428 32.16 24.30 63.11
CA GLU I 428 32.10 25.75 63.35
C GLU I 428 31.31 26.10 64.61
N THR I 429 30.93 25.07 65.35
CA THR I 429 30.01 25.25 66.46
C THR I 429 30.72 25.04 67.80
N ILE I 430 32.01 24.76 67.73
CA ILE I 430 32.86 24.56 68.92
C ILE I 430 33.04 25.88 69.65
N ALA I 431 32.71 25.86 70.94
CA ALA I 431 32.69 27.08 71.75
C ALA I 431 33.79 27.09 72.81
N GLY I 432 34.35 25.93 73.11
CA GLY I 432 35.36 25.80 74.15
C GLY I 432 35.36 24.44 74.82
N THR I 433 36.05 24.35 75.95
CA THR I 433 36.21 23.10 76.68
C THR I 433 35.99 23.34 78.17
N PHE I 434 35.81 22.25 78.92
CA PHE I 434 35.64 22.31 80.37
C PHE I 434 36.41 21.18 81.04
N LYS I 435 36.81 21.40 82.30
CA LYS I 435 37.53 20.36 83.06
C LYS I 435 36.67 19.12 83.17
N VAL I 436 37.13 18.03 82.57
CA VAL I 436 36.35 16.80 82.52
C VAL I 436 36.64 15.90 83.73
N ALA I 437 35.57 15.41 84.33
CA ALA I 437 35.63 14.45 85.43
C ALA I 437 35.49 13.05 84.86
N PRO I 438 35.78 12.00 85.67
CA PRO I 438 35.50 10.65 85.19
C PRO I 438 34.08 10.48 84.66
N LEU I 439 33.92 9.65 83.63
CA LEU I 439 32.61 9.39 83.02
C LEU I 439 31.62 8.91 84.07
N HIS I 440 32.09 8.01 84.93
CA HIS I 440 31.34 7.51 86.07
C HIS I 440 30.62 8.62 86.78
N ASP I 441 31.35 9.70 87.05
CA ASP I 441 30.81 10.86 87.76
C ASP I 441 29.65 11.56 87.05
N TYR I 442 29.71 11.66 85.71
CA TYR I 442 28.63 12.26 84.94
C TYR I 442 27.43 11.34 84.86
N ILE I 443 27.70 10.04 84.81
CA ILE I 443 26.66 9.01 84.79
C ILE I 443 25.83 9.03 86.08
N ASN I 444 26.49 9.25 87.21
CA ASN I 444 25.79 9.30 88.50
C ASN I 444 25.35 10.71 88.89
N ALA I 445 25.54 11.67 87.99
CA ALA I 445 25.19 13.08 88.20
C ALA I 445 25.81 13.66 89.47
N VAL I 446 27.09 13.34 89.65
CA VAL I 446 27.85 13.77 90.82
C VAL I 446 28.80 14.91 90.46
N ALA I 447 29.31 14.88 89.22
CA ALA I 447 30.18 15.93 88.72
C ALA I 447 29.42 17.24 88.59
N GLU I 448 30.12 18.37 88.70
CA GLU I 448 29.47 19.66 88.55
C GLU I 448 29.00 19.89 87.12
N ARG I 449 27.89 20.61 86.98
CA ARG I 449 27.31 20.93 85.68
C ARG I 449 28.35 21.67 84.84
N PRO I 450 28.76 21.08 83.70
CA PRO I 450 29.83 21.61 82.86
C PRO I 450 29.66 23.09 82.48
N SER I 451 28.46 23.48 82.07
CA SER I 451 28.21 24.85 81.59
C SER I 451 26.78 25.33 81.76
N ASP I 452 26.63 26.63 82.01
CA ASP I 452 25.33 27.29 82.06
C ASP I 452 25.04 27.92 80.71
N VAL I 453 26.10 28.10 79.92
CA VAL I 453 26.04 28.87 78.69
C VAL I 453 25.99 27.98 77.45
N TYR I 454 26.82 26.94 77.42
CA TYR I 454 26.97 26.13 76.22
C TYR I 454 26.43 24.70 76.37
N SER I 455 26.14 24.08 75.22
CA SER I 455 25.70 22.69 75.15
C SER I 455 26.92 21.76 75.20
N CYS I 456 26.84 20.69 75.98
CA CYS I 456 28.02 19.91 76.33
C CYS I 456 27.96 18.40 76.08
N SER I 457 29.13 17.83 75.84
CA SER I 457 29.34 16.40 75.78
C SER I 457 30.41 16.06 76.82
N PRO I 458 30.32 14.89 77.47
CA PRO I 458 31.22 14.59 78.59
C PRO I 458 32.71 14.31 78.25
N ASN I 459 33.08 14.42 76.97
CA ASN I 459 34.50 14.37 76.61
C ASN I 459 35.19 15.70 76.87
N GLY I 460 34.42 16.68 77.33
CA GLY I 460 34.97 18.00 77.67
C GLY I 460 34.69 19.07 76.64
N MET I 461 33.81 18.81 75.68
CA MET I 461 33.54 19.77 74.60
C MET I 461 32.31 20.63 74.88
N MET I 462 32.36 21.89 74.46
CA MET I 462 31.24 22.81 74.59
C MET I 462 30.86 23.38 73.23
N TYR I 463 29.56 23.53 73.02
CA TYR I 463 29.02 24.00 71.74
C TYR I 463 28.03 25.14 71.94
N TYR I 464 28.00 26.08 70.99
CA TYR I 464 27.01 27.14 71.00
C TYR I 464 25.60 26.57 70.92
N LYS I 465 24.66 27.21 71.62
CA LYS I 465 23.26 26.81 71.63
C LYS I 465 22.40 27.67 70.72
N ASP I 466 22.88 28.87 70.39
CA ASP I 466 22.14 29.77 69.51
C ASP I 466 22.31 29.36 68.04
N ARG I 467 23.55 29.44 67.54
CA ARG I 467 23.88 29.08 66.17
C ARG I 467 23.32 27.73 65.75
N ASP I 468 22.71 27.69 64.57
CA ASP I 468 22.36 26.44 63.92
C ASP I 468 23.60 25.86 63.24
N GLY I 469 23.96 24.64 63.63
CA GLY I 469 25.16 24.00 63.09
C GLY I 469 24.97 23.52 61.67
N VAL I 470 26.02 23.64 60.86
CA VAL I 470 25.99 23.15 59.48
C VAL I 470 25.59 21.67 59.41
N VAL I 471 26.30 20.82 60.15
CA VAL I 471 26.00 19.39 60.19
C VAL I 471 24.65 19.06 60.86
N PRO I 472 24.34 19.64 62.04
CA PRO I 472 23.02 19.40 62.59
C PRO I 472 21.89 19.84 61.66
N THR I 473 22.03 20.98 61.02
CA THR I 473 20.99 21.45 60.09
C THR I 473 20.80 20.47 58.94
N GLU I 474 21.89 20.05 58.31
CA GLU I 474 21.81 19.18 57.13
C GLU I 474 21.18 17.82 57.45
N ILE I 475 21.43 17.32 58.65
CA ILE I 475 20.87 16.03 59.03
C ILE I 475 19.39 16.16 59.43
N THR I 476 19.01 17.29 60.02
CA THR I 476 17.63 17.58 60.35
C THR I 476 16.76 17.65 59.08
N LYS I 477 17.29 18.25 58.02
CA LYS I 477 16.65 18.27 56.69
C LYS I 477 16.24 16.87 56.24
N VAL I 478 17.24 15.97 56.21
CA VAL I 478 17.06 14.59 55.80
C VAL I 478 16.00 13.90 56.67
N PHE I 479 16.05 14.12 57.98
CA PHE I 479 15.01 13.65 58.91
C PHE I 479 13.62 14.12 58.50
N ASN I 480 13.49 15.42 58.26
CA ASN I 480 12.22 16.03 57.84
C ASN I 480 11.73 15.51 56.50
N GLN I 481 12.65 15.34 55.56
CA GLN I 481 12.32 14.83 54.24
C GLN I 481 11.80 13.40 54.29
N ARG I 482 12.30 12.61 55.26
CA ARG I 482 11.87 11.23 55.45
C ARG I 482 10.42 11.16 55.92
N LYS I 483 10.10 11.90 56.99
CA LYS I 483 8.73 12.05 57.50
C LYS I 483 7.77 12.52 56.40
N GLU I 484 8.24 13.48 55.62
CA GLU I 484 7.51 14.02 54.47
C GLU I 484 7.12 12.89 53.51
N HIS I 485 8.12 12.15 53.02
CA HIS I 485 7.89 11.10 52.04
C HIS I 485 7.17 9.90 52.60
N LYS I 486 7.34 9.65 53.89
CA LYS I 486 6.56 8.62 54.58
C LYS I 486 5.12 9.07 54.79
N GLY I 487 4.92 10.40 54.84
CA GLY I 487 3.59 10.99 54.97
C GLY I 487 2.80 10.91 53.67
N TYR I 488 3.52 10.85 52.55
CA TYR I 488 2.90 10.65 51.24
C TYR I 488 2.58 9.18 51.03
N MET I 489 3.46 8.32 51.54
CA MET I 489 3.38 6.87 51.34
C MET I 489 2.17 6.25 52.03
N LEU I 490 1.95 6.60 53.30
CA LEU I 490 0.82 6.09 54.07
C LEU I 490 -0.50 6.58 53.47
N ALA I 491 -0.50 7.83 53.00
CA ALA I 491 -1.65 8.43 52.31
C ALA I 491 -1.88 7.78 50.95
N ALA I 492 -0.81 7.40 50.26
CA ALA I 492 -0.91 6.73 48.97
C ALA I 492 -1.49 5.32 49.09
N GLN I 493 -1.23 4.68 50.22
CA GLN I 493 -1.78 3.35 50.50
C GLN I 493 -3.22 3.44 50.99
N ARG I 494 -3.50 4.42 51.85
CA ARG I 494 -4.84 4.63 52.41
C ARG I 494 -5.84 5.19 51.38
N ASN I 495 -5.31 5.87 50.36
CA ASN I 495 -6.13 6.33 49.24
C ASN I 495 -6.55 5.18 48.34
N GLY I 496 -5.67 4.18 48.23
CA GLY I 496 -5.96 2.94 47.50
C GLY I 496 -6.92 2.05 48.26
N GLU I 497 -6.96 2.21 49.58
CA GLU I 497 -7.88 1.46 50.46
C GLU I 497 -9.34 1.80 50.17
N ILE I 498 -9.61 3.08 49.94
CA ILE I 498 -10.95 3.56 49.61
C ILE I 498 -11.33 3.15 48.17
N ILE I 499 -10.32 3.06 47.31
CA ILE I 499 -10.49 2.62 45.92
C ILE I 499 -10.97 1.17 45.84
N LYS I 500 -10.42 0.32 46.70
CA LYS I 500 -10.74 -1.11 46.72
C LYS I 500 -12.19 -1.43 47.14
N GLU I 501 -12.84 -0.47 47.79
CA GLU I 501 -14.27 -0.56 48.11
C GLU I 501 -15.11 -0.35 46.85
N ALA I 502 -14.67 0.58 46.01
CA ALA I 502 -15.33 0.87 44.74
C ALA I 502 -15.12 -0.23 43.70
N LEU I 503 -14.09 -1.05 43.91
CA LEU I 503 -13.79 -2.20 43.06
C LEU I 503 -14.89 -3.26 43.08
N HIS I 504 -15.70 -3.26 44.14
CA HIS I 504 -16.78 -4.22 44.31
C HIS I 504 -17.93 -3.99 43.37
N ASN I 505 -18.28 -2.72 43.13
CA ASN I 505 -19.37 -2.37 42.23
C ASN I 505 -19.18 -1.02 41.51
N PRO I 506 -18.55 -1.04 40.33
CA PRO I 506 -18.43 0.15 39.48
C PRO I 506 -19.44 0.18 38.33
N ASN I 507 -19.52 1.31 37.63
CA ASN I 507 -20.39 1.45 36.46
C ASN I 507 -19.68 2.13 35.30
N LEU I 508 -19.76 1.49 34.12
CA LEU I 508 -19.01 1.90 32.93
C LEU I 508 -19.40 3.27 32.37
N SER I 509 -18.38 4.06 32.06
CA SER I 509 -18.51 5.37 31.42
C SER I 509 -17.21 5.70 30.68
N VAL I 510 -17.34 6.29 29.49
CA VAL I 510 -16.17 6.66 28.69
C VAL I 510 -15.46 7.90 29.23
N ASP I 511 -14.66 7.71 30.29
CA ASP I 511 -13.93 8.80 30.91
C ASP I 511 -12.58 8.35 31.50
N GLU I 512 -11.69 9.31 31.71
CA GLU I 512 -10.40 9.07 32.33
C GLU I 512 -10.42 9.48 33.81
N PRO I 513 -9.65 8.77 34.67
CA PRO I 513 -9.60 9.06 36.11
C PRO I 513 -9.38 10.54 36.44
N LEU I 514 -10.10 11.03 37.45
CA LEU I 514 -10.05 12.44 37.83
C LEU I 514 -8.70 12.85 38.42
N ASP I 515 -8.39 14.14 38.35
CA ASP I 515 -7.14 14.71 38.85
C ASP I 515 -7.09 14.74 40.37
N VAL I 516 -6.24 13.88 40.94
CA VAL I 516 -6.04 13.79 42.39
C VAL I 516 -4.57 13.61 42.74
N ASP I 517 -4.19 14.03 43.94
CA ASP I 517 -2.85 13.79 44.48
C ASP I 517 -2.95 12.76 45.59
N TYR I 518 -2.31 11.60 45.38
CA TYR I 518 -2.37 10.49 46.33
C TYR I 518 -1.42 10.68 47.52
N ARG I 519 -0.63 11.75 47.46
CA ARG I 519 0.28 12.11 48.55
C ARG I 519 -0.48 12.68 49.75
N PHE I 520 -1.66 13.23 49.48
CA PHE I 520 -2.56 13.74 50.52
C PHE I 520 -3.90 13.02 50.49
N ASP I 521 -4.61 13.03 51.62
CA ASP I 521 -5.92 12.39 51.74
C ASP I 521 -6.97 13.06 50.88
N PHE I 522 -7.97 12.29 50.45
CA PHE I 522 -9.05 12.81 49.61
C PHE I 522 -10.00 13.72 50.37
N SER I 523 -10.46 14.76 49.70
CA SER I 523 -11.50 15.65 50.24
C SER I 523 -12.88 15.05 50.00
N ASP I 524 -13.90 15.61 50.65
CA ASP I 524 -15.28 15.12 50.53
C ASP I 524 -15.90 15.41 49.16
N GLU I 525 -15.27 16.29 48.39
CA GLU I 525 -15.70 16.58 47.02
C GLU I 525 -15.27 15.45 46.08
N ILE I 526 -14.11 14.86 46.37
CA ILE I 526 -13.56 13.76 45.59
C ILE I 526 -14.17 12.42 46.02
N LYS I 527 -14.43 12.27 47.32
CA LYS I 527 -15.01 11.05 47.90
C LYS I 527 -16.38 10.70 47.33
N GLU I 528 -17.19 11.73 47.05
CA GLU I 528 -18.52 11.54 46.46
C GLU I 528 -18.44 11.06 45.01
N LYS I 529 -17.32 11.38 44.35
CA LYS I 529 -17.12 11.06 42.93
C LYS I 529 -16.38 9.73 42.73
N ILE I 530 -16.18 8.99 43.81
CA ILE I 530 -15.44 7.72 43.76
C ILE I 530 -16.28 6.59 43.15
N LYS I 531 -17.51 6.44 43.64
CA LYS I 531 -18.40 5.35 43.18
C LYS I 531 -18.98 5.59 41.79
N LYS I 532 -19.05 6.86 41.38
CA LYS I 532 -19.61 7.25 40.09
C LYS I 532 -18.71 6.83 38.91
N LEU I 533 -17.40 6.81 39.16
CA LEU I 533 -16.40 6.54 38.12
C LEU I 533 -16.47 5.10 37.57
N SER I 534 -15.95 4.92 36.37
CA SER I 534 -16.05 3.63 35.65
C SER I 534 -15.12 2.54 36.18
N ALA I 535 -15.34 1.30 35.71
CA ALA I 535 -14.55 0.15 36.09
C ALA I 535 -13.13 0.21 35.55
N LYS I 536 -12.99 0.74 34.34
CA LYS I 536 -11.68 0.94 33.70
C LYS I 536 -10.85 1.98 34.46
N SER I 537 -11.50 3.09 34.83
CA SER I 537 -10.83 4.21 35.51
C SER I 537 -10.40 3.89 36.94
N LEU I 538 -11.17 3.03 37.62
CA LEU I 538 -10.86 2.64 39.00
C LEU I 538 -9.66 1.71 39.10
N ASN I 539 -9.42 0.93 38.05
CA ASN I 539 -8.22 0.09 37.96
C ASN I 539 -6.97 0.88 37.60
N GLU I 540 -7.16 2.08 37.06
CA GLU I 540 -6.07 3.00 36.74
C GLU I 540 -5.74 3.89 37.94
N MET I 541 -6.76 4.16 38.77
CA MET I 541 -6.58 4.89 40.03
C MET I 541 -5.82 4.03 41.03
N LEU I 542 -6.12 2.73 41.04
CA LEU I 542 -5.42 1.77 41.87
C LEU I 542 -3.99 1.54 41.35
N PHE I 543 -3.79 1.74 40.05
CA PHE I 543 -2.48 1.64 39.42
C PHE I 543 -1.58 2.79 39.83
N ARG I 544 -2.15 4.01 39.82
CA ARG I 544 -1.38 5.22 40.10
C ARG I 544 -1.20 5.53 41.59
N ALA I 545 -2.13 5.05 42.42
CA ALA I 545 -2.00 5.16 43.88
C ALA I 545 -0.84 4.31 44.38
N GLN I 546 -0.70 3.11 43.79
CA GLN I 546 0.41 2.21 44.10
C GLN I 546 1.72 2.71 43.50
N ARG I 547 1.63 3.45 42.40
CA ARG I 547 2.80 4.07 41.78
C ARG I 547 3.33 5.20 42.64
N THR I 548 2.42 5.89 43.33
CA THR I 548 2.76 6.95 44.28
C THR I 548 3.42 6.34 45.53
N GLU I 549 2.99 5.14 45.90
CA GLU I 549 3.54 4.45 47.07
C GLU I 549 4.97 3.96 46.85
N VAL I 550 5.29 3.60 45.61
CA VAL I 550 6.64 3.15 45.26
C VAL I 550 7.63 4.32 45.21
N ALA I 551 7.15 5.49 44.82
CA ALA I 551 7.97 6.71 44.79
C ALA I 551 8.35 7.13 46.22
N GLY I 552 7.43 6.92 47.15
CA GLY I 552 7.64 7.24 48.56
C GLY I 552 8.73 6.41 49.22
N MET I 553 8.60 5.08 49.10
CA MET I 553 9.55 4.13 49.70
C MET I 553 11.00 4.40 49.31
N THR I 554 11.25 4.50 48.00
CA THR I 554 12.59 4.74 47.46
C THR I 554 13.20 6.01 48.05
N ALA I 555 12.37 7.07 48.14
CA ALA I 555 12.78 8.34 48.73
C ALA I 555 13.09 8.19 50.21
N GLN I 556 12.23 7.47 50.93
CA GLN I 556 12.34 7.37 52.39
C GLN I 556 13.41 6.38 52.89
N ILE I 557 13.70 5.34 52.09
CA ILE I 557 14.79 4.43 52.45
C ILE I 557 16.15 5.03 52.09
N ASN I 558 16.21 5.80 51.02
CA ASN I 558 17.43 6.54 50.68
C ASN I 558 17.81 7.51 51.77
N ARG I 559 16.84 8.23 52.28
CA ARG I 559 17.05 9.16 53.39
C ARG I 559 17.46 8.44 54.68
N LYS I 560 16.89 7.27 54.90
CA LYS I 560 17.29 6.40 56.01
C LYS I 560 18.77 6.03 55.89
N LEU I 561 19.20 5.66 54.68
CA LEU I 561 20.59 5.29 54.42
C LEU I 561 21.59 6.43 54.64
N LEU I 562 21.16 7.66 54.35
CA LEU I 562 21.97 8.85 54.63
C LEU I 562 22.11 9.09 56.13
N ILE I 563 20.99 9.04 56.84
CA ILE I 563 20.98 9.19 58.28
C ILE I 563 22.01 8.24 58.91
N ASN I 564 21.97 6.97 58.52
CA ASN I 564 22.88 5.98 59.08
C ASN I 564 24.31 6.03 58.53
N SER I 565 24.51 6.83 57.48
CA SER I 565 25.82 7.11 56.88
C SER I 565 26.60 8.19 57.61
N LEU I 566 25.92 9.24 58.06
CA LEU I 566 26.61 10.47 58.46
C LEU I 566 27.73 10.22 59.47
N TYR I 567 27.43 9.47 60.53
CA TYR I 567 28.44 9.19 61.55
C TYR I 567 29.71 8.63 60.91
N GLY I 568 29.57 7.56 60.13
CA GLY I 568 30.67 6.96 59.38
C GLY I 568 31.54 8.01 58.69
N ALA I 569 30.90 8.89 57.91
CA ALA I 569 31.59 9.99 57.26
C ALA I 569 32.33 10.86 58.27
N LEU I 570 31.64 11.24 59.35
CA LEU I 570 32.20 12.11 60.38
C LEU I 570 33.39 11.50 61.11
N GLY I 571 33.52 10.17 61.07
CA GLY I 571 34.62 9.50 61.76
C GLY I 571 35.82 9.28 60.85
N ASN I 572 35.69 9.75 59.62
CA ASN I 572 36.66 9.49 58.58
C ASN I 572 37.56 10.70 58.35
N VAL I 573 38.87 10.49 58.45
CA VAL I 573 39.86 11.57 58.34
C VAL I 573 39.82 12.25 56.97
N TRP I 574 39.31 11.51 55.97
CA TRP I 574 39.20 12.01 54.61
C TRP I 574 37.98 12.87 54.39
N PHE I 575 37.14 12.97 55.41
CA PHE I 575 35.95 13.80 55.37
C PHE I 575 36.30 15.27 55.66
N ARG I 576 35.76 16.14 54.82
CA ARG I 576 35.97 17.58 54.93
C ARG I 576 35.57 18.17 56.30
N TYR I 577 34.52 17.62 56.91
CA TYR I 577 33.95 18.19 58.14
C TYR I 577 34.34 17.41 59.38
N TYR I 578 35.30 16.51 59.20
CA TYR I 578 35.81 15.68 60.28
C TYR I 578 36.59 16.50 61.30
N ASP I 579 36.32 16.25 62.57
CA ASP I 579 37.12 16.76 63.68
C ASP I 579 37.16 15.69 64.75
N LEU I 580 38.37 15.30 65.14
CA LEU I 580 38.59 14.23 66.12
C LEU I 580 37.80 14.47 67.40
N ARG I 581 37.92 15.67 67.96
CA ARG I 581 37.21 16.02 69.19
C ARG I 581 35.70 15.82 69.08
N ASN I 582 35.13 16.23 67.95
CA ASN I 582 33.70 16.08 67.68
C ASN I 582 33.28 14.63 67.58
N ALA I 583 34.12 13.81 66.96
CA ALA I 583 33.87 12.38 66.82
C ALA I 583 33.77 11.72 68.19
N THR I 584 34.73 12.03 69.08
CA THR I 584 34.76 11.35 70.37
C THR I 584 33.67 11.91 71.27
N ALA I 585 33.28 13.17 71.02
CA ALA I 585 32.13 13.79 71.69
C ALA I 585 30.84 13.04 71.43
N ILE I 586 30.64 12.63 70.18
CA ILE I 586 29.47 11.81 69.80
C ILE I 586 29.47 10.47 70.54
N THR I 587 30.55 9.71 70.44
CA THR I 587 30.60 8.38 71.09
C THR I 587 30.54 8.47 72.60
N THR I 588 31.29 9.43 73.18
CA THR I 588 31.33 9.57 74.63
C THR I 588 29.96 9.94 75.19
N PHE I 589 29.26 10.84 74.50
CA PHE I 589 27.91 11.21 74.88
C PHE I 589 27.02 9.97 74.84
N GLY I 590 27.20 9.15 73.80
CA GLY I 590 26.47 7.90 73.64
C GLY I 590 26.71 6.95 74.78
N GLN I 591 27.97 6.81 75.18
CA GLN I 591 28.34 6.00 76.33
C GLN I 591 27.64 6.46 77.62
N MET I 592 27.57 7.76 77.83
CA MET I 592 26.91 8.32 79.00
C MET I 592 25.40 8.09 78.90
N ALA I 593 24.85 8.33 77.72
CA ALA I 593 23.43 8.21 77.48
C ALA I 593 22.90 6.87 77.95
N LEU I 594 23.56 5.79 77.52
CA LEU I 594 23.08 4.43 77.75
C LEU I 594 23.22 3.98 79.21
N GLN I 595 24.27 4.46 79.88
CA GLN I 595 24.53 4.08 81.27
C GLN I 595 23.76 4.92 82.29
N TRP I 596 23.48 6.17 81.91
CA TRP I 596 22.65 7.06 82.70
C TRP I 596 21.24 6.55 82.74
N ILE I 597 20.78 5.99 81.63
CA ILE I 597 19.43 5.46 81.59
C ILE I 597 19.36 4.10 82.29
N GLU I 598 20.44 3.33 82.18
CA GLU I 598 20.54 2.07 82.91
C GLU I 598 20.40 2.35 84.41
N ARG I 599 21.04 3.43 84.86
CA ARG I 599 20.85 3.93 86.22
C ARG I 599 19.38 4.24 86.47
N LYS I 600 18.76 5.01 85.58
CA LYS I 600 17.39 5.51 85.78
C LYS I 600 16.36 4.39 85.82
N VAL I 601 16.51 3.43 84.91
CA VAL I 601 15.64 2.26 84.86
C VAL I 601 15.78 1.39 86.12
N ASN I 602 17.01 1.19 86.59
CA ASN I 602 17.25 0.45 87.84
C ASN I 602 16.64 1.14 89.04
N GLU I 603 16.71 2.46 89.08
CA GLU I 603 16.23 3.23 90.21
C GLU I 603 14.71 3.25 90.25
N TYR I 604 14.10 3.31 89.06
CA TYR I 604 12.65 3.33 88.93
C TYR I 604 12.03 1.99 89.33
N LEU I 605 12.65 0.91 88.87
CA LEU I 605 12.13 -0.44 89.11
C LEU I 605 12.32 -0.87 90.56
N ASN I 606 13.47 -0.52 91.15
CA ASN I 606 13.73 -0.77 92.57
C ASN I 606 12.66 -0.12 93.47
N GLU I 607 12.35 1.15 93.20
CA GLU I 607 11.36 1.89 94.00
C GLU I 607 9.95 1.33 93.82
N VAL I 608 9.59 1.06 92.57
CA VAL I 608 8.30 0.49 92.21
C VAL I 608 8.14 -0.94 92.74
N CYS I 609 9.24 -1.71 92.74
CA CYS I 609 9.22 -3.07 93.26
C CYS I 609 9.55 -3.18 94.76
N GLY I 610 9.75 -2.03 95.41
CA GLY I 610 10.03 -2.01 96.84
C GLY I 610 11.48 -2.27 97.21
N THR I 611 12.12 -3.22 96.51
CA THR I 611 13.51 -3.59 96.73
C THR I 611 14.50 -2.43 96.57
N GLU I 612 15.77 -2.69 96.86
CA GLU I 612 16.81 -1.67 96.73
C GLU I 612 18.16 -2.27 96.30
N GLY I 613 18.83 -1.58 95.37
CA GLY I 613 20.16 -1.98 94.92
C GLY I 613 20.23 -3.13 93.93
N GLU I 614 19.08 -3.69 93.56
CA GLU I 614 19.03 -4.80 92.60
C GLU I 614 19.26 -4.35 91.16
N ALA I 615 19.97 -5.17 90.41
CA ALA I 615 20.26 -4.88 89.01
C ALA I 615 19.17 -5.43 88.11
N PHE I 616 18.36 -4.54 87.55
CA PHE I 616 17.32 -4.94 86.60
C PHE I 616 17.86 -4.98 85.19
N VAL I 617 18.72 -4.04 84.85
CA VAL I 617 19.31 -3.99 83.51
C VAL I 617 20.44 -5.02 83.45
N LEU I 618 20.22 -6.07 82.65
CA LEU I 618 21.15 -7.18 82.62
C LEU I 618 22.21 -7.06 81.52
N TYR I 619 21.92 -6.22 80.52
CA TYR I 619 22.78 -6.07 79.36
C TYR I 619 22.45 -4.80 78.60
N GLY I 620 23.46 -4.25 77.92
CA GLY I 620 23.28 -3.08 77.07
C GLY I 620 24.42 -2.96 76.05
N ASP I 621 24.05 -2.76 74.79
CA ASP I 621 25.00 -2.67 73.69
C ASP I 621 24.70 -1.49 72.78
N THR I 622 25.52 -0.44 72.90
CA THR I 622 25.46 0.78 72.08
C THR I 622 24.22 1.64 72.34
N ASP I 623 23.08 1.18 71.81
CA ASP I 623 21.86 1.97 71.84
C ASP I 623 20.68 1.23 72.48
N SER I 624 20.91 0.01 72.96
CA SER I 624 19.85 -0.82 73.51
C SER I 624 20.14 -1.35 74.91
N ILE I 625 19.08 -1.47 75.71
CA ILE I 625 19.16 -2.10 77.04
C ILE I 625 18.23 -3.31 77.13
N TYR I 626 18.62 -4.29 77.94
CA TYR I 626 17.78 -5.46 78.18
C TYR I 626 17.44 -5.56 79.65
N VAL I 627 16.15 -5.67 79.96
CA VAL I 627 15.70 -5.58 81.35
C VAL I 627 15.12 -6.91 81.85
N SER I 628 15.64 -7.38 82.98
CA SER I 628 15.11 -8.55 83.66
C SER I 628 13.74 -8.20 84.19
N ALA I 629 12.75 -9.02 83.91
CA ALA I 629 11.37 -8.68 84.29
C ALA I 629 10.77 -9.61 85.34
N ASP I 630 11.60 -10.50 85.90
CA ASP I 630 11.17 -11.53 86.85
C ASP I 630 10.44 -10.93 88.07
N LYS I 631 11.02 -9.90 88.67
CA LYS I 631 10.45 -9.21 89.81
C LYS I 631 9.09 -8.55 89.52
N ILE I 632 8.91 -8.09 88.29
CA ILE I 632 7.66 -7.47 87.88
C ILE I 632 6.55 -8.52 87.76
N ILE I 633 6.91 -9.73 87.32
CA ILE I 633 5.98 -10.85 87.29
C ILE I 633 5.65 -11.35 88.70
N ASP I 634 6.70 -11.51 89.52
CA ASP I 634 6.56 -12.01 90.90
C ASP I 634 5.75 -11.09 91.80
N LYS I 635 5.60 -9.84 91.37
CA LYS I 635 4.82 -8.84 92.10
C LYS I 635 3.32 -9.12 91.94
N VAL I 636 2.97 -9.76 90.83
CA VAL I 636 1.58 -10.14 90.53
C VAL I 636 1.38 -11.64 90.77
N GLY I 637 2.48 -12.39 90.68
CA GLY I 637 2.43 -13.85 90.78
C GLY I 637 2.05 -14.45 89.43
N GLU I 638 2.83 -15.42 88.97
CA GLU I 638 2.61 -15.99 87.64
C GLU I 638 1.38 -16.93 87.55
N SER I 639 0.85 -17.32 88.70
CA SER I 639 -0.35 -18.17 88.75
C SER I 639 -1.63 -17.39 88.46
N LYS I 640 -1.52 -16.07 88.34
CA LYS I 640 -2.67 -15.21 88.10
C LYS I 640 -2.90 -14.89 86.62
N PHE I 641 -2.04 -15.40 85.74
CA PHE I 641 -2.22 -15.23 84.31
C PHE I 641 -2.90 -16.46 83.71
N ARG I 642 -3.84 -16.24 82.79
CA ARG I 642 -4.60 -17.33 82.18
C ARG I 642 -3.81 -18.07 81.09
N ASP I 643 -3.07 -17.33 80.28
CA ASP I 643 -2.20 -17.92 79.26
C ASP I 643 -0.97 -17.05 79.02
N THR I 644 -0.09 -17.50 78.14
CA THR I 644 1.12 -16.78 77.77
C THR I 644 0.82 -15.34 77.34
N ASN I 645 -0.20 -15.18 76.49
CA ASN I 645 -0.59 -13.86 75.97
C ASN I 645 -0.96 -12.86 77.05
N HIS I 646 -1.41 -13.36 78.19
CA HIS I 646 -1.82 -12.53 79.31
C HIS I 646 -0.65 -11.78 79.90
N TRP I 647 0.42 -12.51 80.25
CA TRP I 647 1.60 -11.86 80.84
C TRP I 647 2.38 -11.05 79.84
N VAL I 648 2.29 -11.41 78.56
CA VAL I 648 2.85 -10.57 77.50
C VAL I 648 2.10 -9.25 77.40
N ASP I 649 0.77 -9.31 77.49
CA ASP I 649 -0.06 -8.09 77.56
C ASP I 649 0.32 -7.24 78.75
N PHE I 650 0.47 -7.87 79.91
CA PHE I 650 0.81 -7.17 81.16
C PHE I 650 2.11 -6.38 81.03
N LEU I 651 3.15 -7.04 80.53
CA LEU I 651 4.46 -6.41 80.36
C LEU I 651 4.43 -5.31 79.32
N ASP I 652 3.72 -5.55 78.21
CA ASP I 652 3.48 -4.56 77.17
C ASP I 652 2.87 -3.27 77.73
N LYS I 653 1.80 -3.42 78.51
CA LYS I 653 1.16 -2.28 79.15
C LYS I 653 2.09 -1.57 80.13
N PHE I 654 2.83 -2.35 80.92
CA PHE I 654 3.70 -1.81 81.95
C PHE I 654 4.85 -0.98 81.40
N ALA I 655 5.41 -1.39 80.27
CA ALA I 655 6.45 -0.63 79.59
C ALA I 655 5.92 0.72 79.12
N ARG I 656 4.77 0.69 78.45
CA ARG I 656 4.16 1.88 77.84
C ARG I 656 3.60 2.90 78.84
N GLU I 657 3.03 2.39 79.94
CA GLU I 657 2.34 3.25 80.92
C GLU I 657 3.21 3.67 82.09
N ARG I 658 4.20 2.87 82.41
CA ARG I 658 5.02 3.11 83.60
C ARG I 658 6.48 3.37 83.29
N MET I 659 7.05 2.58 82.38
CA MET I 659 8.48 2.62 82.13
C MET I 659 8.93 3.69 81.14
N GLU I 660 8.19 3.83 80.04
CA GLU I 660 8.53 4.82 79.02
C GLU I 660 8.41 6.27 79.51
N PRO I 661 7.41 6.57 80.38
CA PRO I 661 7.42 7.91 81.00
C PRO I 661 8.60 8.13 81.95
N ALA I 662 9.02 7.08 82.67
CA ALA I 662 10.15 7.16 83.59
C ALA I 662 11.45 7.43 82.82
N ILE I 663 11.54 6.84 81.63
CA ILE I 663 12.69 7.02 80.76
C ILE I 663 12.71 8.44 80.21
N ASP I 664 11.57 8.90 79.72
CA ASP I 664 11.49 10.22 79.10
C ASP I 664 11.88 11.32 80.08
N ARG I 665 11.39 11.27 81.30
CA ARG I 665 11.79 12.26 82.28
C ARG I 665 13.24 12.04 82.76
N GLY I 666 13.74 10.82 82.58
CA GLY I 666 15.13 10.48 82.88
C GLY I 666 16.10 11.17 81.93
N PHE I 667 15.80 11.12 80.63
CA PHE I 667 16.63 11.75 79.61
C PHE I 667 16.51 13.27 79.60
N ARG I 668 15.32 13.80 79.90
CA ARG I 668 15.12 15.24 80.05
C ARG I 668 16.01 15.83 81.15
N GLU I 669 16.21 15.07 82.22
CA GLU I 669 17.14 15.45 83.28
C GLU I 669 18.56 15.54 82.71
N MET I 670 18.93 14.57 81.88
CA MET I 670 20.25 14.53 81.25
C MET I 670 20.46 15.68 80.29
N CYS I 671 19.41 16.05 79.56
CA CYS I 671 19.48 17.18 78.63
C CYS I 671 19.74 18.48 79.38
N GLU I 672 19.02 18.69 80.47
CA GLU I 672 19.20 19.87 81.32
C GLU I 672 20.59 19.87 81.98
N TYR I 673 21.06 18.68 82.33
CA TYR I 673 22.38 18.51 82.97
C TYR I 673 23.53 18.91 82.02
N MET I 674 23.48 18.42 80.78
CA MET I 674 24.49 18.78 79.78
C MET I 674 24.17 20.09 79.07
N ASN I 675 23.07 20.74 79.47
CA ASN I 675 22.61 22.01 78.92
C ASN I 675 22.44 22.00 77.40
N ASN I 676 21.92 20.91 76.85
CA ASN I 676 21.81 20.73 75.39
C ASN I 676 20.75 21.58 74.69
N LYS I 677 20.90 21.72 73.37
CA LYS I 677 20.04 22.55 72.54
C LYS I 677 18.60 22.04 72.50
N GLN I 678 18.43 20.76 72.18
CA GLN I 678 17.12 20.13 72.29
C GLN I 678 17.20 18.67 72.71
N HIS I 679 16.11 18.18 73.30
CA HIS I 679 16.01 16.82 73.84
C HIS I 679 15.58 15.85 72.77
N LEU I 680 16.50 14.97 72.37
CA LEU I 680 16.22 14.03 71.27
C LEU I 680 16.53 12.56 71.59
N MET I 681 16.66 12.25 72.88
CA MET I 681 16.89 10.88 73.33
C MET I 681 15.56 10.16 73.57
N PHE I 682 15.10 9.45 72.55
CA PHE I 682 13.84 8.71 72.59
C PHE I 682 14.07 7.21 72.56
N MET I 683 13.30 6.47 73.35
CA MET I 683 13.48 5.03 73.50
C MET I 683 12.19 4.25 73.24
N ASP I 684 12.26 3.28 72.32
CA ASP I 684 11.13 2.41 71.98
C ASP I 684 11.34 1.01 72.54
N ARG I 685 10.27 0.42 73.11
CA ARG I 685 10.29 -0.99 73.48
C ARG I 685 10.35 -1.88 72.25
N GLU I 686 11.30 -2.81 72.26
CA GLU I 686 11.43 -3.77 71.16
C GLU I 686 10.82 -5.13 71.54
N ALA I 687 11.54 -5.90 72.33
CA ALA I 687 11.21 -7.30 72.55
C ALA I 687 10.63 -7.60 73.92
N ILE I 688 9.66 -8.51 73.94
CA ILE I 688 9.23 -9.18 75.18
C ILE I 688 9.54 -10.68 75.03
N ALA I 689 10.34 -11.20 75.97
CA ALA I 689 10.75 -12.59 75.93
C ALA I 689 10.44 -13.30 77.23
N GLY I 690 10.28 -14.62 77.16
CA GLY I 690 9.97 -15.44 78.32
C GLY I 690 9.57 -16.84 77.92
N PRO I 691 9.36 -17.73 78.91
CA PRO I 691 8.98 -19.10 78.56
C PRO I 691 7.45 -19.26 78.46
N PRO I 692 6.97 -20.25 77.69
CA PRO I 692 5.53 -20.50 77.63
C PRO I 692 4.97 -20.72 79.03
N LEU I 693 3.80 -20.15 79.32
CA LEU I 693 3.18 -20.26 80.65
C LEU I 693 2.95 -21.73 81.01
N GLY I 694 3.37 -22.10 82.23
CA GLY I 694 3.21 -23.45 82.75
C GLY I 694 4.15 -24.45 82.12
N SER I 695 5.27 -23.96 81.57
CA SER I 695 6.31 -24.80 80.99
C SER I 695 7.53 -24.81 81.89
N LYS I 696 8.46 -25.72 81.61
CA LYS I 696 9.71 -25.81 82.37
C LYS I 696 10.87 -25.06 81.71
N GLY I 697 10.56 -24.34 80.62
CA GLY I 697 11.55 -23.58 79.86
C GLY I 697 12.15 -22.42 80.63
N ILE I 698 13.33 -21.97 80.21
CA ILE I 698 14.07 -20.94 80.94
C ILE I 698 13.95 -19.55 80.32
N GLY I 699 13.44 -19.47 79.09
CA GLY I 699 13.14 -18.20 78.46
C GLY I 699 14.28 -17.58 77.70
N GLY I 700 15.43 -17.43 78.37
CA GLY I 700 16.61 -16.82 77.74
C GLY I 700 17.87 -17.03 78.54
N PHE I 701 19.02 -16.81 77.90
CA PHE I 701 20.32 -16.83 78.58
C PHE I 701 21.37 -15.99 77.87
N TRP I 702 22.33 -15.47 78.63
CA TRP I 702 23.52 -14.84 78.08
C TRP I 702 24.72 -15.66 78.45
N THR I 703 25.67 -15.80 77.53
CA THR I 703 26.92 -16.47 77.82
C THR I 703 28.07 -15.46 77.88
N GLY I 704 27.91 -14.35 77.17
CA GLY I 704 28.88 -13.25 77.20
C GLY I 704 28.38 -12.03 76.42
N LYS I 705 29.29 -11.09 76.17
CA LYS I 705 28.97 -9.96 75.32
C LYS I 705 28.63 -10.45 73.94
N LYS I 706 27.50 -9.99 73.42
CA LYS I 706 27.04 -10.30 72.06
C LYS I 706 26.78 -11.78 71.82
N ARG I 707 26.55 -12.53 72.90
CA ARG I 707 26.24 -13.96 72.83
C ARG I 707 25.07 -14.29 73.74
N TYR I 708 23.89 -14.41 73.15
CA TYR I 708 22.65 -14.64 73.91
C TYR I 708 21.53 -15.24 73.07
N ALA I 709 20.50 -15.73 73.73
CA ALA I 709 19.36 -16.31 73.07
C ALA I 709 18.11 -16.00 73.86
N LEU I 710 17.04 -15.64 73.15
CA LEU I 710 15.78 -15.29 73.77
C LEU I 710 14.62 -15.97 73.04
N ASN I 711 13.55 -16.21 73.77
CA ASN I 711 12.33 -16.78 73.22
C ASN I 711 11.32 -15.64 73.15
N VAL I 712 11.20 -15.04 71.96
CA VAL I 712 10.47 -13.77 71.79
C VAL I 712 9.01 -13.95 71.38
N TRP I 713 8.12 -13.27 72.10
CA TRP I 713 6.67 -13.33 71.84
C TRP I 713 6.14 -12.13 71.11
N ASP I 714 6.85 -11.01 71.23
CA ASP I 714 6.39 -9.74 70.66
C ASP I 714 7.57 -8.85 70.34
N MET I 715 7.53 -8.23 69.16
CA MET I 715 8.57 -7.30 68.75
C MET I 715 7.96 -5.98 68.32
N GLU I 716 8.09 -4.96 69.17
CA GLU I 716 7.66 -3.61 68.85
C GLU I 716 6.19 -3.60 68.42
N GLY I 717 5.33 -4.13 69.27
CA GLY I 717 3.89 -4.06 69.03
C GLY I 717 3.23 -5.22 68.30
N THR I 718 4.01 -5.92 67.47
CA THR I 718 3.47 -7.07 66.72
C THR I 718 3.62 -8.40 67.47
N ARG I 719 2.47 -9.02 67.75
CA ARG I 719 2.37 -10.25 68.55
C ARG I 719 2.51 -11.49 67.68
N TYR I 720 3.48 -12.34 67.99
CA TYR I 720 3.70 -13.57 67.23
C TYR I 720 2.73 -14.67 67.62
N ALA I 721 2.23 -15.38 66.61
CA ALA I 721 1.35 -16.54 66.81
C ALA I 721 2.11 -17.65 67.53
N GLU I 722 3.32 -17.90 67.07
CA GLU I 722 4.19 -18.93 67.64
C GLU I 722 5.48 -18.23 68.07
N PRO I 723 6.09 -18.67 69.19
CA PRO I 723 7.27 -17.98 69.71
C PRO I 723 8.48 -18.07 68.77
N LYS I 724 9.23 -16.98 68.68
CA LYS I 724 10.33 -16.84 67.72
C LYS I 724 11.66 -16.70 68.46
N LEU I 725 12.61 -17.59 68.15
CA LEU I 725 13.94 -17.54 68.77
C LEU I 725 14.77 -16.43 68.16
N LYS I 726 15.26 -15.54 69.02
CA LYS I 726 16.28 -14.58 68.64
C LYS I 726 17.59 -15.08 69.23
N ILE I 727 18.50 -15.48 68.36
CA ILE I 727 19.82 -15.97 68.77
C ILE I 727 20.89 -15.07 68.18
N MET I 728 21.75 -14.52 69.03
CA MET I 728 22.87 -13.69 68.59
C MET I 728 24.19 -14.26 69.07
N GLY I 729 25.17 -14.32 68.16
CA GLY I 729 26.53 -14.71 68.51
C GLY I 729 26.85 -16.19 68.57
N LEU I 730 25.86 -17.00 68.94
CA LEU I 730 26.10 -18.41 69.17
C LEU I 730 26.42 -19.20 67.91
N GLU I 731 27.05 -20.37 68.10
CA GLU I 731 27.49 -21.24 67.00
C GLU I 731 26.43 -21.55 65.94
N THR I 732 25.16 -21.54 66.35
CA THR I 732 24.02 -21.74 65.45
C THR I 732 24.03 -20.74 64.29
N GLN I 733 24.63 -19.57 64.52
CA GLN I 733 24.62 -18.47 63.56
C GLN I 733 25.89 -18.43 62.72
N LYS I 734 26.77 -19.42 62.94
CA LYS I 734 28.07 -19.47 62.28
C LYS I 734 28.08 -20.41 61.09
N SER I 735 28.61 -19.92 59.97
CA SER I 735 28.68 -20.66 58.71
C SER I 735 29.77 -21.75 58.74
N SER I 736 30.68 -21.65 59.70
CA SER I 736 31.73 -22.65 59.88
C SER I 736 31.22 -23.90 60.59
N THR I 737 30.08 -23.77 61.28
CA THR I 737 29.44 -24.86 62.00
C THR I 737 28.81 -25.80 60.97
N PRO I 738 29.03 -27.13 61.12
CA PRO I 738 28.44 -28.09 60.17
C PRO I 738 26.93 -28.00 60.12
N LYS I 739 26.37 -28.33 58.95
CA LYS I 739 24.93 -28.18 58.71
C LYS I 739 24.06 -28.88 59.74
N ALA I 740 24.34 -30.16 59.99
CA ALA I 740 23.56 -30.98 60.92
C ALA I 740 23.70 -30.46 62.35
N VAL I 741 24.85 -29.89 62.65
CA VAL I 741 25.15 -29.36 63.98
C VAL I 741 24.46 -28.02 64.24
N GLN I 742 24.40 -27.14 63.23
CA GLN I 742 23.64 -25.89 63.36
C GLN I 742 22.19 -26.20 63.69
N LYS I 743 21.69 -27.29 63.10
CA LYS I 743 20.32 -27.72 63.28
C LYS I 743 20.12 -28.28 64.68
N ALA I 744 21.06 -29.12 65.11
CA ALA I 744 21.00 -29.78 66.40
C ALA I 744 21.16 -28.81 67.56
N LEU I 745 21.99 -27.79 67.37
CA LEU I 745 22.21 -26.78 68.43
C LEU I 745 21.04 -25.84 68.57
N LYS I 746 20.38 -25.55 67.45
CA LYS I 746 19.20 -24.69 67.45
C LYS I 746 18.06 -25.40 68.19
N GLU I 747 17.92 -26.71 67.96
CA GLU I 747 16.92 -27.52 68.63
C GLU I 747 17.22 -27.63 70.12
N CYS I 748 18.51 -27.78 70.45
CA CYS I 748 18.97 -27.77 71.84
C CYS I 748 18.57 -26.47 72.52
N ILE I 749 18.84 -25.35 71.86
CA ILE I 749 18.44 -24.04 72.41
C ILE I 749 16.91 -23.90 72.47
N ARG I 750 16.21 -24.42 71.47
CA ARG I 750 14.75 -24.33 71.48
C ARG I 750 14.21 -25.06 72.71
N ARG I 751 14.75 -26.24 72.96
CA ARG I 751 14.31 -27.10 74.05
C ARG I 751 14.59 -26.48 75.42
N MET I 752 15.75 -25.84 75.56
CA MET I 752 16.13 -25.14 76.78
C MET I 752 15.15 -24.02 77.14
N LEU I 753 14.83 -23.17 76.16
CA LEU I 753 14.05 -21.97 76.43
C LEU I 753 12.55 -22.24 76.52
N GLN I 754 12.07 -23.21 75.74
CA GLN I 754 10.63 -23.51 75.65
C GLN I 754 10.18 -24.71 76.47
N GLU I 755 11.06 -25.70 76.64
CA GLU I 755 10.66 -26.99 77.22
C GLU I 755 11.39 -27.38 78.51
N GLY I 756 12.64 -26.96 78.67
CA GLY I 756 13.39 -27.22 79.91
C GLY I 756 14.48 -28.27 79.82
N GLU I 757 15.05 -28.62 80.97
CA GLU I 757 16.23 -29.46 81.06
C GLU I 757 16.03 -30.90 80.59
N GLU I 758 14.94 -31.53 81.05
CA GLU I 758 14.67 -32.93 80.75
C GLU I 758 14.59 -33.13 79.23
N SER I 759 13.88 -32.22 78.57
CA SER I 759 13.76 -32.24 77.11
C SER I 759 15.14 -32.19 76.44
N LEU I 760 15.96 -31.23 76.85
CA LEU I 760 17.32 -31.09 76.31
C LEU I 760 18.10 -32.40 76.45
N GLN I 761 18.03 -33.00 77.63
CA GLN I 761 18.80 -34.22 77.92
C GLN I 761 18.41 -35.39 77.03
N GLU I 762 17.12 -35.51 76.74
CA GLU I 762 16.58 -36.58 75.89
C GLU I 762 17.05 -36.42 74.46
N TYR I 763 17.16 -35.16 74.01
CA TYR I 763 17.59 -34.86 72.66
C TYR I 763 19.08 -35.13 72.51
N PHE I 764 19.87 -34.54 73.41
CA PHE I 764 21.32 -34.71 73.39
C PHE I 764 21.69 -36.18 73.33
N LYS I 765 21.10 -36.98 74.22
CA LYS I 765 21.34 -38.42 74.24
C LYS I 765 21.09 -39.04 72.85
N GLU I 766 19.93 -38.72 72.28
CA GLU I 766 19.49 -39.30 71.02
C GLU I 766 20.40 -38.87 69.85
N PHE I 767 20.80 -37.60 69.84
CA PHE I 767 21.67 -37.07 68.80
C PHE I 767 23.04 -37.75 68.81
N GLU I 768 23.54 -38.01 70.01
CA GLU I 768 24.79 -38.73 70.23
C GLU I 768 24.67 -40.18 69.74
N LYS I 769 23.53 -40.81 70.00
CA LYS I 769 23.26 -42.17 69.53
C LYS I 769 23.18 -42.28 68.01
N GLU I 770 22.70 -41.23 67.36
CA GLU I 770 22.42 -41.26 65.93
C GLU I 770 23.43 -40.47 65.08
N PHE I 771 24.43 -39.91 65.73
CA PHE I 771 25.44 -39.08 65.07
C PHE I 771 26.16 -39.79 63.91
N ARG I 772 26.53 -41.06 64.12
CA ARG I 772 27.28 -41.84 63.11
C ARG I 772 26.46 -42.22 61.87
N GLN I 773 25.16 -41.94 61.89
CA GLN I 773 24.28 -42.23 60.75
C GLN I 773 23.99 -41.02 59.88
N LEU I 774 24.50 -39.85 60.28
CA LEU I 774 24.31 -38.61 59.54
C LEU I 774 25.30 -38.54 58.39
N ASN I 775 24.91 -37.86 57.31
CA ASN I 775 25.75 -37.69 56.13
C ASN I 775 27.05 -36.95 56.44
N TYR I 776 28.17 -37.44 55.87
CA TYR I 776 29.50 -36.88 56.13
C TYR I 776 29.65 -35.40 55.74
N ILE I 777 28.80 -34.96 54.81
CA ILE I 777 28.80 -33.56 54.38
C ILE I 777 28.12 -32.69 55.43
N SER I 778 27.00 -33.18 55.99
CA SER I 778 26.24 -32.42 56.98
C SER I 778 26.95 -32.27 58.33
N ILE I 779 27.94 -33.11 58.59
CA ILE I 779 28.69 -33.04 59.83
C ILE I 779 30.14 -32.54 59.63
N ALA I 780 30.39 -31.92 58.49
CA ALA I 780 31.72 -31.35 58.22
C ALA I 780 31.74 -29.84 58.45
N SER I 781 32.83 -29.35 59.03
CA SER I 781 33.02 -27.92 59.27
C SER I 781 33.37 -27.25 57.94
N VAL I 782 33.14 -25.94 57.85
CA VAL I 782 33.52 -25.16 56.67
C VAL I 782 34.49 -24.04 57.05
N SER I 783 35.45 -23.76 56.17
CA SER I 783 36.42 -22.67 56.40
C SER I 783 36.81 -22.02 55.08
N SER I 784 37.36 -20.80 55.18
CA SER I 784 37.95 -20.11 54.04
C SER I 784 39.43 -20.48 53.92
N ALA I 785 39.91 -20.57 52.69
CA ALA I 785 41.29 -20.98 52.43
C ALA I 785 42.20 -19.80 52.08
N ASN I 786 42.63 -19.06 53.10
CA ASN I 786 43.55 -17.94 52.91
C ASN I 786 44.99 -18.29 53.29
N ASN I 787 45.94 -17.81 52.48
CA ASN I 787 47.36 -18.04 52.70
C ASN I 787 47.74 -19.52 52.79
N ILE I 788 47.49 -20.25 51.71
CA ILE I 788 47.85 -21.66 51.61
C ILE I 788 49.36 -21.80 51.46
N ALA I 789 49.91 -21.08 50.49
CA ALA I 789 51.33 -21.12 50.16
C ALA I 789 52.23 -20.67 51.32
N LYS I 790 51.74 -19.72 52.12
CA LYS I 790 52.51 -19.16 53.25
C LYS I 790 52.94 -20.22 54.26
N TYR I 791 52.05 -21.17 54.54
CA TYR I 791 52.33 -22.23 55.52
C TYR I 791 52.70 -23.56 54.86
N ASP I 792 52.93 -23.52 53.55
CA ASP I 792 53.26 -24.71 52.77
C ASP I 792 54.78 -24.82 52.56
N VAL I 793 55.39 -25.82 53.20
CA VAL I 793 56.83 -26.06 53.07
C VAL I 793 57.08 -27.45 52.47
N GLY I 794 57.23 -27.51 51.15
CA GLY I 794 57.46 -28.76 50.43
C GLY I 794 56.32 -29.75 50.52
N GLY I 795 55.09 -29.25 50.55
CA GLY I 795 53.90 -30.09 50.65
C GLY I 795 53.48 -30.45 52.07
N PHE I 796 54.08 -29.79 53.06
CA PHE I 796 53.79 -30.05 54.47
C PHE I 796 53.57 -28.74 55.25
N PRO I 797 52.85 -28.82 56.39
CA PRO I 797 52.59 -27.62 57.20
C PRO I 797 53.85 -27.04 57.83
N GLY I 798 53.90 -25.70 57.93
CA GLY I 798 55.01 -25.00 58.57
C GLY I 798 54.66 -24.46 59.94
N PRO I 799 55.43 -23.46 60.42
CA PRO I 799 55.19 -22.84 61.73
C PRO I 799 53.90 -22.01 61.72
N LYS I 800 53.09 -22.20 62.76
CA LYS I 800 51.83 -21.48 62.96
C LYS I 800 50.72 -21.80 61.95
N CYS I 801 50.89 -22.91 61.21
CA CYS I 801 49.89 -23.34 60.24
C CYS I 801 48.55 -23.68 60.91
N PRO I 802 47.46 -23.03 60.47
CA PRO I 802 46.13 -23.28 61.03
C PRO I 802 45.61 -24.67 60.67
N PHE I 803 44.57 -25.11 61.37
CA PHE I 803 44.05 -26.47 61.27
C PHE I 803 43.46 -26.80 59.90
N HIS I 804 42.72 -25.85 59.34
CA HIS I 804 42.08 -26.06 58.05
C HIS I 804 43.09 -26.10 56.94
N ILE I 805 44.10 -25.24 57.02
CA ILE I 805 45.19 -25.20 56.06
C ILE I 805 45.95 -26.53 56.06
N ARG I 806 46.22 -27.07 57.24
CA ARG I 806 46.82 -28.39 57.39
C ARG I 806 46.00 -29.43 56.63
N GLY I 807 44.68 -29.37 56.80
CA GLY I 807 43.74 -30.26 56.10
C GLY I 807 43.89 -30.21 54.59
N ILE I 808 43.96 -28.99 54.05
CA ILE I 808 44.14 -28.76 52.63
C ILE I 808 45.42 -29.43 52.09
N LEU I 809 46.49 -29.33 52.87
CA LEU I 809 47.78 -29.89 52.48
C LEU I 809 47.78 -31.42 52.53
N THR I 810 46.96 -32.00 53.40
CA THR I 810 46.78 -33.44 53.45
C THR I 810 46.06 -33.93 52.20
N TYR I 811 45.05 -33.16 51.79
CA TYR I 811 44.30 -33.44 50.57
C TYR I 811 45.18 -33.40 49.34
N ASN I 812 46.01 -32.36 49.22
CA ASN I 812 46.87 -32.16 48.06
C ASN I 812 47.90 -33.27 47.88
N ARG I 813 48.40 -33.81 48.99
CA ARG I 813 49.32 -34.94 48.96
C ARG I 813 48.61 -36.23 48.55
N ALA I 814 47.33 -36.34 48.90
CA ALA I 814 46.52 -37.50 48.55
C ALA I 814 46.11 -37.50 47.07
N ILE I 815 45.97 -36.30 46.49
CA ILE I 815 45.56 -36.16 45.09
C ILE I 815 46.69 -35.66 44.18
N LYS I 816 47.92 -35.67 44.69
CA LYS I 816 49.08 -35.23 43.92
C LYS I 816 49.24 -36.08 42.66
N GLY I 817 49.26 -35.42 41.51
CA GLY I 817 49.40 -36.11 40.22
C GLY I 817 48.08 -36.46 39.56
N ASN I 818 46.98 -36.20 40.26
CA ASN I 818 45.65 -36.44 39.71
C ASN I 818 44.99 -35.14 39.25
N ILE I 819 45.01 -34.91 37.94
CA ILE I 819 44.50 -33.66 37.36
C ILE I 819 42.98 -33.52 37.40
N ASP I 820 42.27 -34.64 37.19
CA ASP I 820 40.82 -34.65 37.18
C ASP I 820 40.21 -34.57 38.58
N ALA I 821 41.06 -34.59 39.59
CA ALA I 821 40.63 -34.41 40.98
C ALA I 821 40.40 -32.92 41.28
N PRO I 822 39.22 -32.57 41.85
CA PRO I 822 38.89 -31.19 42.20
C PRO I 822 39.98 -30.50 43.01
N GLN I 823 40.43 -29.34 42.54
CA GLN I 823 41.56 -28.63 43.12
C GLN I 823 41.11 -27.61 44.17
N VAL I 824 41.88 -27.50 45.24
CA VAL I 824 41.61 -26.52 46.30
C VAL I 824 42.26 -25.19 45.93
N VAL I 825 41.43 -24.14 45.83
CA VAL I 825 41.85 -22.84 45.34
C VAL I 825 41.98 -21.85 46.49
N GLU I 826 42.92 -20.91 46.35
CA GLU I 826 43.08 -19.81 47.31
C GLU I 826 41.84 -18.92 47.37
N GLY I 827 41.42 -18.62 48.59
CA GLY I 827 40.28 -17.73 48.82
C GLY I 827 38.94 -18.43 48.96
N GLU I 828 38.82 -19.63 48.38
CA GLU I 828 37.54 -20.35 48.38
C GLU I 828 37.28 -21.11 49.68
N LYS I 829 36.07 -21.65 49.80
CA LYS I 829 35.66 -22.34 51.02
C LYS I 829 35.89 -23.85 50.94
N VAL I 830 36.18 -24.46 52.10
CA VAL I 830 36.49 -25.90 52.17
C VAL I 830 35.76 -26.61 53.30
N TYR I 831 35.41 -27.88 53.07
CA TYR I 831 34.93 -28.76 54.13
C TYR I 831 36.13 -29.32 54.89
N VAL I 832 35.99 -29.50 56.21
CA VAL I 832 37.08 -30.04 57.04
C VAL I 832 36.60 -31.21 57.91
N LEU I 833 37.34 -32.31 57.89
CA LEU I 833 37.04 -33.47 58.72
C LEU I 833 38.26 -33.93 59.50
N PRO I 834 38.09 -34.25 60.79
CA PRO I 834 39.18 -34.84 61.57
C PRO I 834 39.40 -36.30 61.19
N LEU I 835 40.65 -36.76 61.27
CA LEU I 835 41.01 -38.13 60.93
C LEU I 835 41.63 -38.85 62.11
N ARG I 836 41.27 -40.13 62.29
CA ARG I 836 41.82 -40.96 63.35
C ARG I 836 43.32 -41.19 63.17
N GLU I 837 44.04 -41.24 64.29
CA GLU I 837 45.49 -41.41 64.28
C GLU I 837 45.88 -42.78 63.75
N GLY I 838 46.82 -42.81 62.80
CA GLY I 838 47.21 -44.04 62.11
C GLY I 838 46.67 -44.13 60.68
N ASN I 839 46.00 -43.07 60.24
CA ASN I 839 45.40 -43.01 58.90
C ASN I 839 46.45 -42.99 57.79
N PRO I 840 46.10 -43.54 56.60
CA PRO I 840 47.05 -43.61 55.48
C PRO I 840 47.41 -42.25 54.89
N PHE I 841 46.53 -41.26 55.08
CA PHE I 841 46.82 -39.87 54.71
C PHE I 841 47.90 -39.30 55.63
N GLY I 842 48.35 -38.09 55.33
CA GLY I 842 49.41 -37.46 56.11
C GLY I 842 49.10 -37.12 57.57
N ASP I 843 47.97 -36.45 57.80
CA ASP I 843 47.74 -35.76 59.08
C ASP I 843 46.45 -36.06 59.85
N LYS I 844 46.21 -35.24 60.87
CA LYS I 844 45.07 -35.38 61.77
C LYS I 844 43.75 -34.88 61.15
N CYS I 845 43.84 -34.32 59.95
CA CYS I 845 42.65 -33.84 59.24
C CYS I 845 42.82 -33.77 57.74
N ILE I 846 41.69 -33.82 57.03
CA ILE I 846 41.65 -33.60 55.57
C ILE I 846 40.60 -32.52 55.24
N ALA I 847 40.81 -31.84 54.12
CA ALA I 847 39.88 -30.80 53.67
C ALA I 847 39.71 -30.82 52.16
N TRP I 848 38.47 -30.73 51.69
CA TRP I 848 38.19 -30.71 50.25
C TRP I 848 37.30 -29.54 49.90
N PRO I 849 37.15 -29.21 48.60
CA PRO I 849 36.35 -28.06 48.19
C PRO I 849 34.90 -28.16 48.67
N SER I 850 34.36 -27.04 49.14
CA SER I 850 32.98 -26.99 49.62
C SER I 850 31.96 -27.08 48.49
N GLY I 851 30.73 -27.47 48.84
CA GLY I 851 29.63 -27.61 47.88
C GLY I 851 29.69 -28.87 47.05
N THR I 852 30.68 -29.73 47.33
CA THR I 852 30.94 -30.92 46.51
C THR I 852 31.20 -32.18 47.33
N GLU I 853 31.13 -33.33 46.68
CA GLU I 853 31.54 -34.61 47.25
C GLU I 853 33.04 -34.78 47.06
N ILE I 854 33.67 -35.58 47.92
CA ILE I 854 35.08 -35.94 47.74
C ILE I 854 35.25 -36.86 46.54
N THR I 855 36.40 -36.76 45.88
CA THR I 855 36.73 -37.64 44.76
C THR I 855 36.66 -39.10 45.22
N ASP I 856 35.97 -39.92 44.44
CA ASP I 856 35.81 -41.34 44.73
C ASP I 856 37.14 -42.07 44.87
N LEU I 857 38.18 -41.49 44.27
CA LEU I 857 39.54 -42.00 44.38
C LEU I 857 40.15 -41.80 45.76
N ILE I 858 39.35 -41.29 46.70
CA ILE I 858 39.79 -41.07 48.07
C ILE I 858 38.63 -41.21 49.07
N LYS I 859 37.41 -41.25 48.57
CA LYS I 859 36.19 -41.24 49.39
C LYS I 859 36.11 -42.35 50.45
N ASP I 860 36.33 -43.60 50.03
CA ASP I 860 36.25 -44.76 50.95
C ASP I 860 37.12 -44.60 52.19
N ASP I 861 38.38 -44.24 51.97
CA ASP I 861 39.36 -44.10 53.07
C ASP I 861 39.04 -42.94 54.01
N VAL I 862 38.52 -41.84 53.47
CA VAL I 862 38.09 -40.70 54.28
C VAL I 862 36.96 -41.14 55.23
N LEU I 863 35.94 -41.78 54.66
CA LEU I 863 34.80 -42.30 55.44
C LEU I 863 35.21 -43.33 56.47
N HIS I 864 36.28 -44.07 56.17
CA HIS I 864 36.79 -45.10 57.07
C HIS I 864 37.52 -44.54 58.26
N TRP I 865 38.25 -43.45 58.06
CA TRP I 865 39.15 -42.91 59.09
C TRP I 865 38.64 -41.67 59.77
N MET I 866 37.45 -41.20 59.36
CA MET I 866 36.78 -40.10 60.01
C MET I 866 36.78 -40.27 61.52
N ASP I 867 37.14 -39.21 62.25
CA ASP I 867 37.17 -39.24 63.70
C ASP I 867 35.88 -38.66 64.26
N TYR I 868 34.89 -39.51 64.44
CA TYR I 868 33.57 -39.08 64.92
C TYR I 868 33.64 -38.47 66.32
N THR I 869 34.36 -39.14 67.22
CA THR I 869 34.50 -38.69 68.60
C THR I 869 35.05 -37.26 68.68
N VAL I 870 36.05 -36.96 67.87
CA VAL I 870 36.66 -35.63 67.86
C VAL I 870 35.70 -34.61 67.23
N LEU I 871 35.01 -35.04 66.19
CA LEU I 871 34.09 -34.16 65.46
C LEU I 871 32.90 -33.74 66.31
N LEU I 872 32.34 -34.69 67.03
CA LEU I 872 31.24 -34.43 67.93
C LEU I 872 31.64 -33.50 69.09
N GLU I 873 32.78 -33.77 69.71
CA GLU I 873 33.28 -32.95 70.80
C GLU I 873 33.53 -31.50 70.37
N LYS I 874 34.23 -31.36 69.24
CA LYS I 874 34.68 -30.05 68.75
C LYS I 874 33.55 -29.15 68.24
N THR I 875 32.62 -29.71 67.48
CA THR I 875 31.56 -28.94 66.83
C THR I 875 30.24 -28.88 67.60
N PHE I 876 29.95 -29.89 68.41
CA PHE I 876 28.66 -29.99 69.09
C PHE I 876 28.72 -29.88 70.62
N ILE I 877 29.42 -30.80 71.27
CA ILE I 877 29.43 -30.89 72.74
C ILE I 877 30.06 -29.66 73.40
N LYS I 878 31.17 -29.18 72.86
CA LYS I 878 31.85 -28.04 73.47
C LYS I 878 31.03 -26.75 73.46
N PRO I 879 30.47 -26.36 72.29
CA PRO I 879 29.60 -25.19 72.25
C PRO I 879 28.33 -25.36 73.10
N LEU I 880 27.84 -26.58 73.25
CA LEU I 880 26.67 -26.85 74.07
C LEU I 880 26.97 -26.64 75.54
N GLU I 881 28.13 -27.16 75.95
CA GLU I 881 28.65 -26.99 77.31
C GLU I 881 28.73 -25.50 77.66
N GLY I 882 29.04 -24.68 76.66
CA GLY I 882 29.04 -23.24 76.82
C GLY I 882 27.67 -22.69 77.16
N PHE I 883 26.66 -23.10 76.41
CA PHE I 883 25.28 -22.64 76.59
C PHE I 883 24.74 -23.08 77.94
N THR I 884 24.85 -24.39 78.20
CA THR I 884 24.32 -25.00 79.40
C THR I 884 25.01 -24.50 80.68
N SER I 885 26.32 -24.29 80.63
CA SER I 885 27.05 -23.69 81.75
C SER I 885 26.47 -22.35 82.12
N ALA I 886 26.24 -21.51 81.10
CA ALA I 886 25.75 -20.17 81.30
C ALA I 886 24.31 -20.20 81.81
N ALA I 887 23.49 -21.08 81.23
CA ALA I 887 22.08 -21.23 81.60
C ALA I 887 21.93 -22.01 82.91
N LYS I 888 23.03 -22.59 83.38
CA LYS I 888 23.03 -23.41 84.59
C LYS I 888 22.10 -24.63 84.47
N LEU I 889 22.30 -25.38 83.40
CA LEU I 889 21.54 -26.60 83.09
C LEU I 889 22.53 -27.71 82.76
N ASP I 890 22.12 -28.96 82.97
CA ASP I 890 22.90 -30.11 82.54
C ASP I 890 22.32 -30.70 81.27
N TYR I 891 23.18 -31.06 80.32
CA TYR I 891 22.73 -31.76 79.12
C TYR I 891 22.83 -33.29 79.27
N GLU I 892 23.40 -33.73 80.38
CA GLU I 892 23.57 -35.15 80.67
C GLU I 892 23.11 -35.40 82.09
N LYS I 893 22.32 -36.46 82.28
CA LYS I 893 21.52 -36.64 83.50
C LYS I 893 22.30 -36.48 84.80
N LYS I 894 23.46 -37.11 84.91
CA LYS I 894 24.22 -37.02 86.15
C LYS I 894 25.62 -36.41 85.99
N ALA I 895 25.66 -35.09 85.96
CA ALA I 895 26.92 -34.35 85.98
C ALA I 895 27.18 -33.82 87.38
N SER I 896 28.43 -33.93 87.83
CA SER I 896 28.84 -33.41 89.13
C SER I 896 28.74 -31.90 89.14
N LEU I 897 28.31 -31.35 90.27
CA LEU I 897 28.14 -29.90 90.40
C LEU I 897 29.36 -29.21 91.00
N PHE I 898 30.41 -29.99 91.23
CA PHE I 898 31.70 -29.45 91.65
C PHE I 898 32.59 -29.16 90.44
N ASP I 899 32.06 -29.44 89.25
CA ASP I 899 32.73 -29.10 87.99
C ASP I 899 32.78 -27.59 87.74
N MET I 900 31.89 -26.85 88.41
CA MET I 900 31.67 -25.44 88.14
C MET I 900 32.56 -24.47 88.92
N PHE I 901 33.49 -24.99 89.72
CA PHE I 901 34.36 -24.15 90.54
C PHE I 901 35.83 -24.20 90.10
N ASP I 902 36.59 -23.18 90.49
CA ASP I 902 38.00 -23.04 90.10
C ASP I 902 38.93 -23.55 91.20
N PHE I 903 38.95 -24.86 91.39
CA PHE I 903 39.80 -25.51 92.38
C PHE I 903 41.28 -25.57 91.93
N MET J 1 45.05 -11.48 6.51
CA MET J 1 44.92 -10.20 5.75
C MET J 1 46.27 -9.51 5.60
N LYS J 2 46.57 -9.06 4.38
CA LYS J 2 47.79 -8.28 4.12
C LYS J 2 47.59 -6.82 4.52
N GLU J 3 48.58 -6.26 5.20
CA GLU J 3 48.54 -4.84 5.62
C GLU J 3 48.67 -3.92 4.41
N PHE J 4 48.00 -2.78 4.47
CA PHE J 4 48.10 -1.74 3.44
C PHE J 4 47.96 -0.35 4.05
N TYR J 5 48.60 0.65 3.43
CA TYR J 5 48.62 1.99 3.96
C TYR J 5 47.32 2.72 3.66
N LEU J 6 47.08 3.80 4.39
CA LEU J 6 45.96 4.69 4.13
C LEU J 6 46.51 6.07 3.75
N THR J 7 47.23 6.69 4.67
CA THR J 7 47.91 7.96 4.40
C THR J 7 49.36 7.86 4.86
N VAL J 8 50.23 8.64 4.23
CA VAL J 8 51.63 8.73 4.61
C VAL J 8 52.07 10.20 4.54
N GLU J 9 52.88 10.60 5.51
CA GLU J 9 53.22 12.01 5.64
C GLU J 9 54.62 12.15 6.20
N GLN J 10 55.38 13.13 5.69
CA GLN J 10 56.68 13.46 6.24
C GLN J 10 56.60 14.74 7.04
N ILE J 11 56.96 14.65 8.32
CA ILE J 11 57.09 15.83 9.18
C ILE J 11 58.44 15.71 9.88
N GLY J 12 59.30 16.71 9.66
CA GLY J 12 60.66 16.67 10.20
C GLY J 12 61.35 15.37 9.82
N ASP J 13 61.95 14.71 10.81
CA ASP J 13 62.65 13.43 10.58
C ASP J 13 61.76 12.22 10.78
N SER J 14 60.46 12.44 10.91
CA SER J 14 59.51 11.36 11.12
C SER J 14 58.58 11.14 9.92
N ILE J 15 58.28 9.86 9.66
CA ILE J 15 57.16 9.55 8.80
C ILE J 15 55.96 9.14 9.67
N PHE J 16 54.85 9.83 9.46
CA PHE J 16 53.59 9.51 10.11
C PHE J 16 52.72 8.74 9.13
N GLU J 17 52.31 7.53 9.51
CA GLU J 17 51.53 6.68 8.61
C GLU J 17 50.27 6.14 9.25
N ARG J 18 49.14 6.36 8.59
CA ARG J 18 47.89 5.70 8.91
C ARG J 18 47.77 4.45 8.04
N TYR J 19 47.48 3.31 8.65
CA TYR J 19 47.37 2.06 7.92
C TYR J 19 46.37 1.06 8.52
N ILE J 20 46.07 0.01 7.75
CA ILE J 20 45.25 -1.10 8.22
C ILE J 20 46.17 -2.29 8.49
N ASP J 21 46.09 -2.85 9.69
CA ASP J 21 47.00 -3.94 10.09
C ASP J 21 46.44 -5.32 9.70
N SER J 22 47.12 -6.38 10.12
CA SER J 22 46.72 -7.73 9.67
C SER J 22 45.37 -8.18 10.23
N ASN J 23 44.86 -7.46 11.24
CA ASN J 23 43.57 -7.74 11.85
C ASN J 23 42.45 -6.84 11.33
N GLY J 24 42.77 -5.95 10.39
CA GLY J 24 41.79 -5.07 9.77
C GLY J 24 41.47 -3.86 10.62
N ARG J 25 42.37 -3.55 11.56
CA ARG J 25 42.19 -2.40 12.45
C ARG J 25 42.98 -1.22 11.95
N GLU J 26 42.41 -0.02 12.09
CA GLU J 26 43.13 1.20 11.72
C GLU J 26 44.16 1.55 12.77
N ARG J 27 45.39 1.80 12.34
CA ARG J 27 46.49 2.08 13.25
C ARG J 27 47.33 3.27 12.77
N THR J 28 48.07 3.87 13.69
CA THR J 28 48.98 4.98 13.39
C THR J 28 50.35 4.70 13.98
N ARG J 29 51.38 5.03 13.20
CA ARG J 29 52.76 4.84 13.64
C ARG J 29 53.66 5.99 13.16
N GLU J 30 54.64 6.33 13.98
CA GLU J 30 55.66 7.30 13.66
C GLU J 30 56.97 6.55 13.45
N VAL J 31 57.65 6.81 12.33
CA VAL J 31 58.87 6.06 11.99
C VAL J 31 60.01 7.01 11.62
N GLU J 32 61.11 6.92 12.36
CA GLU J 32 62.35 7.63 11.99
C GLU J 32 63.00 6.89 10.81
N TYR J 33 62.47 7.12 9.62
CA TYR J 33 62.89 6.41 8.41
C TYR J 33 64.29 6.81 7.95
N LYS J 34 65.09 5.81 7.59
CA LYS J 34 66.47 5.99 7.14
C LYS J 34 66.51 5.89 5.63
N PRO J 35 66.56 7.03 4.92
CA PRO J 35 66.55 6.94 3.47
C PRO J 35 67.92 6.62 2.87
N SER J 36 67.91 6.11 1.65
CA SER J 36 69.13 5.89 0.89
C SER J 36 69.12 6.72 -0.37
N LEU J 37 70.27 7.32 -0.67
CA LEU J 37 70.48 7.95 -1.97
C LEU J 37 71.73 7.34 -2.56
N PHE J 38 72.10 7.76 -3.77
CA PHE J 38 73.20 7.13 -4.48
C PHE J 38 74.08 8.16 -5.16
N ALA J 39 75.35 7.82 -5.33
CA ALA J 39 76.32 8.66 -6.02
C ALA J 39 77.15 7.79 -6.94
N HIS J 40 77.69 8.38 -8.01
CA HIS J 40 78.55 7.66 -8.96
C HIS J 40 79.82 7.26 -8.29
N CYS J 41 80.22 6.01 -8.50
CA CYS J 41 81.47 5.51 -7.93
C CYS J 41 82.46 5.12 -9.03
N PRO J 42 83.76 5.07 -8.69
CA PRO J 42 84.78 4.53 -9.60
C PRO J 42 84.46 3.12 -10.10
N GLU J 43 84.84 2.85 -11.34
CA GLU J 43 84.63 1.54 -11.97
C GLU J 43 85.22 0.40 -11.16
N SER J 44 86.21 0.72 -10.33
CA SER J 44 86.89 -0.23 -9.44
C SER J 44 85.92 -0.76 -8.39
N GLN J 45 85.26 0.16 -7.68
CA GLN J 45 84.39 -0.17 -6.56
C GLN J 45 83.08 -0.83 -7.00
N ALA J 46 83.19 -2.12 -7.32
CA ALA J 46 82.06 -2.94 -7.78
C ALA J 46 80.88 -2.87 -6.81
N THR J 47 79.68 -2.93 -7.37
CA THR J 47 78.44 -2.93 -6.60
C THR J 47 77.38 -3.72 -7.35
N LYS J 48 76.16 -3.71 -6.83
CA LYS J 48 75.01 -4.27 -7.55
C LYS J 48 74.08 -3.19 -8.10
N TYR J 49 74.39 -1.92 -7.80
CA TYR J 49 73.56 -0.79 -8.23
C TYR J 49 74.12 -0.10 -9.47
N PHE J 50 73.27 0.11 -10.48
CA PHE J 50 73.65 0.77 -11.72
C PHE J 50 72.59 1.79 -12.15
N ASP J 51 73.03 2.94 -12.64
CA ASP J 51 72.09 3.94 -13.16
C ASP J 51 71.59 3.53 -14.54
N ILE J 52 70.64 4.27 -15.09
CA ILE J 52 70.00 3.90 -16.36
C ILE J 52 70.95 3.92 -17.56
N TYR J 53 72.09 4.59 -17.41
CA TYR J 53 73.13 4.60 -18.46
C TYR J 53 74.13 3.45 -18.27
N GLY J 54 73.90 2.62 -17.26
CA GLY J 54 74.77 1.49 -16.94
C GLY J 54 76.04 1.88 -16.20
N LYS J 55 76.01 3.03 -15.53
CA LYS J 55 77.15 3.50 -14.75
C LYS J 55 77.01 3.01 -13.30
N PRO J 56 78.12 2.52 -12.71
CA PRO J 56 78.09 1.96 -11.36
C PRO J 56 77.78 3.01 -10.31
N CYS J 57 76.96 2.65 -9.33
CA CYS J 57 76.59 3.55 -8.25
C CYS J 57 76.91 2.97 -6.89
N THR J 58 77.20 3.87 -5.95
CA THR J 58 77.41 3.49 -4.56
C THR J 58 76.31 4.07 -3.68
N ARG J 59 75.85 3.29 -2.71
CA ARG J 59 74.69 3.67 -1.89
C ARG J 59 75.08 4.30 -0.56
N LYS J 60 74.49 5.45 -0.26
CA LYS J 60 74.64 6.11 1.03
C LYS J 60 73.36 5.98 1.85
N LEU J 61 73.48 5.39 3.04
CA LEU J 61 72.37 5.32 3.98
C LEU J 61 72.49 6.47 4.99
N PHE J 62 71.39 7.19 5.20
CA PHE J 62 71.41 8.36 6.07
C PHE J 62 70.75 8.09 7.42
N ALA J 63 71.27 8.74 8.45
CA ALA J 63 70.72 8.64 9.80
C ALA J 63 69.29 9.15 9.86
N ASN J 64 68.99 10.15 9.03
CA ASN J 64 67.65 10.73 8.95
C ASN J 64 67.40 11.42 7.61
N MET J 65 66.14 11.81 7.40
CA MET J 65 65.71 12.44 6.16
C MET J 65 66.31 13.82 5.93
N ARG J 66 66.43 14.61 6.99
CA ARG J 66 66.98 15.95 6.88
C ARG J 66 68.42 15.89 6.33
N ASP J 67 69.21 14.97 6.85
CA ASP J 67 70.59 14.79 6.42
C ASP J 67 70.67 14.43 4.94
N ALA J 68 69.74 13.60 4.49
CA ALA J 68 69.67 13.19 3.08
C ALA J 68 69.40 14.38 2.16
N SER J 69 68.42 15.21 2.50
CA SER J 69 68.11 16.36 1.64
C SER J 69 69.18 17.46 1.72
N GLN J 70 69.88 17.56 2.84
CA GLN J 70 71.02 18.47 2.97
C GLN J 70 72.17 18.04 2.08
N TRP J 71 72.33 16.72 1.99
CA TRP J 71 73.38 16.12 1.17
C TRP J 71 73.10 16.34 -0.29
N ILE J 72 71.83 16.22 -0.69
CA ILE J 72 71.43 16.51 -2.06
C ILE J 72 71.91 17.90 -2.45
N LYS J 73 71.59 18.89 -1.62
CA LYS J 73 71.79 20.28 -2.00
C LYS J 73 73.26 20.71 -2.11
N ARG J 74 74.14 20.09 -1.34
CA ARG J 74 75.57 20.41 -1.45
C ARG J 74 76.32 19.52 -2.44
N MET J 75 75.71 18.41 -2.87
CA MET J 75 76.19 17.65 -4.02
C MET J 75 75.94 18.44 -5.30
N GLU J 76 74.81 19.16 -5.32
CA GLU J 76 74.46 20.00 -6.45
C GLU J 76 75.34 21.24 -6.50
N ASP J 77 75.72 21.73 -5.32
CA ASP J 77 76.62 22.87 -5.21
C ASP J 77 78.01 22.61 -5.79
N ILE J 78 78.59 21.43 -5.53
CA ILE J 78 79.90 21.06 -6.10
C ILE J 78 79.80 20.40 -7.47
N GLY J 79 78.60 20.11 -7.93
CA GLY J 79 78.39 19.59 -9.29
C GLY J 79 78.54 18.09 -9.47
N LEU J 80 78.17 17.32 -8.44
CA LEU J 80 78.11 15.86 -8.54
C LEU J 80 76.67 15.40 -8.47
N GLU J 81 76.32 14.41 -9.28
CA GLU J 81 74.94 13.94 -9.33
C GLU J 81 74.50 13.23 -8.03
N ALA J 82 73.33 13.64 -7.52
CA ALA J 82 72.73 13.00 -6.37
C ALA J 82 71.60 12.10 -6.83
N LEU J 83 71.90 10.82 -7.02
CA LEU J 83 70.94 9.88 -7.57
C LEU J 83 70.05 9.28 -6.49
N GLY J 84 68.87 8.78 -6.88
CA GLY J 84 67.98 8.12 -5.94
C GLY J 84 66.66 8.85 -5.78
N MET J 85 65.71 8.20 -5.11
CA MET J 85 64.39 8.78 -4.89
C MET J 85 64.44 9.91 -3.84
N ASP J 86 64.37 11.14 -4.33
CA ASP J 86 64.45 12.35 -3.50
C ASP J 86 63.17 12.59 -2.67
N ASP J 87 62.05 12.05 -3.14
CA ASP J 87 60.77 12.06 -2.42
C ASP J 87 60.72 10.85 -1.47
N PHE J 88 60.91 11.10 -0.19
CA PHE J 88 61.11 10.01 0.78
C PHE J 88 59.83 9.28 1.19
N LYS J 89 58.68 9.94 1.10
CA LYS J 89 57.40 9.26 1.31
C LYS J 89 57.22 8.11 0.33
N LEU J 90 57.68 8.29 -0.91
CA LEU J 90 57.58 7.24 -1.91
C LEU J 90 58.59 6.14 -1.62
N ALA J 91 59.77 6.53 -1.13
CA ALA J 91 60.81 5.56 -0.81
C ALA J 91 60.36 4.69 0.36
N TYR J 92 59.67 5.31 1.31
CA TYR J 92 59.11 4.62 2.48
C TYR J 92 58.01 3.63 2.11
N LEU J 93 57.08 4.05 1.26
CA LEU J 93 56.00 3.17 0.79
C LEU J 93 56.57 1.98 0.00
N SER J 94 57.50 2.28 -0.91
CA SER J 94 58.21 1.25 -1.66
C SER J 94 58.87 0.22 -0.74
N ASP J 95 59.54 0.69 0.31
CA ASP J 95 60.25 -0.22 1.23
C ASP J 95 59.31 -1.03 2.12
N THR J 96 58.27 -0.38 2.64
CA THR J 96 57.33 -1.00 3.58
C THR J 96 56.40 -1.98 2.87
N TYR J 97 56.04 -1.69 1.62
CA TYR J 97 55.11 -2.51 0.89
C TYR J 97 55.72 -3.07 -0.39
N ASN J 98 56.68 -3.98 -0.23
CA ASN J 98 57.40 -4.56 -1.36
C ASN J 98 56.64 -5.75 -1.94
N TYR J 99 55.39 -5.49 -2.33
CA TYR J 99 54.50 -6.52 -2.88
C TYR J 99 53.30 -5.87 -3.55
N GLU J 100 52.53 -6.66 -4.29
CA GLU J 100 51.31 -6.16 -4.91
C GLU J 100 50.27 -5.95 -3.82
N ILE J 101 49.91 -4.68 -3.62
CA ILE J 101 48.99 -4.30 -2.55
C ILE J 101 47.55 -4.68 -2.86
N LYS J 102 46.95 -5.47 -1.98
CA LYS J 102 45.53 -5.77 -2.06
C LYS J 102 44.80 -5.03 -0.95
N TYR J 103 43.85 -4.18 -1.35
CA TYR J 103 43.18 -3.28 -0.43
C TYR J 103 41.70 -3.63 -0.30
N ASP J 104 41.17 -3.44 0.91
CA ASP J 104 39.77 -3.70 1.21
C ASP J 104 39.08 -2.37 1.49
N HIS J 105 38.26 -1.89 0.56
CA HIS J 105 37.63 -0.58 0.66
C HIS J 105 36.68 -0.42 1.82
N THR J 106 36.18 -1.53 2.36
CA THR J 106 35.24 -1.49 3.49
C THR J 106 35.93 -1.06 4.80
N LYS J 107 37.26 -0.98 4.78
CA LYS J 107 38.04 -0.58 5.94
C LYS J 107 38.72 0.78 5.76
N ILE J 108 38.50 1.38 4.60
CA ILE J 108 38.98 2.71 4.30
C ILE J 108 37.83 3.68 4.57
N ARG J 109 38.00 4.55 5.56
CA ARG J 109 36.96 5.50 5.92
C ARG J 109 36.91 6.61 4.89
N VAL J 110 35.85 6.62 4.10
CA VAL J 110 35.64 7.65 3.07
C VAL J 110 34.49 8.57 3.50
N ALA J 111 34.78 9.87 3.58
CA ALA J 111 33.79 10.83 4.04
C ALA J 111 33.48 11.93 3.03
N ASN J 112 32.25 11.93 2.52
CA ASN J 112 31.75 13.08 1.78
C ASN J 112 30.80 13.91 2.63
N PHE J 113 31.15 15.19 2.80
CA PHE J 113 30.39 16.11 3.63
C PHE J 113 30.10 17.41 2.89
N ASP J 114 29.19 18.21 3.46
CA ASP J 114 28.81 19.48 2.86
C ASP J 114 28.51 20.53 3.93
N ILE J 115 28.75 21.79 3.59
CA ILE J 115 28.53 22.90 4.51
C ILE J 115 27.53 23.90 3.95
N GLU J 116 26.78 24.55 4.84
CA GLU J 116 25.91 25.64 4.44
C GLU J 116 26.12 26.86 5.33
N VAL J 117 26.37 28.00 4.69
CA VAL J 117 26.61 29.26 5.39
C VAL J 117 25.60 30.30 4.91
N THR J 118 24.93 30.95 5.86
CA THR J 118 24.01 32.04 5.57
C THR J 118 24.76 33.37 5.76
N SER J 119 24.55 34.32 4.83
CA SER J 119 25.26 35.59 4.87
C SER J 119 24.46 36.75 4.27
N PRO J 120 24.24 37.82 5.06
CA PRO J 120 23.61 39.05 4.58
C PRO J 120 24.52 39.85 3.65
N ASP J 121 25.83 39.65 3.78
CA ASP J 121 26.81 40.34 2.94
C ASP J 121 26.81 39.83 1.50
N GLY J 122 26.67 38.51 1.35
CA GLY J 122 26.67 37.87 0.05
C GLY J 122 27.32 36.50 0.08
N PHE J 123 28.34 36.31 -0.76
CA PHE J 123 29.07 35.05 -0.82
C PHE J 123 30.09 34.95 0.31
N PRO J 124 29.97 33.91 1.15
CA PRO J 124 30.86 33.72 2.30
C PRO J 124 32.31 33.41 1.88
N GLU J 125 33.24 34.24 2.37
CA GLU J 125 34.65 34.09 2.03
C GLU J 125 35.31 33.05 2.92
N PRO J 126 35.89 32.00 2.30
CA PRO J 126 36.55 30.91 3.02
C PRO J 126 37.82 31.36 3.76
N SER J 127 38.45 32.43 3.27
CA SER J 127 39.65 32.98 3.89
C SER J 127 39.33 33.74 5.18
N GLN J 128 38.34 34.62 5.11
CA GLN J 128 37.91 35.39 6.27
C GLN J 128 37.06 34.56 7.24
N ALA J 129 35.95 34.02 6.74
CA ALA J 129 35.02 33.19 7.53
C ALA J 129 34.43 33.93 8.74
N LYS J 130 33.73 35.02 8.47
CA LYS J 130 33.13 35.85 9.52
C LYS J 130 31.72 35.37 9.88
N HIS J 131 31.05 34.74 8.92
CA HIS J 131 29.68 34.26 9.09
C HIS J 131 29.64 32.85 9.64
N PRO J 132 28.65 32.55 10.51
CA PRO J 132 28.52 31.24 11.14
C PRO J 132 28.12 30.11 10.19
N ILE J 133 28.57 28.90 10.51
CA ILE J 133 28.11 27.69 9.83
C ILE J 133 26.91 27.14 10.59
N ASP J 134 25.78 27.01 9.89
CA ASP J 134 24.54 26.58 10.51
C ASP J 134 24.09 25.17 10.11
N ALA J 135 24.80 24.57 9.16
CA ALA J 135 24.47 23.21 8.69
C ALA J 135 25.70 22.47 8.18
N ILE J 136 25.91 21.27 8.72
CA ILE J 136 26.94 20.34 8.25
C ILE J 136 26.33 18.94 8.13
N THR J 137 26.43 18.37 6.93
CA THR J 137 26.01 17.00 6.71
C THR J 137 27.23 16.15 6.37
N HIS J 138 27.63 15.31 7.32
CA HIS J 138 28.81 14.48 7.20
C HIS J 138 28.43 13.03 7.07
N TYR J 139 28.68 12.47 5.90
CA TYR J 139 28.49 11.03 5.66
C TYR J 139 29.79 10.27 5.94
N ASP J 140 29.65 9.04 6.42
CA ASP J 140 30.77 8.18 6.75
C ASP J 140 30.56 6.79 6.14
N SER J 141 31.49 6.37 5.29
CA SER J 141 31.34 5.13 4.51
C SER J 141 31.35 3.86 5.35
N ILE J 142 32.06 3.87 6.47
CA ILE J 142 32.12 2.73 7.38
C ILE J 142 30.81 2.58 8.17
N ASP J 143 30.27 3.70 8.64
CA ASP J 143 29.03 3.72 9.41
C ASP J 143 27.79 3.64 8.52
N ASP J 144 27.94 4.11 7.27
CA ASP J 144 26.83 4.24 6.32
C ASP J 144 25.72 5.15 6.88
N ARG J 145 26.14 6.21 7.56
CA ARG J 145 25.24 7.12 8.26
C ARG J 145 25.44 8.59 7.88
N PHE J 146 24.35 9.33 7.73
CA PHE J 146 24.41 10.77 7.50
C PHE J 146 24.35 11.50 8.84
N TYR J 147 25.44 12.20 9.17
CA TYR J 147 25.52 12.91 10.44
C TYR J 147 25.22 14.38 10.25
N VAL J 148 24.03 14.79 10.68
CA VAL J 148 23.55 16.14 10.46
C VAL J 148 23.70 17.00 11.71
N PHE J 149 24.50 18.06 11.58
CA PHE J 149 24.73 19.03 12.64
C PHE J 149 24.01 20.33 12.27
N ASP J 150 23.08 20.75 13.13
CA ASP J 150 22.24 21.92 12.84
C ASP J 150 22.24 22.97 13.95
N LEU J 151 22.38 24.23 13.56
CA LEU J 151 22.37 25.35 14.50
C LEU J 151 20.98 25.97 14.58
N LEU J 152 20.51 26.21 15.80
CA LEU J 152 19.18 26.75 16.03
C LEU J 152 19.22 28.23 16.41
N ASN J 153 19.91 28.55 17.50
CA ASN J 153 19.98 29.94 17.98
C ASN J 153 21.21 30.69 17.45
N SER J 154 21.12 31.13 16.20
CA SER J 154 22.15 31.94 15.57
C SER J 154 21.76 33.42 15.62
N PRO J 155 22.76 34.33 15.53
CA PRO J 155 22.46 35.77 15.48
C PRO J 155 21.70 36.21 14.22
N TYR J 156 21.50 35.29 13.28
CA TYR J 156 20.70 35.57 12.08
C TYR J 156 19.31 34.95 12.15
N GLY J 157 18.81 34.77 13.36
CA GLY J 157 17.45 34.27 13.59
C GLY J 157 17.39 32.87 14.18
N ASN J 158 16.54 32.72 15.20
CA ASN J 158 16.32 31.43 15.85
C ASN J 158 15.28 30.60 15.09
N VAL J 159 15.67 29.39 14.73
CA VAL J 159 14.80 28.49 13.95
C VAL J 159 14.42 27.23 14.74
N GLU J 160 13.36 26.57 14.29
CA GLU J 160 12.85 25.36 14.93
C GLU J 160 13.65 24.14 14.48
N GLU J 161 13.48 23.03 15.19
CA GLU J 161 14.15 21.76 14.87
C GLU J 161 13.64 21.13 13.58
N TRP J 162 14.56 20.49 12.85
CA TRP J 162 14.25 19.75 11.63
C TRP J 162 13.46 18.52 11.95
N SER J 163 12.51 18.19 11.08
CA SER J 163 11.66 17.02 11.26
C SER J 163 11.90 15.98 10.18
N ILE J 164 12.32 14.80 10.61
CA ILE J 164 12.54 13.65 9.71
C ILE J 164 11.22 13.12 9.14
N GLU J 165 10.14 13.30 9.91
CA GLU J 165 8.80 12.83 9.53
C GLU J 165 8.32 13.54 8.26
N ILE J 166 8.50 14.86 8.22
CA ILE J 166 8.07 15.69 7.10
C ILE J 166 8.91 15.40 5.84
N ALA J 167 10.23 15.44 6.01
CA ALA J 167 11.18 15.25 4.90
C ALA J 167 11.03 13.91 4.16
N ALA J 168 10.49 12.91 4.85
CA ALA J 168 10.26 11.60 4.25
C ALA J 168 9.03 11.61 3.32
N LYS J 169 8.06 12.46 3.63
CA LYS J 169 6.79 12.50 2.92
C LYS J 169 6.89 13.12 1.51
N LEU J 170 5.81 12.99 0.74
CA LEU J 170 5.76 13.46 -0.66
C LEU J 170 5.82 14.98 -0.80
N GLN J 171 5.93 15.45 -2.04
CA GLN J 171 6.15 16.87 -2.35
C GLN J 171 4.86 17.69 -2.29
N GLU J 172 3.77 17.12 -2.80
CA GLU J 172 2.47 17.80 -2.84
C GLU J 172 1.78 17.89 -1.47
N GLN J 173 2.45 17.36 -0.44
CA GLN J 173 1.94 17.40 0.92
C GLN J 173 2.72 18.38 1.79
N GLY J 174 3.73 19.02 1.18
CA GLY J 174 4.57 19.98 1.88
C GLY J 174 5.82 19.36 2.51
N GLY J 175 6.21 18.19 1.99
CA GLY J 175 7.38 17.48 2.49
C GLY J 175 8.66 17.90 1.78
N ASP J 176 9.53 16.94 1.53
CA ASP J 176 10.81 17.18 0.84
C ASP J 176 11.15 16.08 -0.16
N GLU J 177 10.51 14.91 0.00
CA GLU J 177 10.77 13.73 -0.82
C GLU J 177 12.21 13.22 -0.73
N VAL J 178 12.72 13.18 0.50
CA VAL J 178 14.07 12.67 0.76
C VAL J 178 14.06 11.14 0.59
N PRO J 179 14.90 10.62 -0.33
CA PRO J 179 14.94 9.22 -0.73
C PRO J 179 14.80 8.24 0.43
N SER J 180 13.97 7.21 0.24
CA SER J 180 13.69 6.21 1.28
C SER J 180 14.91 5.40 1.71
N GLU J 181 15.87 5.23 0.80
CA GLU J 181 17.11 4.51 1.08
C GLU J 181 17.88 5.11 2.26
N ILE J 182 17.88 6.44 2.35
CA ILE J 182 18.71 7.15 3.32
C ILE J 182 17.96 7.69 4.55
N ILE J 183 16.63 7.64 4.50
CA ILE J 183 15.80 8.07 5.63
C ILE J 183 16.19 7.35 6.93
N ASP J 184 16.26 6.01 6.85
CA ASP J 184 16.62 5.19 8.00
C ASP J 184 18.13 5.18 8.24
N LYS J 185 18.80 6.24 7.78
CA LYS J 185 20.26 6.36 7.88
C LYS J 185 20.71 7.77 8.29
N ILE J 186 19.82 8.50 8.97
CA ILE J 186 20.13 9.87 9.39
C ILE J 186 20.16 10.01 10.91
N ILE J 187 21.36 10.25 11.44
CA ILE J 187 21.54 10.58 12.85
C ILE J 187 21.53 12.11 12.97
N TYR J 188 20.40 12.65 13.40
CA TYR J 188 20.21 14.10 13.46
C TYR J 188 20.49 14.69 14.84
N MET J 189 21.33 15.72 14.86
CA MET J 189 21.72 16.38 16.10
C MET J 189 21.81 17.92 15.98
N PRO J 190 20.82 18.63 16.55
CA PRO J 190 20.80 20.10 16.59
C PRO J 190 21.37 20.68 17.89
N PHE J 191 21.87 21.92 17.82
CA PHE J 191 22.51 22.57 18.97
C PHE J 191 21.91 23.94 19.30
N ASP J 192 22.27 24.47 20.47
CA ASP J 192 21.73 25.74 20.98
C ASP J 192 22.66 26.93 20.73
N ASN J 193 23.95 26.65 20.54
CA ASN J 193 24.94 27.69 20.23
C ASN J 193 26.10 27.13 19.39
N GLU J 194 26.71 27.99 18.59
CA GLU J 194 27.75 27.58 17.63
C GLU J 194 28.98 26.97 18.29
N LYS J 195 29.36 27.49 19.47
CA LYS J 195 30.51 27.00 20.21
C LYS J 195 30.41 25.51 20.54
N GLU J 196 29.26 25.09 21.08
CA GLU J 196 28.99 23.67 21.36
C GLU J 196 28.89 22.85 20.08
N LEU J 197 28.31 23.44 19.04
CA LEU J 197 28.10 22.80 17.74
C LEU J 197 29.41 22.42 17.04
N LEU J 198 30.34 23.37 16.98
CA LEU J 198 31.64 23.13 16.35
C LEU J 198 32.55 22.30 17.25
N MET J 199 32.37 22.43 18.56
CA MET J 199 33.09 21.65 19.56
C MET J 199 32.82 20.16 19.36
N GLU J 200 31.55 19.81 19.18
CA GLU J 200 31.15 18.41 19.03
C GLU J 200 31.48 17.81 17.68
N TYR J 201 31.56 18.65 16.65
CA TYR J 201 31.98 18.18 15.33
C TYR J 201 33.45 17.78 15.33
N LEU J 202 34.26 18.50 16.11
CA LEU J 202 35.68 18.16 16.28
C LEU J 202 35.88 16.86 17.07
N ASN J 203 35.03 16.62 18.07
CA ASN J 203 35.08 15.38 18.84
C ASN J 203 34.63 14.20 17.99
N PHE J 204 33.61 14.43 17.18
CA PHE J 204 33.16 13.51 16.14
C PHE J 204 34.32 13.20 15.17
N TRP J 205 35.10 14.24 14.85
CA TRP J 205 36.22 14.12 13.92
C TRP J 205 37.34 13.26 14.46
N GLN J 206 37.73 13.50 15.72
CA GLN J 206 38.79 12.71 16.38
C GLN J 206 38.43 11.23 16.41
N GLN J 207 37.16 10.94 16.65
CA GLN J 207 36.69 9.58 16.85
C GLN J 207 36.43 8.86 15.53
N LYS J 208 36.22 9.64 14.48
CA LYS J 208 35.91 9.10 13.15
C LYS J 208 36.63 9.91 12.06
N THR J 209 37.96 9.87 12.12
CA THR J 209 38.82 10.67 11.24
C THR J 209 38.85 10.13 9.82
N PRO J 210 38.39 10.93 8.84
CA PRO J 210 38.36 10.55 7.43
C PRO J 210 39.74 10.16 6.89
N VAL J 211 39.78 9.14 6.04
CA VAL J 211 40.99 8.80 5.29
C VAL J 211 40.92 9.54 3.95
N ILE J 212 39.85 9.29 3.19
CA ILE J 212 39.56 10.09 2.00
C ILE J 212 38.41 11.06 2.29
N LEU J 213 38.72 12.35 2.22
CA LEU J 213 37.74 13.39 2.44
C LEU J 213 37.30 13.97 1.10
N THR J 214 36.03 13.76 0.75
CA THR J 214 35.51 14.11 -0.57
C THR J 214 34.18 14.87 -0.48
N GLY J 215 33.55 15.14 -1.63
CA GLY J 215 32.32 15.92 -1.70
C GLY J 215 32.34 16.89 -2.87
N TRP J 216 31.56 17.96 -2.78
CA TRP J 216 31.49 18.96 -3.85
C TRP J 216 32.01 20.32 -3.44
N ASN J 217 33.06 20.77 -4.13
CA ASN J 217 33.76 22.01 -3.80
C ASN J 217 34.38 22.04 -2.39
N VAL J 218 34.59 20.86 -1.81
CA VAL J 218 35.05 20.75 -0.42
C VAL J 218 36.44 21.32 -0.18
N GLU J 219 37.31 21.22 -1.18
CA GLU J 219 38.70 21.67 -1.06
C GLU J 219 38.82 23.19 -1.10
N SER J 220 37.99 23.85 -1.88
CA SER J 220 38.06 25.29 -2.06
C SER J 220 37.06 26.07 -1.20
N PHE J 221 36.12 25.36 -0.59
CA PHE J 221 35.06 25.99 0.19
C PHE J 221 34.86 25.36 1.58
N ALA J 222 34.43 24.11 1.61
CA ALA J 222 34.06 23.45 2.88
C ALA J 222 35.21 23.36 3.89
N ILE J 223 36.31 22.72 3.50
CA ILE J 223 37.47 22.53 4.39
C ILE J 223 38.07 23.85 4.89
N PRO J 224 38.35 24.81 3.98
CA PRO J 224 38.91 26.08 4.44
C PRO J 224 38.00 26.85 5.40
N TYR J 225 36.69 26.82 5.16
CA TYR J 225 35.75 27.55 6.00
C TYR J 225 35.67 26.97 7.42
N VAL J 226 35.50 25.65 7.51
CA VAL J 226 35.42 24.97 8.81
C VAL J 226 36.65 25.26 9.66
N TYR J 227 37.83 25.10 9.06
CA TYR J 227 39.11 25.36 9.72
C TYR J 227 39.17 26.79 10.26
N ASN J 228 39.03 27.77 9.37
CA ASN J 228 39.13 29.19 9.73
C ASN J 228 38.08 29.66 10.74
N ARG J 229 36.91 29.03 10.71
CA ARG J 229 35.85 29.32 11.66
C ARG J 229 36.23 28.86 13.07
N ILE J 230 36.79 27.66 13.16
CA ILE J 230 37.26 27.11 14.44
C ILE J 230 38.48 27.89 14.94
N LYS J 231 39.36 28.23 14.00
CA LYS J 231 40.55 29.03 14.26
C LYS J 231 40.26 30.33 15.02
N ASN J 232 39.21 31.05 14.58
CA ASN J 232 38.86 32.35 15.14
C ASN J 232 38.24 32.33 16.53
N ILE J 233 37.62 31.20 16.89
CA ILE J 233 36.87 31.10 18.13
C ILE J 233 37.69 30.55 19.29
N PHE J 234 38.32 29.39 19.07
CA PHE J 234 39.03 28.68 20.14
C PHE J 234 40.53 28.95 20.12
N GLY J 235 41.11 29.00 18.93
CA GLY J 235 42.54 29.23 18.76
C GLY J 235 43.17 28.33 17.71
N GLU J 236 44.45 28.56 17.44
CA GLU J 236 45.15 27.77 16.43
C GLU J 236 45.32 26.32 16.85
N SER J 237 45.62 26.09 18.12
CA SER J 237 45.80 24.74 18.68
C SER J 237 44.60 23.83 18.46
N THR J 238 43.41 24.43 18.46
CA THR J 238 42.16 23.70 18.33
C THR J 238 41.82 23.43 16.85
N ALA J 239 42.23 24.33 15.97
CA ALA J 239 41.97 24.18 14.53
C ALA J 239 42.83 23.06 13.94
N LYS J 240 44.07 22.94 14.42
CA LYS J 240 45.01 21.89 14.01
C LYS J 240 44.45 20.48 14.29
N ARG J 241 43.43 20.44 15.14
CA ARG J 241 42.81 19.17 15.58
C ARG J 241 42.09 18.42 14.44
N LEU J 242 41.78 19.14 13.37
CA LEU J 242 41.22 18.53 12.15
C LEU J 242 42.29 17.73 11.40
N SER J 243 43.51 17.73 11.94
CA SER J 243 44.60 16.88 11.45
C SER J 243 44.97 15.84 12.50
N PRO J 244 45.05 14.55 12.10
CA PRO J 244 45.44 13.46 12.99
C PRO J 244 46.81 13.67 13.63
N HIS J 245 47.64 14.47 12.99
CA HIS J 245 49.00 14.71 13.47
C HIS J 245 49.19 16.14 13.90
N ARG J 246 48.08 16.86 14.09
CA ARG J 246 48.06 18.26 14.53
C ARG J 246 49.04 19.14 13.74
N LYS J 247 48.94 19.06 12.41
CA LYS J 247 49.81 19.81 11.51
C LYS J 247 49.03 20.23 10.27
N THR J 248 48.99 21.54 10.00
CA THR J 248 48.31 22.08 8.82
C THR J 248 49.21 23.06 8.07
N ARG J 249 48.92 23.24 6.78
CA ARG J 249 49.72 24.11 5.93
C ARG J 249 48.81 25.04 5.11
N VAL J 250 49.13 26.33 5.17
CA VAL J 250 48.42 27.36 4.43
C VAL J 250 48.91 27.38 2.98
N LYS J 251 48.11 26.82 2.08
CA LYS J 251 48.48 26.70 0.67
C LYS J 251 47.82 27.82 -0.14
N VAL J 252 48.58 28.88 -0.39
CA VAL J 252 48.09 30.04 -1.15
C VAL J 252 48.31 29.82 -2.65
N ILE J 253 47.36 29.13 -3.28
CA ILE J 253 47.45 28.81 -4.71
C ILE J 253 47.29 30.06 -5.57
N GLU J 254 48.26 30.27 -6.46
CA GLU J 254 48.29 31.45 -7.31
C GLU J 254 48.10 31.09 -8.79
N ASN J 255 46.84 30.94 -9.19
CA ASN J 255 46.49 30.84 -10.61
C ASN J 255 46.55 32.24 -11.23
N MET J 256 46.85 32.31 -12.52
CA MET J 256 47.20 33.59 -13.16
C MET J 256 46.05 34.58 -13.37
N TYR J 257 45.24 34.75 -12.33
CA TYR J 257 44.19 35.77 -12.28
C TYR J 257 44.38 36.63 -11.02
N GLY J 258 44.51 35.96 -9.88
CA GLY J 258 44.75 36.60 -8.59
C GLY J 258 45.48 35.66 -7.65
N SER J 259 44.85 35.34 -6.52
CA SER J 259 45.40 34.38 -5.54
C SER J 259 44.36 33.98 -4.49
N ARG J 260 44.24 32.67 -4.25
CA ARG J 260 43.33 32.13 -3.22
C ARG J 260 44.06 31.17 -2.27
N GLU J 261 43.33 30.64 -1.29
CA GLU J 261 43.91 29.69 -0.33
C GLU J 261 43.13 28.38 -0.21
N ILE J 262 43.87 27.28 -0.11
CA ILE J 262 43.33 25.99 0.32
C ILE J 262 44.18 25.46 1.47
N ILE J 263 43.71 24.40 2.12
CA ILE J 263 44.41 23.84 3.27
C ILE J 263 44.77 22.38 3.04
N THR J 264 46.05 22.07 3.22
CA THR J 264 46.50 20.69 3.27
C THR J 264 46.37 20.24 4.73
N LEU J 265 45.57 19.21 4.94
CA LEU J 265 45.44 18.59 6.26
C LEU J 265 46.31 17.35 6.29
N PHE J 266 47.37 17.41 7.10
CA PHE J 266 48.33 16.31 7.19
C PHE J 266 47.68 15.07 7.76
N GLY J 267 47.90 13.94 7.08
CA GLY J 267 47.32 12.66 7.48
C GLY J 267 45.94 12.38 6.91
N ILE J 268 45.44 13.29 6.07
CA ILE J 268 44.15 13.11 5.42
C ILE J 268 44.30 13.35 3.92
N SER J 269 43.69 12.50 3.11
CA SER J 269 43.73 12.64 1.66
C SER J 269 42.44 13.29 1.15
N VAL J 270 42.57 14.48 0.57
CA VAL J 270 41.43 15.20 0.03
C VAL J 270 41.27 14.92 -1.46
N LEU J 271 40.14 14.31 -1.84
CA LEU J 271 39.82 14.02 -3.22
C LEU J 271 38.48 14.63 -3.61
N ASP J 272 38.47 15.93 -3.90
CA ASP J 272 37.27 16.65 -4.29
C ASP J 272 36.67 16.03 -5.54
N TYR J 273 35.36 15.76 -5.52
CA TYR J 273 34.73 15.04 -6.62
C TYR J 273 34.58 15.86 -7.91
N ILE J 274 34.44 17.18 -7.76
CA ILE J 274 34.42 18.08 -8.92
C ILE J 274 35.70 17.91 -9.73
N ASP J 275 36.82 17.70 -9.03
CA ASP J 275 38.11 17.47 -9.66
C ASP J 275 38.24 16.03 -10.16
N LEU J 276 37.64 15.09 -9.44
CA LEU J 276 37.61 13.68 -9.88
C LEU J 276 36.88 13.52 -11.21
N TYR J 277 35.77 14.22 -11.36
CA TYR J 277 34.94 14.12 -12.55
C TYR J 277 35.60 14.81 -13.75
N LYS J 278 36.22 15.96 -13.50
CA LYS J 278 36.96 16.71 -14.54
C LYS J 278 38.06 15.86 -15.16
N LYS J 279 38.65 14.97 -14.37
CA LYS J 279 39.79 14.17 -14.78
C LYS J 279 39.39 12.90 -15.53
N PHE J 280 38.50 12.11 -14.93
CA PHE J 280 38.24 10.74 -15.41
C PHE J 280 36.91 10.48 -16.14
N SER J 281 36.21 11.55 -16.53
CA SER J 281 34.91 11.38 -17.22
C SER J 281 34.97 11.76 -18.70
N PHE J 282 35.67 12.85 -19.00
CA PHE J 282 35.88 13.34 -20.37
C PHE J 282 34.61 13.91 -21.02
N THR J 283 34.10 15.01 -20.45
CA THR J 283 32.96 15.76 -20.99
C THR J 283 33.07 17.24 -20.62
N ASN J 284 32.45 18.10 -21.43
CA ASN J 284 32.48 19.55 -21.20
C ASN J 284 31.18 20.05 -20.60
N GLN J 285 31.29 20.87 -19.54
CA GLN J 285 30.12 21.37 -18.82
C GLN J 285 30.01 22.89 -18.85
N PRO J 286 28.78 23.41 -19.01
CA PRO J 286 28.50 24.85 -18.89
C PRO J 286 28.70 25.39 -17.47
N SER J 287 28.15 24.69 -16.48
CA SER J 287 28.28 25.10 -15.08
C SER J 287 28.88 23.97 -14.25
N TYR J 288 29.59 24.35 -13.19
CA TYR J 288 30.24 23.35 -12.33
C TYR J 288 29.75 23.31 -10.87
N SER J 289 28.57 23.90 -10.64
CA SER J 289 27.87 23.69 -9.37
C SER J 289 27.22 22.32 -9.41
N LEU J 290 26.74 21.85 -8.26
CA LEU J 290 26.18 20.51 -8.17
C LEU J 290 24.79 20.38 -8.80
N ASP J 291 24.06 21.48 -8.89
CA ASP J 291 22.70 21.50 -9.45
C ASP J 291 22.62 20.92 -10.87
N TYR J 292 23.66 21.20 -11.66
CA TYR J 292 23.70 20.83 -13.08
C TYR J 292 24.29 19.44 -13.31
N ILE J 293 25.37 19.12 -12.58
CA ILE J 293 26.08 17.85 -12.75
C ILE J 293 25.22 16.68 -12.26
N SER J 294 24.45 16.90 -11.19
CA SER J 294 23.50 15.91 -10.70
C SER J 294 22.35 15.71 -11.68
N GLU J 295 21.96 16.80 -12.33
CA GLU J 295 20.88 16.79 -13.31
C GLU J 295 21.29 16.06 -14.59
N PHE J 296 22.60 15.97 -14.83
CA PHE J 296 23.14 15.38 -16.04
C PHE J 296 23.37 13.86 -15.92
N GLU J 297 23.95 13.44 -14.81
CA GLU J 297 24.33 12.03 -14.61
C GLU J 297 23.22 11.15 -14.02
N LEU J 298 22.28 11.77 -13.33
CA LEU J 298 21.22 11.04 -12.62
C LEU J 298 19.81 11.41 -13.08
N ASN J 299 19.72 12.45 -13.92
CA ASN J 299 18.45 12.94 -14.47
C ASN J 299 17.43 13.41 -13.43
N VAL J 300 17.92 13.77 -12.25
CA VAL J 300 17.06 14.29 -11.18
C VAL J 300 17.53 15.64 -10.64
N GLY J 301 18.83 15.72 -10.31
CA GLY J 301 19.43 16.95 -9.80
C GLY J 301 19.03 17.29 -8.38
N LYS J 302 19.51 18.43 -7.89
CA LYS J 302 19.18 18.94 -6.57
C LYS J 302 17.72 19.41 -6.51
N LEU J 303 17.17 19.44 -5.29
CA LEU J 303 15.79 19.88 -5.07
C LEU J 303 15.64 21.39 -5.27
N LYS J 304 14.56 21.79 -5.93
CA LYS J 304 14.26 23.20 -6.17
C LYS J 304 13.82 23.91 -4.89
N TYR J 305 14.05 25.23 -4.85
CA TYR J 305 13.67 26.06 -3.71
C TYR J 305 13.36 27.50 -4.13
N ASP J 306 12.59 28.21 -3.32
CA ASP J 306 12.19 29.58 -3.61
C ASP J 306 13.17 30.60 -3.02
N GLY J 307 13.40 31.68 -3.76
CA GLY J 307 14.26 32.78 -3.31
C GLY J 307 15.75 32.46 -3.28
N PRO J 308 16.55 33.33 -2.65
CA PRO J 308 18.00 33.13 -2.53
C PRO J 308 18.37 32.16 -1.41
N ILE J 309 19.64 31.76 -1.37
CA ILE J 309 20.13 30.80 -0.38
C ILE J 309 20.21 31.42 1.03
N SER J 310 20.44 32.73 1.09
CA SER J 310 20.54 33.46 2.35
C SER J 310 19.18 33.70 3.01
N LYS J 311 18.11 33.46 2.26
CA LYS J 311 16.75 33.59 2.77
C LYS J 311 16.03 32.25 2.86
N LEU J 312 16.74 31.16 2.58
CA LEU J 312 16.16 29.82 2.63
C LEU J 312 16.02 29.32 4.07
N ARG J 313 17.12 29.36 4.83
CA ARG J 313 17.13 28.98 6.25
C ARG J 313 16.15 29.83 7.06
N GLU J 314 16.00 31.09 6.67
CA GLU J 314 15.09 32.02 7.31
C GLU J 314 13.64 31.52 7.21
N SER J 315 13.15 31.37 5.99
CA SER J 315 11.76 31.02 5.72
C SER J 315 11.48 29.52 5.87
N ASN J 316 12.19 28.70 5.10
CA ASN J 316 11.98 27.26 5.10
C ASN J 316 13.20 26.50 5.59
N HIS J 317 13.34 26.42 6.92
CA HIS J 317 14.45 25.72 7.56
C HIS J 317 14.39 24.23 7.35
N GLN J 318 13.18 23.72 7.12
CA GLN J 318 12.97 22.32 6.79
C GLN J 318 13.64 21.97 5.45
N ARG J 319 13.48 22.85 4.47
CA ARG J 319 14.10 22.67 3.15
C ARG J 319 15.61 22.92 3.17
N TYR J 320 16.06 23.79 4.07
CA TYR J 320 17.48 24.13 4.18
C TYR J 320 18.31 22.95 4.65
N ILE J 321 17.80 22.22 5.66
CA ILE J 321 18.49 21.04 6.18
C ILE J 321 18.35 19.86 5.22
N SER J 322 17.19 19.75 4.58
CA SER J 322 16.92 18.67 3.62
C SER J 322 17.81 18.79 2.39
N TYR J 323 17.99 20.02 1.92
CA TYR J 323 18.84 20.33 0.78
C TYR J 323 20.28 19.88 1.03
N ASN J 324 20.79 20.19 2.22
CA ASN J 324 22.16 19.82 2.60
C ASN J 324 22.39 18.32 2.59
N ILE J 325 21.38 17.56 3.02
CA ILE J 325 21.41 16.10 3.01
C ILE J 325 21.35 15.59 1.57
N ILE J 326 20.43 16.16 0.80
CA ILE J 326 20.28 15.85 -0.62
C ILE J 326 21.61 16.04 -1.35
N ALA J 327 22.27 17.17 -1.09
CA ALA J 327 23.53 17.52 -1.74
C ALA J 327 24.63 16.47 -1.55
N VAL J 328 24.67 15.87 -0.38
CA VAL J 328 25.64 14.81 -0.07
C VAL J 328 25.28 13.52 -0.81
N TYR J 329 23.99 13.27 -0.95
CA TYR J 329 23.51 12.01 -1.51
C TYR J 329 23.81 11.84 -3.01
N ARG J 330 23.57 12.88 -3.80
CA ARG J 330 23.81 12.79 -5.24
C ARG J 330 25.29 12.77 -5.60
N VAL J 331 26.14 13.22 -4.68
CA VAL J 331 27.58 13.00 -4.78
C VAL J 331 27.84 11.48 -4.70
N LEU J 332 27.15 10.83 -3.77
CA LEU J 332 27.29 9.38 -3.56
C LEU J 332 26.72 8.54 -4.69
N GLN J 333 25.67 9.06 -5.34
CA GLN J 333 25.04 8.35 -6.44
C GLN J 333 25.89 8.34 -7.71
N ILE J 334 26.52 9.48 -8.00
CA ILE J 334 27.46 9.60 -9.12
C ILE J 334 28.58 8.57 -8.95
N ASP J 335 29.07 8.44 -7.72
CA ASP J 335 30.16 7.52 -7.38
C ASP J 335 29.76 6.06 -7.54
N ALA J 336 28.48 5.75 -7.35
CA ALA J 336 28.00 4.37 -7.44
C ALA J 336 27.99 3.86 -8.88
N LYS J 337 27.82 4.76 -9.84
CA LYS J 337 27.77 4.40 -11.25
C LYS J 337 29.16 4.35 -11.90
N ARG J 338 29.99 5.34 -11.62
CA ARG J 338 31.29 5.49 -12.26
C ARG J 338 32.45 4.96 -11.41
N GLN J 339 32.27 5.01 -10.09
CA GLN J 339 33.27 4.54 -9.11
C GLN J 339 34.65 5.16 -9.29
N PHE J 340 34.71 6.49 -9.16
CA PHE J 340 35.95 7.23 -9.35
C PHE J 340 36.90 7.16 -8.15
N ILE J 341 36.32 7.08 -6.96
CA ILE J 341 37.11 6.99 -5.72
C ILE J 341 37.87 5.67 -5.69
N ASN J 342 37.17 4.60 -6.06
CA ASN J 342 37.77 3.27 -6.17
C ASN J 342 38.84 3.19 -7.27
N LEU J 343 38.65 4.01 -8.30
CA LEU J 343 39.64 4.13 -9.37
C LEU J 343 40.92 4.77 -8.83
N SER J 344 40.75 5.86 -8.08
CA SER J 344 41.86 6.57 -7.46
C SER J 344 42.62 5.66 -6.50
N LEU J 345 41.88 4.94 -5.66
CA LEU J 345 42.48 3.98 -4.73
C LEU J 345 43.34 2.97 -5.48
N ASP J 346 42.73 2.28 -6.45
CA ASP J 346 43.41 1.27 -7.25
C ASP J 346 44.67 1.82 -7.92
N MET J 347 44.59 3.05 -8.43
CA MET J 347 45.74 3.73 -9.01
C MET J 347 46.81 3.98 -7.96
N GLY J 348 46.41 4.64 -6.87
CA GLY J 348 47.29 4.96 -5.76
C GLY J 348 48.07 3.77 -5.27
N TYR J 349 47.39 2.64 -5.07
CA TYR J 349 48.02 1.45 -4.53
C TYR J 349 48.85 0.69 -5.57
N TYR J 350 48.49 0.83 -6.84
CA TYR J 350 49.25 0.20 -7.92
C TYR J 350 50.60 0.89 -8.09
N ALA J 351 50.62 2.22 -7.97
CA ALA J 351 51.83 3.02 -8.13
C ALA J 351 52.54 3.33 -6.81
N LYS J 352 51.88 3.02 -5.69
CA LYS J 352 52.44 3.27 -4.35
C LYS J 352 52.69 4.75 -4.05
N ILE J 353 51.62 5.54 -4.13
CA ILE J 353 51.67 6.97 -3.90
C ILE J 353 50.57 7.37 -2.92
N GLN J 354 50.68 8.58 -2.37
CA GLN J 354 49.58 9.18 -1.65
C GLN J 354 48.40 9.17 -2.61
N ILE J 355 47.22 8.85 -2.10
CA ILE J 355 46.05 8.72 -2.97
C ILE J 355 45.75 10.01 -3.73
N GLN J 356 46.01 11.16 -3.11
CA GLN J 356 45.78 12.47 -3.77
C GLN J 356 46.67 12.69 -5.00
N SER J 357 47.78 11.96 -5.09
CA SER J 357 48.69 12.11 -6.22
C SER J 357 48.18 11.51 -7.54
N VAL J 358 46.95 11.02 -7.57
CA VAL J 358 46.34 10.58 -8.83
C VAL J 358 46.08 11.79 -9.77
N PHE J 359 45.90 12.97 -9.18
CA PHE J 359 45.80 14.22 -9.92
C PHE J 359 47.12 14.62 -10.60
N SER J 360 48.19 13.90 -10.28
CA SER J 360 49.52 14.24 -10.78
C SER J 360 50.15 13.12 -11.62
N PRO J 361 50.08 13.27 -12.96
CA PRO J 361 50.80 12.40 -13.88
C PRO J 361 52.30 12.27 -13.56
N ILE J 362 52.95 13.36 -13.16
CA ILE J 362 54.38 13.33 -12.81
C ILE J 362 54.66 12.38 -11.65
N LYS J 363 53.94 12.56 -10.54
CA LYS J 363 54.13 11.71 -9.36
C LYS J 363 53.89 10.25 -9.70
N THR J 364 52.73 9.99 -10.30
CA THR J 364 52.28 8.65 -10.58
C THR J 364 53.28 7.90 -11.46
N TRP J 365 53.80 8.55 -12.48
CA TRP J 365 54.76 7.90 -13.37
C TRP J 365 56.14 7.79 -12.78
N ASP J 366 56.54 8.79 -12.00
CA ASP J 366 57.79 8.72 -11.26
C ASP J 366 57.82 7.50 -10.33
N ALA J 367 56.71 7.24 -9.65
CA ALA J 367 56.60 6.14 -8.70
C ALA J 367 56.58 4.78 -9.38
N ILE J 368 55.85 4.67 -10.49
CA ILE J 368 55.80 3.44 -11.26
C ILE J 368 57.20 3.05 -11.73
N ILE J 369 57.88 4.01 -12.36
CA ILE J 369 59.21 3.77 -12.90
C ILE J 369 60.20 3.48 -11.76
N PHE J 370 60.17 4.30 -10.71
CA PHE J 370 61.05 4.08 -9.56
C PHE J 370 60.90 2.66 -9.00
N ASN J 371 59.66 2.24 -8.77
CA ASN J 371 59.39 0.91 -8.23
C ASN J 371 59.83 -0.19 -9.16
N SER J 372 59.68 0.04 -10.47
CA SER J 372 60.08 -0.93 -11.46
C SER J 372 61.61 -1.08 -11.46
N LEU J 373 62.30 0.06 -11.51
CA LEU J 373 63.76 0.11 -11.53
C LEU J 373 64.42 -0.45 -10.27
N LYS J 374 63.77 -0.23 -9.13
CA LYS J 374 64.27 -0.70 -7.84
C LYS J 374 64.41 -2.24 -7.79
N GLU J 375 63.46 -2.94 -8.40
CA GLU J 375 63.47 -4.40 -8.43
C GLU J 375 64.59 -4.97 -9.32
N GLN J 376 65.14 -4.11 -10.19
CA GLN J 376 66.28 -4.46 -11.03
C GLN J 376 67.58 -3.93 -10.43
N ASN J 377 67.52 -3.47 -9.17
CA ASN J 377 68.62 -2.79 -8.49
C ASN J 377 69.18 -1.61 -9.29
N LYS J 378 68.31 -0.93 -10.02
CA LYS J 378 68.71 0.20 -10.85
C LYS J 378 68.44 1.52 -10.14
N VAL J 379 69.23 2.54 -10.46
CA VAL J 379 69.20 3.80 -9.72
C VAL J 379 68.67 4.95 -10.57
N ILE J 380 67.62 5.61 -10.07
CA ILE J 380 66.95 6.66 -10.84
C ILE J 380 67.78 7.95 -10.90
N PRO J 381 67.68 8.69 -12.02
CA PRO J 381 68.51 9.90 -12.14
C PRO J 381 68.00 11.03 -11.26
N GLN J 382 68.83 12.05 -11.08
CA GLN J 382 68.48 13.22 -10.29
C GLN J 382 67.57 14.14 -11.09
N GLY J 383 66.59 14.73 -10.42
CA GLY J 383 65.77 15.78 -11.02
C GLY J 383 66.60 17.03 -11.28
N ARG J 384 66.57 17.49 -12.52
CA ARG J 384 67.32 18.69 -12.91
C ARG J 384 66.41 19.81 -13.36
N SER J 385 66.86 21.05 -13.14
CA SER J 385 66.15 22.23 -13.63
C SER J 385 66.22 22.36 -15.15
N HIS J 386 65.08 22.70 -15.75
CA HIS J 386 65.01 23.02 -17.17
C HIS J 386 64.17 24.24 -17.37
N PRO J 387 64.58 25.13 -18.29
CA PRO J 387 63.72 26.26 -18.63
C PRO J 387 62.49 25.79 -19.40
N VAL J 388 61.34 26.40 -19.12
CA VAL J 388 60.12 26.10 -19.87
C VAL J 388 60.30 26.62 -21.29
N GLN J 389 60.19 25.72 -22.25
CA GLN J 389 60.47 26.05 -23.65
C GLN J 389 59.32 25.58 -24.55
N PRO J 390 58.64 26.52 -25.21
CA PRO J 390 57.59 26.17 -26.19
C PRO J 390 58.14 25.33 -27.33
N TYR J 391 57.45 24.25 -27.66
CA TYR J 391 57.88 23.34 -28.72
C TYR J 391 56.70 22.96 -29.63
N PRO J 392 56.97 22.52 -30.87
CA PRO J 392 55.91 22.17 -31.83
C PRO J 392 54.94 21.11 -31.32
N GLY J 393 53.69 21.20 -31.74
CA GLY J 393 52.64 20.28 -31.31
C GLY J 393 52.07 19.45 -32.44
N ALA J 394 50.74 19.39 -32.51
CA ALA J 394 50.04 18.54 -33.47
C ALA J 394 49.68 19.26 -34.76
N PHE J 395 49.59 18.50 -35.85
CA PHE J 395 49.19 19.03 -37.15
C PHE J 395 47.67 19.06 -37.28
N VAL J 396 47.15 20.23 -37.63
CA VAL J 396 45.73 20.39 -37.91
C VAL J 396 45.56 20.92 -39.33
N LYS J 397 45.03 20.06 -40.19
CA LYS J 397 44.75 20.39 -41.58
C LYS J 397 43.72 21.51 -41.65
N GLU J 398 43.94 22.48 -42.53
CA GLU J 398 42.97 23.56 -42.76
C GLU J 398 41.85 23.05 -43.65
N PRO J 399 40.64 22.86 -43.07
CA PRO J 399 39.53 22.33 -43.85
C PRO J 399 38.89 23.39 -44.73
N ILE J 400 38.49 23.00 -45.93
CA ILE J 400 37.73 23.89 -46.79
C ILE J 400 36.29 23.94 -46.27
N PRO J 401 35.82 25.14 -45.87
CA PRO J 401 34.47 25.32 -45.34
C PRO J 401 33.42 24.95 -46.36
N ASN J 402 32.77 23.82 -46.16
CA ASN J 402 31.82 23.27 -47.11
C ASN J 402 30.94 22.21 -46.46
N ARG J 403 29.94 21.74 -47.21
CA ARG J 403 29.18 20.55 -46.84
C ARG J 403 29.95 19.32 -47.31
N TYR J 404 29.78 18.22 -46.59
CA TYR J 404 30.39 16.93 -46.98
C TYR J 404 29.36 15.83 -46.80
N LYS J 405 29.07 15.14 -47.90
CA LYS J 405 27.93 14.21 -47.95
C LYS J 405 28.18 12.91 -47.17
N TYR J 406 29.18 12.15 -47.60
CA TYR J 406 29.54 10.90 -46.93
C TYR J 406 30.94 10.99 -46.36
N VAL J 407 31.07 10.77 -45.05
CA VAL J 407 32.34 10.93 -44.36
C VAL J 407 32.68 9.68 -43.53
N MET J 408 33.92 9.23 -43.67
CA MET J 408 34.43 8.10 -42.90
C MET J 408 35.71 8.49 -42.16
N SER J 409 35.68 8.38 -40.83
CA SER J 409 36.81 8.79 -39.99
C SER J 409 37.68 7.63 -39.53
N PHE J 410 38.95 7.94 -39.28
CA PHE J 410 39.94 6.97 -38.83
C PHE J 410 40.83 7.56 -37.74
N ASP J 411 40.91 6.87 -36.60
CA ASP J 411 41.75 7.31 -35.48
C ASP J 411 43.05 6.51 -35.39
N LEU J 412 44.13 7.19 -35.04
CA LEU J 412 45.36 6.53 -34.60
C LEU J 412 45.19 6.01 -33.17
N THR J 413 45.64 4.79 -32.94
CA THR J 413 45.57 4.15 -31.62
C THR J 413 46.69 4.68 -30.74
N SER J 414 46.31 5.27 -29.60
CA SER J 414 47.26 5.79 -28.61
C SER J 414 48.53 6.33 -29.25
N LEU J 415 48.39 7.41 -30.02
CA LEU J 415 49.46 7.88 -30.91
C LEU J 415 50.82 8.06 -30.24
N TYR J 416 50.89 8.94 -29.25
CA TYR J 416 52.17 9.29 -28.63
C TYR J 416 52.85 8.16 -27.84
N PRO J 417 52.09 7.41 -27.01
CA PRO J 417 52.72 6.25 -26.36
C PRO J 417 53.22 5.20 -27.37
N SER J 418 52.57 5.13 -28.53
CA SER J 418 52.97 4.19 -29.57
C SER J 418 54.25 4.63 -30.27
N ILE J 419 54.36 5.94 -30.53
CA ILE J 419 55.58 6.53 -31.09
C ILE J 419 56.78 6.25 -30.20
N ILE J 420 56.57 6.35 -28.89
CA ILE J 420 57.62 6.11 -27.90
C ILE J 420 58.15 4.68 -28.00
N ARG J 421 57.25 3.73 -28.13
CA ARG J 421 57.64 2.33 -28.25
C ARG J 421 58.21 2.02 -29.63
N GLN J 422 57.67 2.66 -30.67
CA GLN J 422 58.11 2.43 -32.04
C GLN J 422 59.54 2.95 -32.27
N VAL J 423 59.77 4.21 -31.94
CA VAL J 423 61.07 4.85 -32.16
C VAL J 423 62.07 4.42 -31.09
N ASN J 424 61.56 4.03 -29.92
CA ASN J 424 62.37 3.65 -28.76
C ASN J 424 62.94 4.88 -28.02
N ILE J 425 62.07 5.84 -27.72
CA ILE J 425 62.47 7.12 -27.14
C ILE J 425 62.54 7.05 -25.61
N SER J 426 63.73 7.27 -25.09
CA SER J 426 64.04 7.28 -23.66
C SER J 426 65.31 8.12 -23.51
N PRO J 427 65.51 8.76 -22.34
CA PRO J 427 66.72 9.59 -22.17
C PRO J 427 68.04 8.86 -22.41
N GLU J 428 68.12 7.58 -22.03
CA GLU J 428 69.38 6.84 -22.08
C GLU J 428 69.60 6.08 -23.39
N THR J 429 68.64 6.21 -24.31
CA THR J 429 68.73 5.50 -25.58
C THR J 429 69.02 6.43 -26.76
N ILE J 430 69.28 7.71 -26.46
CA ILE J 430 69.71 8.68 -27.46
C ILE J 430 71.07 8.29 -28.02
N ALA J 431 71.12 8.03 -29.32
CA ALA J 431 72.32 7.51 -29.97
C ALA J 431 73.11 8.58 -30.72
N GLY J 432 72.43 9.68 -31.08
CA GLY J 432 73.05 10.75 -31.84
C GLY J 432 72.05 11.47 -32.73
N THR J 433 72.58 12.19 -33.72
CA THR J 433 71.77 13.05 -34.58
C THR J 433 72.13 12.89 -36.06
N PHE J 434 71.25 13.39 -36.93
CA PHE J 434 71.49 13.42 -38.36
C PHE J 434 71.04 14.76 -38.94
N LYS J 435 71.60 15.12 -40.10
CA LYS J 435 71.25 16.37 -40.79
C LYS J 435 69.79 16.34 -41.25
N VAL J 436 69.01 17.26 -40.71
CA VAL J 436 67.55 17.21 -40.87
C VAL J 436 67.05 18.03 -42.06
N ALA J 437 66.33 17.34 -42.96
CA ALA J 437 65.67 17.98 -44.08
C ALA J 437 64.32 18.54 -43.62
N PRO J 438 63.75 19.51 -44.37
CA PRO J 438 62.43 20.03 -44.00
C PRO J 438 61.38 18.92 -43.87
N LEU J 439 60.47 19.08 -42.91
CA LEU J 439 59.47 18.05 -42.58
C LEU J 439 58.70 17.52 -43.80
N HIS J 440 58.53 18.38 -44.80
CA HIS J 440 57.86 18.07 -46.07
C HIS J 440 58.52 16.95 -46.83
N ASP J 441 59.86 16.96 -46.85
CA ASP J 441 60.67 15.96 -47.56
C ASP J 441 60.45 14.53 -47.05
N TYR J 442 60.28 14.38 -45.74
CA TYR J 442 60.05 13.07 -45.12
C TYR J 442 58.62 12.59 -45.36
N ILE J 443 57.67 13.52 -45.33
CA ILE J 443 56.27 13.21 -45.58
C ILE J 443 56.08 12.62 -47.00
N ASN J 444 56.83 13.14 -47.96
CA ASN J 444 56.75 12.68 -49.35
C ASN J 444 57.81 11.63 -49.72
N ALA J 445 58.54 11.15 -48.71
CA ALA J 445 59.59 10.12 -48.87
C ALA J 445 60.73 10.52 -49.83
N VAL J 446 60.91 11.83 -50.00
CA VAL J 446 61.88 12.40 -50.93
C VAL J 446 63.26 12.59 -50.27
N ALA J 447 63.26 12.87 -48.97
CA ALA J 447 64.50 13.05 -48.20
C ALA J 447 65.32 11.76 -48.10
N GLU J 448 66.63 11.88 -47.96
CA GLU J 448 67.50 10.72 -47.80
C GLU J 448 67.19 9.99 -46.49
N ARG J 449 67.21 8.66 -46.55
CA ARG J 449 66.94 7.82 -45.39
C ARG J 449 67.94 8.14 -44.28
N PRO J 450 67.44 8.63 -43.12
CA PRO J 450 68.28 9.13 -42.03
C PRO J 450 69.39 8.17 -41.57
N SER J 451 69.04 6.90 -41.34
CA SER J 451 69.97 5.92 -40.79
C SER J 451 69.59 4.48 -41.15
N ASP J 452 70.59 3.64 -41.38
CA ASP J 452 70.35 2.20 -41.55
C ASP J 452 70.75 1.44 -40.30
N VAL J 453 71.17 2.16 -39.27
CA VAL J 453 71.63 1.55 -38.02
C VAL J 453 70.78 1.90 -36.79
N TYR J 454 70.22 3.12 -36.76
CA TYR J 454 69.47 3.61 -35.61
C TYR J 454 68.00 3.91 -35.91
N SER J 455 67.20 4.02 -34.86
CA SER J 455 65.78 4.31 -34.97
C SER J 455 65.57 5.82 -34.90
N CYS J 456 64.92 6.39 -35.91
CA CYS J 456 64.95 7.84 -36.09
C CYS J 456 63.63 8.56 -35.93
N SER J 457 63.73 9.87 -35.71
CA SER J 457 62.59 10.77 -35.72
C SER J 457 62.94 12.01 -36.56
N PRO J 458 61.95 12.54 -37.31
CA PRO J 458 62.20 13.62 -38.29
C PRO J 458 62.67 14.96 -37.71
N ASN J 459 62.71 15.09 -36.39
CA ASN J 459 63.35 16.25 -35.76
C ASN J 459 64.87 16.12 -35.78
N GLY J 460 65.38 14.95 -36.15
CA GLY J 460 66.81 14.75 -36.31
C GLY J 460 67.46 13.85 -35.27
N MET J 461 66.65 13.29 -34.38
CA MET J 461 67.14 12.45 -33.30
C MET J 461 67.25 10.98 -33.73
N MET J 462 68.28 10.29 -33.24
CA MET J 462 68.49 8.86 -33.51
C MET J 462 68.57 8.07 -32.22
N TYR J 463 67.91 6.91 -32.20
CA TYR J 463 67.82 6.10 -31.00
C TYR J 463 68.35 4.67 -31.21
N TYR J 464 68.86 4.08 -30.14
CA TYR J 464 69.35 2.69 -30.17
C TYR J 464 68.19 1.72 -30.33
N LYS J 465 68.39 0.70 -31.18
CA LYS J 465 67.40 -0.35 -31.40
C LYS J 465 67.76 -1.61 -30.62
N ASP J 466 69.05 -1.77 -30.34
CA ASP J 466 69.58 -2.92 -29.61
C ASP J 466 69.16 -2.95 -28.14
N ARG J 467 68.99 -1.77 -27.56
CA ARG J 467 68.66 -1.63 -26.14
C ARG J 467 67.16 -1.39 -25.95
N ASP J 468 66.62 -1.96 -24.87
CA ASP J 468 65.27 -1.61 -24.41
C ASP J 468 65.41 -0.38 -23.54
N GLY J 469 64.75 0.71 -23.93
CA GLY J 469 64.78 1.94 -23.15
C GLY J 469 63.87 1.83 -21.96
N VAL J 470 64.16 2.60 -20.91
CA VAL J 470 63.37 2.58 -19.68
C VAL J 470 61.91 2.99 -19.91
N VAL J 471 61.70 4.17 -20.50
CA VAL J 471 60.35 4.65 -20.80
C VAL J 471 59.57 3.71 -21.75
N PRO J 472 60.20 3.27 -22.86
CA PRO J 472 59.53 2.27 -23.72
C PRO J 472 59.18 0.97 -22.99
N THR J 473 60.10 0.45 -22.18
CA THR J 473 59.87 -0.77 -21.41
C THR J 473 58.66 -0.63 -20.49
N GLU J 474 58.61 0.48 -19.75
CA GLU J 474 57.56 0.71 -18.76
C GLU J 474 56.18 0.95 -19.36
N ILE J 475 56.12 1.57 -20.54
CA ILE J 475 54.83 1.77 -21.21
C ILE J 475 54.35 0.46 -21.86
N THR J 476 55.28 -0.38 -22.31
CA THR J 476 54.94 -1.70 -22.85
C THR J 476 54.31 -2.57 -21.74
N LYS J 477 54.89 -2.51 -20.54
CA LYS J 477 54.34 -3.19 -19.36
C LYS J 477 52.87 -2.87 -19.13
N VAL J 478 52.54 -1.58 -19.13
CA VAL J 478 51.17 -1.11 -18.89
C VAL J 478 50.24 -1.54 -20.03
N PHE J 479 50.74 -1.49 -21.26
CA PHE J 479 50.02 -2.01 -22.42
C PHE J 479 49.71 -3.50 -22.27
N ASN J 480 50.71 -4.27 -21.86
CA ASN J 480 50.57 -5.71 -21.68
C ASN J 480 49.65 -6.05 -20.51
N GLN J 481 49.71 -5.24 -19.45
CA GLN J 481 48.86 -5.43 -18.28
C GLN J 481 47.40 -5.15 -18.61
N ARG J 482 47.16 -4.15 -19.47
CA ARG J 482 45.80 -3.83 -19.91
C ARG J 482 45.20 -4.98 -20.70
N LYS J 483 46.03 -5.67 -21.49
CA LYS J 483 45.61 -6.87 -22.21
C LYS J 483 45.23 -8.02 -21.27
N GLU J 484 46.04 -8.22 -20.24
CA GLU J 484 45.82 -9.28 -19.25
C GLU J 484 44.54 -9.07 -18.45
N HIS J 485 44.33 -7.85 -17.98
CA HIS J 485 43.17 -7.52 -17.13
C HIS J 485 41.89 -7.37 -17.90
N LYS J 486 42.01 -7.03 -19.18
CA LYS J 486 40.87 -7.07 -20.09
C LYS J 486 40.58 -8.53 -20.48
N GLY J 487 41.62 -9.37 -20.40
CA GLY J 487 41.49 -10.80 -20.64
C GLY J 487 40.81 -11.52 -19.50
N TYR J 488 41.01 -11.02 -18.28
CA TYR J 488 40.32 -11.54 -17.11
C TYR J 488 38.85 -11.13 -17.12
N MET J 489 38.58 -9.95 -17.67
CA MET J 489 37.24 -9.36 -17.70
C MET J 489 36.26 -10.15 -18.57
N LEU J 490 36.67 -10.45 -19.80
CA LEU J 490 35.84 -11.21 -20.74
C LEU J 490 35.70 -12.67 -20.32
N ALA J 491 36.69 -13.16 -19.59
CA ALA J 491 36.65 -14.50 -19.02
C ALA J 491 35.53 -14.60 -17.97
N ALA J 492 35.49 -13.64 -17.06
CA ALA J 492 34.46 -13.58 -16.03
C ALA J 492 33.09 -13.21 -16.59
N GLN J 493 33.09 -12.43 -17.67
CA GLN J 493 31.86 -12.04 -18.38
C GLN J 493 31.16 -13.27 -18.98
N ARG J 494 31.95 -14.13 -19.61
CA ARG J 494 31.45 -15.36 -20.23
C ARG J 494 31.16 -16.44 -19.19
N ASN J 495 31.93 -16.45 -18.10
CA ASN J 495 31.71 -17.40 -17.00
C ASN J 495 30.47 -17.10 -16.17
N GLY J 496 30.09 -15.82 -16.12
CA GLY J 496 28.87 -15.39 -15.44
C GLY J 496 27.60 -15.85 -16.15
N GLU J 497 27.68 -15.97 -17.48
CA GLU J 497 26.57 -16.41 -18.31
C GLU J 497 26.26 -17.91 -18.12
N ILE J 498 27.30 -18.69 -17.83
CA ILE J 498 27.16 -20.13 -17.59
C ILE J 498 26.38 -20.38 -16.29
N ILE J 499 26.65 -19.55 -15.27
CA ILE J 499 25.94 -19.62 -13.99
C ILE J 499 24.49 -19.14 -14.16
N LYS J 500 24.31 -18.08 -14.94
CA LYS J 500 22.98 -17.55 -15.26
C LYS J 500 22.14 -18.53 -16.10
N GLU J 501 22.82 -19.40 -16.82
CA GLU J 501 22.17 -20.48 -17.57
C GLU J 501 21.68 -21.57 -16.62
N ALA J 502 22.35 -21.71 -15.48
CA ALA J 502 22.04 -22.75 -14.50
C ALA J 502 20.95 -22.36 -13.50
N LEU J 503 20.73 -21.06 -13.33
CA LEU J 503 19.71 -20.55 -12.38
C LEU J 503 18.26 -20.88 -12.77
N HIS J 504 18.06 -21.26 -14.03
CA HIS J 504 16.73 -21.67 -14.51
C HIS J 504 16.32 -23.01 -13.95
N ASN J 505 17.30 -23.81 -13.55
CA ASN J 505 17.05 -25.08 -12.86
C ASN J 505 18.10 -25.34 -11.77
N PRO J 506 17.90 -24.77 -10.57
CA PRO J 506 18.80 -25.00 -9.44
C PRO J 506 18.43 -26.24 -8.64
N ASN J 507 19.20 -26.53 -7.59
CA ASN J 507 18.96 -27.70 -6.74
C ASN J 507 18.99 -27.35 -5.25
N LEU J 508 18.05 -27.93 -4.50
CA LEU J 508 17.97 -27.71 -3.05
C LEU J 508 18.71 -28.80 -2.28
N SER J 509 19.96 -28.51 -1.93
CA SER J 509 20.80 -29.43 -1.16
C SER J 509 21.81 -28.64 -0.31
N VAL J 510 22.86 -29.32 0.16
CA VAL J 510 23.89 -28.69 0.99
C VAL J 510 25.32 -29.02 0.54
N ASP J 511 26.02 -28.00 0.05
CA ASP J 511 27.42 -28.10 -0.36
C ASP J 511 28.06 -26.73 -0.53
N GLU J 512 29.33 -26.61 -0.17
CA GLU J 512 30.07 -25.35 -0.28
C GLU J 512 30.71 -25.16 -1.65
N PRO J 513 30.81 -23.90 -2.13
CA PRO J 513 31.43 -23.61 -3.42
C PRO J 513 32.91 -23.95 -3.46
N LEU J 514 33.31 -24.78 -4.43
CA LEU J 514 34.70 -25.22 -4.58
C LEU J 514 35.61 -24.07 -4.97
N ASP J 515 36.76 -24.00 -4.32
CA ASP J 515 37.70 -22.89 -4.51
C ASP J 515 38.46 -22.99 -5.84
N VAL J 516 37.98 -22.22 -6.82
CA VAL J 516 38.61 -22.11 -8.14
C VAL J 516 38.61 -20.66 -8.61
N ASP J 517 39.63 -20.29 -9.38
CA ASP J 517 39.81 -18.91 -9.84
C ASP J 517 38.83 -18.54 -10.96
N TYR J 518 38.44 -17.28 -11.00
CA TYR J 518 37.49 -16.76 -11.98
C TYR J 518 38.16 -16.02 -13.14
N ARG J 519 39.48 -15.85 -13.04
CA ARG J 519 40.26 -15.10 -14.02
C ARG J 519 40.44 -15.85 -15.35
N PHE J 520 40.15 -17.15 -15.34
CA PHE J 520 40.22 -17.97 -16.56
C PHE J 520 38.90 -18.74 -16.74
N ASP J 521 38.66 -19.19 -17.96
CA ASP J 521 37.48 -20.01 -18.28
C ASP J 521 37.50 -21.33 -17.51
N PHE J 522 36.33 -21.80 -17.13
CA PHE J 522 36.19 -23.05 -16.36
C PHE J 522 36.51 -24.28 -17.21
N SER J 523 37.08 -25.29 -16.55
CA SER J 523 37.36 -26.57 -17.20
C SER J 523 36.10 -27.45 -17.24
N ASP J 524 36.20 -28.59 -17.90
CA ASP J 524 35.10 -29.54 -18.00
C ASP J 524 34.84 -30.31 -16.69
N GLU J 525 35.81 -30.25 -15.78
CA GLU J 525 35.70 -30.91 -14.47
C GLU J 525 34.70 -30.21 -13.55
N ILE J 526 34.54 -28.91 -13.73
CA ILE J 526 33.71 -28.09 -12.85
C ILE J 526 32.40 -27.67 -13.52
N LYS J 527 32.25 -27.99 -14.81
CA LYS J 527 31.04 -27.66 -15.57
C LYS J 527 29.84 -28.53 -15.21
N GLU J 528 30.10 -29.80 -14.90
CA GLU J 528 29.05 -30.73 -14.47
C GLU J 528 28.58 -30.47 -13.04
N LYS J 529 29.47 -29.85 -12.25
CA LYS J 529 29.19 -29.57 -10.83
C LYS J 529 28.18 -28.44 -10.62
N ILE J 530 27.91 -27.67 -11.66
CA ILE J 530 26.96 -26.55 -11.60
C ILE J 530 25.51 -27.07 -11.60
N LYS J 531 25.25 -28.13 -12.37
CA LYS J 531 23.93 -28.74 -12.43
C LYS J 531 23.51 -29.43 -11.13
N LYS J 532 24.50 -29.84 -10.34
CA LYS J 532 24.27 -30.42 -9.02
C LYS J 532 24.95 -29.53 -7.96
N LEU J 533 24.40 -28.33 -7.78
CA LEU J 533 24.94 -27.37 -6.82
C LEU J 533 23.80 -26.74 -6.02
N SER J 534 24.08 -26.43 -4.75
CA SER J 534 23.07 -25.89 -3.83
C SER J 534 22.64 -24.46 -4.18
N ALA J 535 21.46 -24.07 -3.69
CA ALA J 535 20.86 -22.77 -4.00
C ALA J 535 21.62 -21.60 -3.39
N LYS J 536 22.25 -21.83 -2.23
CA LYS J 536 23.04 -20.80 -1.56
C LYS J 536 24.39 -20.56 -2.25
N SER J 537 24.95 -21.62 -2.81
CA SER J 537 26.26 -21.57 -3.47
C SER J 537 26.20 -21.02 -4.90
N LEU J 538 25.10 -21.31 -5.59
CA LEU J 538 24.90 -20.85 -6.98
C LEU J 538 24.81 -19.32 -7.09
N ASN J 539 24.15 -18.69 -6.11
CA ASN J 539 24.05 -17.24 -6.03
C ASN J 539 25.35 -16.62 -5.52
N GLU J 540 26.09 -17.39 -4.72
CA GLU J 540 27.35 -16.94 -4.14
C GLU J 540 28.48 -16.90 -5.17
N MET J 541 28.49 -17.89 -6.07
CA MET J 541 29.52 -17.98 -7.12
C MET J 541 29.30 -16.94 -8.22
N LEU J 542 28.04 -16.59 -8.47
CA LEU J 542 27.68 -15.55 -9.43
C LEU J 542 28.12 -14.17 -8.94
N PHE J 543 28.07 -14.00 -7.62
CA PHE J 543 28.48 -12.76 -6.97
C PHE J 543 30.00 -12.56 -7.06
N ARG J 544 30.74 -13.67 -7.00
CA ARG J 544 32.19 -13.65 -7.16
C ARG J 544 32.61 -13.63 -8.64
N ALA J 545 31.69 -14.01 -9.51
CA ALA J 545 31.91 -13.96 -10.96
C ALA J 545 31.86 -12.52 -11.48
N GLN J 546 31.09 -11.69 -10.80
CA GLN J 546 30.98 -10.27 -11.12
C GLN J 546 32.00 -9.44 -10.34
N ARG J 547 32.44 -9.97 -9.20
CA ARG J 547 33.48 -9.35 -8.38
C ARG J 547 34.81 -9.32 -9.12
N THR J 548 35.01 -10.30 -10.00
CA THR J 548 36.21 -10.38 -10.84
C THR J 548 36.06 -9.48 -12.07
N GLU J 549 34.83 -9.32 -12.56
CA GLU J 549 34.55 -8.48 -13.73
C GLU J 549 34.72 -7.00 -13.43
N VAL J 550 34.34 -6.58 -12.22
CA VAL J 550 34.55 -5.20 -11.76
C VAL J 550 36.04 -4.97 -11.53
N ALA J 551 36.73 -6.00 -11.03
CA ALA J 551 38.17 -5.97 -10.83
C ALA J 551 38.94 -5.81 -12.14
N GLY J 552 38.32 -6.24 -13.24
CA GLY J 552 38.89 -6.09 -14.57
C GLY J 552 38.68 -4.70 -15.13
N MET J 553 37.43 -4.24 -15.11
CA MET J 553 37.05 -2.90 -15.60
C MET J 553 37.84 -1.79 -14.94
N THR J 554 38.00 -1.89 -13.62
CA THR J 554 38.77 -0.91 -12.85
C THR J 554 40.25 -0.97 -13.24
N ALA J 555 40.78 -2.18 -13.38
CA ALA J 555 42.19 -2.37 -13.73
C ALA J 555 42.51 -1.94 -15.17
N GLN J 556 41.62 -2.24 -16.10
CA GLN J 556 41.88 -1.96 -17.51
C GLN J 556 41.73 -0.49 -17.89
N ILE J 557 40.82 0.23 -17.23
CA ILE J 557 40.70 1.66 -17.50
C ILE J 557 41.71 2.49 -16.73
N ASN J 558 42.30 1.92 -15.68
CA ASN J 558 43.40 2.56 -14.98
C ASN J 558 44.70 2.53 -15.79
N ARG J 559 44.95 1.43 -16.50
CA ARG J 559 46.09 1.34 -17.41
C ARG J 559 45.88 2.26 -18.61
N LYS J 560 44.61 2.42 -19.01
CA LYS J 560 44.22 3.34 -20.06
C LYS J 560 44.60 4.78 -19.70
N LEU J 561 44.15 5.22 -18.51
CA LEU J 561 44.45 6.56 -18.03
C LEU J 561 45.95 6.83 -17.94
N LEU J 562 46.70 5.85 -17.45
CA LEU J 562 48.15 5.92 -17.37
C LEU J 562 48.81 6.06 -18.74
N ILE J 563 48.30 5.32 -19.72
CA ILE J 563 48.80 5.39 -21.09
C ILE J 563 48.63 6.81 -21.64
N ASN J 564 47.45 7.39 -21.43
CA ASN J 564 47.14 8.74 -21.94
C ASN J 564 47.77 9.86 -21.11
N SER J 565 48.49 9.46 -20.05
CA SER J 565 49.05 10.39 -19.09
C SER J 565 50.53 10.62 -19.31
N LEU J 566 51.18 9.68 -20.00
CA LEU J 566 52.64 9.64 -20.10
C LEU J 566 53.26 10.83 -20.82
N TYR J 567 52.71 11.22 -21.95
CA TYR J 567 53.25 12.34 -22.72
C TYR J 567 53.21 13.64 -21.92
N GLY J 568 52.11 13.84 -21.20
CA GLY J 568 51.95 15.02 -20.35
C GLY J 568 53.11 15.15 -19.38
N ALA J 569 53.46 14.04 -18.74
CA ALA J 569 54.60 13.97 -17.85
C ALA J 569 55.92 14.20 -18.60
N LEU J 570 56.10 13.51 -19.73
CA LEU J 570 57.33 13.61 -20.52
C LEU J 570 57.59 14.99 -21.09
N GLY J 571 56.52 15.74 -21.38
CA GLY J 571 56.63 17.10 -21.90
C GLY J 571 56.80 18.14 -20.82
N ASN J 572 56.74 17.70 -19.56
CA ASN J 572 56.83 18.57 -18.40
C ASN J 572 58.26 18.65 -17.88
N VAL J 573 58.74 19.87 -17.64
CA VAL J 573 60.15 20.09 -17.25
C VAL J 573 60.49 19.51 -15.87
N TRP J 574 59.48 19.37 -15.01
CA TRP J 574 59.66 18.85 -13.66
C TRP J 574 59.81 17.36 -13.59
N PHE J 575 59.63 16.69 -14.71
CA PHE J 575 59.74 15.23 -14.78
C PHE J 575 61.20 14.80 -14.86
N ARG J 576 61.53 13.77 -14.10
CA ARG J 576 62.87 13.21 -14.00
C ARG J 576 63.44 12.75 -15.35
N TYR J 577 62.56 12.25 -16.21
CA TYR J 577 62.97 11.65 -17.47
C TYR J 577 62.67 12.55 -18.67
N TYR J 578 62.47 13.84 -18.39
CA TYR J 578 62.27 14.85 -19.41
C TYR J 578 63.55 15.12 -20.18
N ASP J 579 63.43 15.20 -21.50
CA ASP J 579 64.49 15.70 -22.37
C ASP J 579 63.80 16.39 -23.54
N LEU J 580 64.21 17.63 -23.81
CA LEU J 580 63.57 18.45 -24.85
C LEU J 580 63.67 17.81 -26.23
N ARG J 581 64.86 17.30 -26.55
CA ARG J 581 65.09 16.60 -27.81
C ARG J 581 64.20 15.36 -27.96
N ASN J 582 63.85 14.74 -26.84
CA ASN J 582 62.91 13.60 -26.83
C ASN J 582 61.46 14.02 -27.00
N ALA J 583 61.09 15.14 -26.39
CA ALA J 583 59.73 15.65 -26.50
C ALA J 583 59.40 16.00 -27.95
N THR J 584 60.21 16.86 -28.56
CA THR J 584 59.98 17.28 -29.95
C THR J 584 60.02 16.10 -30.91
N ALA J 585 60.89 15.14 -30.65
CA ALA J 585 60.93 13.89 -31.43
C ALA J 585 59.58 13.19 -31.48
N ILE J 586 58.80 13.30 -30.41
CA ILE J 586 57.50 12.63 -30.33
C ILE J 586 56.44 13.40 -31.10
N THR J 587 56.44 14.72 -30.98
CA THR J 587 55.47 15.55 -31.70
C THR J 587 55.76 15.58 -33.21
N THR J 588 57.02 15.80 -33.58
CA THR J 588 57.42 15.85 -34.98
C THR J 588 57.07 14.54 -35.69
N PHE J 589 57.35 13.42 -35.04
CA PHE J 589 56.99 12.12 -35.60
C PHE J 589 55.49 12.05 -35.85
N GLY J 590 54.70 12.50 -34.87
CA GLY J 590 53.23 12.50 -34.98
C GLY J 590 52.73 13.35 -36.14
N GLN J 591 53.35 14.50 -36.33
CA GLN J 591 53.02 15.38 -37.45
C GLN J 591 53.27 14.65 -38.77
N MET J 592 54.48 14.10 -38.91
CA MET J 592 54.86 13.32 -40.08
C MET J 592 53.90 12.16 -40.28
N ALA J 593 53.66 11.41 -39.21
CA ALA J 593 52.79 10.24 -39.26
C ALA J 593 51.43 10.53 -39.86
N LEU J 594 50.75 11.57 -39.35
CA LEU J 594 49.43 11.92 -39.82
C LEU J 594 49.43 12.37 -41.28
N GLN J 595 50.44 13.17 -41.66
CA GLN J 595 50.52 13.71 -43.02
C GLN J 595 50.98 12.67 -44.05
N TRP J 596 51.79 11.72 -43.60
CA TRP J 596 52.21 10.57 -44.40
C TRP J 596 51.03 9.73 -44.75
N ILE J 597 50.19 9.41 -43.77
CA ILE J 597 49.02 8.57 -44.02
C ILE J 597 47.92 9.31 -44.79
N GLU J 598 47.91 10.64 -44.66
CA GLU J 598 47.05 11.49 -45.48
C GLU J 598 47.43 11.33 -46.95
N ARG J 599 48.73 11.28 -47.22
CA ARG J 599 49.25 11.11 -48.57
C ARG J 599 48.91 9.73 -49.13
N LYS J 600 49.08 8.70 -48.31
CA LYS J 600 48.84 7.30 -48.69
C LYS J 600 47.36 6.98 -48.93
N VAL J 601 46.49 7.51 -48.08
CA VAL J 601 45.04 7.37 -48.25
C VAL J 601 44.60 8.04 -49.55
N ASN J 602 45.06 9.27 -49.77
CA ASN J 602 44.77 10.01 -51.00
C ASN J 602 45.27 9.27 -52.24
N GLU J 603 46.49 8.75 -52.18
CA GLU J 603 47.10 8.04 -53.31
C GLU J 603 46.38 6.74 -53.62
N TYR J 604 45.91 6.07 -52.57
CA TYR J 604 45.26 4.77 -52.72
C TYR J 604 43.84 4.91 -53.27
N LEU J 605 43.07 5.85 -52.70
CA LEU J 605 41.69 6.04 -53.11
C LEU J 605 41.58 6.56 -54.54
N ASN J 606 42.51 7.42 -54.94
CA ASN J 606 42.63 7.85 -56.33
C ASN J 606 42.93 6.69 -57.27
N GLU J 607 43.80 5.78 -56.83
CA GLU J 607 44.16 4.59 -57.59
C GLU J 607 42.94 3.67 -57.81
N VAL J 608 42.11 3.56 -56.77
CA VAL J 608 40.95 2.68 -56.77
C VAL J 608 39.74 3.30 -57.48
N CYS J 609 39.55 4.60 -57.31
CA CYS J 609 38.43 5.32 -57.95
C CYS J 609 38.69 5.69 -59.40
N GLY J 610 39.94 5.53 -59.85
CA GLY J 610 40.30 5.79 -61.24
C GLY J 610 40.49 7.26 -61.58
N THR J 611 40.59 8.09 -60.55
CA THR J 611 40.85 9.52 -60.73
C THR J 611 42.31 9.82 -60.40
N GLU J 612 42.66 11.11 -60.37
CA GLU J 612 43.99 11.54 -59.90
C GLU J 612 43.97 12.96 -59.35
N GLY J 613 44.77 13.17 -58.29
CA GLY J 613 44.96 14.50 -57.70
C GLY J 613 43.77 15.06 -56.96
N GLU J 614 42.95 14.19 -56.38
CA GLU J 614 41.80 14.62 -55.58
C GLU J 614 42.03 14.42 -54.09
N ALA J 615 41.57 15.38 -53.31
CA ALA J 615 41.68 15.34 -51.86
C ALA J 615 40.51 14.58 -51.24
N PHE J 616 40.75 13.31 -50.91
CA PHE J 616 39.75 12.50 -50.21
C PHE J 616 39.73 12.83 -48.72
N VAL J 617 40.92 13.04 -48.14
CA VAL J 617 41.06 13.45 -46.75
C VAL J 617 40.75 14.94 -46.67
N LEU J 618 39.66 15.27 -45.99
CA LEU J 618 39.18 16.64 -45.94
C LEU J 618 39.68 17.38 -44.70
N TYR J 619 39.97 16.63 -43.64
CA TYR J 619 40.38 17.20 -42.37
C TYR J 619 41.18 16.19 -41.56
N GLY J 620 42.24 16.67 -40.92
CA GLY J 620 43.13 15.80 -40.15
C GLY J 620 43.67 16.51 -38.92
N ASP J 621 43.30 15.99 -37.75
CA ASP J 621 43.65 16.62 -36.48
C ASP J 621 44.33 15.65 -35.52
N THR J 622 45.63 15.88 -35.30
CA THR J 622 46.43 15.16 -34.29
C THR J 622 46.59 13.68 -34.56
N ASP J 623 45.52 12.93 -34.32
CA ASP J 623 45.54 11.48 -34.43
C ASP J 623 44.52 10.94 -35.44
N SER J 624 43.58 11.79 -35.85
CA SER J 624 42.47 11.35 -36.70
C SER J 624 42.45 12.01 -38.07
N ILE J 625 41.91 11.29 -39.05
CA ILE J 625 41.62 11.85 -40.38
C ILE J 625 40.16 11.58 -40.78
N TYR J 626 39.55 12.57 -41.41
CA TYR J 626 38.19 12.44 -41.92
C TYR J 626 38.24 12.38 -43.43
N VAL J 627 37.61 11.34 -43.99
CA VAL J 627 37.70 11.05 -45.42
C VAL J 627 36.35 11.21 -46.09
N SER J 628 36.34 11.89 -47.23
CA SER J 628 35.14 12.00 -48.06
C SER J 628 34.94 10.70 -48.84
N ALA J 629 33.77 10.11 -48.69
CA ALA J 629 33.44 8.83 -49.30
C ALA J 629 32.50 9.00 -50.50
N ASP J 630 32.24 10.25 -50.88
CA ASP J 630 31.31 10.57 -51.97
C ASP J 630 31.58 9.80 -53.25
N LYS J 631 32.84 9.82 -53.71
CA LYS J 631 33.23 9.12 -54.95
C LYS J 631 33.32 7.60 -54.80
N ILE J 632 33.34 7.13 -53.56
CA ILE J 632 33.30 5.70 -53.28
C ILE J 632 31.87 5.18 -53.41
N ILE J 633 30.91 5.95 -52.90
CA ILE J 633 29.48 5.63 -53.05
C ILE J 633 29.10 5.63 -54.54
N ASP J 634 29.51 6.69 -55.24
CA ASP J 634 29.17 6.89 -56.65
C ASP J 634 29.73 5.80 -57.58
N LYS J 635 30.73 5.07 -57.08
CA LYS J 635 31.32 3.94 -57.81
C LYS J 635 30.33 2.78 -57.94
N VAL J 636 29.38 2.70 -57.00
CA VAL J 636 28.26 1.76 -57.09
C VAL J 636 26.99 2.51 -57.53
N GLY J 637 26.79 3.69 -56.95
CA GLY J 637 25.60 4.50 -57.21
C GLY J 637 24.59 4.34 -56.09
N GLU J 638 24.18 5.45 -55.48
CA GLU J 638 23.24 5.40 -54.35
C GLU J 638 21.79 5.12 -54.77
N SER J 639 21.63 4.78 -56.05
CA SER J 639 20.35 4.33 -56.58
C SER J 639 20.25 2.81 -56.50
N LYS J 640 21.36 2.15 -56.15
CA LYS J 640 21.42 0.69 -56.07
C LYS J 640 21.44 0.14 -54.64
N PHE J 641 21.18 1.02 -53.67
CA PHE J 641 21.09 0.63 -52.27
C PHE J 641 19.63 0.53 -51.83
N ARG J 642 19.28 -0.56 -51.16
CA ARG J 642 17.90 -0.79 -50.73
C ARG J 642 17.46 0.15 -49.60
N ASP J 643 18.37 0.44 -48.68
CA ASP J 643 18.11 1.36 -47.57
C ASP J 643 19.39 1.99 -47.03
N THR J 644 19.25 2.87 -46.03
CA THR J 644 20.39 3.56 -45.41
C THR J 644 21.40 2.57 -44.84
N ASN J 645 20.90 1.57 -44.13
CA ASN J 645 21.72 0.55 -43.49
C ASN J 645 22.60 -0.22 -44.48
N HIS J 646 22.17 -0.27 -45.74
CA HIS J 646 22.86 -1.02 -46.78
C HIS J 646 24.14 -0.35 -47.24
N TRP J 647 24.12 0.97 -47.40
CA TRP J 647 25.35 1.66 -47.82
C TRP J 647 26.35 1.81 -46.70
N VAL J 648 25.85 1.90 -45.47
CA VAL J 648 26.70 1.90 -44.28
C VAL J 648 27.46 0.58 -44.22
N ASP J 649 26.75 -0.52 -44.46
CA ASP J 649 27.36 -1.85 -44.60
C ASP J 649 28.49 -1.88 -45.62
N PHE J 650 28.24 -1.28 -46.77
CA PHE J 650 29.21 -1.20 -47.86
C PHE J 650 30.51 -0.48 -47.45
N LEU J 651 30.35 0.70 -46.83
CA LEU J 651 31.51 1.49 -46.41
C LEU J 651 32.29 0.79 -45.29
N ASP J 652 31.56 0.14 -44.39
CA ASP J 652 32.15 -0.63 -43.29
C ASP J 652 33.04 -1.76 -43.81
N LYS J 653 32.54 -2.47 -44.82
CA LYS J 653 33.29 -3.54 -45.47
C LYS J 653 34.47 -2.97 -46.26
N PHE J 654 34.23 -1.90 -47.00
CA PHE J 654 35.26 -1.24 -47.79
C PHE J 654 36.44 -0.78 -46.93
N ALA J 655 36.13 -0.15 -45.81
CA ALA J 655 37.16 0.29 -44.86
C ALA J 655 37.97 -0.90 -44.31
N ARG J 656 37.26 -1.96 -43.94
CA ARG J 656 37.88 -3.13 -43.31
C ARG J 656 38.74 -3.93 -44.28
N GLU J 657 38.24 -4.16 -45.48
CA GLU J 657 38.87 -5.11 -46.40
C GLU J 657 39.79 -4.46 -47.45
N ARG J 658 39.61 -3.16 -47.68
CA ARG J 658 40.41 -2.44 -48.66
C ARG J 658 41.26 -1.33 -48.03
N MET J 659 40.63 -0.44 -47.28
CA MET J 659 41.30 0.74 -46.74
C MET J 659 42.29 0.42 -45.61
N GLU J 660 41.86 -0.45 -44.70
CA GLU J 660 42.67 -0.80 -43.53
C GLU J 660 43.99 -1.54 -43.84
N PRO J 661 43.97 -2.51 -44.79
CA PRO J 661 45.24 -3.11 -45.20
C PRO J 661 46.16 -2.12 -45.91
N ALA J 662 45.57 -1.20 -46.69
CA ALA J 662 46.33 -0.15 -47.39
C ALA J 662 47.02 0.78 -46.40
N ILE J 663 46.31 1.13 -45.32
CA ILE J 663 46.87 1.98 -44.27
C ILE J 663 48.05 1.29 -43.59
N ASP J 664 47.86 0.00 -43.28
CA ASP J 664 48.92 -0.79 -42.63
C ASP J 664 50.19 -0.81 -43.46
N ARG J 665 50.09 -1.23 -44.73
CA ARG J 665 51.27 -1.27 -45.59
C ARG J 665 51.91 0.13 -45.76
N GLY J 666 51.08 1.16 -45.72
CA GLY J 666 51.54 2.55 -45.72
C GLY J 666 52.38 2.91 -44.50
N PHE J 667 51.92 2.51 -43.32
CA PHE J 667 52.69 2.76 -42.08
C PHE J 667 53.90 1.85 -41.98
N ARG J 668 53.74 0.62 -42.48
CA ARG J 668 54.83 -0.35 -42.54
C ARG J 668 55.99 0.17 -43.39
N GLU J 669 55.66 0.93 -44.44
CA GLU J 669 56.66 1.59 -45.28
C GLU J 669 57.37 2.73 -44.53
N MET J 670 56.62 3.45 -43.70
CA MET J 670 57.14 4.57 -42.91
C MET J 670 58.09 4.11 -41.80
N CYS J 671 57.80 2.94 -41.24
CA CYS J 671 58.62 2.36 -40.18
C CYS J 671 60.00 1.94 -40.72
N GLU J 672 60.01 1.37 -41.94
CA GLU J 672 61.24 1.00 -42.61
C GLU J 672 62.07 2.24 -42.96
N TYR J 673 61.38 3.29 -43.37
CA TYR J 673 61.99 4.55 -43.80
C TYR J 673 62.74 5.21 -42.66
N MET J 674 62.11 5.24 -41.48
CA MET J 674 62.71 5.79 -40.26
C MET J 674 63.51 4.74 -39.49
N ASN J 675 63.57 3.52 -40.05
CA ASN J 675 64.35 2.42 -39.47
C ASN J 675 63.97 2.13 -38.00
N ASN J 676 62.67 2.18 -37.71
CA ASN J 676 62.18 2.08 -36.34
C ASN J 676 62.27 0.66 -35.74
N LYS J 677 62.26 0.59 -34.41
CA LYS J 677 62.38 -0.67 -33.70
C LYS J 677 61.25 -1.66 -34.00
N GLN J 678 60.01 -1.17 -33.98
CA GLN J 678 58.84 -1.99 -34.35
C GLN J 678 57.62 -1.16 -34.81
N HIS J 679 56.90 -1.71 -35.78
CA HIS J 679 55.73 -1.06 -36.37
C HIS J 679 54.55 -1.03 -35.42
N LEU J 680 54.19 0.17 -34.97
CA LEU J 680 53.10 0.30 -33.98
C LEU J 680 52.01 1.31 -34.34
N MET J 681 52.08 1.89 -35.54
CA MET J 681 51.06 2.82 -35.98
C MET J 681 49.85 2.06 -36.51
N PHE J 682 48.77 2.04 -35.74
CA PHE J 682 47.55 1.33 -36.12
C PHE J 682 46.36 2.28 -36.19
N MET J 683 45.60 2.19 -37.27
CA MET J 683 44.49 3.12 -37.50
C MET J 683 43.13 2.40 -37.56
N ASP J 684 42.22 2.79 -36.67
CA ASP J 684 40.88 2.18 -36.57
C ASP J 684 39.82 3.07 -37.21
N ARG J 685 38.94 2.47 -38.01
CA ARG J 685 37.77 3.19 -38.50
C ARG J 685 36.89 3.56 -37.33
N GLU J 686 36.53 4.83 -37.23
CA GLU J 686 35.66 5.29 -36.17
C GLU J 686 34.23 5.51 -36.64
N ALA J 687 33.97 6.62 -37.32
CA ALA J 687 32.60 6.97 -37.70
C ALA J 687 32.31 6.73 -39.16
N ILE J 688 31.08 6.27 -39.42
CA ILE J 688 30.50 6.31 -40.75
C ILE J 688 29.36 7.33 -40.66
N ALA J 689 29.48 8.41 -41.42
CA ALA J 689 28.49 9.49 -41.38
C ALA J 689 27.90 9.77 -42.75
N GLY J 690 26.66 10.23 -42.77
CA GLY J 690 25.97 10.52 -44.01
C GLY J 690 24.50 10.86 -43.81
N PRO J 691 23.80 11.19 -44.91
CA PRO J 691 22.37 11.47 -44.81
C PRO J 691 21.57 10.19 -44.92
N PRO J 692 20.31 10.21 -44.45
CA PRO J 692 19.45 9.05 -44.69
C PRO J 692 19.18 8.91 -46.18
N LEU J 693 19.15 7.69 -46.70
CA LEU J 693 18.91 7.45 -48.11
C LEU J 693 17.51 7.92 -48.48
N GLY J 694 17.41 8.60 -49.62
CA GLY J 694 16.12 9.10 -50.12
C GLY J 694 15.66 10.41 -49.49
N SER J 695 16.57 11.10 -48.80
CA SER J 695 16.25 12.36 -48.14
C SER J 695 17.02 13.53 -48.75
N LYS J 696 16.76 14.73 -48.25
CA LYS J 696 17.42 15.94 -48.77
C LYS J 696 18.48 16.48 -47.81
N GLY J 697 18.86 15.66 -46.83
CA GLY J 697 19.93 16.01 -45.89
C GLY J 697 21.30 16.16 -46.53
N ILE J 698 22.18 16.89 -45.85
CA ILE J 698 23.54 17.16 -46.36
C ILE J 698 24.60 16.25 -45.74
N GLY J 699 24.24 15.58 -44.65
CA GLY J 699 25.15 14.63 -44.00
C GLY J 699 26.07 15.26 -42.97
N GLY J 700 26.93 16.18 -43.41
CA GLY J 700 27.85 16.88 -42.51
C GLY J 700 28.35 18.19 -43.09
N PHE J 701 28.95 19.01 -42.23
CA PHE J 701 29.61 20.24 -42.67
C PHE J 701 30.73 20.70 -41.75
N TRP J 702 31.70 21.41 -42.32
CA TRP J 702 32.79 22.05 -41.58
C TRP J 702 32.73 23.54 -41.79
N THR J 703 32.79 24.30 -40.71
CA THR J 703 32.92 25.75 -40.80
C THR J 703 34.39 26.13 -40.71
N GLY J 704 35.15 25.32 -39.97
CA GLY J 704 36.59 25.52 -39.82
C GLY J 704 37.24 24.47 -38.94
N LYS J 705 38.54 24.67 -38.67
CA LYS J 705 39.31 23.79 -37.81
C LYS J 705 38.58 23.56 -36.50
N LYS J 706 38.42 22.29 -36.15
CA LYS J 706 37.79 21.86 -34.90
C LYS J 706 36.32 22.31 -34.76
N ARG J 707 35.71 22.69 -35.87
CA ARG J 707 34.29 23.06 -35.89
C ARG J 707 33.56 22.31 -36.98
N TYR J 708 32.72 21.35 -36.58
CA TYR J 708 31.97 20.51 -37.53
C TYR J 708 30.78 19.75 -36.94
N ALA J 709 29.87 19.33 -37.82
CA ALA J 709 28.75 18.48 -37.44
C ALA J 709 28.67 17.27 -38.36
N LEU J 710 28.27 16.13 -37.81
CA LEU J 710 28.13 14.89 -38.57
C LEU J 710 26.89 14.11 -38.16
N ASN J 711 26.26 13.49 -39.14
CA ASN J 711 25.16 12.56 -38.89
C ASN J 711 25.70 11.13 -38.86
N VAL J 712 25.97 10.63 -37.66
CA VAL J 712 26.69 9.37 -37.49
C VAL J 712 25.73 8.17 -37.37
N TRP J 713 26.05 7.10 -38.10
CA TRP J 713 25.23 5.88 -38.12
C TRP J 713 25.91 4.74 -37.43
N ASP J 714 27.23 4.68 -37.57
CA ASP J 714 28.03 3.62 -36.95
C ASP J 714 29.28 4.24 -36.33
N MET J 715 29.65 3.73 -35.16
CA MET J 715 30.85 4.17 -34.47
C MET J 715 31.67 2.98 -33.96
N GLU J 716 32.83 2.78 -34.58
CA GLU J 716 33.80 1.78 -34.11
C GLU J 716 33.29 0.33 -34.23
N GLY J 717 32.35 0.10 -35.13
CA GLY J 717 31.80 -1.23 -35.33
C GLY J 717 30.39 -1.45 -34.82
N THR J 718 29.96 -0.62 -33.86
CA THR J 718 28.60 -0.72 -33.32
C THR J 718 27.60 0.17 -34.07
N ARG J 719 26.61 -0.48 -34.68
CA ARG J 719 25.58 0.18 -35.46
C ARG J 719 24.52 0.79 -34.55
N TYR J 720 24.33 2.11 -34.66
CA TYR J 720 23.34 2.81 -33.85
C TYR J 720 21.91 2.46 -34.25
N ALA J 721 21.01 2.47 -33.28
CA ALA J 721 19.58 2.27 -33.53
C ALA J 721 18.97 3.53 -34.15
N GLU J 722 19.33 4.67 -33.61
CA GLU J 722 18.93 5.99 -34.10
C GLU J 722 20.20 6.71 -34.58
N PRO J 723 20.10 7.47 -35.69
CA PRO J 723 21.22 8.32 -36.10
C PRO J 723 21.58 9.31 -34.99
N LYS J 724 22.87 9.57 -34.84
CA LYS J 724 23.39 10.33 -33.70
C LYS J 724 24.22 11.51 -34.17
N LEU J 725 23.83 12.72 -33.77
CA LEU J 725 24.56 13.93 -34.16
C LEU J 725 25.86 14.06 -33.40
N LYS J 726 26.96 14.16 -34.14
CA LYS J 726 28.27 14.45 -33.57
C LYS J 726 28.64 15.89 -33.90
N ILE J 727 28.53 16.76 -32.90
CA ILE J 727 28.84 18.17 -33.07
C ILE J 727 30.10 18.52 -32.29
N MET J 728 31.04 19.18 -32.97
CA MET J 728 32.29 19.62 -32.36
C MET J 728 32.53 21.10 -32.61
N GLY J 729 32.82 21.85 -31.54
CA GLY J 729 33.26 23.23 -31.65
C GLY J 729 32.21 24.27 -31.96
N LEU J 730 31.05 23.83 -32.44
CA LEU J 730 29.97 24.76 -32.78
C LEU J 730 29.29 25.26 -31.51
N GLU J 731 28.56 26.37 -31.63
CA GLU J 731 27.96 27.07 -30.49
C GLU J 731 27.08 26.20 -29.60
N THR J 732 26.48 25.16 -30.18
CA THR J 732 25.67 24.19 -29.42
C THR J 732 26.48 23.49 -28.34
N GLN J 733 27.79 23.36 -28.60
CA GLN J 733 28.71 22.72 -27.67
C GLN J 733 29.24 23.69 -26.61
N LYS J 734 29.18 24.98 -26.90
CA LYS J 734 29.70 26.03 -26.01
C LYS J 734 28.78 26.32 -24.83
N SER J 735 29.39 26.58 -23.68
CA SER J 735 28.68 26.97 -22.47
C SER J 735 28.07 28.36 -22.61
N SER J 736 28.72 29.21 -23.39
CA SER J 736 28.33 30.60 -23.61
C SER J 736 26.97 30.76 -24.31
N THR J 737 26.43 29.67 -24.83
CA THR J 737 25.15 29.66 -25.53
C THR J 737 23.99 29.38 -24.55
N PRO J 738 22.89 30.15 -24.68
CA PRO J 738 21.65 29.96 -23.91
C PRO J 738 21.03 28.57 -24.05
N LYS J 739 20.15 28.21 -23.12
CA LYS J 739 19.55 26.87 -23.05
C LYS J 739 18.57 26.56 -24.20
N ALA J 740 17.51 27.35 -24.32
CA ALA J 740 16.51 27.15 -25.38
C ALA J 740 17.09 27.32 -26.78
N VAL J 741 18.01 28.27 -26.91
CA VAL J 741 18.72 28.52 -28.16
C VAL J 741 19.64 27.34 -28.49
N GLN J 742 20.22 26.73 -27.46
CA GLN J 742 21.08 25.55 -27.61
C GLN J 742 20.28 24.39 -28.20
N LYS J 743 19.05 24.23 -27.74
CA LYS J 743 18.17 23.18 -28.24
C LYS J 743 17.69 23.49 -29.67
N ALA J 744 17.46 24.77 -29.95
CA ALA J 744 16.98 25.21 -31.26
C ALA J 744 18.06 25.10 -32.33
N LEU J 745 19.29 25.47 -31.95
CA LEU J 745 20.43 25.37 -32.86
C LEU J 745 20.77 23.92 -33.17
N LYS J 746 20.54 23.03 -32.21
CA LYS J 746 20.73 21.60 -32.41
C LYS J 746 19.71 21.06 -33.39
N GLU J 747 18.45 21.48 -33.23
CA GLU J 747 17.37 21.09 -34.13
C GLU J 747 17.63 21.63 -35.54
N CYS J 748 18.12 22.86 -35.61
CA CYS J 748 18.56 23.46 -36.88
C CYS J 748 19.61 22.61 -37.57
N ILE J 749 20.62 22.18 -36.81
CA ILE J 749 21.69 21.34 -37.36
C ILE J 749 21.12 19.99 -37.80
N ARG J 750 20.26 19.40 -36.97
CA ARG J 750 19.65 18.11 -37.27
C ARG J 750 18.90 18.14 -38.61
N ARG J 751 18.03 19.12 -38.77
CA ARG J 751 17.21 19.28 -39.99
C ARG J 751 18.05 19.54 -41.25
N MET J 752 19.22 20.14 -41.08
CA MET J 752 20.15 20.33 -42.19
C MET J 752 20.69 18.99 -42.65
N LEU J 753 21.20 18.21 -41.70
CA LEU J 753 21.94 16.99 -41.99
C LEU J 753 21.04 15.82 -42.36
N GLN J 754 19.79 15.85 -41.89
CA GLN J 754 18.87 14.72 -42.06
C GLN J 754 17.68 15.01 -42.98
N GLU J 755 17.24 16.26 -43.03
CA GLU J 755 15.99 16.59 -43.72
C GLU J 755 16.13 17.54 -44.91
N GLY J 756 17.00 18.53 -44.79
CA GLY J 756 17.29 19.44 -45.91
C GLY J 756 16.99 20.90 -45.70
N GLU J 757 17.21 21.67 -46.76
CA GLU J 757 17.05 23.14 -46.74
C GLU J 757 15.62 23.56 -46.45
N GLU J 758 14.66 22.84 -47.03
CA GLU J 758 13.23 23.17 -46.88
C GLU J 758 12.77 22.95 -45.44
N SER J 759 13.28 21.90 -44.80
CA SER J 759 12.96 21.59 -43.42
C SER J 759 13.61 22.59 -42.45
N LEU J 760 14.80 23.07 -42.82
CA LEU J 760 15.49 24.10 -42.05
C LEU J 760 14.72 25.43 -42.06
N GLN J 761 14.17 25.77 -43.22
CA GLN J 761 13.44 27.04 -43.39
C GLN J 761 12.14 27.08 -42.60
N GLU J 762 11.51 25.93 -42.43
CA GLU J 762 10.26 25.82 -41.68
C GLU J 762 10.47 26.03 -40.19
N TYR J 763 11.50 25.38 -39.63
CA TYR J 763 11.81 25.48 -38.20
C TYR J 763 12.31 26.86 -37.81
N PHE J 764 13.02 27.53 -38.72
CA PHE J 764 13.53 28.86 -38.48
C PHE J 764 12.39 29.83 -38.16
N LYS J 765 11.33 29.78 -38.96
CA LYS J 765 10.15 30.62 -38.74
C LYS J 765 9.32 30.18 -37.53
N GLU J 766 9.34 28.89 -37.23
CA GLU J 766 8.63 28.36 -36.07
C GLU J 766 9.28 28.83 -34.76
N PHE J 767 10.61 28.75 -34.69
CA PHE J 767 11.32 29.19 -33.50
C PHE J 767 11.25 30.72 -33.32
N GLU J 768 11.18 31.44 -34.44
CA GLU J 768 11.07 32.89 -34.42
C GLU J 768 9.79 33.37 -33.72
N LYS J 769 8.71 32.60 -33.87
CA LYS J 769 7.43 32.88 -33.20
C LYS J 769 7.46 32.42 -31.74
N GLU J 770 8.07 31.25 -31.50
CA GLU J 770 8.24 30.68 -30.17
C GLU J 770 9.11 31.53 -29.26
N PHE J 771 10.14 32.13 -29.85
CA PHE J 771 11.19 32.85 -29.12
C PHE J 771 10.69 33.97 -28.21
N ARG J 772 9.79 34.81 -28.73
CA ARG J 772 9.26 35.97 -27.99
C ARG J 772 8.54 35.60 -26.70
N GLN J 773 8.14 34.34 -26.58
CA GLN J 773 7.36 33.86 -25.44
C GLN J 773 8.24 33.18 -24.37
N LEU J 774 9.34 32.56 -24.82
CA LEU J 774 10.25 31.81 -23.95
C LEU J 774 10.86 32.67 -22.84
N ASN J 775 10.80 32.15 -21.62
CA ASN J 775 11.26 32.88 -20.43
C ASN J 775 12.76 33.18 -20.42
N TYR J 776 13.14 34.22 -19.68
CA TYR J 776 14.50 34.77 -19.72
C TYR J 776 15.62 33.82 -19.30
N ILE J 777 15.30 32.82 -18.48
CA ILE J 777 16.28 31.88 -17.93
C ILE J 777 17.04 31.11 -19.01
N SER J 778 16.32 30.67 -20.04
CA SER J 778 16.89 29.82 -21.09
C SER J 778 17.46 30.59 -22.29
N ILE J 779 17.36 31.92 -22.26
CA ILE J 779 17.81 32.76 -23.38
C ILE J 779 18.95 33.74 -23.02
N ALA J 780 19.78 33.36 -22.06
CA ALA J 780 20.90 34.20 -21.61
C ALA J 780 22.27 33.55 -21.86
N SER J 781 23.24 34.38 -22.23
CA SER J 781 24.61 33.93 -22.52
C SER J 781 25.42 33.70 -21.25
N VAL J 782 26.34 32.74 -21.29
CA VAL J 782 27.19 32.41 -20.13
C VAL J 782 28.66 32.79 -20.37
N SER J 783 29.24 33.55 -19.44
CA SER J 783 30.65 33.94 -19.54
C SER J 783 31.31 34.02 -18.16
N SER J 784 32.60 33.68 -18.12
CA SER J 784 33.41 33.80 -16.90
C SER J 784 33.69 35.27 -16.59
N ALA J 785 33.52 35.64 -15.33
CA ALA J 785 33.76 37.02 -14.90
C ALA J 785 35.16 37.17 -14.30
N ASN J 786 36.15 37.35 -15.18
CA ASN J 786 37.54 37.52 -14.78
C ASN J 786 38.02 38.96 -14.95
N ASN J 787 38.78 39.44 -13.96
CA ASN J 787 39.32 40.80 -13.94
C ASN J 787 38.24 41.88 -14.03
N ILE J 788 37.60 42.17 -12.90
CA ILE J 788 36.48 43.13 -12.85
C ILE J 788 36.92 44.48 -12.27
N ALA J 789 37.78 44.44 -11.26
CA ALA J 789 38.21 45.64 -10.54
C ALA J 789 39.16 46.55 -11.33
N LYS J 790 39.04 46.51 -12.67
CA LYS J 790 39.85 47.35 -13.55
C LYS J 790 38.97 48.32 -14.35
N TYR J 791 37.77 47.88 -14.70
CA TYR J 791 36.90 48.62 -15.61
C TYR J 791 35.85 49.51 -14.92
N ASP J 792 35.91 49.59 -13.59
CA ASP J 792 34.97 50.42 -12.82
C ASP J 792 35.54 51.83 -12.59
N VAL J 793 34.94 52.82 -13.25
CA VAL J 793 35.33 54.23 -13.08
C VAL J 793 34.12 55.03 -12.59
N GLY J 794 33.87 54.96 -11.28
CA GLY J 794 32.75 55.66 -10.65
C GLY J 794 31.39 55.12 -11.07
N GLY J 795 31.33 53.83 -11.37
CA GLY J 795 30.11 53.19 -11.86
C GLY J 795 30.12 53.03 -13.37
N PHE J 796 30.52 54.09 -14.07
CA PHE J 796 30.58 54.12 -15.53
C PHE J 796 31.65 53.16 -16.08
N PRO J 797 31.44 52.59 -17.28
CA PRO J 797 32.43 51.71 -17.91
C PRO J 797 33.68 52.45 -18.37
N GLY J 798 34.81 51.74 -18.38
CA GLY J 798 36.10 52.32 -18.74
C GLY J 798 36.69 51.82 -20.05
N PRO J 799 38.03 51.87 -20.19
CA PRO J 799 38.72 51.52 -21.44
C PRO J 799 38.85 50.02 -21.69
N LYS J 800 38.77 49.63 -22.97
CA LYS J 800 38.93 48.24 -23.42
C LYS J 800 38.06 47.23 -22.67
N CYS J 801 36.90 47.68 -22.20
CA CYS J 801 36.00 46.85 -21.41
C CYS J 801 35.21 45.85 -22.26
N PRO J 802 35.26 44.56 -21.90
CA PRO J 802 34.48 43.51 -22.57
C PRO J 802 32.97 43.72 -22.40
N PHE J 803 32.17 42.90 -23.08
CA PHE J 803 30.71 43.06 -23.07
C PHE J 803 30.06 42.54 -21.79
N HIS J 804 30.50 41.37 -21.31
CA HIS J 804 29.91 40.74 -20.12
C HIS J 804 30.27 41.43 -18.83
N ILE J 805 31.48 42.00 -18.76
CA ILE J 805 31.93 42.78 -17.61
C ILE J 805 31.18 44.12 -17.54
N ARG J 806 30.86 44.68 -18.71
CA ARG J 806 30.06 45.89 -18.82
C ARG J 806 28.63 45.67 -18.31
N GLY J 807 28.13 44.44 -18.49
CA GLY J 807 26.82 44.05 -17.98
C GLY J 807 26.77 43.97 -16.47
N ILE J 808 27.90 43.59 -15.86
CA ILE J 808 28.02 43.53 -14.40
C ILE J 808 28.11 44.94 -13.81
N LEU J 809 28.60 45.90 -14.60
CA LEU J 809 28.69 47.29 -14.18
C LEU J 809 27.33 48.00 -14.14
N THR J 810 26.36 47.46 -14.88
CA THR J 810 24.99 47.94 -14.85
C THR J 810 24.27 47.38 -13.62
N TYR J 811 24.70 46.18 -13.21
CA TYR J 811 24.16 45.47 -12.04
C TYR J 811 24.48 46.20 -10.74
N ASN J 812 25.55 46.99 -10.76
CA ASN J 812 25.97 47.78 -9.60
C ASN J 812 24.99 48.91 -9.26
N ARG J 813 24.57 49.67 -10.28
CA ARG J 813 23.63 50.78 -10.10
C ARG J 813 22.17 50.37 -10.21
N ALA J 814 21.93 49.08 -10.50
CA ALA J 814 20.58 48.54 -10.55
C ALA J 814 19.98 48.37 -9.15
N ILE J 815 20.85 48.15 -8.17
CA ILE J 815 20.45 47.99 -6.77
C ILE J 815 21.01 49.10 -5.88
N LYS J 816 20.16 50.07 -5.55
CA LYS J 816 20.52 51.16 -4.64
C LYS J 816 19.27 51.66 -3.90
N GLY J 817 19.39 51.80 -2.58
CA GLY J 817 18.28 52.23 -1.74
C GLY J 817 17.61 51.07 -1.01
N ASN J 818 17.69 49.89 -1.61
CA ASN J 818 17.10 48.67 -1.04
C ASN J 818 17.92 48.11 0.14
N ILE J 819 17.41 47.04 0.75
CA ILE J 819 18.03 46.45 1.94
C ILE J 819 19.18 45.49 1.59
N ASP J 820 18.86 44.37 0.94
CA ASP J 820 19.86 43.35 0.59
C ASP J 820 19.58 42.71 -0.76
N ALA J 821 20.65 42.44 -1.51
CA ALA J 821 20.57 41.81 -2.83
C ALA J 821 21.84 40.98 -3.11
N PRO J 822 21.70 39.88 -3.89
CA PRO J 822 22.83 39.03 -4.29
C PRO J 822 23.99 39.79 -4.94
N GLN J 823 25.20 39.25 -4.78
CA GLN J 823 26.43 39.86 -5.30
C GLN J 823 27.06 38.99 -6.38
N VAL J 824 27.77 39.64 -7.30
CA VAL J 824 28.51 38.94 -8.36
C VAL J 824 29.89 38.53 -7.83
N VAL J 825 30.19 37.23 -7.90
CA VAL J 825 31.46 36.69 -7.43
C VAL J 825 32.58 36.98 -8.44
N GLU J 826 33.67 37.57 -7.96
CA GLU J 826 34.81 37.94 -8.80
C GLU J 826 35.65 36.71 -9.14
N GLY J 827 35.17 35.95 -10.14
CA GLY J 827 35.84 34.74 -10.58
C GLY J 827 34.92 33.71 -11.21
N GLU J 828 33.67 33.66 -10.73
CA GLU J 828 32.69 32.68 -11.21
C GLU J 828 31.84 33.23 -12.37
N LYS J 829 31.11 32.34 -13.03
CA LYS J 829 30.36 32.68 -14.25
C LYS J 829 29.13 33.56 -14.02
N VAL J 830 28.68 34.23 -15.08
CA VAL J 830 27.51 35.14 -15.03
C VAL J 830 26.62 35.02 -16.28
N TYR J 831 25.32 35.24 -16.10
CA TYR J 831 24.37 35.29 -17.21
C TYR J 831 24.40 36.66 -17.89
N VAL J 832 23.99 36.69 -19.16
CA VAL J 832 24.03 37.91 -19.97
C VAL J 832 22.70 38.17 -20.70
N LEU J 833 22.11 39.35 -20.47
CA LEU J 833 20.89 39.76 -21.19
C LEU J 833 20.92 41.22 -21.65
N PRO J 834 20.50 41.50 -22.90
CA PRO J 834 20.54 42.84 -23.47
C PRO J 834 19.29 43.70 -23.19
N LEU J 835 19.48 45.02 -23.25
CA LEU J 835 18.42 46.00 -22.99
C LEU J 835 18.31 47.00 -24.14
N ARG J 836 17.14 47.63 -24.26
CA ARG J 836 16.93 48.73 -25.21
C ARG J 836 17.40 50.06 -24.64
N GLU J 837 16.95 51.17 -25.23
CA GLU J 837 17.25 52.51 -24.74
C GLU J 837 16.00 53.20 -24.20
N GLY J 838 16.21 54.12 -23.26
CA GLY J 838 15.11 54.80 -22.56
C GLY J 838 14.82 54.14 -21.22
N ASN J 839 15.54 53.05 -20.95
CA ASN J 839 15.40 52.27 -19.73
C ASN J 839 15.99 52.96 -18.49
N PRO J 840 15.51 52.59 -17.28
CA PRO J 840 16.02 53.18 -16.03
C PRO J 840 17.49 52.87 -15.75
N PHE J 841 18.01 51.78 -16.30
CA PHE J 841 19.41 51.37 -16.10
C PHE J 841 20.37 52.34 -16.79
N GLY J 842 20.23 52.46 -18.12
CA GLY J 842 21.06 53.35 -18.91
C GLY J 842 21.92 52.65 -19.95
N ASP J 843 22.32 51.42 -19.66
CA ASP J 843 23.20 50.65 -20.54
C ASP J 843 22.49 49.69 -21.51
N LYS J 844 23.26 49.16 -22.45
CA LYS J 844 22.76 48.24 -23.46
C LYS J 844 22.69 46.77 -22.99
N CYS J 845 23.27 46.50 -21.81
CA CYS J 845 23.30 45.13 -21.27
C CYS J 845 23.36 45.09 -19.74
N ILE J 846 22.82 44.02 -19.17
CA ILE J 846 22.87 43.77 -17.73
C ILE J 846 23.18 42.30 -17.44
N ALA J 847 24.06 42.06 -16.47
CA ALA J 847 24.51 40.71 -16.13
C ALA J 847 24.32 40.38 -14.65
N TRP J 848 23.93 39.15 -14.37
CA TRP J 848 23.72 38.68 -12.99
C TRP J 848 24.35 37.32 -12.77
N PRO J 849 24.60 36.94 -11.50
CA PRO J 849 25.26 35.66 -11.18
C PRO J 849 24.50 34.45 -11.70
N SER J 850 25.23 33.50 -12.29
CA SER J 850 24.63 32.30 -12.86
C SER J 850 24.30 31.25 -11.81
N GLY J 851 23.17 30.57 -12.01
CA GLY J 851 22.69 29.55 -11.08
C GLY J 851 21.21 29.67 -10.78
N THR J 852 20.80 30.85 -10.33
CA THR J 852 19.40 31.11 -9.97
C THR J 852 18.81 32.31 -10.73
N GLU J 853 17.95 33.07 -10.05
CA GLU J 853 17.23 34.19 -10.64
C GLU J 853 17.80 35.52 -10.15
N ILE J 854 17.46 36.61 -10.86
CA ILE J 854 17.82 37.95 -10.45
C ILE J 854 16.89 38.38 -9.30
N THR J 855 17.31 39.40 -8.54
CA THR J 855 16.52 39.93 -7.43
C THR J 855 15.17 40.44 -7.94
N ASP J 856 14.09 39.92 -7.36
CA ASP J 856 12.72 40.19 -7.83
C ASP J 856 12.26 41.65 -7.74
N LEU J 857 13.03 42.47 -7.04
CA LEU J 857 12.78 43.92 -6.98
C LEU J 857 13.27 44.62 -8.24
N ILE J 858 14.15 43.96 -8.99
CA ILE J 858 14.69 44.49 -10.25
C ILE J 858 14.49 43.51 -11.42
N LYS J 859 14.18 42.26 -11.11
CA LYS J 859 13.93 41.21 -12.10
C LYS J 859 12.59 41.44 -12.83
N ASP J 860 11.59 41.91 -12.08
CA ASP J 860 10.26 42.18 -12.62
C ASP J 860 10.24 43.36 -13.60
N ASP J 861 11.32 44.14 -13.60
CA ASP J 861 11.46 45.28 -14.50
C ASP J 861 12.39 44.98 -15.68
N VAL J 862 13.23 43.95 -15.53
CA VAL J 862 14.14 43.51 -16.60
C VAL J 862 13.37 42.88 -17.78
N LEU J 863 12.33 42.11 -17.45
CA LEU J 863 11.53 41.39 -18.45
C LEU J 863 10.63 42.30 -19.31
N HIS J 864 10.80 43.62 -19.18
CA HIS J 864 9.93 44.58 -19.86
C HIS J 864 10.64 45.39 -20.91
N TRP J 865 11.90 45.75 -20.64
CA TRP J 865 12.70 46.58 -21.55
C TRP J 865 13.60 45.79 -22.48
N MET J 866 13.58 44.46 -22.33
CA MET J 866 14.38 43.56 -23.17
C MET J 866 13.99 43.65 -24.65
N ASP J 867 14.98 43.57 -25.53
CA ASP J 867 14.74 43.54 -26.97
C ASP J 867 14.89 42.13 -27.51
N TYR J 868 13.84 41.67 -28.20
CA TYR J 868 13.80 40.32 -28.76
C TYR J 868 14.66 40.21 -30.01
N THR J 869 14.59 41.23 -30.87
CA THR J 869 15.28 41.23 -32.15
C THR J 869 16.80 41.12 -31.97
N VAL J 870 17.35 41.95 -31.09
CA VAL J 870 18.79 41.98 -30.83
C VAL J 870 19.27 40.68 -30.19
N LEU J 871 18.46 40.15 -29.28
CA LEU J 871 18.78 38.90 -28.58
C LEU J 871 18.75 37.68 -29.49
N LEU J 872 17.80 37.65 -30.41
CA LEU J 872 17.69 36.56 -31.39
C LEU J 872 18.83 36.61 -32.42
N GLU J 873 19.20 37.82 -32.85
CA GLU J 873 20.30 38.02 -33.79
C GLU J 873 21.65 37.59 -33.22
N LYS J 874 21.91 38.00 -31.97
CA LYS J 874 23.17 37.69 -31.29
C LYS J 874 23.33 36.20 -31.03
N THR J 875 22.36 35.62 -30.33
CA THR J 875 22.47 34.24 -29.85
C THR J 875 22.16 33.19 -30.92
N PHE J 876 21.08 33.39 -31.68
CA PHE J 876 20.57 32.37 -32.59
C PHE J 876 20.94 32.57 -34.06
N ILE J 877 20.66 33.75 -34.60
CA ILE J 877 20.73 34.00 -36.06
C ILE J 877 22.14 33.95 -36.65
N LYS J 878 23.07 34.73 -36.10
CA LYS J 878 24.43 34.78 -36.65
C LYS J 878 25.23 33.49 -36.50
N PRO J 879 25.09 32.78 -35.35
CA PRO J 879 25.68 31.44 -35.28
C PRO J 879 25.16 30.52 -36.38
N LEU J 880 23.83 30.55 -36.60
CA LEU J 880 23.19 29.79 -37.66
C LEU J 880 23.65 30.25 -39.05
N GLU J 881 23.87 31.56 -39.20
CA GLU J 881 24.43 32.13 -40.42
C GLU J 881 25.83 31.53 -40.69
N GLY J 882 26.60 31.36 -39.62
CA GLY J 882 27.88 30.66 -39.67
C GLY J 882 27.74 29.24 -40.20
N PHE J 883 26.73 28.52 -39.72
CA PHE J 883 26.48 27.14 -40.17
C PHE J 883 26.07 27.10 -41.64
N THR J 884 25.09 27.94 -41.99
CA THR J 884 24.42 27.86 -43.29
C THR J 884 25.26 28.35 -44.47
N SER J 885 26.09 29.37 -44.23
CA SER J 885 27.00 29.88 -45.26
C SER J 885 28.10 28.86 -45.53
N ALA J 886 28.55 28.19 -44.47
CA ALA J 886 29.54 27.13 -44.59
C ALA J 886 28.96 25.94 -45.36
N ALA J 887 27.69 25.63 -45.09
CA ALA J 887 27.03 24.47 -45.69
C ALA J 887 26.38 24.79 -47.03
N LYS J 888 26.51 26.05 -47.46
CA LYS J 888 25.90 26.54 -48.71
C LYS J 888 24.39 26.31 -48.77
N LEU J 889 23.73 26.55 -47.63
CA LEU J 889 22.28 26.40 -47.49
C LEU J 889 21.65 27.73 -47.13
N ASP J 890 20.35 27.85 -47.37
CA ASP J 890 19.60 29.06 -47.01
C ASP J 890 18.59 28.78 -45.91
N TYR J 891 18.78 29.40 -44.75
CA TYR J 891 17.82 29.29 -43.65
C TYR J 891 16.58 30.15 -43.90
N GLU J 892 16.74 31.15 -44.77
CA GLU J 892 15.67 32.05 -45.15
C GLU J 892 15.50 31.98 -46.66
N LYS J 893 14.34 31.53 -47.12
CA LYS J 893 14.06 31.40 -48.55
C LYS J 893 14.10 32.76 -49.23
N LYS J 894 14.90 32.84 -50.30
CA LYS J 894 15.07 34.08 -51.05
C LYS J 894 14.97 33.85 -52.56
N ALA J 895 14.52 34.86 -53.29
CA ALA J 895 14.22 34.75 -54.71
C ALA J 895 15.46 34.58 -55.59
N SER J 896 15.82 33.31 -55.82
CA SER J 896 16.99 32.90 -56.64
C SER J 896 18.02 34.00 -56.83
N LEU J 897 18.75 34.30 -55.75
CA LEU J 897 19.68 35.43 -55.74
C LEU J 897 21.11 34.99 -55.49
N PHE J 898 22.05 35.75 -56.06
CA PHE J 898 23.48 35.46 -55.98
C PHE J 898 24.10 36.16 -54.76
N ASP J 899 23.59 35.85 -53.57
CA ASP J 899 24.07 36.48 -52.34
C ASP J 899 25.25 35.75 -51.68
N MET J 900 25.63 34.61 -52.26
CA MET J 900 26.77 33.85 -51.76
C MET J 900 28.09 34.54 -52.12
N PHE J 901 28.07 35.32 -53.19
CA PHE J 901 29.25 36.06 -53.64
C PHE J 901 29.46 37.31 -52.80
N MET K 1 -31.50 2.08 -50.16
CA MET K 1 -30.66 1.56 -49.03
C MET K 1 -29.27 2.20 -49.02
N LYS K 2 -28.52 1.92 -47.95
CA LYS K 2 -27.21 2.54 -47.75
C LYS K 2 -26.09 1.72 -48.41
N GLU K 3 -25.10 2.42 -48.96
CA GLU K 3 -24.02 1.79 -49.72
C GLU K 3 -22.97 1.11 -48.84
N PHE K 4 -22.44 -0.01 -49.32
CA PHE K 4 -21.39 -0.74 -48.61
C PHE K 4 -20.36 -1.36 -49.56
N TYR K 5 -19.13 -1.55 -49.09
CA TYR K 5 -18.05 -2.11 -49.89
C TYR K 5 -18.12 -3.63 -49.97
N LEU K 6 -17.40 -4.19 -50.94
CA LEU K 6 -17.32 -5.63 -51.13
C LEU K 6 -15.89 -6.10 -50.96
N THR K 7 -15.00 -5.59 -51.79
CA THR K 7 -13.57 -5.81 -51.63
C THR K 7 -12.83 -4.50 -51.89
N VAL K 8 -11.73 -4.29 -51.16
CA VAL K 8 -10.88 -3.12 -51.38
C VAL K 8 -9.45 -3.59 -51.68
N GLU K 9 -8.77 -2.87 -52.56
CA GLU K 9 -7.46 -3.29 -53.01
C GLU K 9 -6.54 -2.12 -53.29
N GLN K 10 -5.26 -2.27 -52.95
CA GLN K 10 -4.27 -1.24 -53.26
C GLN K 10 -3.27 -1.72 -54.30
N ILE K 11 -3.27 -1.04 -55.45
CA ILE K 11 -2.28 -1.28 -56.51
C ILE K 11 -1.65 0.05 -56.92
N GLY K 12 -0.37 0.21 -56.60
CA GLY K 12 0.36 1.45 -56.87
C GLY K 12 -0.22 2.61 -56.10
N ASP K 13 -0.69 3.62 -56.84
CA ASP K 13 -1.25 4.83 -56.24
C ASP K 13 -2.78 4.82 -56.29
N SER K 14 -3.34 3.66 -56.65
CA SER K 14 -4.77 3.52 -56.79
C SER K 14 -5.37 2.56 -55.76
N ILE K 15 -6.56 2.89 -55.27
CA ILE K 15 -7.42 1.92 -54.60
C ILE K 15 -8.43 1.41 -55.63
N PHE K 16 -8.46 0.09 -55.82
CA PHE K 16 -9.51 -0.55 -56.60
C PHE K 16 -10.55 -1.08 -55.64
N GLU K 17 -11.77 -0.52 -55.71
CA GLU K 17 -12.83 -0.92 -54.80
C GLU K 17 -14.06 -1.46 -55.54
N ARG K 18 -14.56 -2.60 -55.07
CA ARG K 18 -15.84 -3.14 -55.54
C ARG K 18 -16.88 -2.88 -54.47
N TYR K 19 -18.05 -2.39 -54.88
CA TYR K 19 -19.06 -1.96 -53.92
C TYR K 19 -20.48 -2.04 -54.46
N ILE K 20 -21.44 -2.00 -53.53
CA ILE K 20 -22.86 -1.94 -53.86
C ILE K 20 -23.36 -0.52 -53.61
N ASP K 21 -23.92 0.11 -54.65
CA ASP K 21 -24.35 1.51 -54.53
C ASP K 21 -25.69 1.70 -53.83
N SER K 22 -26.22 2.92 -53.89
CA SER K 22 -27.48 3.25 -53.23
C SER K 22 -28.70 2.65 -53.94
N ASN K 23 -28.51 2.23 -55.19
CA ASN K 23 -29.55 1.51 -55.95
C ASN K 23 -29.52 0.01 -55.71
N GLY K 24 -28.33 -0.53 -55.45
CA GLY K 24 -28.17 -1.96 -55.20
C GLY K 24 -27.35 -2.69 -56.25
N ARG K 25 -26.87 -1.94 -57.25
CA ARG K 25 -26.05 -2.50 -58.33
C ARG K 25 -24.61 -2.67 -57.87
N GLU K 26 -23.93 -3.68 -58.41
CA GLU K 26 -22.51 -3.89 -58.15
C GLU K 26 -21.67 -3.04 -59.12
N ARG K 27 -20.84 -2.17 -58.55
CA ARG K 27 -19.98 -1.30 -59.35
C ARG K 27 -18.50 -1.40 -58.94
N THR K 28 -17.64 -0.69 -59.67
CA THR K 28 -16.20 -0.71 -59.45
C THR K 28 -15.60 0.69 -59.62
N ARG K 29 -14.73 1.07 -58.69
CA ARG K 29 -14.06 2.37 -58.72
C ARG K 29 -12.55 2.19 -58.87
N GLU K 30 -11.88 3.26 -59.29
CA GLU K 30 -10.45 3.38 -59.13
C GLU K 30 -10.17 4.77 -58.60
N VAL K 31 -9.79 4.84 -57.32
CA VAL K 31 -9.59 6.12 -56.65
C VAL K 31 -8.12 6.35 -56.38
N GLU K 32 -7.63 7.52 -56.79
CA GLU K 32 -6.30 7.98 -56.41
C GLU K 32 -6.43 8.58 -55.03
N TYR K 33 -6.47 7.71 -54.02
CA TYR K 33 -6.70 8.11 -52.64
C TYR K 33 -5.58 9.00 -52.11
N LYS K 34 -5.96 10.15 -51.55
CA LYS K 34 -5.01 11.06 -50.90
C LYS K 34 -4.97 10.77 -49.40
N PRO K 35 -3.91 10.06 -48.95
CA PRO K 35 -3.84 9.68 -47.54
C PRO K 35 -3.29 10.78 -46.65
N SER K 36 -3.69 10.76 -45.37
CA SER K 36 -3.18 11.69 -44.38
C SER K 36 -2.48 10.93 -43.26
N LEU K 37 -1.34 11.46 -42.83
CA LEU K 37 -0.63 10.95 -41.67
C LEU K 37 -0.31 12.10 -40.73
N PHE K 38 0.29 11.79 -39.59
CA PHE K 38 0.49 12.81 -38.55
C PHE K 38 1.92 12.82 -38.01
N ALA K 39 2.32 13.97 -37.50
CA ALA K 39 3.61 14.13 -36.83
C ALA K 39 3.45 15.01 -35.59
N HIS K 40 4.33 14.81 -34.60
CA HIS K 40 4.31 15.62 -33.38
C HIS K 40 4.67 17.05 -33.68
N CYS K 41 3.92 17.96 -33.07
CA CYS K 41 4.11 19.40 -33.27
C CYS K 41 4.17 20.14 -31.94
N PRO K 42 4.76 21.36 -31.92
CA PRO K 42 4.81 22.14 -30.68
C PRO K 42 3.43 22.63 -30.23
N GLU K 43 3.33 23.03 -28.97
CA GLU K 43 2.11 23.56 -28.36
C GLU K 43 1.44 24.67 -29.19
N SER K 44 2.24 25.57 -29.73
CA SER K 44 1.77 26.72 -30.51
C SER K 44 0.98 26.35 -31.76
N GLN K 45 1.44 25.32 -32.47
CA GLN K 45 0.77 24.86 -33.68
C GLN K 45 -0.48 24.07 -33.35
N ALA K 46 -1.52 24.81 -32.95
CA ALA K 46 -2.79 24.23 -32.52
C ALA K 46 -3.48 23.44 -33.64
N THR K 47 -4.15 22.37 -33.25
CA THR K 47 -4.95 21.55 -34.17
C THR K 47 -6.14 20.98 -33.42
N LYS K 48 -7.03 20.31 -34.14
CA LYS K 48 -8.08 19.52 -33.51
C LYS K 48 -7.61 18.07 -33.32
N TYR K 49 -6.36 17.80 -33.69
CA TYR K 49 -5.79 16.45 -33.61
C TYR K 49 -4.85 16.28 -32.42
N PHE K 50 -5.07 15.20 -31.68
CA PHE K 50 -4.25 14.83 -30.54
C PHE K 50 -4.05 13.33 -30.54
N ASP K 51 -2.91 12.87 -30.05
CA ASP K 51 -2.67 11.43 -29.92
C ASP K 51 -3.28 10.87 -28.63
N ILE K 52 -3.11 9.56 -28.41
CA ILE K 52 -3.69 8.92 -27.22
C ILE K 52 -3.06 9.40 -25.92
N TYR K 53 -1.85 9.96 -26.02
CA TYR K 53 -1.13 10.47 -24.85
C TYR K 53 -1.49 11.91 -24.50
N GLY K 54 -2.26 12.57 -25.37
CA GLY K 54 -2.70 13.95 -25.12
C GLY K 54 -1.85 15.01 -25.80
N LYS K 55 -0.79 14.56 -26.48
CA LYS K 55 0.12 15.45 -27.20
C LYS K 55 -0.45 15.86 -28.55
N PRO K 56 -0.28 17.15 -28.92
CA PRO K 56 -0.80 17.66 -30.20
C PRO K 56 -0.06 17.14 -31.43
N CYS K 57 -0.82 16.88 -32.49
CA CYS K 57 -0.26 16.40 -33.75
C CYS K 57 -0.63 17.31 -34.91
N THR K 58 0.24 17.35 -35.92
CA THR K 58 -0.07 18.09 -37.15
C THR K 58 -0.34 17.12 -38.30
N ARG K 59 -1.43 17.38 -39.01
CA ARG K 59 -1.90 16.51 -40.09
C ARG K 59 -1.18 16.84 -41.40
N LYS K 60 -0.64 15.82 -42.05
CA LYS K 60 0.07 15.99 -43.30
C LYS K 60 -0.60 15.18 -44.41
N LEU K 61 -1.13 15.89 -45.39
CA LEU K 61 -1.77 15.26 -46.54
C LEU K 61 -0.75 15.01 -47.65
N PHE K 62 -0.94 13.92 -48.39
CA PHE K 62 -0.03 13.58 -49.47
C PHE K 62 -0.70 13.63 -50.84
N ALA K 63 0.11 13.81 -51.89
CA ALA K 63 -0.37 13.81 -53.26
C ALA K 63 -0.77 12.40 -53.73
N ASN K 64 -0.14 11.39 -53.13
CA ASN K 64 -0.46 9.99 -53.43
C ASN K 64 -0.06 9.06 -52.29
N MET K 65 -0.23 7.75 -52.49
CA MET K 65 0.08 6.76 -51.44
C MET K 65 1.55 6.38 -51.39
N ARG K 66 2.23 6.40 -52.54
CA ARG K 66 3.68 6.16 -52.59
C ARG K 66 4.43 7.19 -51.74
N ASP K 67 4.05 8.45 -51.89
CA ASP K 67 4.65 9.55 -51.12
C ASP K 67 4.47 9.36 -49.62
N ALA K 68 3.28 8.93 -49.22
CA ALA K 68 2.98 8.68 -47.81
C ALA K 68 3.80 7.51 -47.26
N SER K 69 3.91 6.46 -48.07
CA SER K 69 4.67 5.26 -47.71
C SER K 69 6.16 5.55 -47.58
N GLN K 70 6.69 6.39 -48.46
CA GLN K 70 8.11 6.75 -48.45
C GLN K 70 8.42 7.72 -47.31
N TRP K 71 7.41 8.49 -46.90
CA TRP K 71 7.51 9.40 -45.78
C TRP K 71 7.65 8.65 -44.49
N ILE K 72 6.94 7.52 -44.39
CA ILE K 72 7.00 6.67 -43.21
C ILE K 72 8.41 6.12 -42.99
N LYS K 73 8.99 5.51 -44.03
CA LYS K 73 10.24 4.75 -43.87
C LYS K 73 11.49 5.61 -43.74
N ARG K 74 11.34 6.92 -43.91
CA ARG K 74 12.43 7.85 -43.59
C ARG K 74 12.14 8.64 -42.30
N MET K 75 10.89 8.66 -41.87
CA MET K 75 10.55 9.16 -40.53
C MET K 75 11.05 8.16 -39.50
N GLU K 76 10.94 6.88 -39.84
CA GLU K 76 11.44 5.80 -39.00
C GLU K 76 12.96 5.71 -39.05
N ASP K 77 13.53 6.09 -40.19
CA ASP K 77 14.96 6.05 -40.39
C ASP K 77 15.67 7.04 -39.46
N ILE K 78 15.02 8.18 -39.24
CA ILE K 78 15.46 9.18 -38.28
C ILE K 78 15.12 8.76 -36.84
N GLY K 79 13.99 8.07 -36.70
CA GLY K 79 13.49 7.69 -35.39
C GLY K 79 12.50 8.69 -34.83
N LEU K 80 11.80 9.38 -35.74
CA LEU K 80 10.72 10.29 -35.36
C LEU K 80 9.38 9.61 -35.64
N GLU K 81 8.47 9.70 -34.67
CA GLU K 81 7.21 8.98 -34.73
C GLU K 81 6.32 9.41 -35.89
N ALA K 82 5.90 8.42 -36.69
CA ALA K 82 5.00 8.64 -37.81
C ALA K 82 3.63 8.08 -37.44
N LEU K 83 2.75 8.96 -36.95
CA LEU K 83 1.46 8.55 -36.45
C LEU K 83 0.41 8.45 -37.55
N GLY K 84 -0.67 7.73 -37.26
CA GLY K 84 -1.76 7.55 -38.22
C GLY K 84 -1.84 6.13 -38.76
N MET K 85 -2.93 5.83 -39.46
CA MET K 85 -3.15 4.51 -40.03
C MET K 85 -2.25 4.29 -41.25
N ASP K 86 -1.25 3.43 -41.10
CA ASP K 86 -0.28 3.14 -42.15
C ASP K 86 -0.85 2.27 -43.28
N ASP K 87 -1.77 1.36 -42.94
CA ASP K 87 -2.51 0.61 -43.95
C ASP K 87 -3.60 1.49 -44.55
N PHE K 88 -3.38 1.96 -45.78
CA PHE K 88 -4.25 2.96 -46.41
C PHE K 88 -5.59 2.41 -46.85
N LYS K 89 -5.67 1.10 -47.05
CA LYS K 89 -6.93 0.43 -47.37
C LYS K 89 -7.96 0.65 -46.26
N LEU K 90 -7.51 0.51 -45.02
CA LEU K 90 -8.38 0.71 -43.86
C LEU K 90 -8.76 2.17 -43.69
N ALA K 91 -7.82 3.08 -43.93
CA ALA K 91 -8.09 4.51 -43.86
C ALA K 91 -9.05 4.93 -44.96
N TYR K 92 -8.97 4.27 -46.11
CA TYR K 92 -9.89 4.51 -47.20
C TYR K 92 -11.31 4.07 -46.84
N LEU K 93 -11.43 2.88 -46.25
CA LEU K 93 -12.74 2.36 -45.85
C LEU K 93 -13.37 3.22 -44.76
N SER K 94 -12.53 3.71 -43.86
CA SER K 94 -12.98 4.57 -42.78
C SER K 94 -13.52 5.91 -43.28
N ASP K 95 -12.92 6.43 -44.35
CA ASP K 95 -13.32 7.72 -44.92
C ASP K 95 -14.56 7.60 -45.80
N THR K 96 -14.63 6.52 -46.57
CA THR K 96 -15.73 6.30 -47.51
C THR K 96 -17.00 5.86 -46.77
N TYR K 97 -16.82 5.12 -45.68
CA TYR K 97 -17.93 4.61 -44.90
C TYR K 97 -17.81 5.08 -43.45
N ASN K 98 -18.12 6.36 -43.25
CA ASN K 98 -18.04 7.00 -41.94
C ASN K 98 -19.31 6.78 -41.11
N TYR K 99 -19.87 5.57 -41.20
CA TYR K 99 -21.08 5.20 -40.49
C TYR K 99 -21.12 3.70 -40.22
N GLU K 100 -21.98 3.29 -39.29
CA GLU K 100 -22.23 1.88 -39.02
C GLU K 100 -22.79 1.21 -40.28
N ILE K 101 -22.08 0.19 -40.77
CA ILE K 101 -22.45 -0.47 -42.02
C ILE K 101 -23.58 -1.48 -41.84
N LYS K 102 -24.60 -1.34 -42.68
CA LYS K 102 -25.68 -2.31 -42.78
C LYS K 102 -25.58 -2.95 -44.16
N TYR K 103 -25.36 -4.27 -44.18
CA TYR K 103 -25.13 -4.98 -45.44
C TYR K 103 -26.26 -5.94 -45.76
N ASP K 104 -26.37 -6.27 -47.04
CA ASP K 104 -27.36 -7.23 -47.53
C ASP K 104 -26.63 -8.37 -48.23
N HIS K 105 -26.75 -9.59 -47.69
CA HIS K 105 -26.02 -10.74 -48.21
C HIS K 105 -26.53 -11.19 -49.55
N THR K 106 -27.81 -10.89 -49.82
CA THR K 106 -28.47 -11.29 -51.07
C THR K 106 -27.84 -10.64 -52.30
N LYS K 107 -27.02 -9.62 -52.05
CA LYS K 107 -26.33 -8.90 -53.11
C LYS K 107 -24.82 -9.15 -53.08
N ILE K 108 -24.35 -9.78 -52.01
CA ILE K 108 -22.97 -10.22 -51.94
C ILE K 108 -22.86 -11.56 -52.67
N ARG K 109 -22.09 -11.58 -53.74
CA ARG K 109 -21.90 -12.79 -54.54
C ARG K 109 -20.90 -13.70 -53.89
N VAL K 110 -21.40 -14.81 -53.36
CA VAL K 110 -20.59 -15.80 -52.69
C VAL K 110 -20.56 -17.03 -53.58
N ALA K 111 -19.35 -17.47 -53.93
CA ALA K 111 -19.20 -18.65 -54.76
C ALA K 111 -18.34 -19.69 -54.06
N ASN K 112 -18.73 -20.95 -54.20
CA ASN K 112 -17.83 -22.06 -53.85
C ASN K 112 -17.81 -23.10 -54.94
N PHE K 113 -16.61 -23.51 -55.31
CA PHE K 113 -16.41 -24.37 -56.46
C PHE K 113 -15.51 -25.56 -56.15
N ASP K 114 -15.42 -26.49 -57.10
CA ASP K 114 -14.62 -27.71 -56.94
C ASP K 114 -14.15 -28.22 -58.30
N ILE K 115 -12.92 -28.72 -58.31
CA ILE K 115 -12.23 -29.14 -59.53
C ILE K 115 -11.94 -30.63 -59.48
N GLU K 116 -12.05 -31.29 -60.64
CA GLU K 116 -11.63 -32.68 -60.74
C GLU K 116 -10.54 -32.82 -61.81
N VAL K 117 -9.50 -33.55 -61.46
CA VAL K 117 -8.35 -33.74 -62.34
C VAL K 117 -7.93 -35.21 -62.32
N THR K 118 -8.08 -35.90 -63.45
CA THR K 118 -7.61 -37.27 -63.59
C THR K 118 -6.08 -37.24 -63.72
N SER K 119 -5.42 -38.13 -62.97
CA SER K 119 -3.97 -38.14 -62.89
C SER K 119 -3.42 -39.54 -62.64
N PRO K 120 -2.70 -40.10 -63.63
CA PRO K 120 -2.01 -41.38 -63.43
C PRO K 120 -0.64 -41.21 -62.76
N ASP K 121 -0.15 -39.97 -62.71
CA ASP K 121 1.15 -39.66 -62.10
C ASP K 121 1.10 -39.72 -60.57
N GLY K 122 -0.09 -39.54 -60.01
CA GLY K 122 -0.27 -39.46 -58.57
C GLY K 122 -1.13 -38.26 -58.25
N PHE K 123 -0.70 -37.43 -57.30
CA PHE K 123 -1.40 -36.20 -56.98
C PHE K 123 -0.97 -35.09 -57.94
N PRO K 124 -1.96 -34.39 -58.55
CA PRO K 124 -1.63 -33.35 -59.53
C PRO K 124 -1.20 -32.04 -58.88
N GLU K 125 0.10 -31.77 -58.90
CA GLU K 125 0.66 -30.56 -58.30
C GLU K 125 0.22 -29.28 -59.02
N PRO K 126 -0.42 -28.35 -58.28
CA PRO K 126 -1.00 -27.13 -58.83
C PRO K 126 0.05 -26.19 -59.42
N SER K 127 1.26 -26.25 -58.87
CA SER K 127 2.39 -25.45 -59.36
C SER K 127 2.84 -25.92 -60.74
N GLN K 128 2.74 -27.22 -61.00
CA GLN K 128 3.04 -27.79 -62.32
C GLN K 128 1.80 -27.73 -63.24
N ALA K 129 0.68 -28.21 -62.71
CA ALA K 129 -0.59 -28.30 -63.44
C ALA K 129 -0.47 -28.89 -64.85
N LYS K 130 0.09 -30.11 -64.92
CA LYS K 130 0.33 -30.76 -66.20
C LYS K 130 -0.71 -31.82 -66.58
N HIS K 131 -1.91 -31.71 -66.02
CA HIS K 131 -3.03 -32.55 -66.44
C HIS K 131 -4.27 -31.71 -66.64
N PRO K 132 -5.10 -32.08 -67.64
CA PRO K 132 -6.34 -31.35 -67.93
C PRO K 132 -7.37 -31.39 -66.80
N ILE K 133 -8.00 -30.25 -66.56
CA ILE K 133 -9.13 -30.15 -65.64
C ILE K 133 -10.35 -30.69 -66.38
N ASP K 134 -10.91 -31.79 -65.89
CA ASP K 134 -12.02 -32.43 -66.61
C ASP K 134 -13.39 -32.32 -65.93
N ALA K 135 -13.48 -31.51 -64.88
CA ALA K 135 -14.77 -31.21 -64.24
C ALA K 135 -14.68 -29.98 -63.35
N ILE K 136 -15.73 -29.15 -63.40
CA ILE K 136 -15.86 -27.99 -62.51
C ILE K 136 -17.33 -27.84 -62.07
N THR K 137 -17.54 -27.69 -60.78
CA THR K 137 -18.86 -27.33 -60.25
C THR K 137 -18.74 -26.01 -59.50
N HIS K 138 -19.57 -25.04 -59.89
CA HIS K 138 -19.49 -23.68 -59.37
C HIS K 138 -20.84 -23.21 -58.91
N TYR K 139 -21.03 -23.13 -57.61
CA TYR K 139 -22.28 -22.63 -57.06
C TYR K 139 -22.27 -21.11 -56.87
N ASP K 140 -23.34 -20.45 -57.30
CA ASP K 140 -23.45 -18.99 -57.19
C ASP K 140 -24.59 -18.62 -56.25
N SER K 141 -24.26 -17.89 -55.18
CA SER K 141 -25.25 -17.54 -54.16
C SER K 141 -26.39 -16.64 -54.67
N ILE K 142 -26.09 -15.74 -55.61
CA ILE K 142 -27.10 -14.80 -56.11
C ILE K 142 -28.13 -15.50 -57.01
N ASP K 143 -27.65 -16.31 -57.95
CA ASP K 143 -28.54 -17.12 -58.80
C ASP K 143 -29.20 -18.24 -58.00
N ASP K 144 -28.48 -18.77 -57.02
CA ASP K 144 -28.88 -19.97 -56.28
C ASP K 144 -28.92 -21.17 -57.23
N ARG K 145 -27.82 -21.34 -57.97
CA ARG K 145 -27.70 -22.36 -59.00
C ARG K 145 -26.32 -23.00 -58.98
N PHE K 146 -26.26 -24.27 -59.37
CA PHE K 146 -25.00 -25.01 -59.49
C PHE K 146 -24.60 -25.05 -60.96
N TYR K 147 -23.41 -24.55 -61.26
CA TYR K 147 -22.92 -24.54 -62.64
C TYR K 147 -21.90 -25.64 -62.88
N VAL K 148 -22.35 -26.70 -63.56
CA VAL K 148 -21.54 -27.88 -63.79
C VAL K 148 -20.94 -27.87 -65.19
N PHE K 149 -19.61 -27.85 -65.24
CA PHE K 149 -18.87 -27.85 -66.50
C PHE K 149 -18.20 -29.21 -66.68
N ASP K 150 -18.62 -29.94 -67.70
CA ASP K 150 -18.17 -31.31 -67.91
C ASP K 150 -17.40 -31.49 -69.23
N LEU K 151 -16.19 -32.04 -69.11
CA LEU K 151 -15.37 -32.37 -70.27
C LEU K 151 -15.69 -33.78 -70.75
N LEU K 152 -15.91 -33.93 -72.05
CA LEU K 152 -16.28 -35.22 -72.62
C LEU K 152 -15.10 -35.93 -73.28
N ASN K 153 -14.22 -35.15 -73.92
CA ASN K 153 -13.06 -35.72 -74.60
C ASN K 153 -11.76 -35.30 -73.93
N SER K 154 -10.97 -36.30 -73.55
CA SER K 154 -9.68 -36.08 -72.89
C SER K 154 -8.70 -37.17 -73.32
N PRO K 155 -7.39 -36.89 -73.27
CA PRO K 155 -6.37 -37.90 -73.56
C PRO K 155 -6.42 -39.08 -72.58
N TYR K 156 -7.22 -38.94 -71.53
CA TYR K 156 -7.46 -40.02 -70.59
C TYR K 156 -8.86 -40.63 -70.77
N GLY K 157 -9.35 -40.59 -72.01
CA GLY K 157 -10.62 -41.22 -72.36
C GLY K 157 -11.70 -40.29 -72.88
N ASN K 158 -12.51 -40.79 -73.79
CA ASN K 158 -13.69 -40.09 -74.27
C ASN K 158 -14.93 -40.66 -73.57
N VAL K 159 -15.70 -39.78 -72.92
CA VAL K 159 -16.87 -40.21 -72.16
C VAL K 159 -18.17 -39.63 -72.72
N GLU K 160 -19.30 -40.25 -72.34
CA GLU K 160 -20.62 -39.77 -72.72
C GLU K 160 -21.09 -38.68 -71.76
N GLU K 161 -22.19 -38.00 -72.12
CA GLU K 161 -22.76 -36.93 -71.29
C GLU K 161 -23.27 -37.45 -69.94
N TRP K 162 -23.44 -36.51 -69.01
CA TRP K 162 -23.98 -36.79 -67.69
C TRP K 162 -25.48 -36.68 -67.73
N SER K 163 -26.15 -37.52 -66.96
CA SER K 163 -27.61 -37.57 -66.95
C SER K 163 -28.20 -37.18 -65.60
N ILE K 164 -29.16 -36.25 -65.63
CA ILE K 164 -29.84 -35.79 -64.42
C ILE K 164 -30.99 -36.72 -64.01
N GLU K 165 -31.43 -37.55 -64.95
CA GLU K 165 -32.45 -38.57 -64.68
C GLU K 165 -31.90 -39.70 -63.82
N ILE K 166 -30.71 -40.17 -64.16
CA ILE K 166 -30.08 -41.32 -63.50
C ILE K 166 -29.51 -40.93 -62.13
N ALA K 167 -28.91 -39.75 -62.06
CA ALA K 167 -28.27 -39.25 -60.84
C ALA K 167 -29.26 -39.00 -59.70
N ALA K 168 -30.46 -38.53 -60.05
CA ALA K 168 -31.51 -38.24 -59.09
C ALA K 168 -32.08 -39.50 -58.42
N LYS K 169 -32.02 -40.62 -59.14
CA LYS K 169 -32.56 -41.90 -58.67
C LYS K 169 -31.78 -42.48 -57.50
N LEU K 170 -32.44 -43.39 -56.77
CA LEU K 170 -31.85 -44.06 -55.61
C LEU K 170 -30.62 -44.90 -55.99
N GLN K 171 -29.72 -45.09 -55.03
CA GLN K 171 -28.45 -45.80 -55.24
C GLN K 171 -28.65 -47.24 -55.71
N GLU K 172 -29.69 -47.89 -55.19
CA GLU K 172 -29.97 -49.30 -55.47
C GLU K 172 -30.37 -49.56 -56.92
N GLN K 173 -30.91 -48.53 -57.56
CA GLN K 173 -31.35 -48.61 -58.95
C GLN K 173 -30.29 -48.08 -59.91
N GLY K 174 -29.04 -48.10 -59.44
CA GLY K 174 -27.91 -47.57 -60.22
C GLY K 174 -27.92 -46.06 -60.30
N GLY K 175 -28.35 -45.42 -59.22
CA GLY K 175 -28.40 -43.96 -59.15
C GLY K 175 -27.22 -43.35 -58.42
N ASP K 176 -27.31 -42.06 -58.14
CA ASP K 176 -26.25 -41.35 -57.42
C ASP K 176 -26.75 -40.67 -56.16
N GLU K 177 -28.07 -40.55 -56.04
CA GLU K 177 -28.74 -39.95 -54.87
C GLU K 177 -28.35 -38.50 -54.61
N VAL K 178 -28.47 -37.68 -55.66
CA VAL K 178 -28.32 -36.24 -55.57
C VAL K 178 -29.64 -35.68 -55.03
N PRO K 179 -29.59 -35.04 -53.84
CA PRO K 179 -30.80 -34.56 -53.14
C PRO K 179 -31.71 -33.72 -54.02
N SER K 180 -33.02 -33.92 -53.86
CA SER K 180 -34.03 -33.26 -54.69
C SER K 180 -34.10 -31.74 -54.53
N GLU K 181 -33.49 -31.23 -53.46
CA GLU K 181 -33.47 -29.78 -53.20
C GLU K 181 -32.61 -29.03 -54.22
N ILE K 182 -31.63 -29.71 -54.81
CA ILE K 182 -30.70 -29.07 -55.75
C ILE K 182 -30.83 -29.56 -57.19
N ILE K 183 -31.70 -30.54 -57.42
CA ILE K 183 -31.96 -31.08 -58.77
C ILE K 183 -32.44 -29.98 -59.73
N ASP K 184 -33.43 -29.21 -59.28
CA ASP K 184 -34.01 -28.13 -60.08
C ASP K 184 -33.11 -26.90 -60.15
N LYS K 185 -31.91 -27.02 -59.58
CA LYS K 185 -30.96 -25.90 -59.48
C LYS K 185 -29.64 -26.15 -60.22
N ILE K 186 -29.57 -27.25 -60.98
CA ILE K 186 -28.35 -27.59 -61.73
C ILE K 186 -28.45 -27.09 -63.18
N ILE K 187 -27.43 -26.33 -63.60
CA ILE K 187 -27.28 -25.95 -65.00
C ILE K 187 -26.11 -26.74 -65.57
N TYR K 188 -26.41 -27.72 -66.41
CA TYR K 188 -25.39 -28.63 -66.94
C TYR K 188 -24.92 -28.25 -68.33
N MET K 189 -23.61 -28.10 -68.48
CA MET K 189 -23.03 -27.77 -69.78
C MET K 189 -21.78 -28.58 -70.13
N PRO K 190 -21.88 -29.46 -71.15
CA PRO K 190 -20.77 -30.28 -71.62
C PRO K 190 -19.92 -29.60 -72.71
N PHE K 191 -18.63 -29.94 -72.74
CA PHE K 191 -17.69 -29.34 -73.69
C PHE K 191 -16.86 -30.41 -74.40
N ASP K 192 -16.58 -30.19 -75.67
CA ASP K 192 -15.87 -31.16 -76.50
C ASP K 192 -14.36 -31.18 -76.27
N ASN K 193 -13.75 -30.00 -76.06
CA ASN K 193 -12.34 -29.93 -75.72
C ASN K 193 -12.07 -29.08 -74.47
N GLU K 194 -10.82 -29.13 -73.98
CA GLU K 194 -10.45 -28.44 -72.75
C GLU K 194 -10.42 -26.93 -72.91
N LYS K 195 -9.85 -26.45 -74.02
CA LYS K 195 -9.77 -25.01 -74.30
C LYS K 195 -11.14 -24.34 -74.27
N GLU K 196 -12.13 -24.99 -74.88
CA GLU K 196 -13.53 -24.53 -74.89
C GLU K 196 -14.12 -24.49 -73.48
N LEU K 197 -13.73 -25.45 -72.64
CA LEU K 197 -14.19 -25.54 -71.25
C LEU K 197 -13.58 -24.44 -70.38
N LEU K 198 -12.28 -24.22 -70.56
CA LEU K 198 -11.55 -23.20 -69.81
C LEU K 198 -11.92 -21.77 -70.22
N MET K 199 -12.18 -21.58 -71.52
CA MET K 199 -12.61 -20.29 -72.07
C MET K 199 -14.00 -19.88 -71.57
N GLU K 200 -14.94 -20.83 -71.57
CA GLU K 200 -16.30 -20.56 -71.12
C GLU K 200 -16.38 -20.23 -69.63
N TYR K 201 -15.71 -21.04 -68.81
CA TYR K 201 -15.66 -20.79 -67.37
C TYR K 201 -15.06 -19.42 -67.09
N LEU K 202 -14.06 -19.03 -67.87
CA LEU K 202 -13.47 -17.70 -67.81
C LEU K 202 -14.50 -16.60 -68.08
N ASN K 203 -15.26 -16.75 -69.17
CA ASN K 203 -16.32 -15.81 -69.51
C ASN K 203 -17.43 -15.76 -68.46
N PHE K 204 -17.78 -16.94 -67.95
CA PHE K 204 -18.73 -17.07 -66.84
C PHE K 204 -18.20 -16.33 -65.61
N TRP K 205 -16.90 -16.47 -65.36
CA TRP K 205 -16.21 -15.81 -64.27
C TRP K 205 -16.22 -14.32 -64.40
N GLN K 206 -16.16 -13.83 -65.63
CA GLN K 206 -16.24 -12.40 -65.90
C GLN K 206 -17.64 -11.86 -65.63
N GLN K 207 -18.65 -12.63 -66.02
CA GLN K 207 -20.04 -12.24 -65.86
C GLN K 207 -20.48 -12.31 -64.40
N LYS K 208 -20.08 -13.39 -63.72
CA LYS K 208 -20.45 -13.61 -62.32
C LYS K 208 -19.23 -13.72 -61.42
N THR K 209 -18.49 -12.60 -61.34
CA THR K 209 -17.24 -12.54 -60.58
C THR K 209 -17.50 -12.60 -59.08
N PRO K 210 -16.98 -13.64 -58.42
CA PRO K 210 -17.20 -13.86 -56.99
C PRO K 210 -16.65 -12.73 -56.13
N VAL K 211 -17.31 -12.48 -55.00
CA VAL K 211 -16.83 -11.54 -54.01
C VAL K 211 -16.15 -12.32 -52.88
N ILE K 212 -16.87 -13.32 -52.37
CA ILE K 212 -16.30 -14.30 -51.47
C ILE K 212 -16.16 -15.60 -52.23
N LEU K 213 -14.93 -16.08 -52.35
CA LEU K 213 -14.65 -17.35 -52.99
C LEU K 213 -14.32 -18.38 -51.91
N THR K 214 -15.19 -19.36 -51.76
CA THR K 214 -15.02 -20.39 -50.75
C THR K 214 -15.00 -21.82 -51.33
N GLY K 215 -15.09 -22.81 -50.47
CA GLY K 215 -14.94 -24.21 -50.86
C GLY K 215 -13.97 -24.93 -49.94
N TRP K 216 -13.58 -26.13 -50.33
CA TRP K 216 -12.72 -26.95 -49.49
C TRP K 216 -11.38 -27.13 -50.14
N ASN K 217 -10.33 -26.63 -49.49
CA ASN K 217 -8.96 -26.63 -50.03
C ASN K 217 -8.79 -25.79 -51.29
N VAL K 218 -9.64 -24.77 -51.46
CA VAL K 218 -9.61 -23.96 -52.68
C VAL K 218 -8.37 -23.07 -52.83
N GLU K 219 -7.86 -22.57 -51.70
CA GLU K 219 -6.71 -21.66 -51.74
C GLU K 219 -5.40 -22.40 -51.98
N SER K 220 -5.33 -23.65 -51.53
CA SER K 220 -4.12 -24.44 -51.68
C SER K 220 -4.14 -25.34 -52.91
N PHE K 221 -5.33 -25.67 -53.42
CA PHE K 221 -5.43 -26.53 -54.60
C PHE K 221 -6.19 -25.95 -55.79
N ALA K 222 -7.50 -25.76 -55.65
CA ALA K 222 -8.38 -25.45 -56.78
C ALA K 222 -8.07 -24.14 -57.50
N ILE K 223 -7.77 -23.09 -56.74
CA ILE K 223 -7.40 -21.80 -57.33
C ILE K 223 -6.06 -21.90 -58.08
N PRO K 224 -4.97 -22.29 -57.38
CA PRO K 224 -3.68 -22.32 -58.07
C PRO K 224 -3.63 -23.32 -59.22
N TYR K 225 -4.40 -24.39 -59.14
CA TYR K 225 -4.43 -25.35 -60.25
C TYR K 225 -5.12 -24.78 -61.46
N VAL K 226 -6.24 -24.09 -61.24
CA VAL K 226 -6.96 -23.43 -62.34
C VAL K 226 -6.12 -22.31 -62.96
N TYR K 227 -5.55 -21.45 -62.11
CA TYR K 227 -4.71 -20.35 -62.57
C TYR K 227 -3.54 -20.82 -63.45
N ASN K 228 -2.78 -21.81 -62.96
CA ASN K 228 -1.60 -22.30 -63.66
C ASN K 228 -1.91 -23.15 -64.91
N ARG K 229 -3.08 -23.76 -64.93
CA ARG K 229 -3.53 -24.52 -66.10
C ARG K 229 -3.78 -23.57 -67.27
N ILE K 230 -4.51 -22.49 -66.99
CA ILE K 230 -4.81 -21.46 -67.98
C ILE K 230 -3.55 -20.74 -68.44
N LYS K 231 -2.70 -20.36 -67.49
CA LYS K 231 -1.42 -19.69 -67.76
C LYS K 231 -0.51 -20.48 -68.72
N ASN K 232 -0.47 -21.80 -68.54
CA ASN K 232 0.35 -22.67 -69.39
C ASN K 232 -0.23 -22.88 -70.78
N ILE K 233 -1.54 -23.07 -70.85
CA ILE K 233 -2.23 -23.32 -72.13
C ILE K 233 -2.34 -22.04 -72.95
N PHE K 234 -3.02 -21.04 -72.40
CA PHE K 234 -3.24 -19.77 -73.11
C PHE K 234 -2.06 -18.82 -72.91
N GLY K 235 -1.92 -18.30 -71.70
CA GLY K 235 -0.88 -17.34 -71.38
C GLY K 235 -1.18 -16.59 -70.09
N GLU K 236 -0.12 -16.03 -69.49
CA GLU K 236 -0.20 -15.26 -68.26
C GLU K 236 -1.37 -14.27 -68.27
N SER K 237 -1.41 -13.42 -69.31
CA SER K 237 -2.46 -12.42 -69.49
C SER K 237 -3.86 -12.98 -69.34
N THR K 238 -4.08 -14.18 -69.88
CA THR K 238 -5.38 -14.84 -69.85
C THR K 238 -5.72 -15.31 -68.43
N ALA K 239 -4.70 -15.74 -67.70
CA ALA K 239 -4.88 -16.21 -66.33
C ALA K 239 -5.19 -15.07 -65.37
N LYS K 240 -4.61 -13.89 -65.63
CA LYS K 240 -4.83 -12.70 -64.80
C LYS K 240 -6.29 -12.24 -64.87
N ARG K 241 -7.04 -12.78 -65.83
CA ARG K 241 -8.45 -12.46 -66.03
C ARG K 241 -9.31 -13.00 -64.90
N LEU K 242 -8.75 -13.94 -64.13
CA LEU K 242 -9.41 -14.48 -62.93
C LEU K 242 -9.50 -13.43 -61.82
N SER K 243 -8.76 -12.33 -62.00
CA SER K 243 -8.84 -11.18 -61.12
C SER K 243 -9.63 -10.07 -61.81
N PRO K 244 -10.60 -9.46 -61.09
CA PRO K 244 -11.40 -8.35 -61.63
C PRO K 244 -10.54 -7.14 -61.99
N HIS K 245 -9.41 -6.98 -61.29
CA HIS K 245 -8.49 -5.87 -61.54
C HIS K 245 -7.25 -6.30 -62.27
N ARG K 246 -7.28 -7.50 -62.85
CA ARG K 246 -6.20 -8.01 -63.73
C ARG K 246 -4.83 -7.99 -63.06
N LYS K 247 -4.77 -8.51 -61.85
CA LYS K 247 -3.56 -8.47 -61.03
C LYS K 247 -3.56 -9.65 -60.06
N THR K 248 -2.52 -10.48 -60.15
CA THR K 248 -2.34 -11.59 -59.22
C THR K 248 -0.91 -11.63 -58.68
N ARG K 249 -0.76 -12.09 -57.46
CA ARG K 249 0.55 -12.23 -56.84
C ARG K 249 0.75 -13.65 -56.32
N VAL K 250 1.99 -14.11 -56.39
CA VAL K 250 2.39 -15.41 -55.84
C VAL K 250 2.86 -15.26 -54.40
N LYS K 251 2.07 -15.78 -53.48
CA LYS K 251 2.28 -15.63 -52.04
C LYS K 251 2.92 -16.87 -51.43
N VAL K 252 3.98 -16.66 -50.64
CA VAL K 252 4.67 -17.74 -49.93
C VAL K 252 4.28 -17.74 -48.45
N ILE K 253 3.49 -18.74 -48.05
CA ILE K 253 3.12 -18.95 -46.64
C ILE K 253 4.11 -19.92 -46.01
N GLU K 254 4.74 -19.49 -44.90
CA GLU K 254 5.74 -20.31 -44.22
C GLU K 254 5.44 -20.52 -42.73
N ASN K 255 5.69 -21.73 -42.25
CA ASN K 255 5.63 -22.06 -40.82
C ASN K 255 6.97 -22.62 -40.33
N MET K 256 6.98 -23.19 -39.12
CA MET K 256 8.21 -23.73 -38.52
C MET K 256 8.66 -25.07 -39.12
N TYR K 257 7.92 -25.56 -40.11
CA TYR K 257 8.23 -26.84 -40.75
C TYR K 257 8.70 -26.66 -42.20
N GLY K 258 7.94 -25.89 -42.98
CA GLY K 258 8.29 -25.63 -44.38
C GLY K 258 7.52 -24.46 -44.96
N SER K 259 7.43 -24.42 -46.30
CA SER K 259 6.73 -23.35 -47.00
C SER K 259 6.05 -23.83 -48.28
N ARG K 260 4.87 -23.27 -48.55
CA ARG K 260 4.10 -23.56 -49.76
C ARG K 260 3.73 -22.25 -50.48
N GLU K 261 3.24 -22.36 -51.72
CA GLU K 261 2.90 -21.18 -52.51
C GLU K 261 1.42 -21.08 -52.89
N ILE K 262 0.79 -19.97 -52.50
CA ILE K 262 -0.59 -19.69 -52.90
C ILE K 262 -0.65 -18.47 -53.82
N ILE K 263 -1.79 -18.30 -54.49
CA ILE K 263 -1.97 -17.23 -55.45
C ILE K 263 -3.07 -16.28 -55.00
N THR K 264 -2.74 -14.99 -54.92
CA THR K 264 -3.71 -13.96 -54.57
C THR K 264 -4.39 -13.44 -55.84
N LEU K 265 -5.72 -13.40 -55.84
CA LEU K 265 -6.48 -12.76 -56.91
C LEU K 265 -7.04 -11.43 -56.41
N PHE K 266 -6.34 -10.35 -56.73
CA PHE K 266 -6.71 -9.01 -56.26
C PHE K 266 -8.15 -8.68 -56.62
N GLY K 267 -8.92 -8.26 -55.63
CA GLY K 267 -10.32 -7.91 -55.84
C GLY K 267 -11.27 -9.01 -55.44
N ILE K 268 -10.72 -10.13 -54.99
CA ILE K 268 -11.51 -11.24 -54.46
C ILE K 268 -11.07 -11.53 -53.03
N SER K 269 -12.04 -11.78 -52.16
CA SER K 269 -11.78 -12.20 -50.80
C SER K 269 -11.93 -13.70 -50.73
N VAL K 270 -10.81 -14.41 -50.57
CA VAL K 270 -10.84 -15.86 -50.49
C VAL K 270 -10.96 -16.30 -49.03
N LEU K 271 -12.03 -17.05 -48.73
CA LEU K 271 -12.25 -17.65 -47.42
C LEU K 271 -12.42 -19.15 -47.57
N ASP K 272 -11.30 -19.87 -47.60
CA ASP K 272 -11.31 -21.32 -47.72
C ASP K 272 -12.04 -21.92 -46.52
N TYR K 273 -13.01 -22.79 -46.76
CA TYR K 273 -13.86 -23.29 -45.67
C TYR K 273 -13.11 -24.17 -44.68
N ILE K 274 -12.02 -24.77 -45.13
CA ILE K 274 -11.18 -25.58 -44.25
C ILE K 274 -10.55 -24.69 -43.16
N ASP K 275 -10.08 -23.51 -43.55
CA ASP K 275 -9.49 -22.55 -42.63
C ASP K 275 -10.55 -21.92 -41.73
N LEU K 276 -11.71 -21.66 -42.33
CA LEU K 276 -12.86 -21.15 -41.63
C LEU K 276 -13.31 -22.17 -40.58
N TYR K 277 -13.36 -23.44 -40.98
CA TYR K 277 -13.75 -24.52 -40.07
C TYR K 277 -12.75 -24.70 -38.93
N LYS K 278 -11.46 -24.69 -39.25
CA LYS K 278 -10.42 -24.79 -38.22
C LYS K 278 -10.41 -23.61 -37.26
N LYS K 279 -10.76 -22.42 -37.75
CA LYS K 279 -10.71 -21.20 -36.96
C LYS K 279 -11.87 -21.10 -35.97
N PHE K 280 -13.03 -21.64 -36.36
CA PHE K 280 -14.28 -21.36 -35.65
C PHE K 280 -15.03 -22.57 -35.08
N SER K 281 -14.54 -23.79 -35.37
CA SER K 281 -15.21 -25.00 -34.89
C SER K 281 -14.89 -25.31 -33.42
N PHE K 282 -13.73 -24.87 -32.97
CA PHE K 282 -13.24 -25.14 -31.60
C PHE K 282 -13.20 -26.62 -31.23
N THR K 283 -13.04 -27.47 -32.24
CA THR K 283 -12.91 -28.91 -32.07
C THR K 283 -11.73 -29.40 -32.89
N ASN K 284 -10.87 -30.20 -32.27
CA ASN K 284 -9.73 -30.78 -32.95
C ASN K 284 -10.09 -32.15 -33.50
N GLN K 285 -10.26 -32.22 -34.81
CA GLN K 285 -10.66 -33.45 -35.49
C GLN K 285 -9.47 -34.33 -35.87
N PRO K 286 -9.68 -35.67 -35.92
CA PRO K 286 -8.67 -36.61 -36.41
C PRO K 286 -8.36 -36.43 -37.88
N SER K 287 -9.32 -35.93 -38.65
CA SER K 287 -9.13 -35.69 -40.09
C SER K 287 -9.91 -34.46 -40.55
N TYR K 288 -9.33 -33.72 -41.50
CA TYR K 288 -9.99 -32.56 -42.08
C TYR K 288 -10.31 -32.71 -43.57
N SER K 289 -10.51 -33.96 -44.00
CA SER K 289 -11.06 -34.21 -45.32
C SER K 289 -12.57 -33.95 -45.30
N LEU K 290 -13.08 -33.41 -46.40
CA LEU K 290 -14.51 -33.12 -46.53
C LEU K 290 -15.41 -34.31 -46.15
N ASP K 291 -15.04 -35.53 -46.57
CA ASP K 291 -15.76 -36.74 -46.18
C ASP K 291 -15.99 -36.77 -44.68
N TYR K 292 -14.87 -36.79 -43.95
CA TYR K 292 -14.86 -36.94 -42.51
C TYR K 292 -15.65 -35.84 -41.81
N ILE K 293 -15.47 -34.60 -42.25
CA ILE K 293 -16.17 -33.44 -41.68
C ILE K 293 -17.66 -33.45 -42.02
N SER K 294 -18.00 -33.78 -43.27
CA SER K 294 -19.40 -33.96 -43.67
C SER K 294 -20.10 -34.99 -42.79
N GLU K 295 -19.45 -36.13 -42.59
CA GLU K 295 -20.02 -37.19 -41.77
C GLU K 295 -20.24 -36.67 -40.36
N PHE K 296 -19.25 -35.96 -39.82
CA PHE K 296 -19.33 -35.45 -38.46
C PHE K 296 -20.44 -34.40 -38.31
N GLU K 297 -20.57 -33.53 -39.30
CA GLU K 297 -21.51 -32.41 -39.24
C GLU K 297 -22.91 -32.76 -39.69
N LEU K 298 -23.04 -33.56 -40.74
CA LEU K 298 -24.32 -33.78 -41.40
C LEU K 298 -24.85 -35.21 -41.27
N ASN K 299 -23.98 -36.13 -40.88
CA ASN K 299 -24.28 -37.56 -40.81
C ASN K 299 -24.55 -38.20 -42.17
N VAL K 300 -23.68 -37.89 -43.13
CA VAL K 300 -23.80 -38.44 -44.49
C VAL K 300 -22.43 -38.83 -45.06
N GLY K 301 -21.51 -37.87 -45.12
CA GLY K 301 -20.15 -38.11 -45.60
C GLY K 301 -19.95 -37.62 -47.02
N LYS K 302 -19.73 -38.56 -47.94
CA LYS K 302 -19.50 -38.24 -49.35
C LYS K 302 -19.79 -39.47 -50.20
N LEU K 303 -20.12 -39.24 -51.46
CA LEU K 303 -20.53 -40.31 -52.39
C LEU K 303 -19.39 -41.30 -52.67
N LYS K 304 -19.61 -42.55 -52.28
CA LYS K 304 -18.63 -43.63 -52.49
C LYS K 304 -18.49 -44.04 -53.96
N TYR K 305 -17.43 -44.78 -54.27
CA TYR K 305 -17.15 -45.21 -55.65
C TYR K 305 -16.30 -46.50 -55.73
N ASP K 306 -16.31 -47.13 -56.90
CA ASP K 306 -15.53 -48.34 -57.17
C ASP K 306 -14.18 -48.04 -57.82
N GLY K 307 -13.14 -48.69 -57.30
CA GLY K 307 -11.78 -48.52 -57.82
C GLY K 307 -11.12 -47.23 -57.36
N PRO K 308 -9.93 -46.92 -57.91
CA PRO K 308 -9.20 -45.71 -57.57
C PRO K 308 -9.82 -44.47 -58.19
N ILE K 309 -9.45 -43.29 -57.70
CA ILE K 309 -9.92 -42.03 -58.28
C ILE K 309 -9.27 -41.77 -59.64
N SER K 310 -8.04 -42.27 -59.82
CA SER K 310 -7.31 -42.14 -61.08
C SER K 310 -8.00 -42.88 -62.23
N LYS K 311 -8.64 -44.00 -61.91
CA LYS K 311 -9.30 -44.84 -62.91
C LYS K 311 -10.83 -44.75 -62.85
N LEU K 312 -11.35 -43.76 -62.13
CA LEU K 312 -12.80 -43.59 -61.98
C LEU K 312 -13.44 -43.02 -63.24
N ARG K 313 -12.88 -41.92 -63.76
CA ARG K 313 -13.43 -41.22 -64.91
C ARG K 313 -13.77 -42.15 -66.08
N GLU K 314 -12.84 -43.06 -66.39
CA GLU K 314 -13.02 -44.01 -67.50
C GLU K 314 -14.12 -45.01 -67.20
N SER K 315 -13.94 -45.76 -66.11
CA SER K 315 -14.86 -46.84 -65.70
C SER K 315 -16.28 -46.34 -65.42
N ASN K 316 -16.39 -45.18 -64.78
CA ASN K 316 -17.68 -44.58 -64.46
C ASN K 316 -17.60 -43.05 -64.44
N HIS K 317 -18.12 -42.43 -65.49
CA HIS K 317 -18.16 -40.98 -65.60
C HIS K 317 -19.39 -40.42 -64.93
N GLN K 318 -20.47 -41.20 -64.94
CA GLN K 318 -21.73 -40.82 -64.31
C GLN K 318 -21.56 -40.51 -62.82
N ARG K 319 -20.76 -41.34 -62.13
CA ARG K 319 -20.44 -41.10 -60.72
C ARG K 319 -19.50 -39.92 -60.52
N TYR K 320 -18.51 -39.82 -61.40
CA TYR K 320 -17.48 -38.78 -61.36
C TYR K 320 -18.05 -37.37 -61.22
N ILE K 321 -19.09 -37.08 -62.01
CA ILE K 321 -19.69 -35.75 -62.03
C ILE K 321 -20.59 -35.50 -60.82
N SER K 322 -21.43 -36.48 -60.49
CA SER K 322 -22.29 -36.39 -59.30
C SER K 322 -21.46 -36.22 -58.03
N TYR K 323 -20.32 -36.89 -57.98
CA TYR K 323 -19.35 -36.78 -56.90
C TYR K 323 -18.86 -35.34 -56.74
N ASN K 324 -18.59 -34.68 -57.88
CA ASN K 324 -18.12 -33.31 -57.90
C ASN K 324 -19.20 -32.30 -57.53
N ILE K 325 -20.45 -32.63 -57.84
CA ILE K 325 -21.59 -31.77 -57.51
C ILE K 325 -21.88 -31.85 -56.01
N ILE K 326 -21.93 -33.08 -55.50
CA ILE K 326 -22.18 -33.35 -54.09
C ILE K 326 -21.12 -32.68 -53.20
N ALA K 327 -19.85 -32.84 -53.56
CA ALA K 327 -18.74 -32.20 -52.86
C ALA K 327 -18.96 -30.71 -52.62
N VAL K 328 -19.50 -30.01 -53.62
CA VAL K 328 -19.82 -28.59 -53.49
C VAL K 328 -21.01 -28.38 -52.53
N TYR K 329 -21.97 -29.29 -52.60
CA TYR K 329 -23.20 -29.18 -51.82
C TYR K 329 -23.00 -29.40 -50.31
N ARG K 330 -22.15 -30.35 -49.92
CA ARG K 330 -21.92 -30.55 -48.49
C ARG K 330 -21.24 -29.38 -47.80
N VAL K 331 -20.35 -28.69 -48.50
CA VAL K 331 -19.75 -27.46 -47.98
C VAL K 331 -20.87 -26.45 -47.68
N LEU K 332 -21.78 -26.29 -48.64
CA LEU K 332 -22.95 -25.43 -48.49
C LEU K 332 -23.83 -25.88 -47.34
N GLN K 333 -23.93 -27.20 -47.14
CA GLN K 333 -24.73 -27.74 -46.03
C GLN K 333 -24.07 -27.47 -44.68
N ILE K 334 -22.74 -27.61 -44.63
CA ILE K 334 -21.96 -27.27 -43.44
C ILE K 334 -22.12 -25.79 -43.09
N ASP K 335 -22.09 -24.93 -44.11
CA ASP K 335 -22.31 -23.50 -43.90
C ASP K 335 -23.74 -23.16 -43.49
N ALA K 336 -24.70 -23.96 -43.95
CA ALA K 336 -26.10 -23.82 -43.53
C ALA K 336 -26.26 -24.14 -42.05
N LYS K 337 -25.39 -25.01 -41.54
CA LYS K 337 -25.41 -25.37 -40.14
C LYS K 337 -24.59 -24.40 -39.30
N ARG K 338 -23.31 -24.28 -39.62
CA ARG K 338 -22.34 -23.51 -38.83
C ARG K 338 -22.37 -22.01 -39.13
N GLN K 339 -22.65 -21.67 -40.38
CA GLN K 339 -22.80 -20.26 -40.81
C GLN K 339 -21.56 -19.39 -40.63
N PHE K 340 -20.40 -19.95 -40.97
CA PHE K 340 -19.13 -19.26 -40.79
C PHE K 340 -18.88 -18.13 -41.78
N ILE K 341 -19.66 -18.09 -42.86
CA ILE K 341 -19.51 -17.03 -43.86
C ILE K 341 -20.22 -15.75 -43.42
N ASN K 342 -21.45 -15.88 -42.94
CA ASN K 342 -22.16 -14.76 -42.32
C ASN K 342 -21.38 -14.18 -41.14
N LEU K 343 -20.76 -15.06 -40.35
CA LEU K 343 -19.93 -14.65 -39.23
C LEU K 343 -18.84 -13.70 -39.70
N SER K 344 -18.03 -14.18 -40.65
CA SER K 344 -16.92 -13.41 -41.22
C SER K 344 -17.40 -12.08 -41.77
N LEU K 345 -18.51 -12.11 -42.51
CA LEU K 345 -19.07 -10.91 -43.10
C LEU K 345 -19.45 -9.91 -42.02
N ASP K 346 -20.15 -10.39 -40.99
CA ASP K 346 -20.57 -9.54 -39.89
C ASP K 346 -19.40 -8.91 -39.15
N MET K 347 -18.30 -9.64 -39.01
CA MET K 347 -17.12 -9.10 -38.35
C MET K 347 -16.35 -8.16 -39.27
N GLY K 348 -16.24 -8.53 -40.55
CA GLY K 348 -15.57 -7.71 -41.54
C GLY K 348 -16.15 -6.31 -41.60
N TYR K 349 -17.47 -6.23 -41.72
CA TYR K 349 -18.16 -4.94 -41.85
C TYR K 349 -18.23 -4.15 -40.57
N TYR K 350 -18.22 -4.84 -39.43
CA TYR K 350 -18.24 -4.19 -38.13
C TYR K 350 -16.93 -3.44 -37.92
N ALA K 351 -15.82 -4.11 -38.22
CA ALA K 351 -14.49 -3.55 -38.02
C ALA K 351 -14.01 -2.67 -39.17
N LYS K 352 -14.65 -2.82 -40.35
CA LYS K 352 -14.26 -2.13 -41.59
C LYS K 352 -12.89 -2.58 -42.11
N ILE K 353 -12.77 -3.90 -42.31
CA ILE K 353 -11.56 -4.52 -42.84
C ILE K 353 -11.88 -5.30 -44.12
N GLN K 354 -10.86 -5.74 -44.84
CA GLN K 354 -11.04 -6.77 -45.87
C GLN K 354 -11.60 -8.01 -45.16
N ILE K 355 -12.54 -8.69 -45.79
CA ILE K 355 -13.21 -9.84 -45.16
C ILE K 355 -12.25 -10.96 -44.74
N GLN K 356 -11.24 -11.24 -45.57
CA GLN K 356 -10.24 -12.27 -45.27
C GLN K 356 -9.34 -11.94 -44.08
N SER K 357 -9.40 -10.70 -43.62
CA SER K 357 -8.61 -10.28 -42.47
C SER K 357 -9.19 -10.70 -41.11
N VAL K 358 -10.41 -11.26 -41.12
CA VAL K 358 -11.02 -11.79 -39.89
C VAL K 358 -10.28 -13.00 -39.35
N PHE K 359 -9.32 -13.51 -40.11
CA PHE K 359 -8.46 -14.59 -39.64
C PHE K 359 -7.41 -14.06 -38.68
N SER K 360 -7.22 -12.74 -38.70
CA SER K 360 -6.20 -12.09 -37.87
C SER K 360 -6.83 -11.19 -36.81
N PRO K 361 -6.78 -11.63 -35.53
CA PRO K 361 -7.17 -10.80 -34.39
C PRO K 361 -6.52 -9.41 -34.38
N ILE K 362 -5.23 -9.34 -34.70
CA ILE K 362 -4.52 -8.06 -34.70
C ILE K 362 -5.10 -7.06 -35.69
N LYS K 363 -5.36 -7.51 -36.92
CA LYS K 363 -5.99 -6.68 -37.94
C LYS K 363 -7.36 -6.17 -37.50
N THR K 364 -8.18 -7.08 -37.00
CA THR K 364 -9.55 -6.78 -36.61
C THR K 364 -9.59 -5.72 -35.51
N TRP K 365 -8.79 -5.91 -34.47
CA TRP K 365 -8.78 -5.02 -33.33
C TRP K 365 -8.15 -3.69 -33.63
N ASP K 366 -7.15 -3.68 -34.51
CA ASP K 366 -6.51 -2.44 -34.93
C ASP K 366 -7.54 -1.56 -35.61
N ALA K 367 -8.34 -2.16 -36.49
CA ALA K 367 -9.34 -1.42 -37.25
C ALA K 367 -10.49 -0.91 -36.38
N ILE K 368 -10.88 -1.67 -35.36
CA ILE K 368 -11.93 -1.25 -34.44
C ILE K 368 -11.48 -0.02 -33.64
N ILE K 369 -10.28 -0.12 -33.06
CA ILE K 369 -9.73 0.96 -32.23
C ILE K 369 -9.48 2.23 -33.05
N PHE K 370 -8.91 2.06 -34.24
CA PHE K 370 -8.65 3.19 -35.14
C PHE K 370 -9.93 3.93 -35.52
N ASN K 371 -10.96 3.17 -35.90
CA ASN K 371 -12.26 3.74 -36.25
C ASN K 371 -12.96 4.42 -35.06
N SER K 372 -12.74 3.90 -33.86
CA SER K 372 -13.29 4.52 -32.66
C SER K 372 -12.54 5.79 -32.29
N LEU K 373 -11.24 5.82 -32.60
CA LEU K 373 -10.39 6.96 -32.29
C LEU K 373 -10.48 8.11 -33.30
N LYS K 374 -10.73 7.76 -34.57
CA LYS K 374 -10.88 8.74 -35.65
C LYS K 374 -12.08 9.68 -35.41
N GLU K 375 -13.19 9.10 -34.94
CA GLU K 375 -14.41 9.84 -34.60
C GLU K 375 -14.16 10.95 -33.58
N GLN K 376 -13.35 10.64 -32.58
CA GLN K 376 -13.01 11.59 -31.51
C GLN K 376 -11.92 12.57 -31.93
N ASN K 377 -11.51 12.47 -33.20
CA ASN K 377 -10.38 13.24 -33.76
C ASN K 377 -9.06 12.94 -33.07
N LYS K 378 -8.88 11.67 -32.70
CA LYS K 378 -7.64 11.23 -32.10
C LYS K 378 -6.73 10.56 -33.13
N VAL K 379 -5.46 10.43 -32.79
CA VAL K 379 -4.46 9.95 -33.74
C VAL K 379 -3.72 8.76 -33.15
N ILE K 380 -3.75 7.64 -33.88
CA ILE K 380 -3.19 6.38 -33.40
C ILE K 380 -1.65 6.40 -33.41
N PRO K 381 -1.01 5.61 -32.53
CA PRO K 381 0.46 5.62 -32.50
C PRO K 381 1.06 4.82 -33.66
N GLN K 382 2.35 5.06 -33.92
CA GLN K 382 3.13 4.32 -34.90
C GLN K 382 3.28 2.85 -34.49
N GLY K 383 3.28 1.96 -35.48
CA GLY K 383 3.61 0.55 -35.26
C GLY K 383 5.11 0.40 -35.00
N ARG K 384 5.45 -0.20 -33.86
CA ARG K 384 6.84 -0.28 -33.43
C ARG K 384 7.38 -1.70 -33.28
N SER K 385 8.69 -1.84 -33.49
CA SER K 385 9.38 -3.11 -33.32
C SER K 385 9.55 -3.46 -31.84
N HIS K 386 9.27 -4.71 -31.51
CA HIS K 386 9.47 -5.25 -30.16
C HIS K 386 10.06 -6.62 -30.26
N PRO K 387 11.06 -6.93 -29.43
CA PRO K 387 11.63 -8.28 -29.47
C PRO K 387 10.74 -9.26 -28.72
N VAL K 388 10.66 -10.49 -29.23
CA VAL K 388 9.84 -11.53 -28.61
C VAL K 388 10.40 -11.87 -27.24
N GLN K 389 9.60 -11.59 -26.21
CA GLN K 389 10.02 -11.81 -24.83
C GLN K 389 8.95 -12.57 -24.04
N PRO K 390 9.33 -13.71 -23.45
CA PRO K 390 8.44 -14.50 -22.61
C PRO K 390 7.96 -13.72 -21.38
N TYR K 391 6.69 -13.90 -21.02
CA TYR K 391 6.12 -13.28 -19.83
C TYR K 391 5.23 -14.26 -19.06
N PRO K 392 5.12 -14.10 -17.72
CA PRO K 392 4.36 -15.02 -16.86
C PRO K 392 2.88 -15.14 -17.20
N GLY K 393 2.33 -16.34 -17.02
CA GLY K 393 0.92 -16.61 -17.35
C GLY K 393 0.04 -16.88 -16.15
N ALA K 394 -0.90 -17.80 -16.32
CA ALA K 394 -1.94 -18.06 -15.32
C ALA K 394 -1.47 -18.93 -14.15
N PHE K 395 -2.22 -18.86 -13.05
CA PHE K 395 -1.96 -19.72 -11.91
C PHE K 395 -2.68 -21.04 -12.04
N VAL K 396 -1.96 -22.13 -11.79
CA VAL K 396 -2.59 -23.44 -11.71
C VAL K 396 -2.19 -24.15 -10.43
N LYS K 397 -3.18 -24.46 -9.60
CA LYS K 397 -2.95 -25.16 -8.33
C LYS K 397 -2.61 -26.63 -8.56
N GLU K 398 -1.56 -27.10 -7.87
CA GLU K 398 -1.25 -28.53 -7.85
C GLU K 398 -2.21 -29.25 -6.89
N PRO K 399 -3.17 -30.00 -7.44
CA PRO K 399 -4.13 -30.68 -6.58
C PRO K 399 -3.56 -31.98 -6.04
N ILE K 400 -4.02 -32.37 -4.85
CA ILE K 400 -3.69 -33.67 -4.30
C ILE K 400 -4.46 -34.69 -5.13
N PRO K 401 -3.75 -35.65 -5.76
CA PRO K 401 -4.46 -36.65 -6.55
C PRO K 401 -5.31 -37.51 -5.63
N ASN K 402 -6.61 -37.57 -5.92
CA ASN K 402 -7.55 -38.25 -5.04
C ASN K 402 -8.92 -38.36 -5.69
N ARG K 403 -9.80 -39.13 -5.05
CA ARG K 403 -11.24 -39.06 -5.31
C ARG K 403 -11.82 -37.90 -4.51
N TYR K 404 -12.74 -37.16 -5.11
CA TYR K 404 -13.39 -36.04 -4.44
C TYR K 404 -14.89 -36.19 -4.60
N LYS K 405 -15.59 -36.37 -3.49
CA LYS K 405 -16.97 -36.83 -3.50
C LYS K 405 -17.97 -35.76 -3.93
N TYR K 406 -17.99 -34.64 -3.20
CA TYR K 406 -18.90 -33.56 -3.50
C TYR K 406 -18.11 -32.33 -3.86
N VAL K 407 -18.30 -31.84 -5.09
CA VAL K 407 -17.52 -30.72 -5.61
C VAL K 407 -18.45 -29.66 -6.16
N MET K 408 -18.06 -28.41 -5.96
CA MET K 408 -18.80 -27.25 -6.43
C MET K 408 -17.78 -26.26 -7.00
N SER K 409 -18.00 -25.81 -8.23
CA SER K 409 -17.07 -24.91 -8.90
C SER K 409 -17.59 -23.49 -9.12
N PHE K 410 -16.66 -22.54 -9.15
CA PHE K 410 -16.97 -21.12 -9.37
C PHE K 410 -15.99 -20.52 -10.39
N ASP K 411 -16.51 -19.76 -11.36
CA ASP K 411 -15.67 -19.14 -12.41
C ASP K 411 -15.80 -17.61 -12.44
N LEU K 412 -14.67 -16.92 -12.63
CA LEU K 412 -14.67 -15.48 -12.93
C LEU K 412 -15.18 -15.19 -14.34
N THR K 413 -16.00 -14.15 -14.46
CA THR K 413 -16.58 -13.72 -15.75
C THR K 413 -15.55 -12.99 -16.62
N SER K 414 -15.26 -13.54 -17.80
CA SER K 414 -14.35 -12.92 -18.78
C SER K 414 -13.15 -12.28 -18.10
N LEU K 415 -12.37 -13.11 -17.41
CA LEU K 415 -11.39 -12.62 -16.46
C LEU K 415 -10.50 -11.51 -17.00
N TYR K 416 -9.75 -11.80 -18.06
CA TYR K 416 -8.73 -10.86 -18.54
C TYR K 416 -9.32 -9.52 -19.02
N PRO K 417 -10.33 -9.56 -19.92
CA PRO K 417 -11.02 -8.32 -20.28
C PRO K 417 -11.60 -7.57 -19.06
N SER K 418 -12.08 -8.28 -18.06
CA SER K 418 -12.55 -7.67 -16.82
C SER K 418 -11.42 -6.97 -16.05
N ILE K 419 -10.26 -7.62 -15.95
CA ILE K 419 -9.08 -7.04 -15.31
C ILE K 419 -8.66 -5.74 -16.00
N ILE K 420 -8.62 -5.77 -17.33
CA ILE K 420 -8.26 -4.60 -18.11
C ILE K 420 -9.17 -3.42 -17.77
N ARG K 421 -10.48 -3.68 -17.68
CA ARG K 421 -11.46 -2.66 -17.34
C ARG K 421 -11.32 -2.20 -15.88
N GLN K 422 -11.20 -3.17 -14.97
CA GLN K 422 -11.10 -2.88 -13.54
C GLN K 422 -9.87 -2.06 -13.16
N VAL K 423 -8.72 -2.46 -13.68
CA VAL K 423 -7.45 -1.80 -13.37
C VAL K 423 -7.24 -0.56 -14.25
N ASN K 424 -7.97 -0.51 -15.37
CA ASN K 424 -7.82 0.57 -16.36
C ASN K 424 -6.47 0.50 -17.08
N ILE K 425 -6.16 -0.67 -17.62
CA ILE K 425 -4.87 -0.93 -18.27
C ILE K 425 -4.92 -0.57 -19.75
N SER K 426 -3.98 0.29 -20.16
CA SER K 426 -3.90 0.79 -21.52
C SER K 426 -2.50 1.40 -21.67
N PRO K 427 -1.97 1.50 -22.91
CA PRO K 427 -0.62 2.04 -23.05
C PRO K 427 -0.51 3.50 -22.60
N GLU K 428 -1.58 4.27 -22.76
CA GLU K 428 -1.55 5.71 -22.46
C GLU K 428 -1.88 6.04 -21.00
N THR K 429 -2.34 5.04 -20.25
CA THR K 429 -2.85 5.27 -18.90
C THR K 429 -1.85 4.87 -17.80
N ILE K 430 -0.68 4.36 -18.19
CA ILE K 430 0.42 4.06 -17.27
C ILE K 430 0.83 5.32 -16.50
N ALA K 431 0.80 5.23 -15.18
CA ALA K 431 1.13 6.39 -14.34
C ALA K 431 2.49 6.32 -13.65
N GLY K 432 3.14 5.15 -13.70
CA GLY K 432 4.45 4.96 -13.09
C GLY K 432 4.63 3.55 -12.54
N THR K 433 5.39 3.44 -11.45
CA THR K 433 5.62 2.15 -10.78
C THR K 433 5.60 2.28 -9.25
N PHE K 434 5.65 1.12 -8.57
CA PHE K 434 5.83 1.06 -7.12
C PHE K 434 6.71 -0.12 -6.71
N LYS K 435 7.32 -0.04 -5.52
CA LYS K 435 8.16 -1.14 -5.01
C LYS K 435 7.31 -2.37 -4.73
N VAL K 436 7.57 -3.43 -5.49
CA VAL K 436 6.71 -4.62 -5.49
C VAL K 436 7.18 -5.69 -4.49
N ALA K 437 6.28 -6.06 -3.59
CA ALA K 437 6.51 -7.15 -2.65
C ALA K 437 6.22 -8.51 -3.30
N PRO K 438 6.71 -9.62 -2.71
CA PRO K 438 6.37 -10.93 -3.26
C PRO K 438 4.86 -11.10 -3.44
N LEU K 439 4.47 -11.85 -4.46
CA LEU K 439 3.05 -12.04 -4.78
C LEU K 439 2.25 -12.52 -3.57
N HIS K 440 2.86 -13.41 -2.80
CA HIS K 440 2.25 -14.03 -1.63
C HIS K 440 1.80 -13.02 -0.60
N ASP K 441 2.58 -11.94 -0.47
CA ASP K 441 2.28 -10.88 0.48
C ASP K 441 1.06 -10.04 0.09
N TYR K 442 0.86 -9.87 -1.22
CA TYR K 442 -0.34 -9.20 -1.71
C TYR K 442 -1.55 -10.10 -1.59
N ILE K 443 -1.33 -11.40 -1.79
CA ILE K 443 -2.38 -12.41 -1.70
C ILE K 443 -2.92 -12.49 -0.27
N ASN K 444 -2.03 -12.41 0.71
CA ASN K 444 -2.40 -12.47 2.12
C ASN K 444 -2.65 -11.09 2.77
N ALA K 445 -2.66 -10.04 1.95
CA ALA K 445 -2.87 -8.66 2.41
C ALA K 445 -1.94 -8.26 3.55
N VAL K 446 -0.69 -8.71 3.47
CA VAL K 446 0.35 -8.35 4.44
C VAL K 446 1.17 -7.16 3.90
N ALA K 447 1.38 -7.14 2.59
CA ALA K 447 2.12 -6.08 1.91
C ALA K 447 1.46 -4.71 2.07
N GLU K 448 2.28 -3.66 2.06
CA GLU K 448 1.74 -2.30 2.17
C GLU K 448 0.98 -1.90 0.92
N ARG K 449 -0.14 -1.19 1.12
CA ARG K 449 -1.01 -0.76 0.03
C ARG K 449 -0.23 0.08 -0.99
N PRO K 450 -0.18 -0.39 -2.26
CA PRO K 450 0.64 0.18 -3.33
C PRO K 450 0.55 1.70 -3.50
N SER K 451 -0.66 2.19 -3.77
CA SER K 451 -0.89 3.61 -3.99
C SER K 451 -2.20 4.04 -3.32
N ASP K 452 -2.43 5.35 -3.26
CA ASP K 452 -3.68 5.88 -2.73
C ASP K 452 -4.41 6.73 -3.78
N VAL K 453 -3.72 7.04 -4.87
CA VAL K 453 -4.29 7.87 -5.94
C VAL K 453 -4.43 7.13 -7.29
N TYR K 454 -3.70 6.03 -7.46
CA TYR K 454 -3.71 5.29 -8.72
C TYR K 454 -4.21 3.86 -8.60
N SER K 455 -4.50 3.24 -9.76
CA SER K 455 -5.04 1.89 -9.83
C SER K 455 -3.91 0.90 -10.11
N CYS K 456 -3.80 -0.14 -9.27
CA CYS K 456 -2.62 -0.98 -9.25
C CYS K 456 -2.81 -2.46 -9.62
N SER K 457 -1.70 -3.05 -10.09
CA SER K 457 -1.57 -4.48 -10.32
C SER K 457 -0.34 -4.96 -9.55
N PRO K 458 -0.40 -6.20 -9.00
CA PRO K 458 0.68 -6.72 -8.15
C PRO K 458 2.04 -6.95 -8.84
N ASN K 459 2.17 -6.56 -10.11
CA ASN K 459 3.45 -6.65 -10.82
C ASN K 459 4.26 -5.36 -10.68
N GLY K 460 3.61 -4.32 -10.16
CA GLY K 460 4.27 -3.04 -9.88
C GLY K 460 3.86 -1.89 -10.78
N MET K 461 2.71 -2.01 -11.44
CA MET K 461 2.25 -0.98 -12.37
C MET K 461 1.13 -0.13 -11.77
N MET K 462 1.15 1.16 -12.08
CA MET K 462 0.12 2.10 -11.64
C MET K 462 -0.61 2.72 -12.83
N TYR K 463 -1.90 2.99 -12.66
CA TYR K 463 -2.73 3.53 -13.74
C TYR K 463 -3.66 4.64 -13.27
N TYR K 464 -3.85 5.65 -14.11
CA TYR K 464 -4.75 6.76 -13.82
C TYR K 464 -6.20 6.28 -13.62
N LYS K 465 -6.94 7.00 -12.77
CA LYS K 465 -8.31 6.64 -12.43
C LYS K 465 -9.33 7.64 -12.96
N ASP K 466 -8.88 8.88 -13.16
CA ASP K 466 -9.77 9.99 -13.51
C ASP K 466 -10.56 9.79 -14.80
N ARG K 467 -9.90 9.27 -15.83
CA ARG K 467 -10.57 8.97 -17.09
C ARG K 467 -10.26 7.57 -17.62
N ASP K 468 -11.10 7.12 -18.55
CA ASP K 468 -11.06 5.75 -19.05
C ASP K 468 -10.00 5.60 -20.14
N GLY K 469 -9.26 4.49 -20.07
CA GLY K 469 -8.23 4.20 -21.06
C GLY K 469 -8.84 3.90 -22.43
N VAL K 470 -8.01 3.97 -23.47
CA VAL K 470 -8.47 3.65 -24.83
C VAL K 470 -8.92 2.19 -24.93
N VAL K 471 -8.07 1.26 -24.48
CA VAL K 471 -8.38 -0.17 -24.54
C VAL K 471 -9.58 -0.55 -23.65
N PRO K 472 -9.59 -0.12 -22.37
CA PRO K 472 -10.77 -0.35 -21.53
C PRO K 472 -12.11 0.15 -22.13
N THR K 473 -12.11 1.35 -22.70
CA THR K 473 -13.33 1.88 -23.33
C THR K 473 -13.81 1.02 -24.51
N GLU K 474 -12.89 0.44 -25.26
CA GLU K 474 -13.27 -0.37 -26.41
C GLU K 474 -13.85 -1.74 -26.02
N ILE K 475 -13.29 -2.39 -25.01
CA ILE K 475 -13.86 -3.67 -24.57
C ILE K 475 -15.25 -3.44 -24.02
N THR K 476 -15.40 -2.42 -23.17
CA THR K 476 -16.69 -2.09 -22.57
C THR K 476 -17.73 -1.84 -23.66
N LYS K 477 -17.30 -1.14 -24.71
CA LYS K 477 -18.13 -0.86 -25.88
C LYS K 477 -18.65 -2.18 -26.45
N VAL K 478 -17.72 -3.08 -26.77
CA VAL K 478 -18.04 -4.40 -27.32
C VAL K 478 -18.90 -5.20 -26.35
N PHE K 479 -18.56 -5.14 -25.07
CA PHE K 479 -19.25 -5.85 -23.98
C PHE K 479 -20.72 -5.44 -23.87
N ASN K 480 -20.98 -4.14 -23.83
CA ASN K 480 -22.34 -3.62 -23.80
C ASN K 480 -23.12 -4.01 -25.07
N GLN K 481 -22.46 -3.92 -26.23
CA GLN K 481 -23.06 -4.26 -27.51
C GLN K 481 -23.45 -5.74 -27.59
N ARG K 482 -22.71 -6.60 -26.90
CA ARG K 482 -23.06 -8.01 -26.84
C ARG K 482 -24.37 -8.21 -26.07
N LYS K 483 -24.50 -7.54 -24.93
CA LYS K 483 -25.74 -7.54 -24.15
C LYS K 483 -26.91 -6.98 -24.97
N GLU K 484 -26.60 -5.96 -25.78
CA GLU K 484 -27.57 -5.31 -26.65
C GLU K 484 -28.14 -6.27 -27.72
N HIS K 485 -27.27 -6.94 -28.45
CA HIS K 485 -27.69 -7.81 -29.54
C HIS K 485 -28.27 -9.13 -29.08
N LYS K 486 -27.82 -9.59 -27.91
CA LYS K 486 -28.41 -10.77 -27.28
C LYS K 486 -29.84 -10.47 -26.81
N GLY K 487 -30.07 -9.22 -26.44
CA GLY K 487 -31.43 -8.76 -26.12
C GLY K 487 -32.33 -8.76 -27.34
N TYR K 488 -31.81 -8.28 -28.47
CA TYR K 488 -32.56 -8.24 -29.73
C TYR K 488 -32.98 -9.64 -30.18
N MET K 489 -32.05 -10.58 -30.11
CA MET K 489 -32.27 -11.99 -30.50
C MET K 489 -33.40 -12.65 -29.69
N LEU K 490 -33.34 -12.49 -28.37
CA LEU K 490 -34.32 -13.10 -27.47
C LEU K 490 -35.74 -12.54 -27.66
N ALA K 491 -35.84 -11.24 -27.88
CA ALA K 491 -37.12 -10.58 -28.13
C ALA K 491 -37.73 -11.00 -29.47
N ALA K 492 -36.87 -11.17 -30.48
CA ALA K 492 -37.32 -11.59 -31.81
C ALA K 492 -37.73 -13.05 -31.86
N GLN K 493 -37.06 -13.88 -31.05
CA GLN K 493 -37.40 -15.29 -30.90
C GLN K 493 -38.79 -15.44 -30.30
N ARG K 494 -39.06 -14.69 -29.24
CA ARG K 494 -40.36 -14.67 -28.57
C ARG K 494 -41.46 -14.11 -29.47
N ASN K 495 -41.11 -13.10 -30.27
CA ASN K 495 -42.03 -12.51 -31.24
C ASN K 495 -42.43 -13.46 -32.36
N GLY K 496 -41.52 -14.37 -32.72
CA GLY K 496 -41.80 -15.39 -33.72
C GLY K 496 -42.86 -16.39 -33.27
N GLU K 497 -42.81 -16.74 -31.99
CA GLU K 497 -43.78 -17.65 -31.38
C GLU K 497 -45.18 -17.04 -31.31
N ILE K 498 -45.24 -15.70 -31.23
CA ILE K 498 -46.51 -14.97 -31.28
C ILE K 498 -47.11 -15.04 -32.68
N ILE K 499 -46.25 -14.96 -33.70
CA ILE K 499 -46.68 -15.07 -35.11
C ILE K 499 -47.10 -16.50 -35.45
N LYS K 500 -46.32 -17.48 -34.98
CA LYS K 500 -46.61 -18.91 -35.17
C LYS K 500 -47.91 -19.35 -34.50
N GLU K 501 -48.29 -18.65 -33.43
CA GLU K 501 -49.56 -18.85 -32.75
C GLU K 501 -50.72 -18.35 -33.61
N ALA K 502 -50.48 -17.23 -34.31
CA ALA K 502 -51.49 -16.63 -35.19
C ALA K 502 -51.66 -17.39 -36.50
N LEU K 503 -50.62 -18.14 -36.89
CA LEU K 503 -50.70 -19.00 -38.08
C LEU K 503 -51.57 -20.24 -37.87
N HIS K 504 -51.84 -20.58 -36.60
CA HIS K 504 -52.76 -21.66 -36.25
C HIS K 504 -54.17 -21.32 -36.62
N ASN K 505 -54.53 -20.06 -36.44
CA ASN K 505 -55.85 -19.54 -36.81
C ASN K 505 -55.73 -18.24 -37.60
N PRO K 506 -55.73 -18.34 -38.94
CA PRO K 506 -55.63 -17.17 -39.82
C PRO K 506 -56.98 -16.53 -40.14
N ASN K 507 -56.96 -15.46 -40.94
CA ASN K 507 -58.18 -14.75 -41.33
C ASN K 507 -58.14 -14.31 -42.80
N LEU K 508 -59.32 -14.17 -43.40
CA LEU K 508 -59.46 -13.70 -44.78
C LEU K 508 -59.30 -12.18 -44.83
N SER K 509 -58.19 -11.73 -45.41
CA SER K 509 -57.90 -10.31 -45.54
C SER K 509 -57.08 -10.01 -46.79
N VAL K 510 -57.09 -8.74 -47.21
CA VAL K 510 -56.32 -8.29 -48.37
C VAL K 510 -55.16 -7.36 -47.96
N ASP K 511 -54.86 -7.34 -46.65
CA ASP K 511 -53.84 -6.45 -46.08
C ASP K 511 -52.40 -6.92 -46.31
N GLU K 512 -51.46 -6.05 -45.97
CA GLU K 512 -50.03 -6.33 -46.10
C GLU K 512 -49.34 -6.35 -44.73
N PRO K 513 -48.14 -6.98 -44.64
CA PRO K 513 -47.41 -7.10 -43.36
C PRO K 513 -47.20 -5.77 -42.64
N LEU K 514 -47.28 -5.81 -41.30
CA LEU K 514 -47.07 -4.62 -40.47
C LEU K 514 -45.60 -4.21 -40.41
N ASP K 515 -45.35 -2.91 -40.57
CA ASP K 515 -44.01 -2.35 -40.42
C ASP K 515 -43.76 -2.00 -38.96
N VAL K 516 -43.24 -2.97 -38.21
CA VAL K 516 -42.88 -2.80 -36.80
C VAL K 516 -41.54 -3.47 -36.51
N ASP K 517 -40.74 -2.84 -35.66
CA ASP K 517 -39.38 -3.30 -35.36
C ASP K 517 -39.38 -4.64 -34.61
N TYR K 518 -38.71 -5.62 -35.20
CA TYR K 518 -38.74 -7.00 -34.71
C TYR K 518 -37.79 -7.26 -33.54
N ARG K 519 -36.87 -6.33 -33.30
CA ARG K 519 -35.88 -6.41 -32.22
C ARG K 519 -36.50 -6.20 -30.83
N PHE K 520 -37.76 -5.77 -30.77
CA PHE K 520 -38.43 -5.49 -29.50
C PHE K 520 -39.72 -6.30 -29.36
N ASP K 521 -39.96 -6.81 -28.16
CA ASP K 521 -41.19 -7.55 -27.83
C ASP K 521 -42.42 -6.72 -28.18
N PHE K 522 -43.37 -7.35 -28.88
CA PHE K 522 -44.61 -6.67 -29.28
C PHE K 522 -45.47 -6.31 -28.07
N SER K 523 -46.21 -5.21 -28.20
CA SER K 523 -47.18 -4.80 -27.19
C SER K 523 -48.50 -5.53 -27.39
N ASP K 524 -49.48 -5.22 -26.56
CA ASP K 524 -50.84 -5.74 -26.71
C ASP K 524 -51.50 -5.19 -27.97
N GLU K 525 -51.14 -3.96 -28.33
CA GLU K 525 -51.68 -3.27 -29.50
C GLU K 525 -51.27 -3.92 -30.82
N ILE K 526 -50.05 -4.48 -30.84
CA ILE K 526 -49.54 -5.19 -32.02
C ILE K 526 -50.09 -6.63 -32.06
N LYS K 527 -50.36 -7.19 -30.89
CA LYS K 527 -50.98 -8.52 -30.77
C LYS K 527 -52.42 -8.56 -31.29
N GLU K 528 -53.11 -7.42 -31.24
CA GLU K 528 -54.47 -7.29 -31.75
C GLU K 528 -54.50 -7.34 -33.27
N LYS K 529 -53.69 -6.49 -33.91
CA LYS K 529 -53.66 -6.34 -35.37
C LYS K 529 -53.12 -7.58 -36.09
N ILE K 530 -52.31 -8.36 -35.39
CA ILE K 530 -51.71 -9.58 -35.95
C ILE K 530 -52.71 -10.73 -36.06
N LYS K 531 -53.63 -10.83 -35.09
CA LYS K 531 -54.70 -11.83 -35.12
C LYS K 531 -55.70 -11.60 -36.24
N LYS K 532 -55.92 -10.34 -36.59
CA LYS K 532 -56.84 -9.95 -37.66
C LYS K 532 -56.08 -9.64 -38.95
N LEU K 533 -55.13 -10.52 -39.29
CA LEU K 533 -54.27 -10.34 -40.45
C LEU K 533 -54.25 -11.59 -41.33
N SER K 534 -54.06 -11.39 -42.64
CA SER K 534 -54.13 -12.48 -43.62
C SER K 534 -52.98 -13.48 -43.51
N ALA K 535 -53.17 -14.66 -44.11
CA ALA K 535 -52.19 -15.74 -44.07
C ALA K 535 -50.88 -15.40 -44.79
N LYS K 536 -50.98 -14.64 -45.89
CA LYS K 536 -49.82 -14.22 -46.66
C LYS K 536 -48.99 -13.17 -45.92
N SER K 537 -49.68 -12.22 -45.28
CA SER K 537 -49.04 -11.15 -44.55
C SER K 537 -48.43 -11.61 -43.22
N LEU K 538 -48.89 -12.76 -42.72
CA LEU K 538 -48.35 -13.36 -41.49
C LEU K 538 -47.06 -14.14 -41.73
N ASN K 539 -46.97 -14.81 -42.87
CA ASN K 539 -45.79 -15.59 -43.24
C ASN K 539 -44.57 -14.72 -43.50
N GLU K 540 -44.80 -13.54 -44.10
CA GLU K 540 -43.74 -12.58 -44.36
C GLU K 540 -43.23 -11.92 -43.06
N MET K 541 -44.13 -11.77 -42.09
CA MET K 541 -43.77 -11.24 -40.78
C MET K 541 -42.94 -12.24 -39.96
N LEU K 542 -43.18 -13.54 -40.17
CA LEU K 542 -42.41 -14.59 -39.51
C LEU K 542 -41.01 -14.72 -40.11
N PHE K 543 -40.93 -14.64 -41.44
CA PHE K 543 -39.66 -14.70 -42.17
C PHE K 543 -38.75 -13.54 -41.80
N ARG K 544 -39.35 -12.36 -41.62
CA ARG K 544 -38.60 -11.17 -41.23
C ARG K 544 -38.24 -11.14 -39.75
N ALA K 545 -39.04 -11.81 -38.93
CA ALA K 545 -38.73 -11.98 -37.51
C ALA K 545 -37.61 -12.98 -37.28
N GLN K 546 -37.62 -14.07 -38.06
CA GLN K 546 -36.59 -15.11 -37.97
C GLN K 546 -35.25 -14.63 -38.52
N ARG K 547 -35.30 -13.77 -39.54
CA ARG K 547 -34.10 -13.14 -40.10
C ARG K 547 -33.49 -12.16 -39.09
N THR K 548 -34.34 -11.49 -38.32
CA THR K 548 -33.90 -10.60 -37.24
C THR K 548 -33.18 -11.39 -36.14
N GLU K 549 -33.76 -12.53 -35.76
CA GLU K 549 -33.17 -13.42 -34.74
C GLU K 549 -31.75 -13.86 -35.11
N VAL K 550 -31.58 -14.29 -36.36
CA VAL K 550 -30.28 -14.75 -36.86
C VAL K 550 -29.26 -13.61 -36.91
N ALA K 551 -29.72 -12.41 -37.28
CA ALA K 551 -28.87 -11.24 -37.32
C ALA K 551 -28.36 -10.85 -35.93
N GLY K 552 -29.22 -10.96 -34.93
CA GLY K 552 -28.84 -10.71 -33.54
C GLY K 552 -27.97 -11.84 -33.00
N MET K 553 -28.16 -13.04 -33.55
CA MET K 553 -27.38 -14.21 -33.15
C MET K 553 -25.95 -14.06 -33.63
N THR K 554 -25.79 -13.79 -34.93
CA THR K 554 -24.49 -13.58 -35.57
C THR K 554 -23.72 -12.45 -34.91
N ALA K 555 -24.40 -11.34 -34.65
CA ALA K 555 -23.78 -10.17 -34.02
C ALA K 555 -23.28 -10.44 -32.61
N GLN K 556 -24.06 -11.19 -31.82
CA GLN K 556 -23.70 -11.41 -30.41
C GLN K 556 -22.51 -12.36 -30.20
N ILE K 557 -22.37 -13.37 -31.06
CA ILE K 557 -21.20 -14.27 -30.97
C ILE K 557 -19.95 -13.62 -31.56
N ASN K 558 -20.13 -12.75 -32.56
CA ASN K 558 -19.02 -11.97 -33.11
C ASN K 558 -18.40 -11.14 -32.00
N ARG K 559 -19.25 -10.43 -31.26
CA ARG K 559 -18.82 -9.65 -30.12
C ARG K 559 -18.17 -10.52 -29.03
N LYS K 560 -18.70 -11.73 -28.84
CA LYS K 560 -18.12 -12.70 -27.92
C LYS K 560 -16.71 -13.09 -28.37
N LEU K 561 -16.56 -13.36 -29.67
CA LEU K 561 -15.26 -13.73 -30.24
C LEU K 561 -14.22 -12.61 -30.18
N LEU K 562 -14.67 -11.36 -30.27
CA LEU K 562 -13.77 -10.22 -30.17
C LEU K 562 -13.25 -10.03 -28.75
N ILE K 563 -14.15 -10.08 -27.77
CA ILE K 563 -13.78 -9.95 -26.38
C ILE K 563 -12.71 -10.99 -26.04
N ASN K 564 -12.92 -12.23 -26.49
CA ASN K 564 -12.02 -13.34 -26.21
C ASN K 564 -10.68 -13.28 -26.95
N SER K 565 -10.56 -12.41 -27.94
CA SER K 565 -9.37 -12.37 -28.79
C SER K 565 -8.44 -11.20 -28.49
N LEU K 566 -8.88 -10.28 -27.65
CA LEU K 566 -8.12 -9.09 -27.34
C LEU K 566 -6.82 -9.40 -26.59
N TYR K 567 -6.90 -10.19 -25.53
CA TYR K 567 -5.71 -10.51 -24.74
C TYR K 567 -4.53 -10.98 -25.59
N GLY K 568 -4.80 -11.88 -26.53
CA GLY K 568 -3.75 -12.46 -27.36
C GLY K 568 -3.12 -11.48 -28.33
N ALA K 569 -3.94 -10.53 -28.79
CA ALA K 569 -3.45 -9.40 -29.58
C ALA K 569 -2.53 -8.55 -28.70
N LEU K 570 -2.99 -8.25 -27.48
CA LEU K 570 -2.20 -7.49 -26.52
C LEU K 570 -0.94 -8.22 -26.06
N GLY K 571 -0.87 -9.53 -26.31
CA GLY K 571 0.31 -10.32 -26.00
C GLY K 571 1.25 -10.48 -27.19
N ASN K 572 0.81 -10.03 -28.35
CA ASN K 572 1.58 -10.17 -29.58
C ASN K 572 2.39 -8.90 -29.88
N VAL K 573 3.66 -9.09 -30.24
CA VAL K 573 4.60 -7.97 -30.40
C VAL K 573 4.28 -7.08 -31.60
N TRP K 574 3.48 -7.59 -32.53
CA TRP K 574 3.12 -6.89 -33.75
C TRP K 574 1.89 -6.04 -33.61
N PHE K 575 1.27 -6.08 -32.43
CA PHE K 575 0.09 -5.28 -32.14
C PHE K 575 0.50 -3.83 -31.84
N ARG K 576 -0.30 -2.89 -32.33
CA ARG K 576 -0.02 -1.47 -32.18
C ARG K 576 -0.10 -0.99 -30.73
N TYR K 577 -0.80 -1.75 -29.90
CA TYR K 577 -1.05 -1.34 -28.51
C TYR K 577 -0.39 -2.28 -27.50
N TYR K 578 0.51 -3.13 -28.01
CA TYR K 578 1.29 -4.05 -27.19
C TYR K 578 2.21 -3.31 -26.22
N ASP K 579 2.36 -3.87 -25.02
CA ASP K 579 3.33 -3.42 -24.02
C ASP K 579 3.62 -4.57 -23.07
N LEU K 580 4.90 -4.91 -22.91
CA LEU K 580 5.28 -6.01 -22.03
C LEU K 580 4.81 -5.81 -20.60
N ARG K 581 5.01 -4.61 -20.07
CA ARG K 581 4.55 -4.23 -18.75
C ARG K 581 3.05 -4.47 -18.57
N ASN K 582 2.26 -4.10 -19.58
CA ASN K 582 0.81 -4.24 -19.51
C ASN K 582 0.31 -5.67 -19.59
N ALA K 583 0.99 -6.51 -20.38
CA ALA K 583 0.64 -7.93 -20.47
C ALA K 583 0.82 -8.66 -19.13
N THR K 584 1.98 -8.46 -18.50
CA THR K 584 2.27 -9.07 -17.20
C THR K 584 1.35 -8.52 -16.11
N ALA K 585 0.94 -7.27 -16.25
CA ALA K 585 0.00 -6.65 -15.32
C ALA K 585 -1.33 -7.41 -15.29
N ILE K 586 -1.82 -7.76 -16.47
CA ILE K 586 -3.07 -8.51 -16.61
C ILE K 586 -2.93 -9.88 -15.93
N THR K 587 -1.93 -10.66 -16.35
CA THR K 587 -1.75 -12.02 -15.85
C THR K 587 -1.53 -12.07 -14.35
N THR K 588 -0.65 -11.21 -13.85
CA THR K 588 -0.29 -11.22 -12.43
C THR K 588 -1.46 -10.81 -11.54
N PHE K 589 -2.23 -9.83 -12.00
CA PHE K 589 -3.47 -9.46 -11.31
C PHE K 589 -4.40 -10.67 -11.21
N GLY K 590 -4.46 -11.44 -12.30
CA GLY K 590 -5.22 -12.69 -12.32
C GLY K 590 -4.72 -13.74 -11.35
N GLN K 591 -3.40 -13.89 -11.25
CA GLN K 591 -2.81 -14.86 -10.32
C GLN K 591 -3.17 -14.51 -8.88
N MET K 592 -3.02 -13.23 -8.53
CA MET K 592 -3.43 -12.72 -7.22
C MET K 592 -4.93 -12.91 -6.98
N ALA K 593 -5.73 -12.53 -7.98
CA ALA K 593 -7.19 -12.60 -7.89
C ALA K 593 -7.68 -13.99 -7.49
N LEU K 594 -7.19 -15.00 -8.20
CA LEU K 594 -7.61 -16.37 -7.98
C LEU K 594 -7.22 -16.82 -6.58
N GLN K 595 -5.97 -16.56 -6.22
CA GLN K 595 -5.43 -17.03 -4.94
C GLN K 595 -6.00 -16.27 -3.74
N TRP K 596 -6.22 -14.98 -3.92
CA TRP K 596 -6.88 -14.15 -2.90
C TRP K 596 -8.23 -14.70 -2.54
N ILE K 597 -9.03 -15.07 -3.54
CA ILE K 597 -10.37 -15.56 -3.29
C ILE K 597 -10.36 -17.01 -2.83
N GLU K 598 -9.26 -17.73 -3.13
CA GLU K 598 -9.04 -19.07 -2.59
C GLU K 598 -8.89 -18.97 -1.06
N ARG K 599 -8.15 -17.96 -0.61
CA ARG K 599 -7.99 -17.67 0.80
C ARG K 599 -9.33 -17.29 1.43
N LYS K 600 -10.10 -16.47 0.73
CA LYS K 600 -11.37 -15.96 1.25
C LYS K 600 -12.43 -17.03 1.36
N VAL K 601 -12.46 -17.95 0.40
CA VAL K 601 -13.41 -19.07 0.43
C VAL K 601 -13.05 -20.06 1.54
N ASN K 602 -11.75 -20.37 1.67
CA ASN K 602 -11.27 -21.24 2.74
C ASN K 602 -11.57 -20.68 4.12
N GLU K 603 -11.31 -19.37 4.30
CA GLU K 603 -11.61 -18.69 5.56
C GLU K 603 -13.10 -18.72 5.86
N TYR K 604 -13.92 -18.41 4.86
CA TYR K 604 -15.37 -18.37 5.04
C TYR K 604 -15.94 -19.73 5.40
N LEU K 605 -15.50 -20.76 4.70
CA LEU K 605 -16.01 -22.10 4.97
C LEU K 605 -15.52 -22.71 6.28
N ASN K 606 -14.30 -22.35 6.69
CA ASN K 606 -13.79 -22.77 8.00
C ASN K 606 -14.62 -22.16 9.13
N GLU K 607 -14.95 -20.89 8.99
CA GLU K 607 -15.75 -20.15 9.95
C GLU K 607 -17.15 -20.77 10.07
N VAL K 608 -17.81 -20.91 8.92
CA VAL K 608 -19.19 -21.34 8.84
C VAL K 608 -19.40 -22.82 9.21
N CYS K 609 -18.38 -23.65 8.98
CA CYS K 609 -18.44 -25.08 9.32
C CYS K 609 -17.93 -25.39 10.73
N GLY K 610 -17.37 -24.39 11.40
CA GLY K 610 -16.83 -24.54 12.76
C GLY K 610 -15.50 -25.27 12.85
N THR K 611 -14.81 -25.38 11.71
CA THR K 611 -13.50 -26.04 11.65
C THR K 611 -12.37 -25.00 11.62
N GLU K 612 -11.13 -25.47 11.45
CA GLU K 612 -9.96 -24.59 11.35
C GLU K 612 -8.81 -25.17 10.53
N GLY K 613 -8.24 -24.37 9.64
CA GLY K 613 -7.08 -24.75 8.83
C GLY K 613 -7.30 -25.89 7.85
N GLU K 614 -8.55 -26.07 7.42
CA GLU K 614 -8.88 -27.13 6.47
C GLU K 614 -9.08 -26.57 5.06
N ALA K 615 -8.51 -27.27 4.08
CA ALA K 615 -8.47 -26.79 2.69
C ALA K 615 -9.74 -27.17 1.92
N PHE K 616 -10.60 -26.18 1.68
CA PHE K 616 -11.85 -26.42 0.97
C PHE K 616 -11.65 -26.35 -0.52
N VAL K 617 -10.80 -25.43 -0.96
CA VAL K 617 -10.48 -25.27 -2.37
C VAL K 617 -9.45 -26.33 -2.79
N LEU K 618 -9.89 -27.23 -3.66
CA LEU K 618 -9.08 -28.39 -4.00
C LEU K 618 -8.24 -28.14 -5.26
N TYR K 619 -8.75 -27.30 -6.15
CA TYR K 619 -8.09 -27.01 -7.41
C TYR K 619 -8.47 -25.62 -7.93
N GLY K 620 -7.57 -25.04 -8.73
CA GLY K 620 -7.81 -23.77 -9.38
C GLY K 620 -6.94 -23.65 -10.62
N ASP K 621 -7.55 -23.19 -11.71
CA ASP K 621 -6.82 -22.98 -12.95
C ASP K 621 -7.26 -21.67 -13.58
N THR K 622 -6.38 -20.67 -13.53
CA THR K 622 -6.60 -19.36 -14.14
C THR K 622 -7.74 -18.54 -13.53
N ASP K 623 -8.97 -19.00 -13.73
CA ASP K 623 -10.17 -18.20 -13.51
C ASP K 623 -11.21 -18.92 -12.67
N SER K 624 -10.91 -20.15 -12.28
CA SER K 624 -11.89 -20.99 -11.62
C SER K 624 -11.37 -21.63 -10.34
N ILE K 625 -12.24 -21.80 -9.36
CA ILE K 625 -11.90 -22.58 -8.18
C ILE K 625 -12.83 -23.79 -8.04
N TYR K 626 -12.32 -24.86 -7.42
CA TYR K 626 -13.12 -26.05 -7.18
C TYR K 626 -13.17 -26.34 -5.69
N VAL K 627 -14.38 -26.25 -5.14
CA VAL K 627 -14.59 -26.37 -3.70
C VAL K 627 -15.10 -27.77 -3.31
N SER K 628 -14.44 -28.39 -2.34
CA SER K 628 -14.94 -29.61 -1.73
C SER K 628 -16.15 -29.31 -0.84
N ALA K 629 -17.25 -30.01 -1.05
CA ALA K 629 -18.48 -29.74 -0.32
C ALA K 629 -18.80 -30.84 0.69
N ASP K 630 -17.91 -31.83 0.79
CA ASP K 630 -18.04 -32.93 1.74
C ASP K 630 -18.48 -32.48 3.13
N LYS K 631 -17.72 -31.55 3.72
CA LYS K 631 -18.00 -31.04 5.05
C LYS K 631 -19.31 -30.27 5.15
N ILE K 632 -19.76 -29.70 4.04
CA ILE K 632 -21.05 -28.99 4.00
C ILE K 632 -22.21 -29.99 4.03
N ILE K 633 -22.08 -31.06 3.25
CA ILE K 633 -23.03 -32.17 3.30
C ILE K 633 -22.96 -32.91 4.64
N ASP K 634 -21.76 -33.03 5.20
CA ASP K 634 -21.59 -33.76 6.45
C ASP K 634 -22.25 -33.04 7.62
N LYS K 635 -22.07 -31.72 7.68
CA LYS K 635 -22.63 -30.88 8.74
C LYS K 635 -24.15 -31.03 8.84
N VAL K 636 -24.80 -31.02 7.69
CA VAL K 636 -26.22 -31.27 7.60
C VAL K 636 -26.53 -32.77 7.83
N GLY K 637 -25.69 -33.63 7.27
CA GLY K 637 -25.90 -35.08 7.31
C GLY K 637 -26.67 -35.50 6.08
N GLU K 638 -26.15 -36.48 5.34
CA GLU K 638 -26.79 -36.86 4.08
C GLU K 638 -28.03 -37.74 4.26
N SER K 639 -28.31 -38.12 5.50
CA SER K 639 -29.55 -38.82 5.83
C SER K 639 -30.77 -37.89 5.66
N LYS K 640 -30.52 -36.58 5.60
CA LYS K 640 -31.58 -35.58 5.49
C LYS K 640 -32.12 -35.38 4.06
N PHE K 641 -31.49 -36.00 3.07
CA PHE K 641 -31.92 -35.82 1.69
C PHE K 641 -32.69 -37.03 1.19
N ARG K 642 -33.82 -36.78 0.55
CA ARG K 642 -34.67 -37.87 0.04
C ARG K 642 -34.18 -38.44 -1.29
N ASP K 643 -33.63 -37.57 -2.13
CA ASP K 643 -33.02 -37.97 -3.39
C ASP K 643 -31.89 -37.02 -3.76
N THR K 644 -31.16 -37.39 -4.83
CA THR K 644 -30.05 -36.58 -5.34
C THR K 644 -30.45 -35.12 -5.54
N ASN K 645 -31.65 -34.91 -6.09
CA ASN K 645 -32.13 -33.58 -6.40
C ASN K 645 -32.25 -32.65 -5.17
N HIS K 646 -32.51 -33.24 -4.01
CA HIS K 646 -32.60 -32.50 -2.76
C HIS K 646 -31.28 -31.89 -2.36
N TRP K 647 -30.20 -32.65 -2.44
CA TRP K 647 -28.90 -32.10 -2.04
C TRP K 647 -28.30 -31.17 -3.05
N VAL K 648 -28.65 -31.35 -4.32
CA VAL K 648 -28.27 -30.41 -5.37
C VAL K 648 -28.96 -29.07 -5.10
N ASP K 649 -30.26 -29.12 -4.80
CA ASP K 649 -31.03 -27.94 -4.37
C ASP K 649 -30.35 -27.24 -3.20
N PHE K 650 -30.00 -28.02 -2.18
CA PHE K 650 -29.31 -27.49 -1.00
C PHE K 650 -28.00 -26.76 -1.33
N LEU K 651 -27.16 -27.37 -2.17
CA LEU K 651 -25.89 -26.75 -2.54
C LEU K 651 -26.08 -25.52 -3.42
N ASP K 652 -27.13 -25.52 -4.23
CA ASP K 652 -27.50 -24.35 -5.03
C ASP K 652 -27.80 -23.15 -4.12
N LYS K 653 -28.71 -23.33 -3.17
CA LYS K 653 -29.05 -22.29 -2.19
C LYS K 653 -27.87 -21.85 -1.33
N PHE K 654 -27.01 -22.81 -0.97
CA PHE K 654 -25.84 -22.49 -0.15
C PHE K 654 -24.90 -21.57 -0.91
N ALA K 655 -24.62 -21.93 -2.16
CA ALA K 655 -23.71 -21.15 -3.00
C ALA K 655 -24.22 -19.74 -3.25
N ARG K 656 -25.52 -19.62 -3.53
CA ARG K 656 -26.13 -18.35 -3.92
C ARG K 656 -26.36 -17.41 -2.74
N GLU K 657 -26.88 -17.97 -1.64
CA GLU K 657 -27.30 -17.14 -0.51
C GLU K 657 -26.20 -16.90 0.52
N ARG K 658 -25.17 -17.74 0.50
CA ARG K 658 -24.11 -17.66 1.51
C ARG K 658 -22.70 -17.50 0.96
N MET K 659 -22.33 -18.28 -0.05
CA MET K 659 -20.97 -18.23 -0.59
C MET K 659 -20.74 -17.06 -1.52
N GLU K 660 -21.72 -16.76 -2.37
CA GLU K 660 -21.58 -15.65 -3.33
C GLU K 660 -21.57 -14.25 -2.71
N PRO K 661 -22.40 -13.98 -1.68
CA PRO K 661 -22.20 -12.68 -1.03
C PRO K 661 -20.83 -12.59 -0.38
N ALA K 662 -20.37 -13.69 0.20
CA ALA K 662 -19.04 -13.77 0.82
C ALA K 662 -17.92 -13.50 -0.17
N ILE K 663 -18.05 -14.03 -1.38
CA ILE K 663 -17.10 -13.83 -2.46
C ILE K 663 -17.05 -12.37 -2.94
N ASP K 664 -18.21 -11.82 -3.32
CA ASP K 664 -18.29 -10.42 -3.76
C ASP K 664 -17.75 -9.46 -2.70
N ARG K 665 -18.05 -9.77 -1.43
CA ARG K 665 -17.52 -9.00 -0.30
C ARG K 665 -15.99 -9.15 -0.20
N GLY K 666 -15.48 -10.34 -0.47
CA GLY K 666 -14.03 -10.57 -0.52
C GLY K 666 -13.34 -9.85 -1.65
N PHE K 667 -13.99 -9.76 -2.81
CA PHE K 667 -13.43 -9.06 -3.97
C PHE K 667 -13.43 -7.54 -3.84
N ARG K 668 -14.44 -7.00 -3.15
CA ARG K 668 -14.50 -5.54 -2.92
C ARG K 668 -13.34 -5.07 -2.06
N GLU K 669 -12.90 -5.93 -1.15
CA GLU K 669 -11.72 -5.66 -0.33
C GLU K 669 -10.46 -5.59 -1.18
N MET K 670 -10.33 -6.52 -2.14
CA MET K 670 -9.19 -6.54 -3.05
C MET K 670 -9.19 -5.32 -3.98
N CYS K 671 -10.39 -4.86 -4.34
CA CYS K 671 -10.56 -3.67 -5.17
C CYS K 671 -10.13 -2.40 -4.44
N GLU K 672 -10.44 -2.33 -3.14
CA GLU K 672 -9.97 -1.22 -2.30
C GLU K 672 -8.46 -1.27 -2.09
N TYR K 673 -7.94 -2.49 -1.99
CA TYR K 673 -6.53 -2.76 -1.69
C TYR K 673 -5.63 -2.31 -2.83
N MET K 674 -5.97 -2.70 -4.06
CA MET K 674 -5.23 -2.29 -5.25
C MET K 674 -5.67 -0.90 -5.75
N ASN K 675 -6.64 -0.31 -5.05
CA ASN K 675 -7.22 0.98 -5.42
C ASN K 675 -7.67 1.10 -6.88
N ASN K 676 -8.32 0.04 -7.37
CA ASN K 676 -8.77 -0.04 -8.76
C ASN K 676 -9.94 0.88 -9.08
N LYS K 677 -10.17 1.12 -10.37
CA LYS K 677 -11.18 2.07 -10.82
C LYS K 677 -12.61 1.59 -10.54
N GLN K 678 -12.94 0.38 -11.00
CA GLN K 678 -14.24 -0.21 -10.67
C GLN K 678 -14.15 -1.70 -10.42
N HIS K 679 -14.94 -2.16 -9.46
CA HIS K 679 -15.01 -3.57 -9.09
C HIS K 679 -15.74 -4.36 -10.14
N LEU K 680 -15.01 -5.27 -10.79
CA LEU K 680 -15.57 -6.11 -11.87
C LEU K 680 -15.18 -7.60 -11.79
N MET K 681 -14.75 -8.05 -10.62
CA MET K 681 -14.46 -9.46 -10.40
C MET K 681 -15.74 -10.18 -9.95
N PHE K 682 -16.49 -10.68 -10.92
CA PHE K 682 -17.74 -11.38 -10.65
C PHE K 682 -17.56 -12.87 -10.87
N MET K 683 -17.80 -13.65 -9.83
CA MET K 683 -17.57 -15.08 -9.85
C MET K 683 -18.89 -15.85 -9.66
N ASP K 684 -19.38 -16.44 -10.76
CA ASP K 684 -20.61 -17.23 -10.74
C ASP K 684 -20.34 -18.69 -10.35
N ARG K 685 -21.34 -19.34 -9.75
CA ARG K 685 -21.24 -20.77 -9.55
C ARG K 685 -21.39 -21.46 -10.88
N GLU K 686 -20.56 -22.47 -11.13
CA GLU K 686 -20.72 -23.27 -12.34
C GLU K 686 -21.32 -24.63 -12.02
N ALA K 687 -20.46 -25.62 -11.77
CA ALA K 687 -20.90 -27.01 -11.60
C ALA K 687 -21.29 -27.34 -10.18
N ILE K 688 -22.29 -28.21 -10.03
CA ILE K 688 -22.52 -28.96 -8.80
C ILE K 688 -22.36 -30.45 -9.13
N ALA K 689 -21.45 -31.12 -8.42
CA ALA K 689 -21.12 -32.51 -8.73
C ALA K 689 -21.10 -33.45 -7.51
N GLY K 690 -21.49 -34.69 -7.75
CA GLY K 690 -21.46 -35.72 -6.72
C GLY K 690 -22.00 -37.04 -7.23
N PRO K 691 -21.90 -38.10 -6.39
CA PRO K 691 -22.44 -39.40 -6.76
C PRO K 691 -23.96 -39.42 -6.61
N PRO K 692 -24.64 -40.38 -7.26
CA PRO K 692 -26.07 -40.55 -7.00
C PRO K 692 -26.30 -40.96 -5.54
N LEU K 693 -27.38 -40.46 -4.93
CA LEU K 693 -27.70 -40.79 -3.55
C LEU K 693 -27.86 -42.30 -3.38
N GLY K 694 -27.22 -42.85 -2.34
CA GLY K 694 -27.28 -44.29 -2.08
C GLY K 694 -26.24 -45.09 -2.85
N SER K 695 -25.79 -44.57 -3.99
CA SER K 695 -24.87 -45.29 -4.86
C SER K 695 -23.49 -45.42 -4.26
N LYS K 696 -22.64 -46.17 -4.94
CA LYS K 696 -21.28 -46.44 -4.50
C LYS K 696 -20.28 -45.67 -5.36
N GLY K 697 -20.78 -44.76 -6.19
CA GLY K 697 -19.93 -43.90 -7.02
C GLY K 697 -19.07 -42.94 -6.22
N ILE K 698 -17.95 -42.52 -6.80
CA ILE K 698 -17.01 -41.64 -6.10
C ILE K 698 -17.21 -40.16 -6.41
N GLY K 699 -18.13 -39.85 -7.33
CA GLY K 699 -18.46 -38.46 -7.62
C GLY K 699 -17.49 -37.77 -8.57
N GLY K 700 -16.21 -37.75 -8.21
CA GLY K 700 -15.18 -37.13 -9.04
C GLY K 700 -13.77 -37.50 -8.63
N PHE K 701 -12.80 -37.21 -9.50
CA PHE K 701 -11.39 -37.41 -9.16
C PHE K 701 -10.46 -36.45 -9.90
N TRP K 702 -9.30 -36.16 -9.30
CA TRP K 702 -8.20 -35.47 -9.98
C TRP K 702 -7.01 -36.36 -10.05
N THR K 703 -6.34 -36.39 -11.20
CA THR K 703 -5.11 -37.16 -11.31
C THR K 703 -3.89 -36.24 -11.27
N GLY K 704 -4.10 -34.98 -11.62
CA GLY K 704 -3.03 -34.00 -11.66
C GLY K 704 -3.54 -32.69 -12.21
N LYS K 705 -2.62 -31.76 -12.53
CA LYS K 705 -3.03 -30.50 -13.11
C LYS K 705 -3.74 -30.77 -14.43
N LYS K 706 -4.86 -30.06 -14.64
CA LYS K 706 -5.63 -30.07 -15.90
C LYS K 706 -6.24 -31.42 -16.22
N ARG K 707 -6.27 -32.31 -15.25
CA ARG K 707 -6.74 -33.67 -15.51
C ARG K 707 -7.68 -34.19 -14.44
N TYR K 708 -8.97 -34.07 -14.70
CA TYR K 708 -10.00 -34.47 -13.75
C TYR K 708 -11.31 -34.85 -14.42
N ALA K 709 -12.20 -35.44 -13.63
CA ALA K 709 -13.54 -35.80 -14.11
C ALA K 709 -14.56 -35.57 -12.98
N LEU K 710 -15.74 -35.06 -13.34
CA LEU K 710 -16.81 -34.79 -12.35
C LEU K 710 -18.18 -35.26 -12.85
N ASN K 711 -18.99 -35.76 -11.93
CA ASN K 711 -20.36 -36.17 -12.28
C ASN K 711 -21.32 -35.02 -12.00
N VAL K 712 -21.64 -34.25 -13.03
CA VAL K 712 -22.34 -32.97 -12.87
C VAL K 712 -23.86 -33.10 -12.99
N TRP K 713 -24.55 -32.54 -12.00
CA TRP K 713 -26.01 -32.54 -11.93
C TRP K 713 -26.62 -31.26 -12.37
N ASP K 714 -25.85 -30.18 -12.26
CA ASP K 714 -26.35 -28.84 -12.49
C ASP K 714 -25.20 -27.96 -12.93
N MET K 715 -25.35 -27.32 -14.08
CA MET K 715 -24.37 -26.37 -14.56
C MET K 715 -25.02 -24.99 -14.64
N GLU K 716 -24.50 -24.05 -13.86
CA GLU K 716 -24.84 -22.64 -14.01
C GLU K 716 -26.35 -22.38 -13.95
N GLY K 717 -27.04 -23.15 -13.11
CA GLY K 717 -28.48 -22.95 -12.89
C GLY K 717 -29.38 -23.82 -13.76
N THR K 718 -28.81 -24.54 -14.71
CA THR K 718 -29.60 -25.48 -15.50
C THR K 718 -29.48 -26.91 -14.95
N ARG K 719 -30.64 -27.48 -14.62
CA ARG K 719 -30.73 -28.76 -13.92
C ARG K 719 -30.92 -29.91 -14.90
N TYR K 720 -29.95 -30.81 -14.94
CA TYR K 720 -29.95 -31.90 -15.92
C TYR K 720 -30.93 -33.00 -15.56
N ALA K 721 -31.61 -33.54 -16.57
CA ALA K 721 -32.48 -34.70 -16.40
C ALA K 721 -31.66 -35.92 -15.99
N GLU K 722 -30.54 -36.12 -16.67
CA GLU K 722 -29.60 -37.21 -16.40
C GLU K 722 -28.26 -36.57 -16.05
N PRO K 723 -27.52 -37.14 -15.08
CA PRO K 723 -26.20 -36.57 -14.75
C PRO K 723 -25.26 -36.59 -15.94
N LYS K 724 -24.31 -35.66 -15.95
CA LYS K 724 -23.51 -35.40 -17.14
C LYS K 724 -22.04 -35.37 -16.76
N LEU K 725 -21.21 -36.08 -17.52
CA LEU K 725 -19.78 -36.15 -17.20
C LEU K 725 -19.04 -34.91 -17.67
N LYS K 726 -18.38 -34.23 -16.73
CA LYS K 726 -17.46 -33.17 -17.09
C LYS K 726 -16.07 -33.72 -16.97
N ILE K 727 -15.43 -33.99 -18.10
CA ILE K 727 -14.08 -34.53 -18.12
C ILE K 727 -13.17 -33.51 -18.79
N MET K 728 -12.11 -33.13 -18.09
CA MET K 728 -11.12 -32.21 -18.65
C MET K 728 -9.77 -32.90 -18.72
N GLY K 729 -9.11 -32.79 -19.87
CA GLY K 729 -7.72 -33.22 -20.01
C GLY K 729 -7.46 -34.69 -20.25
N LEU K 730 -8.30 -35.56 -19.69
CA LEU K 730 -8.11 -37.01 -19.78
C LEU K 730 -8.18 -37.54 -21.21
N GLU K 731 -7.70 -38.76 -21.41
CA GLU K 731 -7.58 -39.36 -22.75
C GLU K 731 -8.87 -39.33 -23.59
N THR K 732 -10.02 -39.42 -22.93
CA THR K 732 -11.33 -39.35 -23.60
C THR K 732 -11.54 -38.07 -24.40
N GLN K 733 -10.83 -37.00 -24.00
CA GLN K 733 -10.94 -35.69 -24.63
C GLN K 733 -9.90 -35.43 -25.71
N LYS K 734 -9.03 -36.40 -25.97
CA LYS K 734 -7.92 -36.22 -26.90
C LYS K 734 -8.21 -36.82 -28.27
N SER K 735 -7.91 -36.06 -29.33
CA SER K 735 -8.14 -36.50 -30.69
C SER K 735 -7.23 -37.66 -31.09
N SER K 736 -6.14 -37.83 -30.36
CA SER K 736 -5.18 -38.90 -30.64
C SER K 736 -5.64 -40.25 -30.10
N THR K 737 -6.63 -40.22 -29.21
CA THR K 737 -7.17 -41.43 -28.60
C THR K 737 -8.14 -42.07 -29.59
N PRO K 738 -8.00 -43.39 -29.83
CA PRO K 738 -8.91 -44.09 -30.75
C PRO K 738 -10.38 -43.90 -30.38
N LYS K 739 -11.24 -43.90 -31.40
CA LYS K 739 -12.68 -43.73 -31.21
C LYS K 739 -13.27 -44.65 -30.15
N ALA K 740 -13.05 -45.96 -30.32
CA ALA K 740 -13.60 -46.97 -29.41
C ALA K 740 -13.06 -46.85 -27.99
N VAL K 741 -11.81 -46.42 -27.86
CA VAL K 741 -11.17 -46.32 -26.56
C VAL K 741 -11.65 -45.07 -25.83
N GLN K 742 -12.04 -44.04 -26.57
CA GLN K 742 -12.66 -42.87 -25.97
C GLN K 742 -13.94 -43.28 -25.26
N LYS K 743 -14.77 -44.05 -25.97
CA LYS K 743 -16.04 -44.50 -25.42
C LYS K 743 -15.83 -45.44 -24.23
N ALA K 744 -14.86 -46.34 -24.35
CA ALA K 744 -14.61 -47.34 -23.33
C ALA K 744 -14.10 -46.69 -22.05
N LEU K 745 -13.24 -45.70 -22.21
CA LEU K 745 -12.68 -44.97 -21.08
C LEU K 745 -13.73 -44.09 -20.41
N LYS K 746 -14.68 -43.59 -21.21
CA LYS K 746 -15.78 -42.77 -20.72
C LYS K 746 -16.73 -43.60 -19.87
N GLU K 747 -16.99 -44.85 -20.33
CA GLU K 747 -17.84 -45.78 -19.58
C GLU K 747 -17.16 -46.21 -18.29
N CYS K 748 -15.84 -46.38 -18.35
CA CYS K 748 -15.06 -46.65 -17.15
C CYS K 748 -15.20 -45.47 -16.18
N ILE K 749 -15.03 -44.24 -16.67
CA ILE K 749 -15.19 -43.07 -15.83
C ILE K 749 -16.63 -42.96 -15.28
N ARG K 750 -17.63 -43.11 -16.15
CA ARG K 750 -19.03 -43.05 -15.72
C ARG K 750 -19.31 -44.06 -14.61
N ARG K 751 -18.76 -45.26 -14.77
CA ARG K 751 -18.92 -46.31 -13.77
C ARG K 751 -18.22 -45.99 -12.44
N MET K 752 -17.03 -45.39 -12.50
CA MET K 752 -16.33 -45.00 -11.28
C MET K 752 -17.15 -43.95 -10.52
N LEU K 753 -17.60 -42.92 -11.25
CA LEU K 753 -18.23 -41.76 -10.64
C LEU K 753 -19.66 -41.99 -10.16
N GLN K 754 -20.38 -42.88 -10.83
CA GLN K 754 -21.80 -43.09 -10.56
C GLN K 754 -22.14 -44.42 -9.88
N GLU K 755 -21.27 -45.42 -10.00
CA GLU K 755 -21.61 -46.77 -9.56
C GLU K 755 -20.61 -47.46 -8.63
N GLY K 756 -19.32 -47.19 -8.83
CA GLY K 756 -18.31 -47.74 -7.95
C GLY K 756 -17.42 -48.82 -8.55
N GLU K 757 -16.64 -49.46 -7.68
CA GLU K 757 -15.55 -50.35 -8.05
C GLU K 757 -15.97 -51.67 -8.72
N GLU K 758 -16.95 -52.36 -8.13
CA GLU K 758 -17.41 -53.63 -8.69
C GLU K 758 -17.93 -53.42 -10.11
N SER K 759 -18.68 -52.35 -10.30
CA SER K 759 -19.24 -51.99 -11.61
C SER K 759 -18.13 -51.75 -12.63
N LEU K 760 -17.07 -51.07 -12.21
CA LEU K 760 -15.90 -50.83 -13.05
C LEU K 760 -15.23 -52.14 -13.45
N GLN K 761 -15.08 -53.04 -12.47
CA GLN K 761 -14.41 -54.33 -12.70
C GLN K 761 -15.18 -55.22 -13.67
N GLU K 762 -16.50 -55.09 -13.68
CA GLU K 762 -17.35 -55.81 -14.61
C GLU K 762 -17.12 -55.29 -16.04
N TYR K 763 -17.18 -53.97 -16.21
CA TYR K 763 -17.01 -53.41 -17.55
C TYR K 763 -15.63 -53.62 -18.17
N PHE K 764 -14.59 -53.55 -17.34
CA PHE K 764 -13.22 -53.73 -17.81
C PHE K 764 -12.99 -55.12 -18.40
N LYS K 765 -13.63 -56.15 -17.82
CA LYS K 765 -13.59 -57.49 -18.38
C LYS K 765 -14.29 -57.52 -19.74
N GLU K 766 -15.51 -57.00 -19.77
CA GLU K 766 -16.31 -56.93 -20.98
C GLU K 766 -15.53 -56.31 -22.16
N PHE K 767 -14.93 -55.14 -21.94
CA PHE K 767 -14.23 -54.45 -23.03
C PHE K 767 -13.00 -55.19 -23.51
N GLU K 768 -12.29 -55.85 -22.60
CA GLU K 768 -11.15 -56.71 -22.94
C GLU K 768 -11.53 -57.88 -23.84
N LYS K 769 -12.72 -58.45 -23.62
CA LYS K 769 -13.20 -59.57 -24.44
C LYS K 769 -13.63 -59.14 -25.83
N GLU K 770 -14.26 -57.97 -25.93
CA GLU K 770 -14.80 -57.44 -27.17
C GLU K 770 -13.72 -56.89 -28.08
N PHE K 771 -12.61 -56.47 -27.48
CA PHE K 771 -11.64 -55.61 -28.15
C PHE K 771 -11.20 -56.06 -29.52
N ARG K 772 -10.91 -57.35 -29.66
CA ARG K 772 -10.39 -57.89 -30.91
C ARG K 772 -11.42 -57.94 -32.03
N GLN K 773 -12.69 -57.74 -31.67
CA GLN K 773 -13.77 -57.75 -32.67
C GLN K 773 -14.00 -56.36 -33.26
N LEU K 774 -13.39 -55.35 -32.66
CA LEU K 774 -13.63 -53.97 -33.05
C LEU K 774 -13.00 -53.63 -34.40
N ASN K 775 -13.72 -52.86 -35.22
CA ASN K 775 -13.19 -52.33 -36.48
C ASN K 775 -11.84 -51.67 -36.26
N TYR K 776 -10.92 -51.89 -37.21
CA TYR K 776 -9.53 -51.46 -37.05
C TYR K 776 -9.37 -49.93 -37.04
N ILE K 777 -10.23 -49.22 -37.77
CA ILE K 777 -10.24 -47.75 -37.73
C ILE K 777 -10.68 -47.20 -36.36
N SER K 778 -11.63 -47.86 -35.71
CA SER K 778 -12.13 -47.38 -34.42
C SER K 778 -11.12 -47.57 -33.30
N ILE K 779 -10.13 -48.45 -33.51
CA ILE K 779 -9.09 -48.69 -32.51
C ILE K 779 -7.68 -48.17 -32.87
N ALA K 780 -7.56 -47.46 -33.98
CA ALA K 780 -6.30 -46.84 -34.38
C ALA K 780 -6.06 -45.51 -33.67
N SER K 781 -4.81 -45.23 -33.34
CA SER K 781 -4.41 -43.93 -32.78
C SER K 781 -4.34 -42.88 -33.89
N VAL K 782 -4.25 -41.62 -33.49
CA VAL K 782 -4.15 -40.52 -34.45
C VAL K 782 -2.99 -39.61 -34.04
N SER K 783 -2.31 -39.07 -35.04
CA SER K 783 -1.19 -38.17 -34.82
C SER K 783 -0.97 -37.27 -36.01
N SER K 784 -0.36 -36.11 -35.77
CA SER K 784 0.04 -35.19 -36.83
C SER K 784 1.32 -35.64 -37.50
N ALA K 785 1.43 -35.39 -38.80
CA ALA K 785 2.60 -35.82 -39.57
C ALA K 785 3.57 -34.68 -39.86
N ASN K 786 4.17 -34.12 -38.80
CA ASN K 786 5.17 -33.06 -38.95
C ASN K 786 6.59 -33.60 -39.07
N ASN K 787 7.42 -32.87 -39.82
CA ASN K 787 8.86 -33.16 -39.94
C ASN K 787 9.22 -34.57 -40.45
N ILE K 788 8.54 -35.04 -41.49
CA ILE K 788 8.82 -36.37 -42.04
C ILE K 788 10.23 -36.44 -42.64
N ALA K 789 10.50 -35.61 -43.65
CA ALA K 789 11.82 -35.56 -44.31
C ALA K 789 13.00 -35.47 -43.34
N LYS K 790 12.83 -34.72 -42.25
CA LYS K 790 13.84 -34.59 -41.20
C LYS K 790 14.27 -35.94 -40.61
N TYR K 791 13.32 -36.87 -40.47
CA TYR K 791 13.61 -38.17 -39.88
C TYR K 791 13.75 -39.31 -40.90
N ASP K 792 13.69 -38.96 -42.17
CA ASP K 792 13.72 -39.92 -43.29
C ASP K 792 15.14 -40.05 -43.85
N VAL K 793 15.83 -41.14 -43.48
CA VAL K 793 17.16 -41.41 -44.03
C VAL K 793 17.13 -42.67 -44.91
N GLY K 794 17.11 -42.45 -46.22
CA GLY K 794 17.06 -43.54 -47.20
C GLY K 794 15.81 -44.38 -47.10
N GLY K 795 14.73 -43.78 -46.58
CA GLY K 795 13.47 -44.49 -46.41
C GLY K 795 13.32 -45.13 -45.04
N PHE K 796 14.36 -45.04 -44.22
CA PHE K 796 14.36 -45.61 -42.87
C PHE K 796 14.51 -44.54 -41.78
N PRO K 797 14.02 -44.83 -40.57
CA PRO K 797 14.06 -43.93 -39.41
C PRO K 797 15.46 -43.42 -39.07
N GLY K 798 15.62 -42.10 -39.06
CA GLY K 798 16.87 -41.47 -38.64
C GLY K 798 16.93 -41.33 -37.12
N PRO K 799 18.06 -40.85 -36.59
CA PRO K 799 18.19 -40.69 -35.13
C PRO K 799 17.06 -39.85 -34.54
N LYS K 800 16.49 -40.35 -33.44
CA LYS K 800 15.44 -39.65 -32.67
C LYS K 800 14.05 -39.66 -33.32
N CYS K 801 13.86 -40.53 -34.30
CA CYS K 801 12.61 -40.58 -35.06
C CYS K 801 11.40 -40.92 -34.20
N PRO K 802 10.43 -39.99 -34.10
CA PRO K 802 9.21 -40.24 -33.32
C PRO K 802 8.46 -41.46 -33.83
N PHE K 803 7.72 -42.10 -32.93
CA PHE K 803 6.98 -43.32 -33.23
C PHE K 803 6.14 -43.21 -34.51
N HIS K 804 5.31 -42.17 -34.59
CA HIS K 804 4.36 -42.03 -35.68
C HIS K 804 5.00 -41.74 -37.00
N ILE K 805 6.19 -41.13 -36.97
CA ILE K 805 6.97 -40.89 -38.18
C ILE K 805 7.59 -42.20 -38.64
N ARG K 806 8.00 -43.04 -37.69
CA ARG K 806 8.47 -44.40 -38.02
C ARG K 806 7.36 -45.16 -38.73
N GLY K 807 6.12 -44.96 -38.28
CA GLY K 807 4.97 -45.61 -38.90
C GLY K 807 4.75 -45.16 -40.32
N ILE K 808 5.00 -43.88 -40.58
CA ILE K 808 4.80 -43.30 -41.91
C ILE K 808 5.83 -43.85 -42.88
N LEU K 809 7.07 -43.92 -42.44
CA LEU K 809 8.15 -44.42 -43.27
C LEU K 809 7.95 -45.90 -43.62
N THR K 810 7.33 -46.64 -42.70
CA THR K 810 6.97 -48.04 -42.94
C THR K 810 5.98 -48.09 -44.09
N TYR K 811 4.92 -47.30 -43.97
CA TYR K 811 3.91 -47.20 -45.02
C TYR K 811 4.52 -46.85 -46.38
N ASN K 812 5.29 -45.76 -46.46
CA ASN K 812 5.93 -45.34 -47.71
C ASN K 812 6.77 -46.42 -48.40
N ARG K 813 7.46 -47.26 -47.62
CA ARG K 813 8.22 -48.36 -48.17
C ARG K 813 7.28 -49.42 -48.76
N ALA K 814 6.19 -49.70 -48.05
CA ALA K 814 5.21 -50.70 -48.47
C ALA K 814 4.50 -50.29 -49.75
N ILE K 815 4.45 -48.99 -50.00
CA ILE K 815 3.72 -48.45 -51.15
C ILE K 815 4.65 -47.92 -52.23
N LYS K 816 5.96 -48.10 -52.03
CA LYS K 816 6.99 -47.67 -52.99
C LYS K 816 6.64 -48.03 -54.44
N GLY K 817 6.47 -46.99 -55.25
CA GLY K 817 6.19 -47.14 -56.68
C GLY K 817 4.82 -47.72 -56.99
N ASN K 818 3.80 -47.25 -56.27
CA ASN K 818 2.44 -47.69 -56.51
C ASN K 818 1.55 -46.55 -57.04
N ILE K 819 1.09 -46.71 -58.29
CA ILE K 819 0.27 -45.72 -59.01
C ILE K 819 -0.07 -44.52 -58.12
N ASP K 820 -1.20 -44.61 -57.42
CA ASP K 820 -1.51 -43.68 -56.35
C ASP K 820 -2.22 -44.41 -55.22
N ALA K 821 -1.44 -45.13 -54.42
CA ALA K 821 -1.83 -45.43 -53.07
C ALA K 821 -1.83 -44.07 -52.40
N PRO K 822 -2.79 -43.82 -51.48
CA PRO K 822 -2.89 -42.48 -50.87
C PRO K 822 -1.58 -42.05 -50.21
N GLN K 823 -1.14 -40.84 -50.51
CA GLN K 823 0.14 -40.31 -50.03
C GLN K 823 -0.06 -39.58 -48.71
N VAL K 824 0.82 -39.84 -47.75
CA VAL K 824 0.82 -39.11 -46.47
C VAL K 824 1.39 -37.70 -46.71
N VAL K 825 0.55 -36.69 -46.53
CA VAL K 825 0.96 -35.31 -46.76
C VAL K 825 1.54 -34.72 -45.48
N GLU K 826 2.77 -34.23 -45.56
CA GLU K 826 3.47 -33.69 -44.40
C GLU K 826 2.74 -32.46 -43.87
N GLY K 827 2.33 -32.54 -42.61
CA GLY K 827 1.50 -31.51 -42.01
C GLY K 827 0.11 -32.00 -41.67
N GLU K 828 -0.34 -33.03 -42.37
CA GLU K 828 -1.67 -33.59 -42.15
C GLU K 828 -1.66 -34.65 -41.05
N LYS K 829 -2.74 -35.43 -40.92
CA LYS K 829 -2.84 -36.40 -39.83
C LYS K 829 -2.82 -37.85 -40.29
N VAL K 830 -2.42 -38.75 -39.39
CA VAL K 830 -2.35 -40.18 -39.71
C VAL K 830 -3.01 -41.05 -38.66
N TYR K 831 -3.58 -42.19 -39.09
CA TYR K 831 -3.90 -43.30 -38.18
C TYR K 831 -2.60 -44.06 -37.94
N VAL K 832 -2.44 -44.59 -36.73
CA VAL K 832 -1.23 -45.34 -36.36
C VAL K 832 -1.63 -46.65 -35.69
N LEU K 833 -0.92 -47.73 -36.02
CA LEU K 833 -1.11 -49.02 -35.39
C LEU K 833 0.22 -49.70 -35.12
N PRO K 834 0.38 -50.31 -33.93
CA PRO K 834 1.57 -51.11 -33.67
C PRO K 834 1.47 -52.46 -34.38
N LEU K 835 2.61 -53.07 -34.68
CA LEU K 835 2.66 -54.37 -35.36
C LEU K 835 3.48 -55.38 -34.56
N ARG K 836 3.13 -56.66 -34.68
CA ARG K 836 3.86 -57.72 -33.98
C ARG K 836 5.22 -57.99 -34.62
N GLU K 837 6.16 -58.51 -33.84
CA GLU K 837 7.49 -58.92 -34.35
C GLU K 837 7.39 -59.89 -35.52
N GLY K 838 8.23 -59.68 -36.53
CA GLY K 838 8.39 -60.60 -37.65
C GLY K 838 7.46 -60.32 -38.82
N ASN K 839 6.77 -59.18 -38.76
CA ASN K 839 5.86 -58.74 -39.82
C ASN K 839 6.60 -58.42 -41.13
N PRO K 840 5.92 -58.58 -42.30
CA PRO K 840 6.52 -58.36 -43.63
C PRO K 840 6.88 -56.90 -43.90
N PHE K 841 6.36 -56.00 -43.08
CA PHE K 841 6.75 -54.59 -43.11
C PHE K 841 8.08 -54.44 -42.37
N GLY K 842 8.69 -53.27 -42.45
CA GLY K 842 10.02 -53.13 -41.87
C GLY K 842 10.12 -53.15 -40.36
N ASP K 843 9.02 -52.81 -39.66
CA ASP K 843 9.14 -52.22 -38.34
C ASP K 843 7.96 -52.48 -37.39
N LYS K 844 8.03 -51.86 -36.20
CA LYS K 844 7.11 -52.13 -35.10
C LYS K 844 5.77 -51.38 -35.19
N CYS K 845 5.64 -50.53 -36.20
CA CYS K 845 4.38 -49.83 -36.43
C CYS K 845 4.23 -49.37 -37.88
N ILE K 846 2.99 -49.05 -38.25
CA ILE K 846 2.64 -48.51 -39.57
C ILE K 846 1.61 -47.38 -39.41
N ALA K 847 1.58 -46.46 -40.36
CA ALA K 847 0.72 -45.29 -40.29
C ALA K 847 0.25 -44.89 -41.68
N TRP K 848 -1.05 -44.59 -41.83
CA TRP K 848 -1.61 -44.19 -43.11
C TRP K 848 -2.53 -43.01 -42.93
N PRO K 849 -2.83 -42.26 -44.02
CA PRO K 849 -3.57 -41.01 -43.84
C PRO K 849 -4.90 -41.19 -43.11
N SER K 850 -5.23 -40.26 -42.21
CA SER K 850 -6.44 -40.35 -41.40
C SER K 850 -7.70 -40.05 -42.20
N GLY K 851 -8.83 -40.48 -41.65
CA GLY K 851 -10.13 -40.33 -42.28
C GLY K 851 -10.33 -41.27 -43.46
N THR K 852 -9.46 -42.28 -43.60
CA THR K 852 -9.52 -43.19 -44.74
C THR K 852 -9.26 -44.64 -44.35
N GLU K 853 -9.61 -45.54 -45.26
CA GLU K 853 -9.27 -46.97 -45.17
C GLU K 853 -7.89 -47.16 -45.82
N ILE K 854 -7.07 -48.08 -45.29
CA ILE K 854 -5.77 -48.40 -45.93
C ILE K 854 -6.00 -49.06 -47.29
N THR K 855 -5.10 -48.82 -48.25
CA THR K 855 -5.18 -49.45 -49.58
C THR K 855 -5.30 -50.97 -49.46
N ASP K 856 -6.14 -51.56 -50.31
CA ASP K 856 -6.39 -53.00 -50.29
C ASP K 856 -5.13 -53.84 -50.54
N LEU K 857 -4.16 -53.24 -51.23
CA LEU K 857 -2.89 -53.91 -51.51
C LEU K 857 -2.10 -54.26 -50.26
N ILE K 858 -2.35 -53.51 -49.18
CA ILE K 858 -1.63 -53.65 -47.91
C ILE K 858 -2.57 -53.99 -46.75
N LYS K 859 -3.89 -53.79 -46.94
CA LYS K 859 -4.89 -53.90 -45.87
C LYS K 859 -4.90 -55.23 -45.12
N ASP K 860 -4.88 -56.34 -45.86
CA ASP K 860 -4.98 -57.66 -45.25
C ASP K 860 -3.78 -58.00 -44.34
N ASP K 861 -2.58 -57.61 -44.78
CA ASP K 861 -1.37 -57.80 -43.99
C ASP K 861 -1.42 -57.03 -42.67
N VAL K 862 -1.82 -55.77 -42.76
CA VAL K 862 -1.96 -54.93 -41.58
C VAL K 862 -2.97 -55.51 -40.60
N LEU K 863 -4.09 -56.02 -41.10
CA LEU K 863 -5.08 -56.65 -40.23
C LEU K 863 -4.54 -57.90 -39.55
N HIS K 864 -3.69 -58.65 -40.25
CA HIS K 864 -3.11 -59.88 -39.73
C HIS K 864 -1.94 -59.64 -38.79
N TRP K 865 -1.29 -58.48 -38.88
CA TRP K 865 -0.09 -58.22 -38.09
C TRP K 865 -0.25 -57.23 -36.98
N MET K 866 -1.45 -56.63 -36.90
CA MET K 866 -1.84 -55.75 -35.80
C MET K 866 -1.49 -56.38 -34.47
N ASP K 867 -0.91 -55.58 -33.58
CA ASP K 867 -0.56 -56.05 -32.26
C ASP K 867 -1.63 -55.57 -31.27
N TYR K 868 -2.69 -56.37 -31.11
CA TYR K 868 -3.82 -56.02 -30.25
C TYR K 868 -3.42 -55.86 -28.79
N THR K 869 -2.53 -56.73 -28.30
CA THR K 869 -2.07 -56.70 -26.93
C THR K 869 -1.40 -55.37 -26.61
N VAL K 870 -0.49 -54.96 -27.50
CA VAL K 870 0.25 -53.72 -27.31
C VAL K 870 -0.70 -52.54 -27.46
N LEU K 871 -1.60 -52.61 -28.43
CA LEU K 871 -2.59 -51.56 -28.67
C LEU K 871 -3.54 -51.35 -27.48
N LEU K 872 -3.98 -52.45 -26.88
CA LEU K 872 -4.86 -52.39 -25.71
C LEU K 872 -4.12 -51.82 -24.51
N GLU K 873 -2.87 -52.23 -24.35
CA GLU K 873 -2.05 -51.79 -23.22
C GLU K 873 -1.73 -50.29 -23.26
N LYS K 874 -1.33 -49.77 -24.42
CA LYS K 874 -0.90 -48.36 -24.47
C LYS K 874 -2.04 -47.31 -24.55
N THR K 875 -3.20 -47.69 -25.08
CA THR K 875 -4.28 -46.75 -25.25
C THR K 875 -5.40 -46.85 -24.21
N PHE K 876 -5.60 -48.04 -23.64
CA PHE K 876 -6.72 -48.28 -22.71
C PHE K 876 -6.27 -48.57 -21.29
N ILE K 877 -5.48 -49.63 -21.12
CA ILE K 877 -5.06 -50.06 -19.79
C ILE K 877 -4.20 -48.98 -19.09
N LYS K 878 -3.16 -48.50 -19.75
CA LYS K 878 -2.25 -47.56 -19.11
C LYS K 878 -2.92 -46.27 -18.64
N PRO K 879 -3.82 -45.69 -19.45
CA PRO K 879 -4.55 -44.50 -18.98
C PRO K 879 -5.54 -44.79 -17.84
N LEU K 880 -6.21 -45.94 -17.89
CA LEU K 880 -7.13 -46.34 -16.83
C LEU K 880 -6.38 -46.53 -15.49
N GLU K 881 -5.21 -47.15 -15.54
CA GLU K 881 -4.38 -47.34 -14.36
C GLU K 881 -4.11 -45.97 -13.70
N GLY K 882 -3.95 -44.94 -14.54
CA GLY K 882 -3.77 -43.57 -14.09
C GLY K 882 -4.99 -43.05 -13.34
N PHE K 883 -6.17 -43.19 -13.94
CA PHE K 883 -7.42 -42.78 -13.31
C PHE K 883 -7.62 -43.52 -11.99
N THR K 884 -7.51 -44.85 -12.05
CA THR K 884 -7.86 -45.70 -10.92
C THR K 884 -6.91 -45.55 -9.72
N SER K 885 -5.63 -45.29 -9.97
CA SER K 885 -4.72 -45.15 -8.84
C SER K 885 -4.91 -43.80 -8.18
N ALA K 886 -5.17 -42.78 -9.00
CA ALA K 886 -5.54 -41.46 -8.51
C ALA K 886 -6.77 -41.52 -7.62
N ALA K 887 -7.79 -42.24 -8.07
CA ALA K 887 -9.06 -42.36 -7.37
C ALA K 887 -9.03 -43.40 -6.25
N LYS K 888 -7.95 -44.21 -6.25
CA LYS K 888 -7.74 -45.27 -5.25
C LYS K 888 -8.75 -46.40 -5.40
N LEU K 889 -8.98 -46.79 -6.66
CA LEU K 889 -9.83 -47.93 -6.99
C LEU K 889 -9.01 -48.98 -7.73
N ASP K 890 -9.54 -50.19 -7.81
CA ASP K 890 -8.95 -51.23 -8.62
C ASP K 890 -9.86 -51.58 -9.80
N TYR K 891 -9.30 -51.59 -11.01
CA TYR K 891 -10.07 -52.07 -12.17
C TYR K 891 -10.12 -53.59 -12.24
N GLU K 892 -9.32 -54.25 -11.41
CA GLU K 892 -9.24 -55.70 -11.38
C GLU K 892 -9.47 -56.13 -9.95
N LYS K 893 -10.29 -57.17 -9.76
CA LYS K 893 -10.66 -57.61 -8.42
C LYS K 893 -9.44 -58.11 -7.66
N LYS K 894 -9.30 -57.68 -6.42
CA LYS K 894 -8.18 -58.09 -5.58
C LYS K 894 -8.64 -58.97 -4.43
N ALA K 895 -7.72 -59.79 -3.94
CA ALA K 895 -7.98 -60.70 -2.83
C ALA K 895 -8.36 -59.94 -1.56
N SER K 896 -9.33 -60.50 -0.84
CA SER K 896 -9.82 -59.90 0.41
C SER K 896 -10.05 -61.02 1.43
N LEU K 897 -9.81 -60.73 2.70
CA LEU K 897 -10.05 -61.70 3.77
C LEU K 897 -11.55 -61.91 4.01
N PHE K 898 -12.37 -61.32 3.16
CA PHE K 898 -13.82 -61.50 3.21
C PHE K 898 -14.32 -62.45 2.13
N ASP K 899 -13.38 -63.02 1.38
CA ASP K 899 -13.65 -64.14 0.50
C ASP K 899 -13.66 -65.43 1.33
N MET K 900 -12.81 -65.46 2.36
CA MET K 900 -12.75 -66.58 3.31
C MET K 900 -13.94 -66.63 4.26
N PHE K 901 -14.61 -65.49 4.45
CA PHE K 901 -15.77 -65.41 5.35
C PHE K 901 -17.06 -65.87 4.68
N ASP K 902 -17.69 -66.88 5.28
CA ASP K 902 -19.02 -67.35 4.87
C ASP K 902 -19.95 -67.44 6.08
N PHE K 903 -19.35 -67.56 7.27
CA PHE K 903 -20.06 -67.54 8.55
C PHE K 903 -21.47 -68.16 8.52
N MET L 1 -36.95 -18.34 9.12
CA MET L 1 -37.68 -17.06 9.29
C MET L 1 -37.15 -16.27 10.49
N LYS L 2 -36.91 -14.98 10.28
CA LYS L 2 -36.53 -14.08 11.37
C LYS L 2 -37.70 -13.20 11.77
N GLU L 3 -37.49 -12.37 12.79
CA GLU L 3 -38.54 -11.52 13.35
C GLU L 3 -38.50 -10.07 12.84
N PHE L 4 -39.66 -9.44 12.80
CA PHE L 4 -39.79 -8.04 12.40
C PHE L 4 -40.43 -7.20 13.51
N TYR L 5 -40.04 -5.92 13.58
CA TYR L 5 -40.54 -5.01 14.60
C TYR L 5 -41.91 -4.44 14.22
N LEU L 6 -42.64 -3.95 15.23
CA LEU L 6 -43.94 -3.32 15.00
C LEU L 6 -43.88 -1.82 15.32
N THR L 7 -43.85 -1.48 16.60
CA THR L 7 -43.77 -0.08 17.03
C THR L 7 -42.74 0.14 18.12
N VAL L 8 -41.95 1.19 17.95
CA VAL L 8 -40.95 1.60 18.93
C VAL L 8 -41.23 3.05 19.36
N GLU L 9 -40.93 3.36 20.61
CA GLU L 9 -41.08 4.71 21.15
C GLU L 9 -40.18 4.93 22.37
N GLN L 10 -39.60 6.13 22.48
CA GLN L 10 -38.66 6.46 23.54
C GLN L 10 -39.35 7.12 24.73
N ILE L 11 -39.16 6.53 25.92
CA ILE L 11 -39.67 7.09 27.17
C ILE L 11 -38.56 7.08 28.22
N GLY L 12 -38.06 8.28 28.55
CA GLY L 12 -36.99 8.43 29.53
C GLY L 12 -35.68 7.82 29.07
N ASP L 13 -35.03 7.09 29.98
CA ASP L 13 -33.75 6.45 29.69
C ASP L 13 -33.92 5.11 28.95
N SER L 14 -35.10 4.53 29.05
CA SER L 14 -35.37 3.21 28.49
C SER L 14 -36.11 3.28 27.15
N ILE L 15 -36.02 2.20 26.37
CA ILE L 15 -36.72 2.09 25.09
C ILE L 15 -37.73 0.95 25.11
N PHE L 16 -38.97 1.26 24.70
CA PHE L 16 -40.03 0.27 24.62
C PHE L 16 -40.19 -0.22 23.18
N GLU L 17 -40.40 -1.52 23.02
CA GLU L 17 -40.53 -2.10 21.68
C GLU L 17 -41.64 -3.14 21.59
N ARG L 18 -42.46 -3.00 20.56
CA ARG L 18 -43.47 -4.01 20.21
C ARG L 18 -43.01 -4.71 18.93
N TYR L 19 -43.12 -6.05 18.92
CA TYR L 19 -42.62 -6.84 17.80
C TYR L 19 -43.27 -8.23 17.73
N ILE L 20 -43.36 -8.75 16.52
CA ILE L 20 -43.77 -10.14 16.28
C ILE L 20 -42.50 -10.97 16.20
N ASP L 21 -42.35 -11.91 17.14
CA ASP L 21 -41.13 -12.73 17.24
C ASP L 21 -41.05 -13.82 16.16
N SER L 22 -39.99 -14.62 16.21
CA SER L 22 -39.71 -15.65 15.21
C SER L 22 -40.86 -16.66 15.01
N ASN L 23 -41.56 -17.00 16.08
CA ASN L 23 -42.68 -17.96 16.00
C ASN L 23 -44.03 -17.33 15.64
N GLY L 24 -44.26 -16.09 16.09
CA GLY L 24 -45.46 -15.35 15.71
C GLY L 24 -46.17 -14.55 16.79
N ARG L 25 -45.75 -14.69 18.04
CA ARG L 25 -46.39 -14.03 19.17
C ARG L 25 -45.96 -12.57 19.34
N GLU L 26 -46.93 -11.70 19.62
CA GLU L 26 -46.69 -10.28 19.86
C GLU L 26 -46.15 -10.07 21.26
N ARG L 27 -45.03 -9.36 21.37
CA ARG L 27 -44.38 -9.14 22.67
C ARG L 27 -44.08 -7.67 22.95
N THR L 28 -43.76 -7.37 24.21
CA THR L 28 -43.44 -6.02 24.64
C THR L 28 -42.16 -5.99 25.49
N ARG L 29 -41.26 -5.07 25.16
CA ARG L 29 -39.95 -4.94 25.81
C ARG L 29 -39.80 -3.62 26.57
N GLU L 30 -38.78 -3.58 27.43
CA GLU L 30 -38.31 -2.33 28.03
C GLU L 30 -36.79 -2.42 28.20
N VAL L 31 -36.07 -1.97 27.18
CA VAL L 31 -34.63 -2.15 27.10
C VAL L 31 -33.87 -0.87 27.47
N GLU L 32 -32.82 -1.04 28.27
CA GLU L 32 -31.93 0.06 28.64
C GLU L 32 -30.84 0.22 27.56
N TYR L 33 -31.28 0.54 26.35
CA TYR L 33 -30.40 0.62 25.18
C TYR L 33 -29.21 1.56 25.38
N LYS L 34 -28.03 1.07 25.01
CA LYS L 34 -26.79 1.83 25.14
C LYS L 34 -26.45 2.55 23.83
N PRO L 35 -26.63 3.89 23.81
CA PRO L 35 -26.37 4.66 22.59
C PRO L 35 -24.88 4.89 22.37
N SER L 36 -24.44 4.71 21.13
CA SER L 36 -23.05 4.97 20.75
C SER L 36 -22.97 6.19 19.82
N LEU L 37 -22.12 7.13 20.19
CA LEU L 37 -21.87 8.32 19.36
C LEU L 37 -20.38 8.49 19.07
N PHE L 38 -20.05 9.49 18.26
CA PHE L 38 -18.69 9.65 17.77
C PHE L 38 -18.16 11.08 17.87
N ALA L 39 -16.85 11.19 18.07
CA ALA L 39 -16.15 12.47 18.06
C ALA L 39 -14.86 12.33 17.27
N HIS L 40 -14.43 13.43 16.62
CA HIS L 40 -13.17 13.43 15.87
C HIS L 40 -12.00 13.25 16.78
N CYS L 41 -11.05 12.44 16.33
CA CYS L 41 -9.82 12.18 17.08
C CYS L 41 -8.60 12.35 16.18
N PRO L 42 -7.43 12.64 16.78
CA PRO L 42 -6.17 12.77 16.02
C PRO L 42 -5.79 11.52 15.22
N GLU L 43 -4.78 11.66 14.37
CA GLU L 43 -4.32 10.58 13.47
C GLU L 43 -3.79 9.35 14.23
N SER L 44 -3.39 9.57 15.48
CA SER L 44 -2.76 8.53 16.32
C SER L 44 -3.65 7.30 16.56
N GLN L 45 -4.95 7.51 16.72
CA GLN L 45 -5.88 6.42 17.01
C GLN L 45 -6.13 5.53 15.81
N ALA L 46 -5.74 4.26 15.92
CA ALA L 46 -5.91 3.29 14.86
C ALA L 46 -7.24 2.54 15.00
N THR L 47 -8.34 3.28 14.80
CA THR L 47 -9.68 2.69 14.84
C THR L 47 -10.15 2.31 13.43
N LYS L 48 -11.37 1.79 13.34
CA LYS L 48 -11.95 1.40 12.05
C LYS L 48 -13.02 2.39 11.57
N TYR L 49 -13.22 3.46 12.34
CA TYR L 49 -14.27 4.44 12.05
C TYR L 49 -13.74 5.70 11.37
N PHE L 50 -14.38 6.09 10.27
CA PHE L 50 -14.07 7.30 9.53
C PHE L 50 -15.36 8.02 9.14
N ASP L 51 -15.33 9.35 9.12
CA ASP L 51 -16.46 10.12 8.60
C ASP L 51 -16.47 10.09 7.06
N ILE L 52 -17.47 10.71 6.44
CA ILE L 52 -17.60 10.70 4.99
C ILE L 52 -16.42 11.37 4.27
N TYR L 53 -15.70 12.23 4.99
CA TYR L 53 -14.57 12.98 4.44
C TYR L 53 -13.25 12.21 4.52
N GLY L 54 -13.29 11.02 5.14
CA GLY L 54 -12.11 10.16 5.29
C GLY L 54 -11.27 10.50 6.50
N LYS L 55 -11.89 11.09 7.51
CA LYS L 55 -11.19 11.55 8.71
C LYS L 55 -11.51 10.64 9.89
N PRO L 56 -10.48 10.29 10.70
CA PRO L 56 -10.62 9.35 11.82
C PRO L 56 -11.58 9.81 12.91
N CYS L 57 -12.26 8.86 13.55
CA CYS L 57 -13.20 9.13 14.63
C CYS L 57 -13.06 8.11 15.76
N THR L 58 -13.38 8.54 16.98
CA THR L 58 -13.41 7.65 18.14
C THR L 58 -14.85 7.46 18.64
N ARG L 59 -15.11 6.29 19.20
CA ARG L 59 -16.46 5.92 19.63
C ARG L 59 -16.70 6.12 21.13
N LYS L 60 -17.68 6.96 21.43
CA LYS L 60 -18.13 7.18 22.80
C LYS L 60 -19.27 6.22 23.10
N LEU L 61 -19.32 5.73 24.34
CA LEU L 61 -20.37 4.81 24.76
C LEU L 61 -21.09 5.33 26.00
N PHE L 62 -22.43 5.33 25.93
CA PHE L 62 -23.25 5.87 27.01
C PHE L 62 -24.11 4.80 27.65
N ALA L 63 -24.29 4.90 28.97
CA ALA L 63 -25.09 3.94 29.73
C ALA L 63 -26.59 4.13 29.47
N ASN L 64 -27.02 5.38 29.38
CA ASN L 64 -28.42 5.72 29.10
C ASN L 64 -28.55 6.82 28.06
N MET L 65 -29.76 6.96 27.52
CA MET L 65 -30.05 7.95 26.47
C MET L 65 -29.98 9.39 26.97
N ARG L 66 -30.31 9.59 28.23
CA ARG L 66 -30.27 10.91 28.88
C ARG L 66 -28.83 11.43 28.99
N ASP L 67 -27.91 10.51 29.27
CA ASP L 67 -26.47 10.82 29.31
C ASP L 67 -25.91 11.09 27.92
N ALA L 68 -26.52 10.46 26.91
CA ALA L 68 -26.15 10.68 25.51
C ALA L 68 -26.76 11.98 24.96
N SER L 69 -28.00 12.26 25.37
CA SER L 69 -28.74 13.45 24.92
C SER L 69 -28.10 14.74 25.44
N GLN L 70 -27.82 14.79 26.74
CA GLN L 70 -27.22 15.96 27.37
C GLN L 70 -25.74 16.13 26.97
N TRP L 71 -25.14 15.06 26.47
CA TRP L 71 -23.78 15.10 25.94
C TRP L 71 -23.74 15.87 24.65
N ILE L 72 -24.77 15.65 23.81
CA ILE L 72 -24.89 16.34 22.53
C ILE L 72 -25.07 17.85 22.72
N LYS L 73 -26.03 18.22 23.56
CA LYS L 73 -26.38 19.64 23.76
C LYS L 73 -25.25 20.47 24.36
N ARG L 74 -24.21 19.80 24.87
CA ARG L 74 -23.03 20.50 25.37
C ARG L 74 -21.84 20.43 24.41
N MET L 75 -21.83 19.40 23.55
CA MET L 75 -20.85 19.31 22.46
C MET L 75 -21.14 20.34 21.37
N GLU L 76 -22.44 20.55 21.09
CA GLU L 76 -22.89 21.57 20.16
C GLU L 76 -22.64 22.99 20.69
N ASP L 77 -22.84 23.16 22.00
CA ASP L 77 -22.68 24.46 22.65
C ASP L 77 -21.24 24.94 22.72
N ILE L 78 -20.29 24.01 22.83
CA ILE L 78 -18.87 24.35 22.78
C ILE L 78 -18.46 24.67 21.34
N GLY L 79 -18.78 23.77 20.42
CA GLY L 79 -18.47 23.95 19.00
C GLY L 79 -17.96 22.69 18.32
N LEU L 80 -17.59 21.68 19.12
CA LEU L 80 -17.07 20.41 18.60
C LEU L 80 -18.15 19.60 17.89
N GLU L 81 -17.80 19.02 16.75
CA GLU L 81 -18.71 18.22 15.96
C GLU L 81 -19.07 16.92 16.70
N ALA L 82 -20.36 16.72 16.93
CA ALA L 82 -20.87 15.50 17.56
C ALA L 82 -21.50 14.60 16.50
N LEU L 83 -20.71 13.68 15.99
CA LEU L 83 -21.10 12.83 14.86
C LEU L 83 -21.90 11.61 15.30
N GLY L 84 -22.63 11.02 14.37
CA GLY L 84 -23.41 9.82 14.64
C GLY L 84 -24.91 10.05 14.64
N MET L 85 -25.66 8.97 14.80
CA MET L 85 -27.12 9.01 14.82
C MET L 85 -27.63 9.58 16.13
N ASP L 86 -28.35 10.71 16.04
CA ASP L 86 -28.90 11.38 17.22
C ASP L 86 -30.29 10.87 17.59
N ASP L 87 -31.06 10.44 16.59
CA ASP L 87 -32.34 9.79 16.83
C ASP L 87 -32.06 8.36 17.25
N PHE L 88 -32.17 8.10 18.55
CA PHE L 88 -31.80 6.81 19.12
C PHE L 88 -32.70 5.66 18.67
N LYS L 89 -33.93 5.98 18.27
CA LYS L 89 -34.87 4.98 17.76
C LYS L 89 -34.37 4.37 16.45
N LEU L 90 -33.81 5.20 15.59
CA LEU L 90 -33.25 4.74 14.30
C LEU L 90 -31.97 3.95 14.48
N ALA L 91 -31.23 4.24 15.55
CA ALA L 91 -30.00 3.52 15.88
C ALA L 91 -30.31 2.16 16.50
N TYR L 92 -31.44 2.08 17.20
CA TYR L 92 -31.88 0.86 17.86
C TYR L 92 -32.30 -0.21 16.85
N LEU L 93 -33.13 0.20 15.88
CA LEU L 93 -33.64 -0.71 14.85
C LEU L 93 -32.53 -1.23 13.93
N SER L 94 -31.50 -0.40 13.75
CA SER L 94 -30.34 -0.78 12.95
C SER L 94 -29.50 -1.86 13.65
N ASP L 95 -29.34 -1.71 14.98
CA ASP L 95 -28.59 -2.65 15.79
C ASP L 95 -29.33 -3.96 15.99
N THR L 96 -30.61 -3.86 16.33
CA THR L 96 -31.45 -5.03 16.65
C THR L 96 -31.73 -5.88 15.41
N TYR L 97 -31.81 -5.23 14.25
CA TYR L 97 -32.10 -5.93 13.00
C TYR L 97 -31.03 -5.64 11.94
N ASN L 98 -29.85 -6.21 12.16
CA ASN L 98 -28.71 -6.04 11.25
C ASN L 98 -28.78 -7.01 10.06
N TYR L 99 -29.91 -6.95 9.36
CA TYR L 99 -30.20 -7.81 8.21
C TYR L 99 -31.41 -7.27 7.46
N GLU L 100 -31.56 -7.64 6.19
CA GLU L 100 -32.70 -7.23 5.38
C GLU L 100 -33.98 -7.89 5.90
N ILE L 101 -34.87 -7.08 6.48
CA ILE L 101 -36.06 -7.57 7.16
C ILE L 101 -37.18 -7.94 6.19
N LYS L 102 -37.63 -9.19 6.24
CA LYS L 102 -38.77 -9.64 5.45
C LYS L 102 -39.97 -9.85 6.37
N TYR L 103 -41.03 -9.10 6.10
CA TYR L 103 -42.19 -9.06 6.99
C TYR L 103 -43.41 -9.79 6.44
N ASP L 104 -44.29 -10.24 7.34
CA ASP L 104 -45.55 -10.86 6.99
C ASP L 104 -46.70 -10.03 7.56
N HIS L 105 -47.57 -9.54 6.68
CA HIS L 105 -48.63 -8.59 7.06
C HIS L 105 -49.79 -9.21 7.80
N THR L 106 -49.89 -10.54 7.74
CA THR L 106 -51.00 -11.27 8.36
C THR L 106 -51.03 -11.13 9.88
N LYS L 107 -49.85 -11.11 10.51
CA LYS L 107 -49.74 -11.06 11.97
C LYS L 107 -49.65 -9.64 12.52
N ILE L 108 -49.61 -8.66 11.62
CA ILE L 108 -49.61 -7.24 12.00
C ILE L 108 -51.05 -6.74 12.06
N ARG L 109 -51.42 -6.18 13.22
CA ARG L 109 -52.78 -5.74 13.49
C ARG L 109 -53.06 -4.33 12.93
N VAL L 110 -53.87 -4.28 11.88
CA VAL L 110 -54.26 -3.02 11.24
C VAL L 110 -55.73 -2.71 11.57
N ALA L 111 -55.94 -1.59 12.27
CA ALA L 111 -57.28 -1.24 12.74
C ALA L 111 -57.75 0.14 12.28
N ASN L 112 -58.89 0.15 11.58
CA ASN L 112 -59.55 1.40 11.19
C ASN L 112 -60.93 1.56 11.81
N PHE L 113 -61.25 2.77 12.26
CA PHE L 113 -62.52 3.03 12.94
C PHE L 113 -63.12 4.39 12.59
N ASP L 114 -64.41 4.55 12.89
CA ASP L 114 -65.14 5.79 12.64
C ASP L 114 -66.14 6.04 13.76
N ILE L 115 -66.33 7.32 14.11
CA ILE L 115 -67.22 7.72 15.19
C ILE L 115 -68.30 8.71 14.71
N GLU L 116 -69.54 8.44 15.09
CA GLU L 116 -70.66 9.35 14.82
C GLU L 116 -71.26 9.86 16.12
N VAL L 117 -71.50 11.17 16.19
CA VAL L 117 -72.01 11.84 17.39
C VAL L 117 -73.15 12.80 17.04
N THR L 118 -74.23 12.72 17.81
CA THR L 118 -75.36 13.64 17.67
C THR L 118 -74.96 15.03 18.15
N SER L 119 -75.26 16.05 17.34
CA SER L 119 -74.90 17.44 17.66
C SER L 119 -76.04 18.42 17.40
N PRO L 120 -76.58 19.05 18.47
CA PRO L 120 -77.59 20.10 18.33
C PRO L 120 -77.00 21.43 17.86
N ASP L 121 -75.72 21.65 18.13
CA ASP L 121 -75.02 22.87 17.73
C ASP L 121 -74.66 22.85 16.23
N GLY L 122 -74.44 21.64 15.71
CA GLY L 122 -74.09 21.47 14.30
C GLY L 122 -72.94 20.49 14.13
N PHE L 123 -71.76 20.90 14.58
CA PHE L 123 -70.58 20.05 14.55
C PHE L 123 -69.83 20.11 15.89
N PRO L 124 -69.63 18.95 16.53
CA PRO L 124 -68.95 18.89 17.84
C PRO L 124 -67.44 19.04 17.72
N GLU L 125 -66.82 19.56 18.78
CA GLU L 125 -65.39 19.83 18.78
C GLU L 125 -64.61 18.90 19.71
N PRO L 126 -63.44 18.41 19.26
CA PRO L 126 -62.58 17.50 20.04
C PRO L 126 -61.99 18.12 21.31
N SER L 127 -61.96 19.46 21.38
CA SER L 127 -61.39 20.16 22.54
C SER L 127 -62.30 20.11 23.76
N GLN L 128 -63.55 20.54 23.59
CA GLN L 128 -64.52 20.56 24.69
C GLN L 128 -65.14 19.19 24.94
N ALA L 129 -65.62 18.55 23.86
CA ALA L 129 -66.22 17.21 23.91
C ALA L 129 -67.35 17.07 24.94
N LYS L 130 -68.29 18.01 24.91
CA LYS L 130 -69.42 18.01 25.83
C LYS L 130 -70.49 17.00 25.40
N HIS L 131 -70.55 16.71 24.10
CA HIS L 131 -71.53 15.79 23.53
C HIS L 131 -71.11 14.35 23.71
N PRO L 132 -72.06 13.47 24.08
CA PRO L 132 -71.76 12.06 24.31
C PRO L 132 -71.52 11.27 23.02
N ILE L 133 -70.54 10.37 23.05
CA ILE L 133 -70.23 9.50 21.91
C ILE L 133 -71.14 8.29 21.97
N ASP L 134 -71.76 7.96 20.84
CA ASP L 134 -72.73 6.86 20.78
C ASP L 134 -72.39 5.78 19.75
N ALA L 135 -71.95 6.19 18.56
CA ALA L 135 -71.68 5.24 17.48
C ALA L 135 -70.19 5.01 17.24
N ILE L 136 -69.78 3.74 17.39
CA ILE L 136 -68.39 3.33 17.16
C ILE L 136 -68.37 2.05 16.32
N THR L 137 -67.69 2.10 15.18
CA THR L 137 -67.47 0.92 14.34
C THR L 137 -65.97 0.67 14.18
N HIS L 138 -65.53 -0.52 14.58
CA HIS L 138 -64.11 -0.87 14.60
C HIS L 138 -63.83 -2.14 13.85
N TYR L 139 -62.82 -2.10 12.99
CA TYR L 139 -62.40 -3.28 12.23
C TYR L 139 -61.02 -3.76 12.66
N ASP L 140 -60.85 -5.08 12.69
CA ASP L 140 -59.58 -5.72 12.98
C ASP L 140 -59.12 -6.48 11.74
N SER L 141 -57.83 -6.35 11.40
CA SER L 141 -57.29 -6.99 10.20
C SER L 141 -57.06 -8.50 10.36
N ILE L 142 -56.64 -8.91 11.56
CA ILE L 142 -56.38 -10.32 11.86
C ILE L 142 -57.68 -11.12 11.94
N ASP L 143 -58.67 -10.56 12.65
CA ASP L 143 -59.97 -11.21 12.81
C ASP L 143 -60.82 -11.13 11.55
N ASP L 144 -60.62 -10.07 10.76
CA ASP L 144 -61.48 -9.74 9.60
C ASP L 144 -62.94 -9.53 10.05
N ARG L 145 -63.10 -8.93 11.22
CA ARG L 145 -64.41 -8.72 11.83
C ARG L 145 -64.66 -7.25 12.12
N PHE L 146 -65.94 -6.86 12.05
CA PHE L 146 -66.37 -5.49 12.34
C PHE L 146 -67.08 -5.44 13.69
N TYR L 147 -66.33 -5.14 14.74
CA TYR L 147 -66.88 -5.09 16.10
C TYR L 147 -67.52 -3.73 16.36
N VAL L 148 -68.85 -3.72 16.52
CA VAL L 148 -69.62 -2.49 16.66
C VAL L 148 -70.09 -2.27 18.10
N PHE L 149 -69.68 -1.14 18.67
CA PHE L 149 -70.08 -0.73 20.02
C PHE L 149 -71.24 0.27 19.95
N ASP L 150 -72.39 -0.14 20.47
CA ASP L 150 -73.62 0.66 20.37
C ASP L 150 -74.13 1.13 21.73
N LEU L 151 -74.69 2.34 21.75
CA LEU L 151 -75.25 2.92 22.96
C LEU L 151 -76.78 2.94 22.89
N LEU L 152 -77.42 2.60 24.00
CA LEU L 152 -78.88 2.57 24.09
C LEU L 152 -79.45 3.79 24.82
N ASN L 153 -78.94 4.03 26.03
CA ASN L 153 -79.38 5.16 26.84
C ASN L 153 -78.60 6.44 26.55
N SER L 154 -79.35 7.52 26.31
CA SER L 154 -78.76 8.82 25.98
C SER L 154 -79.66 9.97 26.44
N PRO L 155 -79.07 11.13 26.79
CA PRO L 155 -79.86 12.31 27.15
C PRO L 155 -80.47 13.02 25.92
N TYR L 156 -80.78 12.25 24.89
CA TYR L 156 -81.40 12.78 23.67
C TYR L 156 -82.60 11.94 23.24
N GLY L 157 -82.49 10.62 23.39
CA GLY L 157 -83.56 9.69 23.03
C GLY L 157 -83.13 8.23 23.06
N ASN L 158 -84.02 7.38 23.54
CA ASN L 158 -83.77 5.94 23.60
C ASN L 158 -84.03 5.24 22.26
N VAL L 159 -83.20 4.26 21.95
CA VAL L 159 -83.30 3.53 20.69
C VAL L 159 -83.30 2.00 20.87
N GLU L 160 -83.95 1.30 19.94
CA GLU L 160 -84.02 -0.16 19.95
C GLU L 160 -82.77 -0.77 19.29
N GLU L 161 -82.63 -2.09 19.37
CA GLU L 161 -81.50 -2.81 18.78
C GLU L 161 -81.47 -2.70 17.25
N TRP L 162 -80.27 -2.76 16.69
CA TRP L 162 -80.07 -2.75 15.25
C TRP L 162 -80.14 -4.17 14.72
N SER L 163 -81.02 -4.39 13.76
CA SER L 163 -81.22 -5.72 13.17
C SER L 163 -80.37 -5.90 11.92
N ILE L 164 -79.58 -6.98 11.90
CA ILE L 164 -78.64 -7.27 10.81
C ILE L 164 -79.33 -7.83 9.56
N GLU L 165 -80.47 -8.51 9.74
CA GLU L 165 -81.23 -9.07 8.63
C GLU L 165 -81.93 -8.01 7.78
N ILE L 166 -82.19 -6.85 8.38
CA ILE L 166 -82.86 -5.75 7.70
C ILE L 166 -81.91 -5.05 6.71
N ALA L 167 -80.70 -4.76 7.17
CA ALA L 167 -79.70 -4.03 6.38
C ALA L 167 -79.20 -4.80 5.15
N ALA L 168 -79.16 -6.13 5.27
CA ALA L 168 -78.65 -7.00 4.20
C ALA L 168 -79.54 -7.02 2.97
N LYS L 169 -80.85 -6.83 3.18
CA LYS L 169 -81.84 -6.92 2.10
C LYS L 169 -81.85 -5.68 1.19
N LEU L 170 -82.69 -5.73 0.15
CA LEU L 170 -82.72 -4.68 -0.87
C LEU L 170 -83.25 -3.33 -0.38
N GLN L 171 -83.04 -2.29 -1.19
CA GLN L 171 -83.36 -0.91 -0.81
C GLN L 171 -84.85 -0.60 -0.91
N GLU L 172 -85.53 -1.21 -1.88
CA GLU L 172 -86.98 -1.04 -2.07
C GLU L 172 -87.80 -1.62 -0.93
N GLN L 173 -87.22 -2.59 -0.22
CA GLN L 173 -87.84 -3.21 0.94
C GLN L 173 -87.65 -2.34 2.19
N GLY L 174 -86.78 -1.36 2.10
CA GLY L 174 -86.46 -0.47 3.23
C GLY L 174 -85.19 -0.89 3.93
N GLY L 175 -84.26 -1.47 3.18
CA GLY L 175 -82.99 -1.96 3.73
C GLY L 175 -81.84 -1.00 3.50
N ASP L 176 -80.66 -1.55 3.26
CA ASP L 176 -79.44 -0.76 3.08
C ASP L 176 -78.56 -1.25 1.92
N GLU L 177 -78.82 -2.48 1.46
CA GLU L 177 -78.05 -3.14 0.40
C GLU L 177 -76.56 -3.26 0.73
N VAL L 178 -76.28 -3.79 1.92
CA VAL L 178 -74.90 -4.02 2.39
C VAL L 178 -74.34 -5.27 1.72
N PRO L 179 -73.12 -5.16 1.14
CA PRO L 179 -72.44 -6.28 0.47
C PRO L 179 -72.46 -7.59 1.26
N SER L 180 -72.62 -8.70 0.54
CA SER L 180 -72.75 -10.03 1.15
C SER L 180 -71.45 -10.58 1.73
N GLU L 181 -70.31 -10.04 1.28
CA GLU L 181 -68.99 -10.50 1.72
C GLU L 181 -68.68 -10.19 3.19
N ILE L 182 -69.43 -9.26 3.77
CA ILE L 182 -69.17 -8.80 5.15
C ILE L 182 -70.30 -9.07 6.15
N ILE L 183 -71.45 -9.53 5.64
CA ILE L 183 -72.61 -9.82 6.49
C ILE L 183 -72.28 -10.82 7.61
N ASP L 184 -71.56 -11.88 7.25
CA ASP L 184 -71.15 -12.92 8.20
C ASP L 184 -69.98 -12.47 9.09
N LYS L 185 -69.39 -11.33 8.77
CA LYS L 185 -68.23 -10.81 9.48
C LYS L 185 -68.56 -9.70 10.50
N ILE L 186 -69.81 -9.24 10.47
CA ILE L 186 -70.26 -8.18 11.39
C ILE L 186 -70.56 -8.74 12.77
N ILE L 187 -69.87 -8.20 13.77
CA ILE L 187 -70.10 -8.57 15.18
C ILE L 187 -70.71 -7.38 15.91
N TYR L 188 -71.91 -7.58 16.45
CA TYR L 188 -72.68 -6.49 17.04
C TYR L 188 -73.38 -6.90 18.34
N MET L 189 -73.19 -6.09 19.38
CA MET L 189 -73.99 -6.17 20.61
C MET L 189 -74.06 -4.81 21.31
N PRO L 190 -75.28 -4.34 21.60
CA PRO L 190 -75.51 -3.01 22.17
C PRO L 190 -75.13 -2.90 23.66
N PHE L 191 -75.08 -1.67 24.16
CA PHE L 191 -74.75 -1.40 25.56
C PHE L 191 -75.65 -0.32 26.15
N ASP L 192 -75.90 -0.42 27.45
CA ASP L 192 -76.89 0.42 28.15
C ASP L 192 -76.43 1.87 28.34
N ASN L 193 -75.93 2.20 29.53
CA ASN L 193 -75.50 3.56 29.85
C ASN L 193 -74.15 3.94 29.25
N GLU L 194 -73.79 5.21 29.37
CA GLU L 194 -72.58 5.77 28.72
C GLU L 194 -71.28 5.18 29.28
N LYS L 195 -71.25 4.90 30.57
CA LYS L 195 -70.07 4.35 31.23
C LYS L 195 -69.81 2.88 30.90
N GLU L 196 -70.88 2.15 30.56
CA GLU L 196 -70.80 0.75 30.16
C GLU L 196 -70.17 0.59 28.76
N LEU L 197 -70.38 1.60 27.92
CA LEU L 197 -69.86 1.60 26.56
C LEU L 197 -68.35 1.86 26.50
N LEU L 198 -67.88 2.77 27.34
CA LEU L 198 -66.46 3.16 27.37
C LEU L 198 -65.55 2.10 27.99
N MET L 199 -66.10 1.31 28.91
CA MET L 199 -65.35 0.25 29.58
C MET L 199 -64.99 -0.93 28.67
N GLU L 200 -65.95 -1.34 27.85
CA GLU L 200 -65.76 -2.48 26.94
C GLU L 200 -64.82 -2.15 25.77
N TYR L 201 -64.80 -0.90 25.35
CA TYR L 201 -63.93 -0.46 24.25
C TYR L 201 -62.46 -0.45 24.66
N LEU L 202 -62.20 -0.10 25.91
CA LEU L 202 -60.84 -0.07 26.46
C LEU L 202 -60.30 -1.47 26.75
N ASN L 203 -61.19 -2.38 27.16
CA ASN L 203 -60.84 -3.78 27.36
C ASN L 203 -60.55 -4.48 26.03
N PHE L 204 -61.21 -4.00 24.98
CA PHE L 204 -60.96 -4.44 23.62
C PHE L 204 -59.61 -3.90 23.13
N TRP L 205 -59.27 -2.70 23.61
CA TRP L 205 -58.04 -2.01 23.24
C TRP L 205 -56.81 -2.66 23.82
N GLN L 206 -56.95 -3.22 25.02
CA GLN L 206 -55.82 -3.85 25.72
C GLN L 206 -55.47 -5.23 25.14
N GLN L 207 -56.52 -6.03 24.88
CA GLN L 207 -56.35 -7.37 24.32
C GLN L 207 -55.94 -7.31 22.85
N LYS L 208 -56.65 -6.50 22.08
CA LYS L 208 -56.36 -6.34 20.65
C LYS L 208 -55.84 -4.94 20.36
N THR L 209 -54.62 -4.67 20.85
CA THR L 209 -53.97 -3.38 20.66
C THR L 209 -53.52 -3.22 19.20
N PRO L 210 -53.94 -2.13 18.55
CA PRO L 210 -53.59 -1.91 17.14
C PRO L 210 -52.13 -1.50 16.97
N VAL L 211 -51.50 -1.99 15.90
CA VAL L 211 -50.15 -1.57 15.54
C VAL L 211 -50.25 -0.35 14.62
N ILE L 212 -50.94 -0.52 13.50
CA ILE L 212 -51.29 0.59 12.60
C ILE L 212 -52.72 1.03 12.93
N LEU L 213 -52.86 2.29 13.31
CA LEU L 213 -54.17 2.87 13.61
C LEU L 213 -54.62 3.74 12.44
N THR L 214 -55.43 3.15 11.57
CA THR L 214 -55.91 3.83 10.38
C THR L 214 -57.37 4.31 10.51
N GLY L 215 -57.90 4.91 9.46
CA GLY L 215 -59.25 5.45 9.45
C GLY L 215 -59.37 6.67 8.55
N TRP L 216 -60.41 7.47 8.76
CA TRP L 216 -60.66 8.67 7.97
C TRP L 216 -60.89 9.85 8.88
N ASN L 217 -60.06 10.87 8.73
CA ASN L 217 -60.08 12.06 9.60
C ASN L 217 -60.01 11.71 11.10
N VAL L 218 -59.33 10.62 11.41
CA VAL L 218 -59.26 10.10 12.78
C VAL L 218 -58.35 10.91 13.71
N GLU L 219 -57.14 11.23 13.24
CA GLU L 219 -56.17 11.99 14.03
C GLU L 219 -56.60 13.46 14.17
N SER L 220 -57.41 13.93 13.23
CA SER L 220 -57.89 15.31 13.25
C SER L 220 -59.15 15.49 14.09
N PHE L 221 -59.98 14.44 14.18
CA PHE L 221 -61.28 14.53 14.85
C PHE L 221 -61.60 13.36 15.79
N ALA L 222 -61.57 12.14 15.25
CA ALA L 222 -62.05 10.95 15.99
C ALA L 222 -61.22 10.60 17.22
N ILE L 223 -59.91 10.49 17.06
CA ILE L 223 -58.99 10.12 18.15
C ILE L 223 -59.00 11.14 19.31
N PRO L 224 -58.85 12.46 19.00
CA PRO L 224 -58.82 13.45 20.08
C PRO L 224 -60.13 13.55 20.86
N TYR L 225 -61.25 13.26 20.20
CA TYR L 225 -62.58 13.34 20.84
C TYR L 225 -62.74 12.27 21.91
N VAL L 226 -62.19 11.09 21.66
CA VAL L 226 -62.26 9.97 22.61
C VAL L 226 -61.44 10.26 23.87
N TYR L 227 -60.23 10.78 23.68
CA TYR L 227 -59.30 11.09 24.78
C TYR L 227 -59.87 12.13 25.75
N ASN L 228 -60.39 13.23 25.22
CA ASN L 228 -60.93 14.32 26.04
C ASN L 228 -62.27 14.01 26.72
N ARG L 229 -62.99 13.02 26.20
CA ARG L 229 -64.26 12.60 26.76
C ARG L 229 -64.06 11.81 28.06
N ILE L 230 -63.06 10.94 28.08
CA ILE L 230 -62.73 10.14 29.25
C ILE L 230 -62.14 11.00 30.36
N LYS L 231 -61.45 12.07 29.98
CA LYS L 231 -60.87 13.03 30.93
C LYS L 231 -61.96 13.82 31.67
N ASN L 232 -63.03 14.15 30.94
CA ASN L 232 -64.15 14.91 31.50
C ASN L 232 -65.09 14.07 32.37
N ILE L 233 -65.12 12.77 32.11
CA ILE L 233 -66.00 11.85 32.86
C ILE L 233 -65.23 11.11 33.96
N PHE L 234 -64.18 10.40 33.57
CA PHE L 234 -63.39 9.61 34.51
C PHE L 234 -62.19 10.37 35.05
N GLY L 235 -61.33 10.84 34.15
CA GLY L 235 -60.12 11.56 34.51
C GLY L 235 -59.02 11.40 33.48
N GLU L 236 -57.94 12.17 33.65
CA GLU L 236 -56.83 12.16 32.71
C GLU L 236 -56.03 10.85 32.76
N SER L 237 -55.93 10.28 33.95
CA SER L 237 -55.22 9.01 34.16
C SER L 237 -55.91 7.84 33.45
N THR L 238 -57.24 7.91 33.34
CA THR L 238 -58.04 6.90 32.64
C THR L 238 -57.97 7.09 31.12
N ALA L 239 -57.70 8.33 30.70
CA ALA L 239 -57.53 8.64 29.29
C ALA L 239 -56.18 8.13 28.77
N LYS L 240 -55.24 7.93 29.68
CA LYS L 240 -53.91 7.40 29.38
C LYS L 240 -53.94 5.91 29.03
N ARG L 241 -55.06 5.24 29.34
CA ARG L 241 -55.24 3.81 29.11
C ARG L 241 -55.24 3.46 27.62
N LEU L 242 -55.46 4.46 26.77
CA LEU L 242 -55.42 4.30 25.32
C LEU L 242 -54.01 4.01 24.82
N SER L 243 -53.01 4.46 25.56
CA SER L 243 -51.62 4.17 25.27
C SER L 243 -51.18 2.86 25.92
N PRO L 244 -50.54 1.96 25.14
CA PRO L 244 -50.03 0.69 25.66
C PRO L 244 -48.96 0.90 26.73
N HIS L 245 -48.27 2.03 26.66
CA HIS L 245 -47.25 2.39 27.64
C HIS L 245 -47.74 3.43 28.61
N ARG L 246 -49.05 3.70 28.57
CA ARG L 246 -49.73 4.62 29.49
C ARG L 246 -49.18 6.04 29.51
N LYS L 247 -48.75 6.53 28.34
CA LYS L 247 -48.19 7.87 28.22
C LYS L 247 -48.66 8.55 26.94
N THR L 248 -49.23 9.74 27.09
CA THR L 248 -49.70 10.56 25.96
C THR L 248 -49.29 12.01 26.13
N ARG L 249 -49.15 12.71 25.00
CA ARG L 249 -48.81 14.13 25.02
C ARG L 249 -49.74 14.94 24.13
N VAL L 250 -50.20 16.07 24.66
CA VAL L 250 -51.08 16.98 23.93
C VAL L 250 -50.24 17.86 23.00
N LYS L 251 -50.56 17.80 21.70
CA LYS L 251 -49.86 18.56 20.68
C LYS L 251 -50.84 19.44 19.89
N VAL L 252 -50.50 20.71 19.74
CA VAL L 252 -51.32 21.65 18.96
C VAL L 252 -50.62 22.00 17.64
N ILE L 253 -51.10 21.42 16.56
CA ILE L 253 -50.56 21.66 15.22
C ILE L 253 -51.01 23.02 14.71
N GLU L 254 -50.05 23.93 14.55
CA GLU L 254 -50.32 25.28 14.06
C GLU L 254 -50.13 25.34 12.55
N ASN L 255 -51.17 25.81 11.85
CA ASN L 255 -51.10 26.05 10.42
C ASN L 255 -51.09 27.54 10.10
N MET L 256 -51.19 27.89 8.82
CA MET L 256 -51.10 29.27 8.37
C MET L 256 -52.38 30.08 8.61
N TYR L 257 -53.44 29.39 9.02
CA TYR L 257 -54.74 30.02 9.30
C TYR L 257 -54.99 30.08 10.82
N GLY L 258 -55.26 28.91 11.40
CA GLY L 258 -55.51 28.77 12.84
C GLY L 258 -54.68 27.67 13.44
N SER L 259 -55.34 26.74 14.15
CA SER L 259 -54.67 25.60 14.78
C SER L 259 -55.62 24.47 15.12
N ARG L 260 -55.18 23.23 14.87
CA ARG L 260 -55.90 22.03 15.29
C ARG L 260 -54.99 21.14 16.14
N GLU L 261 -55.58 20.30 16.98
CA GLU L 261 -54.79 19.47 17.89
C GLU L 261 -54.76 17.98 17.52
N ILE L 262 -53.57 17.38 17.64
CA ILE L 262 -53.41 15.93 17.50
C ILE L 262 -52.73 15.35 18.74
N ILE L 263 -52.99 14.07 19.01
CA ILE L 263 -52.38 13.40 20.16
C ILE L 263 -51.49 12.26 19.71
N THR L 264 -50.21 12.34 20.06
CA THR L 264 -49.25 11.30 19.77
C THR L 264 -49.41 10.16 20.78
N LEU L 265 -49.94 9.04 20.31
CA LEU L 265 -50.13 7.86 21.14
C LEU L 265 -48.86 7.00 21.14
N PHE L 266 -48.13 7.07 22.25
CA PHE L 266 -46.86 6.36 22.41
C PHE L 266 -47.03 4.85 22.18
N GLY L 267 -46.23 4.31 21.28
CA GLY L 267 -46.28 2.88 20.96
C GLY L 267 -47.34 2.51 19.94
N ILE L 268 -47.96 3.52 19.33
CA ILE L 268 -48.96 3.33 18.28
C ILE L 268 -48.54 4.10 17.03
N SER L 269 -48.64 3.43 15.88
CA SER L 269 -48.36 4.07 14.58
C SER L 269 -49.66 4.49 13.91
N VAL L 270 -49.94 5.80 13.94
CA VAL L 270 -51.15 6.35 13.33
C VAL L 270 -50.92 6.60 11.84
N LEU L 271 -51.81 6.06 11.02
CA LEU L 271 -51.76 6.29 9.58
C LEU L 271 -53.16 6.65 9.04
N ASP L 272 -53.48 7.94 9.09
CA ASP L 272 -54.75 8.44 8.57
C ASP L 272 -54.75 8.33 7.04
N TYR L 273 -55.76 7.64 6.51
CA TYR L 273 -55.79 7.27 5.09
C TYR L 273 -56.00 8.46 4.14
N ILE L 274 -56.56 9.55 4.66
CA ILE L 274 -56.68 10.80 3.89
C ILE L 274 -55.28 11.32 3.51
N ASP L 275 -54.34 11.21 4.45
CA ASP L 275 -52.96 11.65 4.24
C ASP L 275 -52.18 10.65 3.38
N LEU L 276 -52.55 9.37 3.49
CA LEU L 276 -51.96 8.31 2.64
C LEU L 276 -52.39 8.47 1.18
N TYR L 277 -53.65 8.87 0.99
CA TYR L 277 -54.18 9.10 -0.35
C TYR L 277 -53.58 10.36 -0.97
N LYS L 278 -53.47 11.41 -0.15
CA LYS L 278 -52.91 12.70 -0.57
C LYS L 278 -51.50 12.58 -1.14
N LYS L 279 -50.66 11.79 -0.47
CA LYS L 279 -49.23 11.75 -0.77
C LYS L 279 -48.85 10.79 -1.91
N PHE L 280 -49.68 9.77 -2.15
CA PHE L 280 -49.33 8.71 -3.09
C PHE L 280 -50.34 8.47 -4.24
N SER L 281 -51.02 9.53 -4.67
CA SER L 281 -51.96 9.42 -5.80
C SER L 281 -51.60 10.34 -6.97
N PHE L 282 -50.91 11.44 -6.66
CA PHE L 282 -50.42 12.41 -7.65
C PHE L 282 -51.49 13.19 -8.44
N THR L 283 -52.75 13.03 -8.05
CA THR L 283 -53.85 13.76 -8.69
C THR L 283 -54.62 14.62 -7.67
N ASN L 284 -54.91 15.86 -8.06
CA ASN L 284 -55.64 16.79 -7.20
C ASN L 284 -57.13 16.47 -7.17
N GLN L 285 -57.69 16.44 -5.97
CA GLN L 285 -59.11 16.15 -5.78
C GLN L 285 -59.88 17.38 -5.30
N PRO L 286 -61.07 17.62 -5.90
CA PRO L 286 -61.95 18.73 -5.52
C PRO L 286 -62.38 18.70 -4.06
N SER L 287 -62.76 17.53 -3.56
CA SER L 287 -63.20 17.39 -2.17
C SER L 287 -62.52 16.23 -1.47
N TYR L 288 -62.12 16.46 -0.22
CA TYR L 288 -61.47 15.43 0.59
C TYR L 288 -62.43 14.77 1.58
N SER L 289 -63.73 14.98 1.37
CA SER L 289 -64.77 14.34 2.18
C SER L 289 -64.87 12.86 1.83
N LEU L 290 -65.27 12.05 2.80
CA LEU L 290 -65.38 10.59 2.64
C LEU L 290 -66.38 10.18 1.55
N ASP L 291 -67.37 11.03 1.31
CA ASP L 291 -68.42 10.78 0.31
C ASP L 291 -67.86 10.79 -1.12
N TYR L 292 -67.09 11.81 -1.44
CA TYR L 292 -66.59 12.05 -2.81
C TYR L 292 -65.56 11.03 -3.26
N ILE L 293 -64.72 10.58 -2.33
CA ILE L 293 -63.59 9.68 -2.64
C ILE L 293 -64.05 8.30 -3.10
N SER L 294 -65.12 7.79 -2.49
CA SER L 294 -65.67 6.47 -2.81
C SER L 294 -66.11 6.34 -4.27
N GLU L 295 -66.76 7.39 -4.79
CA GLU L 295 -67.23 7.42 -6.17
C GLU L 295 -66.08 7.43 -7.17
N PHE L 296 -64.98 8.08 -6.78
CA PHE L 296 -63.82 8.25 -7.65
C PHE L 296 -63.03 6.96 -7.87
N GLU L 297 -63.11 6.03 -6.92
CA GLU L 297 -62.32 4.80 -6.98
C GLU L 297 -63.15 3.51 -7.07
N LEU L 298 -64.39 3.56 -6.59
CA LEU L 298 -65.24 2.36 -6.54
C LEU L 298 -66.50 2.48 -7.41
N ASN L 299 -66.84 3.70 -7.79
CA ASN L 299 -68.01 4.00 -8.62
C ASN L 299 -69.37 3.73 -7.96
N VAL L 300 -69.33 3.21 -6.74
CA VAL L 300 -70.55 2.87 -5.99
C VAL L 300 -71.26 4.10 -5.43
N GLY L 301 -70.51 5.19 -5.26
CA GLY L 301 -71.03 6.42 -4.66
C GLY L 301 -71.14 6.24 -3.16
N LYS L 302 -72.28 6.68 -2.60
CA LYS L 302 -72.57 6.50 -1.17
C LYS L 302 -74.06 6.62 -0.88
N LEU L 303 -74.51 5.95 0.17
CA LEU L 303 -75.92 5.95 0.57
C LEU L 303 -76.31 7.29 1.21
N LYS L 304 -77.41 7.86 0.75
CA LYS L 304 -77.95 9.11 1.28
C LYS L 304 -78.87 8.85 2.48
N TYR L 305 -79.26 9.93 3.15
CA TYR L 305 -80.15 9.84 4.32
C TYR L 305 -81.07 11.06 4.43
N ASP L 306 -82.19 10.87 5.12
CA ASP L 306 -83.17 11.94 5.34
C ASP L 306 -82.72 12.90 6.45
N GLY L 307 -82.96 14.19 6.22
CA GLY L 307 -82.66 15.22 7.21
C GLY L 307 -81.19 15.53 7.37
N PRO L 308 -80.84 16.23 8.47
CA PRO L 308 -79.46 16.61 8.77
C PRO L 308 -78.73 15.60 9.65
N ILE L 309 -77.51 15.94 10.07
CA ILE L 309 -76.69 15.08 10.93
C ILE L 309 -77.23 15.01 12.37
N SER L 310 -77.98 16.04 12.77
CA SER L 310 -78.55 16.14 14.12
C SER L 310 -79.62 15.09 14.37
N LYS L 311 -80.81 15.30 13.82
CA LYS L 311 -81.90 14.33 13.93
C LYS L 311 -81.76 13.21 12.91
N LEU L 312 -81.06 12.16 13.32
CA LEU L 312 -80.88 10.96 12.51
C LEU L 312 -80.90 9.73 13.41
N ARG L 313 -80.49 9.92 14.66
CA ARG L 313 -80.59 8.88 15.70
C ARG L 313 -82.06 8.68 16.09
N GLU L 314 -82.78 9.80 16.24
CA GLU L 314 -84.18 9.78 16.64
C GLU L 314 -85.10 9.28 15.53
N SER L 315 -84.82 9.67 14.29
CA SER L 315 -85.66 9.33 13.14
C SER L 315 -85.39 7.92 12.61
N ASN L 316 -84.23 7.74 11.99
CA ASN L 316 -83.87 6.45 11.38
C ASN L 316 -82.59 5.88 11.98
N HIS L 317 -82.74 5.13 13.06
CA HIS L 317 -81.62 4.52 13.78
C HIS L 317 -80.99 3.39 13.02
N GLN L 318 -81.80 2.72 12.20
CA GLN L 318 -81.34 1.63 11.33
C GLN L 318 -80.38 2.15 10.27
N ARG L 319 -80.67 3.34 9.73
CA ARG L 319 -79.81 3.99 8.75
C ARG L 319 -78.59 4.66 9.37
N TYR L 320 -78.70 5.01 10.65
CA TYR L 320 -77.62 5.67 11.38
C TYR L 320 -76.43 4.73 11.64
N ILE L 321 -76.72 3.60 12.28
CA ILE L 321 -75.70 2.62 12.64
C ILE L 321 -75.10 1.95 11.40
N SER L 322 -75.93 1.67 10.40
CA SER L 322 -75.50 1.05 9.16
C SER L 322 -74.49 1.90 8.40
N TYR L 323 -74.75 3.20 8.33
CA TYR L 323 -73.86 4.17 7.67
C TYR L 323 -72.46 4.19 8.31
N ASN L 324 -72.42 4.02 9.63
CA ASN L 324 -71.16 3.97 10.37
C ASN L 324 -70.35 2.71 10.06
N ILE L 325 -71.04 1.64 9.68
CA ILE L 325 -70.41 0.37 9.30
C ILE L 325 -69.89 0.42 7.88
N ILE L 326 -70.73 0.86 6.94
CA ILE L 326 -70.38 0.93 5.52
C ILE L 326 -69.14 1.80 5.30
N ALA L 327 -69.09 2.94 5.99
CA ALA L 327 -67.99 3.89 5.89
C ALA L 327 -66.62 3.26 6.14
N VAL L 328 -66.53 2.43 7.18
CA VAL L 328 -65.28 1.77 7.55
C VAL L 328 -64.85 0.75 6.48
N TYR L 329 -65.84 0.15 5.83
CA TYR L 329 -65.58 -0.90 4.83
C TYR L 329 -64.98 -0.36 3.52
N ARG L 330 -65.48 0.77 3.05
CA ARG L 330 -65.02 1.33 1.78
C ARG L 330 -63.67 2.04 1.84
N VAL L 331 -63.18 2.25 3.07
CA VAL L 331 -61.79 2.69 3.26
C VAL L 331 -60.88 1.49 2.93
N LEU L 332 -61.33 0.30 3.30
CA LEU L 332 -60.62 -0.95 3.03
C LEU L 332 -60.69 -1.36 1.56
N GLN L 333 -61.78 -0.97 0.89
CA GLN L 333 -61.99 -1.31 -0.51
C GLN L 333 -60.99 -0.61 -1.43
N ILE L 334 -60.61 0.62 -1.07
CA ILE L 334 -59.57 1.35 -1.78
C ILE L 334 -58.20 0.81 -1.39
N ASP L 335 -58.09 0.32 -0.16
CA ASP L 335 -56.87 -0.30 0.34
C ASP L 335 -56.63 -1.67 -0.28
N ALA L 336 -57.69 -2.32 -0.74
CA ALA L 336 -57.59 -3.59 -1.44
C ALA L 336 -57.27 -3.40 -2.92
N LYS L 337 -57.33 -2.15 -3.38
CA LYS L 337 -57.09 -1.81 -4.78
C LYS L 337 -55.69 -1.23 -5.00
N ARG L 338 -55.29 -0.30 -4.13
CA ARG L 338 -54.03 0.43 -4.28
C ARG L 338 -52.94 -0.06 -3.32
N GLN L 339 -53.36 -0.56 -2.17
CA GLN L 339 -52.46 -1.13 -1.14
C GLN L 339 -51.44 -0.12 -0.61
N PHE L 340 -51.95 0.99 -0.09
CA PHE L 340 -51.09 2.05 0.43
C PHE L 340 -50.54 1.75 1.82
N ILE L 341 -51.27 0.94 2.59
CA ILE L 341 -50.82 0.49 3.90
C ILE L 341 -49.66 -0.50 3.74
N ASN L 342 -49.85 -1.48 2.85
CA ASN L 342 -48.80 -2.43 2.48
C ASN L 342 -47.56 -1.73 1.92
N LEU L 343 -47.77 -0.56 1.33
CA LEU L 343 -46.68 0.28 0.82
C LEU L 343 -45.95 0.98 1.95
N SER L 344 -46.70 1.53 2.90
CA SER L 344 -46.15 2.20 4.09
C SER L 344 -45.38 1.22 4.96
N LEU L 345 -45.82 -0.03 4.99
CA LEU L 345 -45.14 -1.08 5.74
C LEU L 345 -43.84 -1.49 5.06
N ASP L 346 -43.91 -1.79 3.77
CA ASP L 346 -42.72 -2.18 2.99
C ASP L 346 -41.63 -1.10 3.03
N MET L 347 -42.05 0.17 3.00
CA MET L 347 -41.14 1.30 3.12
C MET L 347 -40.49 1.34 4.51
N GLY L 348 -41.32 1.21 5.54
CA GLY L 348 -40.86 1.27 6.93
C GLY L 348 -39.76 0.29 7.27
N TYR L 349 -39.92 -0.94 6.80
CA TYR L 349 -38.94 -2.01 7.06
C TYR L 349 -37.68 -1.88 6.20
N TYR L 350 -37.84 -1.46 4.95
CA TYR L 350 -36.71 -1.27 4.05
C TYR L 350 -35.79 -0.15 4.52
N ALA L 351 -36.40 0.95 4.97
CA ALA L 351 -35.65 2.08 5.52
C ALA L 351 -35.23 1.83 6.96
N LYS L 352 -35.88 0.85 7.60
CA LYS L 352 -35.67 0.53 9.01
C LYS L 352 -36.00 1.72 9.90
N ILE L 353 -37.24 2.18 9.78
CA ILE L 353 -37.72 3.38 10.46
C ILE L 353 -39.08 3.13 11.13
N GLN L 354 -39.56 4.12 11.88
CA GLN L 354 -40.94 4.11 12.38
C GLN L 354 -41.91 4.09 11.20
N ILE L 355 -43.10 3.55 11.44
CA ILE L 355 -44.10 3.37 10.38
C ILE L 355 -44.68 4.70 9.90
N GLN L 356 -44.96 5.61 10.84
CA GLN L 356 -45.53 6.91 10.52
C GLN L 356 -44.52 7.88 9.88
N SER L 357 -43.27 7.45 9.78
CA SER L 357 -42.20 8.26 9.22
C SER L 357 -42.15 8.22 7.69
N VAL L 358 -43.11 7.53 7.08
CA VAL L 358 -43.23 7.47 5.63
C VAL L 358 -43.65 8.81 5.01
N PHE L 359 -44.26 9.66 5.83
CA PHE L 359 -44.65 11.02 5.42
C PHE L 359 -43.43 11.94 5.31
N SER L 360 -42.33 11.53 5.96
CA SER L 360 -41.11 12.32 6.00
C SER L 360 -40.00 11.71 5.14
N PRO L 361 -39.76 12.28 3.95
CA PRO L 361 -38.60 11.93 3.13
C PRO L 361 -37.27 12.29 3.79
N ILE L 362 -37.31 13.11 4.84
CA ILE L 362 -36.13 13.37 5.67
C ILE L 362 -35.72 12.09 6.40
N LYS L 363 -36.66 11.52 7.15
CA LYS L 363 -36.39 10.32 7.96
C LYS L 363 -36.03 9.10 7.12
N THR L 364 -36.74 8.91 6.01
CA THR L 364 -36.57 7.75 5.15
C THR L 364 -35.18 7.71 4.51
N TRP L 365 -34.80 8.83 3.89
CA TRP L 365 -33.49 8.92 3.21
C TRP L 365 -32.34 8.94 4.17
N ASP L 366 -32.49 9.68 5.27
CA ASP L 366 -31.47 9.75 6.31
C ASP L 366 -31.09 8.35 6.80
N ALA L 367 -32.11 7.51 7.00
CA ALA L 367 -31.90 6.15 7.51
C ALA L 367 -31.18 5.25 6.50
N ILE L 368 -31.57 5.34 5.23
CA ILE L 368 -30.97 4.54 4.17
C ILE L 368 -29.46 4.80 4.08
N ILE L 369 -29.08 6.08 4.14
CA ILE L 369 -27.67 6.46 4.13
C ILE L 369 -26.97 6.06 5.44
N PHE L 370 -27.72 6.09 6.54
CA PHE L 370 -27.19 5.67 7.83
C PHE L 370 -26.84 4.18 7.83
N ASN L 371 -27.81 3.34 7.46
CA ASN L 371 -27.63 1.90 7.39
C ASN L 371 -26.57 1.45 6.39
N SER L 372 -26.43 2.21 5.31
CA SER L 372 -25.44 1.92 4.27
C SER L 372 -24.01 2.23 4.73
N LEU L 373 -23.84 3.37 5.39
CA LEU L 373 -22.54 3.79 5.89
C LEU L 373 -22.08 2.98 7.10
N LYS L 374 -23.04 2.53 7.91
CA LYS L 374 -22.76 1.68 9.07
C LYS L 374 -22.04 0.39 8.68
N GLU L 375 -22.57 -0.30 7.67
CA GLU L 375 -21.98 -1.54 7.17
C GLU L 375 -20.67 -1.32 6.41
N GLN L 376 -20.15 -0.10 6.51
CA GLN L 376 -18.83 0.25 5.99
C GLN L 376 -17.95 0.81 7.12
N ASN L 377 -18.45 0.67 8.35
CA ASN L 377 -17.83 1.28 9.55
C ASN L 377 -17.56 2.77 9.35
N LYS L 378 -18.56 3.46 8.82
CA LYS L 378 -18.44 4.89 8.54
C LYS L 378 -19.43 5.68 9.37
N VAL L 379 -18.97 6.85 9.84
CA VAL L 379 -19.74 7.68 10.76
C VAL L 379 -20.45 8.79 10.01
N ILE L 380 -21.74 8.96 10.29
CA ILE L 380 -22.54 9.99 9.65
C ILE L 380 -22.30 11.37 10.27
N PRO L 381 -22.31 12.43 9.43
CA PRO L 381 -22.05 13.80 9.92
C PRO L 381 -23.15 14.34 10.83
N GLN L 382 -22.82 15.39 11.57
CA GLN L 382 -23.74 16.04 12.49
C GLN L 382 -24.73 16.93 11.74
N GLY L 383 -25.98 16.97 12.21
CA GLY L 383 -27.02 17.76 11.58
C GLY L 383 -27.21 19.13 12.20
N ARG L 384 -26.41 20.09 11.73
CA ARG L 384 -26.49 21.48 12.22
C ARG L 384 -27.41 22.33 11.34
N SER L 385 -28.08 23.29 11.98
CA SER L 385 -29.13 24.10 11.34
C SER L 385 -28.63 25.04 10.24
N HIS L 386 -29.52 25.33 9.29
CA HIS L 386 -29.24 26.29 8.23
C HIS L 386 -30.38 27.27 8.13
N PRO L 387 -30.08 28.52 7.72
CA PRO L 387 -31.14 29.52 7.53
C PRO L 387 -32.03 29.18 6.34
N VAL L 388 -33.31 29.55 6.43
CA VAL L 388 -34.30 29.24 5.39
C VAL L 388 -33.92 29.91 4.06
N GLN L 389 -33.83 29.09 3.00
CA GLN L 389 -33.44 29.57 1.69
C GLN L 389 -34.51 29.24 0.64
N PRO L 390 -35.54 30.10 0.52
CA PRO L 390 -36.63 29.83 -0.42
C PRO L 390 -36.35 30.44 -1.79
N TYR L 391 -35.72 29.65 -2.66
CA TYR L 391 -35.37 30.11 -4.00
C TYR L 391 -36.29 29.51 -5.08
N PRO L 392 -36.77 30.37 -6.01
CA PRO L 392 -37.55 29.89 -7.14
C PRO L 392 -36.64 29.45 -8.29
N GLY L 393 -35.85 28.40 -8.05
CA GLY L 393 -34.89 27.88 -9.02
C GLY L 393 -35.53 27.13 -10.17
N ALA L 394 -36.34 27.85 -10.95
CA ALA L 394 -36.99 27.33 -12.15
C ALA L 394 -37.32 28.47 -13.11
N PHE L 395 -36.63 28.47 -14.26
CA PHE L 395 -36.89 29.45 -15.32
C PHE L 395 -37.97 28.91 -16.25
N VAL L 396 -39.22 29.28 -15.96
CA VAL L 396 -40.38 28.78 -16.70
C VAL L 396 -40.65 29.64 -17.93
N LYS L 397 -40.53 29.01 -19.11
CA LYS L 397 -40.72 29.69 -20.39
C LYS L 397 -42.17 30.12 -20.61
N GLU L 398 -42.35 31.26 -21.23
CA GLU L 398 -43.66 31.76 -21.63
C GLU L 398 -44.01 31.26 -23.04
N PRO L 399 -45.01 30.36 -23.15
CA PRO L 399 -45.45 29.92 -24.48
C PRO L 399 -46.40 30.92 -25.11
N ILE L 400 -46.26 31.14 -26.42
CA ILE L 400 -47.13 32.05 -27.14
C ILE L 400 -48.52 31.41 -27.26
N PRO L 401 -49.56 32.08 -26.71
CA PRO L 401 -50.94 31.57 -26.74
C PRO L 401 -51.44 31.41 -28.17
N ASN L 402 -51.45 30.16 -28.65
CA ASN L 402 -51.81 29.87 -30.03
C ASN L 402 -52.32 28.43 -30.20
N ARG L 403 -52.87 28.14 -31.37
CA ARG L 403 -53.25 26.79 -31.75
C ARG L 403 -52.03 26.01 -32.24
N TYR L 404 -51.99 24.72 -31.90
CA TYR L 404 -50.88 23.85 -32.31
C TYR L 404 -51.42 22.54 -32.86
N LYS L 405 -51.33 22.40 -34.18
CA LYS L 405 -51.91 21.26 -34.91
C LYS L 405 -51.23 19.94 -34.53
N TYR L 406 -49.95 19.80 -34.85
CA TYR L 406 -49.19 18.60 -34.51
C TYR L 406 -48.18 18.88 -33.40
N VAL L 407 -48.29 18.14 -32.30
CA VAL L 407 -47.42 18.33 -31.13
C VAL L 407 -46.85 16.99 -30.63
N MET L 408 -45.54 16.95 -30.46
CA MET L 408 -44.87 15.80 -29.87
C MET L 408 -44.07 16.23 -28.63
N SER L 409 -44.30 15.54 -27.52
CA SER L 409 -43.69 15.90 -26.23
C SER L 409 -42.59 14.93 -25.80
N PHE L 410 -41.63 15.45 -25.03
CA PHE L 410 -40.52 14.67 -24.51
C PHE L 410 -40.34 14.94 -23.02
N ASP L 411 -40.08 13.89 -22.25
CA ASP L 411 -39.88 14.01 -20.81
C ASP L 411 -38.45 13.72 -20.38
N LEU L 412 -37.93 14.55 -19.48
CA LEU L 412 -36.67 14.27 -18.80
C LEU L 412 -36.94 13.33 -17.63
N THR L 413 -36.48 12.08 -17.77
CA THR L 413 -36.73 11.05 -16.77
C THR L 413 -35.81 11.24 -15.56
N SER L 414 -36.44 11.37 -14.39
CA SER L 414 -35.74 11.55 -13.10
C SER L 414 -34.60 12.57 -13.20
N LEU L 415 -34.95 13.78 -13.63
CA LEU L 415 -33.98 14.81 -13.98
C LEU L 415 -32.96 15.12 -12.88
N TYR L 416 -33.45 15.42 -11.68
CA TYR L 416 -32.57 15.81 -10.57
C TYR L 416 -31.68 14.67 -10.06
N PRO L 417 -32.25 13.47 -9.81
CA PRO L 417 -31.44 12.31 -9.43
C PRO L 417 -30.31 11.98 -10.42
N SER L 418 -30.61 12.10 -11.71
CA SER L 418 -29.64 11.82 -12.77
C SER L 418 -28.48 12.80 -12.78
N ILE L 419 -28.75 14.06 -12.43
CA ILE L 419 -27.73 15.11 -12.36
C ILE L 419 -26.73 14.82 -11.25
N ILE L 420 -27.25 14.50 -10.07
CA ILE L 420 -26.44 14.13 -8.91
C ILE L 420 -25.44 13.02 -9.28
N ARG L 421 -25.88 12.08 -10.11
CA ARG L 421 -25.04 10.97 -10.54
C ARG L 421 -24.04 11.36 -11.64
N GLN L 422 -24.51 12.09 -12.64
CA GLN L 422 -23.66 12.50 -13.77
C GLN L 422 -22.50 13.41 -13.33
N VAL L 423 -22.83 14.47 -12.59
CA VAL L 423 -21.82 15.43 -12.13
C VAL L 423 -21.03 14.90 -10.93
N ASN L 424 -21.61 13.92 -10.23
CA ASN L 424 -21.04 13.36 -9.00
C ASN L 424 -21.10 14.36 -7.85
N ILE L 425 -22.31 14.61 -7.35
CA ILE L 425 -22.53 15.63 -6.32
C ILE L 425 -22.89 14.99 -4.98
N SER L 426 -22.07 15.30 -3.97
CA SER L 426 -22.25 14.80 -2.61
C SER L 426 -21.54 15.78 -1.67
N PRO L 427 -21.99 15.87 -0.40
CA PRO L 427 -21.42 16.86 0.51
C PRO L 427 -20.00 16.54 1.00
N GLU L 428 -19.22 15.81 0.20
CA GLU L 428 -17.83 15.50 0.54
C GLU L 428 -16.92 15.35 -0.70
N THR L 429 -17.52 15.45 -1.88
CA THR L 429 -16.80 15.27 -3.13
C THR L 429 -16.50 16.59 -3.86
N ILE L 430 -16.81 17.71 -3.22
CA ILE L 430 -16.48 19.03 -3.74
C ILE L 430 -14.96 19.19 -3.86
N ALA L 431 -14.53 19.58 -5.06
CA ALA L 431 -13.10 19.77 -5.34
C ALA L 431 -12.69 21.24 -5.31
N GLY L 432 -13.64 22.13 -5.63
CA GLY L 432 -13.38 23.56 -5.65
C GLY L 432 -14.34 24.36 -6.51
N THR L 433 -13.85 25.47 -7.04
CA THR L 433 -14.67 26.41 -7.80
C THR L 433 -13.96 26.96 -9.04
N PHE L 434 -14.68 27.79 -9.80
CA PHE L 434 -14.13 28.55 -10.92
C PHE L 434 -14.89 29.87 -11.10
N LYS L 435 -14.31 30.79 -11.87
CA LYS L 435 -15.00 32.04 -12.19
C LYS L 435 -16.13 31.80 -13.19
N VAL L 436 -17.36 31.96 -12.69
CA VAL L 436 -18.57 31.62 -13.44
C VAL L 436 -18.89 32.65 -14.54
N ALA L 437 -19.19 32.14 -15.73
CA ALA L 437 -19.64 32.96 -16.85
C ALA L 437 -21.17 32.92 -16.92
N PRO L 438 -21.80 33.95 -17.54
CA PRO L 438 -23.25 33.98 -17.69
C PRO L 438 -23.83 32.64 -18.15
N LEU L 439 -24.92 32.21 -17.50
CA LEU L 439 -25.55 30.92 -17.76
C LEU L 439 -25.97 30.76 -19.23
N HIS L 440 -26.38 31.88 -19.84
CA HIS L 440 -26.74 31.91 -21.26
C HIS L 440 -25.59 31.53 -22.15
N ASP L 441 -24.38 31.92 -21.74
CA ASP L 441 -23.17 31.62 -22.51
C ASP L 441 -22.84 30.13 -22.51
N TYR L 442 -23.18 29.43 -21.43
CA TYR L 442 -22.95 27.99 -21.34
C TYR L 442 -23.93 27.21 -22.20
N ILE L 443 -25.16 27.72 -22.31
CA ILE L 443 -26.17 27.10 -23.16
C ILE L 443 -25.72 27.07 -24.62
N ASN L 444 -25.16 28.18 -25.10
CA ASN L 444 -24.64 28.27 -26.46
C ASN L 444 -23.17 27.86 -26.59
N ALA L 445 -22.56 27.48 -25.47
CA ALA L 445 -21.15 27.05 -25.41
C ALA L 445 -20.14 28.11 -25.88
N VAL L 446 -20.47 29.37 -25.65
CA VAL L 446 -19.61 30.50 -26.02
C VAL L 446 -18.41 30.63 -25.06
N ALA L 447 -18.68 30.44 -23.77
CA ALA L 447 -17.64 30.49 -22.73
C ALA L 447 -16.70 29.30 -22.80
N GLU L 448 -15.52 29.44 -22.18
CA GLU L 448 -14.52 28.36 -22.18
C GLU L 448 -14.95 27.19 -21.28
N ARG L 449 -14.33 26.04 -21.52
CA ARG L 449 -14.54 24.86 -20.69
C ARG L 449 -14.01 25.13 -19.27
N PRO L 450 -14.88 24.98 -18.25
CA PRO L 450 -14.56 25.30 -16.85
C PRO L 450 -13.36 24.54 -16.26
N SER L 451 -13.30 23.23 -16.50
CA SER L 451 -12.22 22.40 -15.98
C SER L 451 -11.89 21.22 -16.87
N ASP L 452 -10.71 20.65 -16.67
CA ASP L 452 -10.24 19.48 -17.41
C ASP L 452 -10.08 18.27 -16.49
N VAL L 453 -9.77 18.53 -15.22
CA VAL L 453 -9.50 17.46 -14.24
C VAL L 453 -10.68 17.16 -13.30
N TYR L 454 -11.66 18.07 -13.25
CA TYR L 454 -12.81 17.91 -12.36
C TYR L 454 -14.14 18.01 -13.10
N SER L 455 -15.18 17.38 -12.54
CA SER L 455 -16.54 17.47 -13.07
C SER L 455 -17.22 18.76 -12.58
N CYS L 456 -17.99 19.39 -13.47
CA CYS L 456 -18.49 20.75 -13.23
C CYS L 456 -19.99 20.96 -13.38
N SER L 457 -20.48 22.00 -12.70
CA SER L 457 -21.85 22.49 -12.84
C SER L 457 -21.79 23.99 -13.09
N PRO L 458 -22.70 24.52 -13.94
CA PRO L 458 -22.66 25.91 -14.39
C PRO L 458 -22.80 26.98 -13.30
N ASN L 459 -22.96 26.56 -12.04
CA ASN L 459 -23.03 27.50 -10.92
C ASN L 459 -21.65 27.86 -10.37
N GLY L 460 -20.61 27.20 -10.89
CA GLY L 460 -19.24 27.46 -10.50
C GLY L 460 -18.69 26.45 -9.51
N MET L 461 -19.20 25.23 -9.55
CA MET L 461 -18.76 24.18 -8.62
C MET L 461 -17.98 23.08 -9.33
N MET L 462 -16.96 22.56 -8.65
CA MET L 462 -16.14 21.45 -9.17
C MET L 462 -16.18 20.24 -8.24
N TYR L 463 -16.25 19.05 -8.83
CA TYR L 463 -16.35 17.81 -8.07
C TYR L 463 -15.30 16.78 -8.50
N TYR L 464 -14.87 15.96 -7.54
CA TYR L 464 -13.87 14.91 -7.80
C TYR L 464 -14.38 13.83 -8.73
N LYS L 465 -13.49 13.29 -9.57
CA LYS L 465 -13.82 12.26 -10.54
C LYS L 465 -13.22 10.90 -10.21
N ASP L 466 -12.17 10.90 -9.38
CA ASP L 466 -11.43 9.67 -9.04
C ASP L 466 -12.03 8.90 -7.85
N ARG L 467 -13.22 9.32 -7.43
CA ARG L 467 -13.88 8.75 -6.26
C ARG L 467 -15.33 8.38 -6.58
N ASP L 468 -16.04 7.88 -5.58
CA ASP L 468 -17.49 7.67 -5.66
C ASP L 468 -18.14 8.40 -4.49
N GLY L 469 -19.06 9.31 -4.81
CA GLY L 469 -19.76 10.10 -3.79
C GLY L 469 -20.79 9.28 -3.04
N VAL L 470 -20.93 9.56 -1.76
CA VAL L 470 -21.88 8.84 -0.89
C VAL L 470 -23.30 8.92 -1.43
N VAL L 471 -23.81 10.14 -1.63
CA VAL L 471 -25.17 10.36 -2.15
C VAL L 471 -25.37 9.73 -3.54
N PRO L 472 -24.43 9.96 -4.49
CA PRO L 472 -24.49 9.26 -5.77
C PRO L 472 -24.53 7.74 -5.63
N THR L 473 -23.72 7.19 -4.72
CA THR L 473 -23.67 5.75 -4.48
C THR L 473 -25.00 5.23 -3.93
N GLU L 474 -25.67 6.05 -3.11
CA GLU L 474 -26.95 5.67 -2.51
C GLU L 474 -28.11 5.63 -3.50
N ILE L 475 -28.16 6.62 -4.40
CA ILE L 475 -29.22 6.68 -5.41
C ILE L 475 -28.96 5.73 -6.58
N THR L 476 -27.68 5.45 -6.86
CA THR L 476 -27.31 4.43 -7.84
C THR L 476 -27.77 3.06 -7.37
N LYS L 477 -27.72 2.84 -6.04
CA LYS L 477 -28.27 1.63 -5.43
C LYS L 477 -29.78 1.52 -5.65
N VAL L 478 -30.50 2.62 -5.39
CA VAL L 478 -31.96 2.64 -5.54
C VAL L 478 -32.37 2.50 -7.00
N PHE L 479 -31.55 3.04 -7.91
CA PHE L 479 -31.73 2.83 -9.36
C PHE L 479 -31.61 1.36 -9.74
N ASN L 480 -30.68 0.66 -9.08
CA ASN L 480 -30.50 -0.77 -9.26
C ASN L 480 -31.52 -1.59 -8.47
N GLN L 481 -32.03 -1.02 -7.38
CA GLN L 481 -33.05 -1.65 -6.56
C GLN L 481 -34.42 -1.61 -7.23
N ARG L 482 -34.69 -0.54 -7.98
CA ARG L 482 -35.94 -0.38 -8.72
C ARG L 482 -35.95 -1.26 -9.97
N LYS L 483 -34.86 -1.22 -10.72
CA LYS L 483 -34.70 -2.01 -11.95
C LYS L 483 -34.66 -3.52 -11.65
N GLU L 484 -34.16 -3.87 -10.47
CA GLU L 484 -34.09 -5.27 -10.04
C GLU L 484 -35.48 -5.79 -9.70
N HIS L 485 -36.24 -5.01 -8.91
CA HIS L 485 -37.60 -5.37 -8.53
C HIS L 485 -38.57 -5.23 -9.69
N LYS L 486 -38.17 -4.48 -10.71
CA LYS L 486 -38.93 -4.36 -11.96
C LYS L 486 -38.90 -5.68 -12.72
N GLY L 487 -37.72 -6.31 -12.76
CA GLY L 487 -37.54 -7.61 -13.40
C GLY L 487 -38.24 -8.74 -12.67
N TYR L 488 -38.26 -8.66 -11.34
CA TYR L 488 -38.91 -9.68 -10.51
C TYR L 488 -40.43 -9.54 -10.50
N MET L 489 -40.91 -8.33 -10.77
CA MET L 489 -42.35 -8.06 -10.89
C MET L 489 -42.93 -8.76 -12.11
N LEU L 490 -42.18 -8.73 -13.21
CA LEU L 490 -42.57 -9.40 -14.46
C LEU L 490 -42.40 -10.92 -14.36
N ALA L 491 -41.46 -11.35 -13.50
CA ALA L 491 -41.18 -12.77 -13.28
C ALA L 491 -42.26 -13.46 -12.45
N ALA L 492 -42.66 -12.82 -11.34
CA ALA L 492 -43.69 -13.36 -10.45
C ALA L 492 -45.07 -13.39 -11.10
N GLN L 493 -45.32 -12.40 -11.96
CA GLN L 493 -46.57 -12.29 -12.72
C GLN L 493 -46.72 -13.44 -13.71
N ARG L 494 -45.59 -13.88 -14.27
CA ARG L 494 -45.56 -14.99 -15.23
C ARG L 494 -45.51 -16.37 -14.55
N ASN L 495 -45.37 -16.38 -13.22
CA ASN L 495 -45.33 -17.62 -12.45
C ASN L 495 -46.68 -18.05 -11.88
N GLY L 496 -47.55 -17.07 -11.63
CA GLY L 496 -48.91 -17.33 -11.16
C GLY L 496 -49.80 -17.94 -12.23
N GLU L 497 -49.46 -17.67 -13.49
CA GLU L 497 -50.20 -18.19 -14.64
C GLU L 497 -49.96 -19.68 -14.85
N ILE L 498 -48.79 -20.16 -14.41
CA ILE L 498 -48.40 -21.56 -14.54
C ILE L 498 -49.18 -22.44 -13.56
N ILE L 499 -49.42 -21.91 -12.35
CA ILE L 499 -50.15 -22.63 -11.31
C ILE L 499 -51.64 -22.78 -11.67
N LYS L 500 -52.23 -21.70 -12.19
CA LYS L 500 -53.64 -21.69 -12.59
C LYS L 500 -53.95 -22.58 -13.78
N GLU L 501 -52.91 -23.00 -14.50
CA GLU L 501 -53.04 -23.95 -15.61
C GLU L 501 -53.39 -25.35 -15.11
N ALA L 502 -52.85 -25.71 -13.96
CA ALA L 502 -53.10 -27.02 -13.34
C ALA L 502 -54.44 -27.06 -12.61
N LEU L 503 -55.08 -25.91 -12.45
CA LEU L 503 -56.37 -25.80 -11.76
C LEU L 503 -57.53 -26.40 -12.55
N HIS L 504 -57.51 -26.22 -13.87
CA HIS L 504 -58.56 -26.76 -14.75
C HIS L 504 -58.51 -28.26 -14.89
N ASN L 505 -57.30 -28.82 -14.83
CA ASN L 505 -57.10 -30.26 -14.86
C ASN L 505 -56.20 -30.72 -13.70
N PRO L 506 -56.80 -30.89 -12.50
CA PRO L 506 -56.03 -31.25 -11.30
C PRO L 506 -56.02 -32.74 -10.97
N ASN L 507 -54.96 -33.18 -10.30
CA ASN L 507 -54.86 -34.55 -9.79
C ASN L 507 -55.15 -34.57 -8.29
N LEU L 508 -56.42 -34.76 -7.95
CA LEU L 508 -56.90 -34.67 -6.57
C LEU L 508 -56.46 -35.87 -5.72
N SER L 509 -55.54 -35.61 -4.79
CA SER L 509 -55.04 -36.60 -3.84
C SER L 509 -54.54 -35.91 -2.57
N VAL L 510 -53.49 -36.46 -1.95
CA VAL L 510 -52.87 -35.88 -0.76
C VAL L 510 -51.35 -35.81 -0.90
N ASP L 511 -50.81 -34.59 -0.87
CA ASP L 511 -49.37 -34.37 -1.04
C ASP L 511 -48.84 -33.14 -0.29
N GLU L 512 -47.51 -33.06 -0.18
CA GLU L 512 -46.85 -31.93 0.45
C GLU L 512 -46.64 -30.80 -0.56
N PRO L 513 -46.82 -29.53 -0.13
CA PRO L 513 -46.56 -28.39 -1.01
C PRO L 513 -45.07 -28.20 -1.30
N LEU L 514 -44.74 -27.89 -2.55
CA LEU L 514 -43.35 -27.77 -3.00
C LEU L 514 -42.60 -26.61 -2.33
N ASP L 515 -41.28 -26.71 -2.31
CA ASP L 515 -40.42 -25.71 -1.68
C ASP L 515 -39.46 -25.09 -2.70
N VAL L 516 -39.92 -24.04 -3.37
CA VAL L 516 -39.13 -23.31 -4.36
C VAL L 516 -39.30 -21.79 -4.19
N ASP L 517 -38.43 -21.01 -4.83
CA ASP L 517 -38.49 -19.56 -4.77
C ASP L 517 -39.35 -18.98 -5.89
N TYR L 518 -40.24 -18.06 -5.53
CA TYR L 518 -41.21 -17.49 -6.46
C TYR L 518 -40.67 -16.30 -7.27
N ARG L 519 -39.59 -15.70 -6.79
CA ARG L 519 -39.00 -14.51 -7.42
C ARG L 519 -38.38 -14.78 -8.80
N PHE L 520 -37.92 -16.01 -9.03
CA PHE L 520 -37.32 -16.40 -10.30
C PHE L 520 -38.18 -17.41 -11.07
N ASP L 521 -38.25 -17.22 -12.38
CA ASP L 521 -39.03 -18.06 -13.28
C ASP L 521 -38.51 -19.49 -13.33
N PHE L 522 -39.42 -20.44 -13.51
CA PHE L 522 -39.07 -21.86 -13.63
C PHE L 522 -38.65 -22.19 -15.06
N SER L 523 -37.61 -23.00 -15.18
CA SER L 523 -37.15 -23.50 -16.48
C SER L 523 -37.88 -24.80 -16.84
N ASP L 524 -37.40 -25.49 -17.87
CA ASP L 524 -38.02 -26.74 -18.35
C ASP L 524 -37.85 -27.94 -17.40
N GLU L 525 -37.45 -27.65 -16.16
CA GLU L 525 -37.26 -28.69 -15.14
C GLU L 525 -38.41 -28.66 -14.12
N ILE L 526 -38.77 -27.48 -13.65
CA ILE L 526 -39.78 -27.31 -12.60
C ILE L 526 -41.20 -27.12 -13.19
N LYS L 527 -41.27 -27.04 -14.53
CA LYS L 527 -42.55 -26.88 -15.23
C LYS L 527 -43.49 -28.07 -15.05
N GLU L 528 -42.96 -29.27 -15.21
CA GLU L 528 -43.76 -30.51 -15.10
C GLU L 528 -43.69 -31.15 -13.70
N LYS L 529 -43.28 -30.35 -12.71
CA LYS L 529 -43.24 -30.79 -11.32
C LYS L 529 -44.50 -30.38 -10.55
N ILE L 530 -45.20 -29.37 -11.08
CA ILE L 530 -46.38 -28.81 -10.43
C ILE L 530 -47.68 -29.35 -11.03
N LYS L 531 -47.63 -29.72 -12.31
CA LYS L 531 -48.80 -30.20 -13.06
C LYS L 531 -49.62 -31.25 -12.29
N LYS L 532 -48.94 -32.28 -11.79
CA LYS L 532 -49.60 -33.37 -11.07
C LYS L 532 -49.62 -33.09 -9.56
N LEU L 533 -50.67 -32.41 -9.11
CA LEU L 533 -50.79 -32.01 -7.71
C LEU L 533 -52.26 -31.82 -7.31
N SER L 534 -52.54 -31.92 -6.01
CA SER L 534 -53.91 -31.79 -5.48
C SER L 534 -54.40 -30.34 -5.48
N ALA L 535 -55.73 -30.18 -5.46
CA ALA L 535 -56.37 -28.86 -5.56
C ALA L 535 -56.11 -27.96 -4.34
N LYS L 536 -55.97 -28.56 -3.16
CA LYS L 536 -55.71 -27.81 -1.92
C LYS L 536 -54.29 -27.26 -1.89
N SER L 537 -53.32 -28.12 -2.22
CA SER L 537 -51.90 -27.73 -2.21
C SER L 537 -51.54 -26.77 -3.33
N LEU L 538 -52.26 -26.87 -4.45
CA LEU L 538 -52.11 -25.93 -5.57
C LEU L 538 -52.61 -24.54 -5.21
N ASN L 539 -53.74 -24.48 -4.51
CA ASN L 539 -54.32 -23.22 -4.04
C ASN L 539 -53.50 -22.57 -2.93
N GLU L 540 -52.90 -23.40 -2.08
CA GLU L 540 -52.00 -22.93 -1.02
C GLU L 540 -50.73 -22.34 -1.65
N MET L 541 -50.22 -23.01 -2.68
CA MET L 541 -49.07 -22.52 -3.45
C MET L 541 -49.42 -21.30 -4.29
N LEU L 542 -50.70 -21.19 -4.67
CA LEU L 542 -51.21 -20.04 -5.42
C LEU L 542 -51.30 -18.80 -4.55
N PHE L 543 -51.81 -18.98 -3.32
CA PHE L 543 -51.90 -17.89 -2.35
C PHE L 543 -50.53 -17.43 -1.86
N ARG L 544 -49.57 -18.36 -1.81
CA ARG L 544 -48.19 -18.03 -1.46
C ARG L 544 -47.44 -17.37 -2.62
N ALA L 545 -47.83 -17.71 -3.85
CA ALA L 545 -47.25 -17.11 -5.05
C ALA L 545 -47.79 -15.70 -5.28
N GLN L 546 -49.07 -15.51 -4.97
CA GLN L 546 -49.72 -14.20 -5.06
C GLN L 546 -49.23 -13.24 -3.97
N ARG L 547 -48.83 -13.80 -2.82
CA ARG L 547 -48.32 -13.00 -1.72
C ARG L 547 -46.90 -12.49 -2.02
N THR L 548 -46.21 -13.21 -2.89
CA THR L 548 -44.88 -12.82 -3.36
C THR L 548 -45.01 -11.86 -4.55
N GLU L 549 -46.07 -12.05 -5.34
CA GLU L 549 -46.32 -11.26 -6.55
C GLU L 549 -46.70 -9.81 -6.23
N VAL L 550 -47.42 -9.62 -5.13
CA VAL L 550 -47.81 -8.29 -4.65
C VAL L 550 -46.56 -7.53 -4.15
N ALA L 551 -45.68 -8.26 -3.46
CA ALA L 551 -44.42 -7.70 -2.95
C ALA L 551 -43.52 -7.18 -4.08
N GLY L 552 -43.66 -7.75 -5.27
CA GLY L 552 -42.93 -7.29 -6.46
C GLY L 552 -43.41 -5.93 -6.94
N MET L 553 -44.71 -5.70 -6.86
CA MET L 553 -45.30 -4.38 -7.15
C MET L 553 -44.98 -3.37 -6.07
N THR L 554 -45.15 -3.80 -4.81
CA THR L 554 -44.99 -2.93 -3.64
C THR L 554 -43.56 -2.38 -3.49
N ALA L 555 -42.57 -3.19 -3.85
CA ALA L 555 -41.16 -2.82 -3.68
C ALA L 555 -40.64 -1.87 -4.75
N GLN L 556 -41.11 -2.02 -5.99
CA GLN L 556 -40.59 -1.24 -7.12
C GLN L 556 -41.13 0.20 -7.17
N ILE L 557 -42.30 0.43 -6.59
CA ILE L 557 -42.90 1.77 -6.56
C ILE L 557 -42.61 2.53 -5.26
N ASN L 558 -42.21 1.79 -4.21
CA ASN L 558 -41.67 2.41 -3.01
C ASN L 558 -40.29 3.02 -3.29
N ARG L 559 -39.53 2.33 -4.13
CA ARG L 559 -38.22 2.80 -4.55
C ARG L 559 -38.29 3.77 -5.73
N LYS L 560 -39.47 3.89 -6.34
CA LYS L 560 -39.73 4.93 -7.34
C LYS L 560 -40.02 6.25 -6.62
N LEU L 561 -40.63 6.15 -5.43
CA LEU L 561 -40.89 7.30 -4.58
C LEU L 561 -39.61 7.95 -4.08
N LEU L 562 -38.66 7.12 -3.65
CA LEU L 562 -37.39 7.59 -3.10
C LEU L 562 -36.56 8.38 -4.10
N ILE L 563 -36.54 7.90 -5.35
CA ILE L 563 -35.89 8.60 -6.44
C ILE L 563 -36.45 10.02 -6.57
N ASN L 564 -37.78 10.14 -6.49
CA ASN L 564 -38.46 11.42 -6.55
C ASN L 564 -38.37 12.22 -5.24
N SER L 565 -38.13 11.51 -4.13
CA SER L 565 -38.06 12.13 -2.81
C SER L 565 -36.69 12.75 -2.53
N LEU L 566 -35.66 12.25 -3.20
CA LEU L 566 -34.27 12.65 -2.95
C LEU L 566 -34.02 14.14 -3.11
N TYR L 567 -34.52 14.72 -4.20
CA TYR L 567 -34.40 16.16 -4.43
C TYR L 567 -35.18 16.93 -3.37
N GLY L 568 -36.35 16.41 -3.01
CA GLY L 568 -37.18 16.99 -1.94
C GLY L 568 -36.51 16.93 -0.58
N ALA L 569 -35.55 16.03 -0.43
CA ALA L 569 -34.80 15.88 0.80
C ALA L 569 -33.50 16.68 0.80
N LEU L 570 -32.80 16.69 -0.33
CA LEU L 570 -31.53 17.42 -0.47
C LEU L 570 -31.72 18.93 -0.54
N GLY L 571 -32.95 19.37 -0.79
CA GLY L 571 -33.29 20.80 -0.83
C GLY L 571 -33.73 21.33 0.52
N ASN L 572 -33.98 20.43 1.45
CA ASN L 572 -34.41 20.81 2.80
C ASN L 572 -33.22 21.09 3.71
N VAL L 573 -33.36 22.11 4.56
CA VAL L 573 -32.28 22.55 5.47
C VAL L 573 -32.12 21.68 6.71
N TRP L 574 -33.24 21.09 7.17
CA TRP L 574 -33.23 20.16 8.30
C TRP L 574 -32.78 18.79 7.89
N PHE L 575 -32.00 18.73 6.81
CA PHE L 575 -31.46 17.47 6.31
C PHE L 575 -29.96 17.38 6.58
N ARG L 576 -29.56 16.21 7.07
CA ARG L 576 -28.18 15.92 7.47
C ARG L 576 -27.15 16.17 6.37
N TYR L 577 -27.56 15.97 5.13
CA TYR L 577 -26.62 16.03 4.00
C TYR L 577 -26.87 17.23 3.08
N TYR L 578 -27.57 18.24 3.61
CA TYR L 578 -27.83 19.46 2.88
C TYR L 578 -26.56 20.29 2.70
N ASP L 579 -26.40 20.84 1.50
CA ASP L 579 -25.36 21.81 1.21
C ASP L 579 -25.89 22.73 0.12
N LEU L 580 -25.90 24.04 0.42
CA LEU L 580 -26.52 25.04 -0.45
C LEU L 580 -25.86 25.14 -1.84
N ARG L 581 -24.54 25.04 -1.87
CA ARG L 581 -23.80 25.11 -3.14
C ARG L 581 -24.01 23.86 -3.97
N ASN L 582 -24.29 22.73 -3.30
CA ASN L 582 -24.67 21.50 -3.96
C ASN L 582 -26.08 21.59 -4.58
N ALA L 583 -27.01 22.19 -3.84
CA ALA L 583 -28.41 22.32 -4.26
C ALA L 583 -28.56 23.16 -5.52
N THR L 584 -27.96 24.35 -5.49
CA THR L 584 -27.92 25.24 -6.65
C THR L 584 -27.32 24.53 -7.86
N ALA L 585 -26.24 23.78 -7.62
CA ALA L 585 -25.55 23.04 -8.66
C ALA L 585 -26.43 22.01 -9.39
N ILE L 586 -27.55 21.64 -8.78
CA ILE L 586 -28.47 20.68 -9.38
C ILE L 586 -29.47 21.41 -10.30
N THR L 587 -30.17 22.40 -9.75
CA THR L 587 -31.17 23.14 -10.53
C THR L 587 -30.57 23.96 -11.66
N THR L 588 -29.39 24.54 -11.41
CA THR L 588 -28.67 25.33 -12.41
C THR L 588 -28.20 24.45 -13.58
N PHE L 589 -27.79 23.23 -13.25
CA PHE L 589 -27.46 22.25 -14.26
C PHE L 589 -28.71 21.86 -15.03
N GLY L 590 -29.83 21.81 -14.32
CA GLY L 590 -31.14 21.47 -14.90
C GLY L 590 -31.63 22.46 -15.92
N GLN L 591 -31.58 23.74 -15.58
CA GLN L 591 -31.99 24.82 -16.49
C GLN L 591 -31.08 24.88 -17.72
N MET L 592 -29.79 24.61 -17.51
CA MET L 592 -28.83 24.51 -18.60
C MET L 592 -29.17 23.32 -19.51
N ALA L 593 -29.38 22.16 -18.91
CA ALA L 593 -29.69 20.93 -19.65
C ALA L 593 -30.94 21.07 -20.52
N LEU L 594 -31.96 21.73 -19.98
CA LEU L 594 -33.22 21.95 -20.68
C LEU L 594 -33.03 22.84 -21.90
N GLN L 595 -32.47 24.03 -21.68
CA GLN L 595 -32.25 25.02 -22.73
C GLN L 595 -31.19 24.60 -23.76
N TRP L 596 -30.26 23.75 -23.32
CA TRP L 596 -29.21 23.19 -24.18
C TRP L 596 -29.80 22.29 -25.23
N ILE L 597 -30.59 21.32 -24.78
CA ILE L 597 -31.23 20.35 -25.67
C ILE L 597 -32.37 21.01 -26.45
N GLU L 598 -32.91 22.09 -25.89
CA GLU L 598 -33.91 22.92 -26.53
C GLU L 598 -33.29 23.61 -27.74
N ARG L 599 -32.08 24.13 -27.54
CA ARG L 599 -31.30 24.76 -28.59
C ARG L 599 -30.83 23.72 -29.62
N LYS L 600 -30.44 22.54 -29.14
CA LYS L 600 -29.96 21.46 -30.00
C LYS L 600 -31.08 20.84 -30.84
N VAL L 601 -32.29 20.81 -30.29
CA VAL L 601 -33.46 20.30 -31.04
C VAL L 601 -33.85 21.25 -32.18
N ASN L 602 -33.84 22.55 -31.89
CA ASN L 602 -34.09 23.57 -32.90
C ASN L 602 -33.09 23.56 -34.05
N GLU L 603 -31.81 23.46 -33.72
CA GLU L 603 -30.73 23.39 -34.71
C GLU L 603 -30.83 22.15 -35.59
N TYR L 604 -31.20 21.03 -34.97
CA TYR L 604 -31.33 19.77 -35.69
C TYR L 604 -32.51 19.78 -36.66
N LEU L 605 -33.67 20.24 -36.17
CA LEU L 605 -34.90 20.21 -36.96
C LEU L 605 -34.91 21.23 -38.09
N ASN L 606 -34.29 22.40 -37.86
CA ASN L 606 -34.08 23.39 -38.91
C ASN L 606 -33.24 22.84 -40.07
N GLU L 607 -32.13 22.19 -39.73
CA GLU L 607 -31.23 21.58 -40.71
C GLU L 607 -31.94 20.46 -41.49
N VAL L 608 -32.76 19.68 -40.78
CA VAL L 608 -33.43 18.52 -41.36
C VAL L 608 -34.61 18.92 -42.24
N CYS L 609 -35.35 19.94 -41.83
CA CYS L 609 -36.47 20.46 -42.63
C CYS L 609 -36.01 21.41 -43.75
N GLY L 610 -34.73 21.80 -43.70
CA GLY L 610 -34.14 22.71 -44.69
C GLY L 610 -34.45 24.17 -44.39
N THR L 611 -34.89 24.45 -43.17
CA THR L 611 -35.26 25.80 -42.74
C THR L 611 -34.14 26.45 -41.91
N GLU L 612 -34.42 27.64 -41.39
CA GLU L 612 -33.46 28.38 -40.57
C GLU L 612 -34.14 29.34 -39.60
N GLY L 613 -33.82 29.19 -38.31
CA GLY L 613 -34.32 30.06 -37.25
C GLY L 613 -35.81 30.03 -37.02
N GLU L 614 -36.37 28.83 -36.87
CA GLU L 614 -37.79 28.65 -36.59
C GLU L 614 -38.01 27.91 -35.28
N ALA L 615 -38.95 28.40 -34.48
CA ALA L 615 -39.21 27.85 -33.15
C ALA L 615 -40.00 26.54 -33.22
N PHE L 616 -39.26 25.43 -33.27
CA PHE L 616 -39.86 24.10 -33.24
C PHE L 616 -40.36 23.75 -31.85
N VAL L 617 -39.57 24.10 -30.83
CA VAL L 617 -39.95 23.90 -29.44
C VAL L 617 -40.91 25.02 -29.02
N LEU L 618 -42.14 24.64 -28.70
CA LEU L 618 -43.19 25.61 -28.38
C LEU L 618 -43.23 25.96 -26.90
N TYR L 619 -42.92 24.99 -26.04
CA TYR L 619 -42.93 25.20 -24.59
C TYR L 619 -42.04 24.18 -23.88
N GLY L 620 -41.17 24.70 -23.02
CA GLY L 620 -40.28 23.86 -22.21
C GLY L 620 -40.63 23.97 -20.74
N ASP L 621 -40.69 22.83 -20.06
CA ASP L 621 -41.17 22.78 -18.68
C ASP L 621 -40.42 21.77 -17.81
N THR L 622 -39.60 22.29 -16.91
CA THR L 622 -38.88 21.49 -15.90
C THR L 622 -38.32 20.18 -16.45
N ASP L 623 -39.16 19.15 -16.50
CA ASP L 623 -38.75 17.83 -17.00
C ASP L 623 -39.67 17.30 -18.10
N SER L 624 -40.16 18.22 -18.94
CA SER L 624 -40.96 17.88 -20.11
C SER L 624 -40.96 19.02 -21.13
N ILE L 625 -40.53 18.73 -22.36
CA ILE L 625 -40.54 19.73 -23.43
C ILE L 625 -41.56 19.39 -24.53
N TYR L 626 -41.99 20.42 -25.26
CA TYR L 626 -43.02 20.26 -26.28
C TYR L 626 -42.59 20.81 -27.64
N VAL L 627 -42.60 19.94 -28.65
CA VAL L 627 -42.15 20.31 -29.99
C VAL L 627 -43.32 20.31 -31.00
N SER L 628 -43.42 21.39 -31.77
CA SER L 628 -44.39 21.50 -32.87
C SER L 628 -43.93 20.69 -34.08
N ALA L 629 -44.74 19.72 -34.48
CA ALA L 629 -44.40 18.83 -35.59
C ALA L 629 -44.92 19.34 -36.94
N ASP L 630 -45.37 20.59 -36.98
CA ASP L 630 -45.92 21.22 -38.19
C ASP L 630 -45.07 20.99 -39.44
N LYS L 631 -43.83 21.47 -39.40
CA LYS L 631 -42.92 21.41 -40.55
C LYS L 631 -42.48 19.99 -40.91
N ILE L 632 -42.52 19.10 -39.93
CA ILE L 632 -42.18 17.68 -40.14
C ILE L 632 -43.21 17.02 -41.05
N ILE L 633 -44.49 17.16 -40.70
CA ILE L 633 -45.59 16.65 -41.52
C ILE L 633 -45.63 17.34 -42.89
N ASP L 634 -45.48 18.68 -42.87
CA ASP L 634 -45.50 19.50 -44.09
C ASP L 634 -44.38 19.17 -45.08
N LYS L 635 -43.23 18.72 -44.55
CA LYS L 635 -42.10 18.30 -45.38
C LYS L 635 -42.47 17.09 -46.24
N VAL L 636 -43.22 16.16 -45.66
CA VAL L 636 -43.68 14.96 -46.37
C VAL L 636 -44.99 15.24 -47.12
N GLY L 637 -45.78 16.16 -46.59
CA GLY L 637 -47.11 16.48 -47.13
C GLY L 637 -48.12 15.47 -46.61
N GLU L 638 -49.13 15.96 -45.91
CA GLU L 638 -50.08 15.08 -45.20
C GLU L 638 -51.01 14.24 -46.08
N SER L 639 -51.04 14.51 -47.38
CA SER L 639 -51.86 13.75 -48.32
C SER L 639 -51.24 12.39 -48.68
N LYS L 640 -50.04 12.11 -48.14
CA LYS L 640 -49.38 10.82 -48.34
C LYS L 640 -49.86 9.75 -47.37
N PHE L 641 -50.37 10.18 -46.22
CA PHE L 641 -50.87 9.25 -45.20
C PHE L 641 -52.28 8.79 -45.55
N ARG L 642 -52.52 7.49 -45.39
CA ARG L 642 -53.82 6.88 -45.70
C ARG L 642 -54.91 7.24 -44.68
N ASP L 643 -54.59 7.06 -43.40
CA ASP L 643 -55.50 7.39 -42.31
C ASP L 643 -54.75 8.04 -41.13
N THR L 644 -55.49 8.41 -40.08
CA THR L 644 -54.91 9.08 -38.91
C THR L 644 -53.76 8.29 -38.28
N ASN L 645 -53.99 6.98 -38.11
CA ASN L 645 -53.01 6.06 -37.52
C ASN L 645 -51.63 6.09 -38.19
N HIS L 646 -51.62 6.30 -39.50
CA HIS L 646 -50.40 6.24 -40.31
C HIS L 646 -49.44 7.37 -40.08
N TRP L 647 -49.96 8.58 -39.81
CA TRP L 647 -49.07 9.72 -39.51
C TRP L 647 -48.60 9.74 -38.08
N VAL L 648 -49.31 9.02 -37.22
CA VAL L 648 -48.87 8.83 -35.84
C VAL L 648 -47.68 7.88 -35.82
N ASP L 649 -47.72 6.87 -36.70
CA ASP L 649 -46.64 5.91 -36.85
C ASP L 649 -45.37 6.55 -37.42
N PHE L 650 -45.55 7.40 -38.43
CA PHE L 650 -44.45 8.15 -39.04
C PHE L 650 -43.72 9.03 -38.03
N LEU L 651 -44.47 9.76 -37.20
CA LEU L 651 -43.90 10.61 -36.16
C LEU L 651 -43.22 9.80 -35.05
N ASP L 652 -43.86 8.69 -34.67
CA ASP L 652 -43.31 7.77 -33.68
C ASP L 652 -41.93 7.26 -34.11
N LYS L 653 -41.80 6.89 -35.38
CA LYS L 653 -40.54 6.44 -35.95
C LYS L 653 -39.50 7.56 -35.99
N PHE L 654 -39.96 8.76 -36.35
CA PHE L 654 -39.11 9.92 -36.52
C PHE L 654 -38.43 10.38 -35.24
N ALA L 655 -39.17 10.33 -34.13
CA ALA L 655 -38.63 10.71 -32.83
C ALA L 655 -37.63 9.67 -32.33
N ARG L 656 -37.97 8.40 -32.53
CA ARG L 656 -37.18 7.28 -32.03
C ARG L 656 -35.87 7.08 -32.80
N GLU L 657 -35.86 7.38 -34.10
CA GLU L 657 -34.74 7.02 -34.96
C GLU L 657 -33.92 8.19 -35.51
N ARG L 658 -34.49 9.38 -35.52
CA ARG L 658 -33.81 10.57 -36.02
C ARG L 658 -33.60 11.66 -34.96
N MET L 659 -34.58 11.81 -34.08
CA MET L 659 -34.54 12.86 -33.03
C MET L 659 -33.76 12.43 -31.79
N GLU L 660 -34.06 11.24 -31.27
CA GLU L 660 -33.43 10.75 -30.05
C GLU L 660 -31.91 10.57 -30.15
N PRO L 661 -31.41 10.01 -31.28
CA PRO L 661 -29.95 9.96 -31.45
C PRO L 661 -29.31 11.35 -31.52
N ALA L 662 -30.06 12.32 -32.04
CA ALA L 662 -29.60 13.72 -32.09
C ALA L 662 -29.66 14.35 -30.70
N ILE L 663 -30.61 13.89 -29.88
CA ILE L 663 -30.71 14.29 -28.48
C ILE L 663 -29.56 13.68 -27.67
N ASP L 664 -29.34 12.38 -27.88
CA ASP L 664 -28.31 11.62 -27.16
C ASP L 664 -26.92 12.23 -27.35
N ARG L 665 -26.57 12.53 -28.61
CA ARG L 665 -25.28 13.14 -28.92
C ARG L 665 -25.21 14.60 -28.47
N GLY L 666 -26.39 15.24 -28.33
CA GLY L 666 -26.48 16.59 -27.81
C GLY L 666 -26.14 16.65 -26.33
N PHE L 667 -26.69 15.69 -25.58
CA PHE L 667 -26.41 15.57 -24.14
C PHE L 667 -24.98 15.08 -23.89
N ARG L 668 -24.49 14.22 -24.78
CA ARG L 668 -23.14 13.66 -24.68
C ARG L 668 -22.07 14.74 -24.90
N GLU L 669 -22.38 15.70 -25.78
CA GLU L 669 -21.50 16.84 -26.04
C GLU L 669 -21.42 17.75 -24.82
N MET L 670 -22.51 17.81 -24.06
CA MET L 670 -22.60 18.61 -22.84
C MET L 670 -21.80 17.97 -21.69
N CYS L 671 -21.88 16.65 -21.59
CA CYS L 671 -21.15 15.88 -20.60
C CYS L 671 -19.63 16.06 -20.75
N GLU L 672 -19.16 16.03 -22.01
CA GLU L 672 -17.75 16.27 -22.32
C GLU L 672 -17.35 17.71 -22.00
N TYR L 673 -18.26 18.64 -22.31
CA TYR L 673 -18.08 20.07 -22.07
C TYR L 673 -17.96 20.38 -20.58
N MET L 674 -18.80 19.74 -19.77
CA MET L 674 -18.78 19.92 -18.32
C MET L 674 -17.80 18.96 -17.62
N ASN L 675 -17.15 18.11 -18.40
CA ASN L 675 -16.17 17.13 -17.90
C ASN L 675 -16.74 16.21 -16.82
N ASN L 676 -17.96 15.71 -17.04
CA ASN L 676 -18.67 14.91 -16.04
C ASN L 676 -18.14 13.49 -15.91
N LYS L 677 -18.53 12.82 -14.82
CA LYS L 677 -18.07 11.46 -14.51
C LYS L 677 -18.60 10.42 -15.50
N GLN L 678 -19.91 10.47 -15.75
CA GLN L 678 -20.57 9.59 -16.71
C GLN L 678 -21.83 10.21 -17.28
N HIS L 679 -22.05 10.01 -18.58
CA HIS L 679 -23.20 10.57 -19.29
C HIS L 679 -24.48 9.85 -18.93
N LEU L 680 -25.43 10.60 -18.37
CA LEU L 680 -26.68 10.02 -17.84
C LEU L 680 -27.92 10.89 -18.10
N MET L 681 -27.76 11.92 -18.92
CA MET L 681 -28.90 12.76 -19.32
C MET L 681 -29.74 12.06 -20.38
N PHE L 682 -30.97 11.70 -20.03
CA PHE L 682 -31.86 11.00 -20.93
C PHE L 682 -33.18 11.74 -21.11
N MET L 683 -33.70 11.73 -22.33
CA MET L 683 -34.98 12.34 -22.65
C MET L 683 -35.82 11.43 -23.56
N ASP L 684 -37.02 11.09 -23.11
CA ASP L 684 -37.88 10.16 -23.83
C ASP L 684 -39.18 10.78 -24.34
N ARG L 685 -39.60 10.34 -25.54
CA ARG L 685 -40.86 10.79 -26.14
C ARG L 685 -42.07 10.35 -25.30
N GLU L 686 -43.07 11.22 -25.21
CA GLU L 686 -44.27 10.92 -24.42
C GLU L 686 -45.55 11.01 -25.23
N ALA L 687 -45.91 12.21 -25.66
CA ALA L 687 -47.19 12.43 -26.34
C ALA L 687 -47.05 12.75 -27.82
N ILE L 688 -47.94 12.15 -28.62
CA ILE L 688 -48.12 12.53 -30.01
C ILE L 688 -49.56 13.02 -30.17
N ALA L 689 -49.70 14.30 -30.53
CA ALA L 689 -51.01 14.94 -30.61
C ALA L 689 -51.27 15.58 -31.96
N GLY L 690 -52.54 15.58 -32.36
CA GLY L 690 -52.96 16.19 -33.62
C GLY L 690 -54.42 15.90 -33.94
N PRO L 691 -54.96 16.57 -34.97
CA PRO L 691 -56.35 16.31 -35.37
C PRO L 691 -56.45 15.00 -36.15
N PRO L 692 -57.63 14.36 -36.13
CA PRO L 692 -57.86 13.23 -37.03
C PRO L 692 -57.72 13.68 -38.48
N LEU L 693 -57.10 12.84 -39.32
CA LEU L 693 -56.82 13.21 -40.71
C LEU L 693 -58.10 13.41 -41.53
N GLY L 694 -58.13 14.51 -42.29
CA GLY L 694 -59.28 14.85 -43.11
C GLY L 694 -60.13 15.95 -42.50
N SER L 695 -60.45 15.78 -41.22
CA SER L 695 -61.34 16.70 -40.49
C SER L 695 -60.70 18.07 -40.23
N LYS L 696 -61.50 18.99 -39.68
CA LYS L 696 -61.08 20.38 -39.54
C LYS L 696 -60.83 20.79 -38.08
N GLY L 697 -60.42 19.83 -37.25
CA GLY L 697 -60.05 20.10 -35.87
C GLY L 697 -58.69 20.76 -35.75
N ILE L 698 -58.42 21.38 -34.60
CA ILE L 698 -57.17 22.11 -34.38
C ILE L 698 -56.08 21.31 -33.67
N GLY L 699 -56.42 20.11 -33.22
CA GLY L 699 -55.45 19.23 -32.55
C GLY L 699 -55.18 19.56 -31.10
N GLY L 700 -54.58 20.72 -30.85
CA GLY L 700 -54.25 21.17 -29.50
C GLY L 700 -54.01 22.66 -29.40
N PHE L 701 -54.04 23.18 -28.18
CA PHE L 701 -53.82 24.62 -27.95
C PHE L 701 -53.23 24.95 -26.58
N TRP L 702 -52.53 26.07 -26.51
CA TRP L 702 -51.98 26.62 -25.28
C TRP L 702 -52.59 27.98 -25.02
N THR L 703 -53.01 28.20 -23.78
CA THR L 703 -53.54 29.50 -23.36
C THR L 703 -52.47 30.27 -22.58
N GLY L 704 -51.77 29.55 -21.71
CA GLY L 704 -50.69 30.12 -20.89
C GLY L 704 -49.74 29.06 -20.39
N LYS L 705 -48.98 29.41 -19.35
CA LYS L 705 -47.99 28.51 -18.76
C LYS L 705 -48.68 27.35 -18.03
N LYS L 706 -48.27 26.13 -18.38
CA LYS L 706 -48.84 24.89 -17.80
C LYS L 706 -50.35 24.73 -18.02
N ARG L 707 -50.92 25.59 -18.85
CA ARG L 707 -52.34 25.55 -19.17
C ARG L 707 -52.51 25.21 -20.65
N TYR L 708 -52.98 23.98 -20.91
CA TYR L 708 -53.10 23.47 -22.28
C TYR L 708 -54.10 22.30 -22.41
N ALA L 709 -54.47 21.99 -23.64
CA ALA L 709 -55.32 20.85 -23.95
C ALA L 709 -54.81 20.14 -25.21
N LEU L 710 -54.69 18.82 -25.12
CA LEU L 710 -54.18 18.02 -26.24
C LEU L 710 -55.03 16.79 -26.53
N ASN L 711 -55.17 16.48 -27.82
CA ASN L 711 -55.81 15.25 -28.26
C ASN L 711 -54.75 14.19 -28.53
N VAL L 712 -54.53 13.32 -27.54
CA VAL L 712 -53.44 12.34 -27.59
C VAL L 712 -53.85 11.05 -28.29
N TRP L 713 -52.98 10.59 -29.19
CA TRP L 713 -53.18 9.32 -29.91
C TRP L 713 -52.29 8.22 -29.39
N ASP L 714 -51.06 8.59 -29.03
CA ASP L 714 -50.07 7.64 -28.52
C ASP L 714 -49.36 8.24 -27.31
N MET L 715 -49.37 7.51 -26.21
CA MET L 715 -48.70 7.95 -24.98
C MET L 715 -47.62 6.96 -24.53
N GLU L 716 -46.38 7.43 -24.54
CA GLU L 716 -45.22 6.65 -24.10
C GLU L 716 -45.24 5.19 -24.58
N GLY L 717 -45.20 5.02 -25.90
CA GLY L 717 -45.19 3.70 -26.51
C GLY L 717 -46.57 3.17 -26.84
N THR L 718 -47.42 3.05 -25.82
CA THR L 718 -48.74 2.44 -25.97
C THR L 718 -49.71 3.27 -26.83
N ARG L 719 -50.05 2.72 -27.99
CA ARG L 719 -50.99 3.32 -28.93
C ARG L 719 -52.42 3.13 -28.41
N TYR L 720 -53.20 4.22 -28.46
CA TYR L 720 -54.61 4.15 -28.05
C TYR L 720 -55.48 3.63 -29.17
N ALA L 721 -56.50 2.86 -28.82
CA ALA L 721 -57.52 2.41 -29.77
C ALA L 721 -58.51 3.54 -30.05
N GLU L 722 -58.73 4.38 -29.04
CA GLU L 722 -59.65 5.52 -29.13
C GLU L 722 -58.91 6.79 -28.69
N PRO L 723 -59.08 7.88 -29.46
CA PRO L 723 -58.44 9.17 -29.13
C PRO L 723 -58.91 9.71 -27.78
N LYS L 724 -57.98 9.86 -26.85
CA LYS L 724 -58.31 10.30 -25.49
C LYS L 724 -57.77 11.69 -25.21
N LEU L 725 -58.51 12.43 -24.36
CA LEU L 725 -58.21 13.83 -24.07
C LEU L 725 -57.25 14.00 -22.91
N LYS L 726 -56.43 15.05 -22.97
CA LYS L 726 -55.55 15.41 -21.89
C LYS L 726 -55.65 16.91 -21.62
N ILE L 727 -56.14 17.24 -20.43
CA ILE L 727 -56.37 18.63 -20.04
C ILE L 727 -55.52 18.98 -18.82
N MET L 728 -54.87 20.15 -18.89
CA MET L 728 -53.99 20.61 -17.82
C MET L 728 -54.22 22.09 -17.50
N GLY L 729 -54.58 22.36 -16.25
CA GLY L 729 -54.71 23.73 -15.75
C GLY L 729 -55.84 24.55 -16.36
N LEU L 730 -57.00 23.93 -16.52
CA LEU L 730 -58.16 24.62 -17.08
C LEU L 730 -59.35 24.62 -16.10
N GLU L 731 -60.39 25.37 -16.44
CA GLU L 731 -61.56 25.50 -15.58
C GLU L 731 -62.48 24.28 -15.59
N THR L 732 -62.13 23.27 -16.39
CA THR L 732 -62.89 22.02 -16.47
C THR L 732 -62.72 21.19 -15.20
N GLN L 733 -61.72 21.53 -14.39
CA GLN L 733 -61.38 20.80 -13.18
C GLN L 733 -62.03 21.41 -11.93
N LYS L 734 -62.27 22.72 -11.97
CA LYS L 734 -62.75 23.49 -10.81
C LYS L 734 -63.94 22.87 -10.08
N SER L 735 -63.91 23.00 -8.75
CA SER L 735 -65.02 22.57 -7.89
C SER L 735 -66.17 23.56 -7.97
N SER L 736 -65.85 24.82 -8.26
CA SER L 736 -66.85 25.88 -8.40
C SER L 736 -67.76 25.66 -9.62
N THR L 737 -67.21 25.02 -10.64
CA THR L 737 -67.95 24.72 -11.87
C THR L 737 -68.95 23.59 -11.63
N PRO L 738 -70.24 23.83 -11.98
CA PRO L 738 -71.28 22.81 -11.85
C PRO L 738 -71.04 21.58 -12.72
N LYS L 739 -71.57 20.44 -12.29
CA LYS L 739 -71.43 19.16 -12.98
C LYS L 739 -71.76 19.24 -14.49
N ALA L 740 -72.88 19.87 -14.81
CA ALA L 740 -73.36 19.98 -16.20
C ALA L 740 -72.46 20.86 -17.06
N VAL L 741 -71.90 21.90 -16.46
CA VAL L 741 -70.99 22.80 -17.18
C VAL L 741 -69.65 22.11 -17.44
N GLN L 742 -69.19 21.34 -16.45
CA GLN L 742 -67.97 20.54 -16.58
C GLN L 742 -68.09 19.56 -17.74
N LYS L 743 -69.28 18.97 -17.90
CA LYS L 743 -69.56 18.05 -19.00
C LYS L 743 -69.57 18.79 -20.33
N ALA L 744 -70.12 20.00 -20.32
CA ALA L 744 -70.22 20.84 -21.52
C ALA L 744 -68.86 21.34 -21.98
N LEU L 745 -68.07 21.85 -21.04
CA LEU L 745 -66.74 22.39 -21.34
C LEU L 745 -65.80 21.35 -21.95
N LYS L 746 -65.85 20.13 -21.40
CA LYS L 746 -65.03 19.03 -21.91
C LYS L 746 -65.46 18.65 -23.34
N GLU L 747 -66.78 18.62 -23.55
CA GLU L 747 -67.36 18.34 -24.87
C GLU L 747 -66.97 19.43 -25.87
N CYS L 748 -66.92 20.67 -25.41
CA CYS L 748 -66.54 21.81 -26.24
C CYS L 748 -65.10 21.70 -26.74
N ILE L 749 -64.18 21.38 -25.84
CA ILE L 749 -62.77 21.20 -26.19
C ILE L 749 -62.59 19.95 -27.05
N ARG L 750 -63.35 18.90 -26.76
CA ARG L 750 -63.33 17.68 -27.56
C ARG L 750 -63.71 17.96 -29.02
N ARG L 751 -64.81 18.68 -29.21
CA ARG L 751 -65.27 19.08 -30.55
C ARG L 751 -64.36 20.14 -31.17
N MET L 752 -63.71 20.93 -30.32
CA MET L 752 -62.79 21.97 -30.76
C MET L 752 -61.53 21.37 -31.39
N LEU L 753 -60.98 20.34 -30.74
CA LEU L 753 -59.73 19.72 -31.20
C LEU L 753 -59.92 18.70 -32.32
N GLN L 754 -61.09 18.07 -32.36
CA GLN L 754 -61.34 16.96 -33.29
C GLN L 754 -62.15 17.36 -34.52
N GLU L 755 -63.33 17.93 -34.29
CA GLU L 755 -64.33 18.07 -35.35
C GLU L 755 -64.39 19.43 -36.06
N GLY L 756 -63.90 20.47 -35.40
CA GLY L 756 -63.77 21.78 -36.03
C GLY L 756 -64.62 22.89 -35.42
N GLU L 757 -64.54 24.07 -36.03
CA GLU L 757 -65.26 25.26 -35.57
C GLU L 757 -66.78 25.11 -35.71
N GLU L 758 -67.21 24.45 -36.80
CA GLU L 758 -68.63 24.27 -37.08
C GLU L 758 -69.32 23.36 -36.07
N SER L 759 -68.57 22.39 -35.56
CA SER L 759 -69.09 21.47 -34.54
C SER L 759 -69.21 22.15 -33.17
N LEU L 760 -68.30 23.08 -32.89
CA LEU L 760 -68.34 23.86 -31.65
C LEU L 760 -69.56 24.78 -31.64
N GLN L 761 -69.76 25.49 -32.76
CA GLN L 761 -70.91 26.38 -32.92
C GLN L 761 -72.23 25.63 -32.86
N GLU L 762 -72.20 24.36 -33.27
CA GLU L 762 -73.36 23.47 -33.20
C GLU L 762 -73.70 23.16 -31.74
N TYR L 763 -72.68 22.81 -30.97
CA TYR L 763 -72.86 22.43 -29.57
C TYR L 763 -73.11 23.62 -28.65
N PHE L 764 -72.55 24.77 -29.00
CA PHE L 764 -72.74 25.99 -28.21
C PHE L 764 -74.20 26.48 -28.23
N LYS L 765 -74.87 26.26 -29.35
CA LYS L 765 -76.29 26.57 -29.48
C LYS L 765 -77.18 25.44 -28.94
N GLU L 766 -76.63 24.23 -28.94
CA GLU L 766 -77.32 23.05 -28.44
C GLU L 766 -77.40 23.06 -26.90
N PHE L 767 -76.32 23.52 -26.26
CA PHE L 767 -76.23 23.54 -24.80
C PHE L 767 -76.92 24.76 -24.19
N GLU L 768 -76.84 25.90 -24.88
CA GLU L 768 -77.35 27.17 -24.37
C GLU L 768 -78.85 27.16 -24.09
N LYS L 769 -79.62 26.47 -24.92
CA LYS L 769 -81.07 26.35 -24.75
C LYS L 769 -81.45 25.11 -23.94
N GLU L 770 -80.53 24.15 -23.84
CA GLU L 770 -80.69 22.99 -22.96
C GLU L 770 -80.25 23.32 -21.53
N PHE L 771 -79.70 24.52 -21.35
CA PHE L 771 -79.26 25.03 -20.05
C PHE L 771 -80.46 25.37 -19.19
N ARG L 772 -81.49 25.95 -19.81
CA ARG L 772 -82.74 26.28 -19.13
C ARG L 772 -83.54 25.02 -18.78
N GLN L 773 -83.34 23.97 -19.55
CA GLN L 773 -84.02 22.69 -19.35
C GLN L 773 -83.45 21.91 -18.16
N LEU L 774 -82.28 22.32 -17.69
CA LEU L 774 -81.58 21.60 -16.63
C LEU L 774 -82.10 21.92 -15.22
N ASN L 775 -81.94 20.96 -14.32
CA ASN L 775 -82.33 21.10 -12.92
C ASN L 775 -81.47 22.11 -12.17
N TYR L 776 -82.03 22.72 -11.12
CA TYR L 776 -81.33 23.77 -10.37
C TYR L 776 -80.10 23.28 -9.62
N ILE L 777 -80.14 22.02 -9.17
CA ILE L 777 -79.00 21.40 -8.48
C ILE L 777 -77.84 21.20 -9.47
N SER L 778 -78.17 20.83 -10.69
CA SER L 778 -77.18 20.54 -11.73
C SER L 778 -76.55 21.79 -12.38
N ILE L 779 -77.03 22.97 -12.01
CA ILE L 779 -76.45 24.23 -12.55
C ILE L 779 -75.95 25.19 -11.46
N ALA L 780 -76.10 24.79 -10.20
CA ALA L 780 -75.61 25.60 -9.07
C ALA L 780 -74.10 25.43 -8.88
N SER L 781 -73.44 26.52 -8.51
CA SER L 781 -72.01 26.50 -8.23
C SER L 781 -71.74 26.02 -6.81
N VAL L 782 -70.66 25.25 -6.65
CA VAL L 782 -70.28 24.69 -5.34
C VAL L 782 -69.08 25.45 -4.79
N SER L 783 -69.14 25.81 -3.51
CA SER L 783 -68.05 26.52 -2.85
C SER L 783 -67.91 26.17 -1.38
N SER L 784 -66.68 25.93 -0.94
CA SER L 784 -66.36 25.78 0.48
C SER L 784 -66.36 27.16 1.13
N ALA L 785 -67.18 27.32 2.18
CA ALA L 785 -67.34 28.62 2.84
C ALA L 785 -66.55 28.69 4.15
N ASN L 786 -65.39 29.34 4.10
CA ASN L 786 -64.55 29.53 5.28
C ASN L 786 -64.77 30.89 5.93
N ASN L 787 -64.97 30.88 7.25
CA ASN L 787 -65.22 32.07 8.06
C ASN L 787 -66.49 32.84 7.69
N ILE L 788 -67.59 32.49 8.34
CA ILE L 788 -68.87 33.18 8.16
C ILE L 788 -69.02 34.32 9.15
N ALA L 789 -68.70 34.05 10.42
CA ALA L 789 -68.83 35.00 11.51
C ALA L 789 -67.99 36.27 11.34
N LYS L 790 -66.88 36.15 10.61
CA LYS L 790 -65.99 37.27 10.35
C LYS L 790 -66.61 38.29 9.38
N TYR L 791 -67.51 37.82 8.53
CA TYR L 791 -68.21 38.67 7.57
C TYR L 791 -69.69 38.84 7.91
N ASP L 792 -70.14 38.18 8.97
CA ASP L 792 -71.52 38.27 9.44
C ASP L 792 -71.75 39.59 10.18
N VAL L 793 -72.73 40.36 9.69
CA VAL L 793 -73.11 41.63 10.33
C VAL L 793 -74.59 41.57 10.77
N GLY L 794 -74.89 40.60 11.62
CA GLY L 794 -76.25 40.37 12.11
C GLY L 794 -77.19 39.84 11.03
N GLY L 795 -76.67 38.96 10.19
CA GLY L 795 -77.42 38.41 9.06
C GLY L 795 -77.34 39.27 7.83
N PHE L 796 -76.25 40.04 7.71
CA PHE L 796 -76.02 40.93 6.57
C PHE L 796 -74.55 40.92 6.14
N PRO L 797 -74.28 41.22 4.86
CA PRO L 797 -72.90 41.27 4.34
C PRO L 797 -72.06 42.40 4.93
N GLY L 798 -70.74 42.23 4.88
CA GLY L 798 -69.79 43.24 5.35
C GLY L 798 -68.82 43.69 4.26
N PRO L 799 -67.78 44.46 4.64
CA PRO L 799 -66.79 44.97 3.69
C PRO L 799 -65.95 43.86 3.07
N LYS L 800 -65.71 43.96 1.76
CA LYS L 800 -64.93 42.99 0.97
C LYS L 800 -65.38 41.54 1.18
N CYS L 801 -66.69 41.32 1.10
CA CYS L 801 -67.28 40.00 1.34
C CYS L 801 -67.35 39.17 0.05
N PRO L 802 -66.86 37.91 0.12
CA PRO L 802 -66.89 36.97 -1.00
C PRO L 802 -68.31 36.64 -1.45
N PHE L 803 -68.46 36.33 -2.74
CA PHE L 803 -69.77 36.12 -3.38
C PHE L 803 -70.60 35.01 -2.73
N HIS L 804 -69.91 33.98 -2.23
CA HIS L 804 -70.58 32.84 -1.60
C HIS L 804 -71.04 33.12 -0.20
N ILE L 805 -70.20 33.81 0.57
CA ILE L 805 -70.52 34.19 1.94
C ILE L 805 -71.80 35.05 1.96
N ARG L 806 -71.90 35.93 0.98
CA ARG L 806 -73.07 36.79 0.79
C ARG L 806 -74.36 36.00 0.60
N GLY L 807 -74.27 34.89 -0.12
CA GLY L 807 -75.43 34.05 -0.43
C GLY L 807 -76.02 33.31 0.75
N ILE L 808 -75.17 32.94 1.71
CA ILE L 808 -75.61 32.21 2.90
C ILE L 808 -76.51 33.08 3.77
N LEU L 809 -76.12 34.34 3.93
CA LEU L 809 -76.86 35.32 4.73
C LEU L 809 -78.22 35.65 4.12
N THR L 810 -78.30 35.61 2.80
CA THR L 810 -79.51 35.87 2.04
C THR L 810 -80.57 34.79 2.29
N TYR L 811 -80.10 33.55 2.36
CA TYR L 811 -80.96 32.39 2.60
C TYR L 811 -81.47 32.35 4.03
N ASN L 812 -80.64 32.77 4.97
CA ASN L 812 -80.99 32.79 6.39
C ASN L 812 -82.02 33.87 6.75
N ARG L 813 -82.15 34.88 5.88
CA ARG L 813 -83.17 35.92 6.03
C ARG L 813 -84.53 35.43 5.54
N ALA L 814 -84.51 34.47 4.62
CA ALA L 814 -85.74 33.88 4.09
C ALA L 814 -86.39 32.92 5.09
N ILE L 815 -85.56 32.22 5.86
CA ILE L 815 -86.03 31.25 6.86
C ILE L 815 -86.13 31.83 8.27
N LYS L 816 -86.29 33.15 8.37
CA LYS L 816 -86.36 33.84 9.66
C LYS L 816 -87.66 33.53 10.41
N GLY L 817 -87.55 32.74 11.48
CA GLY L 817 -88.69 32.34 12.30
C GLY L 817 -89.58 31.33 11.60
N ASN L 818 -89.03 30.13 11.37
CA ASN L 818 -89.73 29.08 10.63
C ASN L 818 -89.70 27.71 11.32
N ILE L 819 -90.49 26.78 10.79
CA ILE L 819 -90.63 25.43 11.35
C ILE L 819 -89.39 24.57 11.10
N ASP L 820 -89.01 24.42 9.83
CA ASP L 820 -87.91 23.54 9.44
C ASP L 820 -86.88 24.25 8.56
N ALA L 821 -85.67 24.43 9.10
CA ALA L 821 -84.58 25.07 8.38
C ALA L 821 -83.27 24.31 8.55
N PRO L 822 -82.64 23.90 7.44
CA PRO L 822 -81.35 23.20 7.47
C PRO L 822 -80.21 24.08 7.98
N GLN L 823 -79.33 23.49 8.80
CA GLN L 823 -78.17 24.19 9.34
C GLN L 823 -77.04 24.27 8.33
N VAL L 824 -76.42 25.44 8.23
CA VAL L 824 -75.27 25.64 7.35
C VAL L 824 -73.98 25.58 8.17
N VAL L 825 -73.28 24.46 8.06
CA VAL L 825 -72.05 24.22 8.82
C VAL L 825 -70.86 24.94 8.15
N GLU L 826 -70.17 25.76 8.92
CA GLU L 826 -69.03 26.53 8.43
C GLU L 826 -67.82 25.63 8.19
N GLY L 827 -67.16 25.82 7.04
CA GLY L 827 -66.00 25.02 6.65
C GLY L 827 -66.34 23.94 5.64
N GLU L 828 -67.62 23.82 5.31
CA GLU L 828 -68.09 22.82 4.36
C GLU L 828 -68.72 23.44 3.11
N LYS L 829 -68.99 22.61 2.09
CA LYS L 829 -69.46 23.07 0.79
C LYS L 829 -70.95 23.39 0.74
N VAL L 830 -71.31 24.36 -0.10
CA VAL L 830 -72.71 24.77 -0.30
C VAL L 830 -72.99 25.09 -1.77
N TYR L 831 -74.27 25.08 -2.15
CA TYR L 831 -74.69 25.47 -3.50
C TYR L 831 -74.99 26.96 -3.58
N VAL L 832 -74.48 27.61 -4.63
CA VAL L 832 -74.65 29.05 -4.83
C VAL L 832 -75.39 29.33 -6.13
N LEU L 833 -76.38 30.21 -6.07
CA LEU L 833 -77.10 30.66 -7.27
C LEU L 833 -77.28 32.18 -7.31
N PRO L 834 -76.99 32.81 -8.47
CA PRO L 834 -77.20 34.24 -8.63
C PRO L 834 -78.67 34.58 -8.90
N LEU L 835 -79.09 35.74 -8.41
CA LEU L 835 -80.46 36.20 -8.58
C LEU L 835 -80.50 37.53 -9.32
N ARG L 836 -81.53 37.72 -10.14
CA ARG L 836 -81.78 39.01 -10.79
C ARG L 836 -82.13 40.03 -9.72
N GLU L 837 -81.62 41.26 -9.89
CA GLU L 837 -81.92 42.34 -8.95
C GLU L 837 -83.40 42.68 -8.97
N GLY L 838 -83.97 42.89 -7.78
CA GLY L 838 -85.40 43.12 -7.64
C GLY L 838 -86.09 41.96 -6.96
N ASN L 839 -85.29 41.01 -6.49
CA ASN L 839 -85.78 39.84 -5.74
C ASN L 839 -86.31 40.23 -4.36
N PRO L 840 -87.24 39.43 -3.80
CA PRO L 840 -87.79 39.68 -2.46
C PRO L 840 -86.72 39.62 -1.36
N PHE L 841 -85.57 39.03 -1.69
CA PHE L 841 -84.42 38.99 -0.79
C PHE L 841 -83.55 40.23 -1.00
N GLY L 842 -82.73 40.55 -0.01
CA GLY L 842 -81.87 41.73 -0.06
C GLY L 842 -80.74 41.66 -1.08
N ASP L 843 -79.98 40.57 -1.03
CA ASP L 843 -78.78 40.41 -1.86
C ASP L 843 -79.06 39.96 -3.30
N LYS L 844 -77.97 39.80 -4.07
CA LYS L 844 -78.04 39.44 -5.48
C LYS L 844 -77.86 37.93 -5.73
N CYS L 845 -77.70 37.16 -4.65
CA CYS L 845 -77.49 35.72 -4.76
C CYS L 845 -77.89 34.97 -3.49
N ILE L 846 -78.30 33.71 -3.65
CA ILE L 846 -78.71 32.86 -2.54
C ILE L 846 -77.87 31.57 -2.48
N ALA L 847 -77.72 31.01 -1.29
CA ALA L 847 -76.92 29.80 -1.09
C ALA L 847 -77.52 28.85 -0.05
N TRP L 848 -77.60 27.56 -0.40
CA TRP L 848 -78.10 26.53 0.49
C TRP L 848 -77.13 25.36 0.56
N PRO L 849 -77.26 24.49 1.59
CA PRO L 849 -76.28 23.40 1.79
C PRO L 849 -76.18 22.43 0.62
N SER L 850 -74.95 22.03 0.29
CA SER L 850 -74.71 21.11 -0.82
C SER L 850 -75.34 19.75 -0.58
N GLY L 851 -75.85 19.14 -1.65
CA GLY L 851 -76.53 17.84 -1.57
C GLY L 851 -78.01 17.94 -1.29
N THR L 852 -78.39 18.84 -0.37
CA THR L 852 -79.76 18.95 0.11
C THR L 852 -80.70 19.71 -0.85
N GLU L 853 -81.94 19.89 -0.42
CA GLU L 853 -82.96 20.60 -1.20
C GLU L 853 -83.33 21.91 -0.51
N ILE L 854 -83.85 22.86 -1.29
CA ILE L 854 -84.35 24.12 -0.74
C ILE L 854 -85.77 23.91 -0.19
N THR L 855 -86.03 24.47 1.00
CA THR L 855 -87.34 24.34 1.66
C THR L 855 -88.45 24.93 0.78
N ASP L 856 -89.54 24.17 0.66
CA ASP L 856 -90.63 24.48 -0.27
C ASP L 856 -91.37 25.78 -0.01
N LEU L 857 -91.16 26.36 1.18
CA LEU L 857 -91.77 27.65 1.54
C LEU L 857 -91.20 28.81 0.73
N ILE L 858 -89.98 28.64 0.23
CA ILE L 858 -89.28 29.69 -0.53
C ILE L 858 -88.62 29.16 -1.82
N LYS L 859 -88.69 27.85 -2.02
CA LYS L 859 -88.06 27.17 -3.17
C LYS L 859 -88.53 27.71 -4.52
N ASP L 860 -89.85 27.89 -4.66
CA ASP L 860 -90.46 28.35 -5.90
C ASP L 860 -90.17 29.81 -6.24
N ASP L 861 -89.87 30.61 -5.21
CA ASP L 861 -89.51 32.02 -5.38
C ASP L 861 -88.08 32.18 -5.91
N VAL L 862 -87.19 31.30 -5.47
CA VAL L 862 -85.77 31.32 -5.86
C VAL L 862 -85.59 30.97 -7.33
N LEU L 863 -86.22 29.87 -7.75
CA LEU L 863 -86.17 29.39 -9.13
C LEU L 863 -86.77 30.41 -10.10
N HIS L 864 -87.69 31.23 -9.61
CA HIS L 864 -88.33 32.29 -10.38
C HIS L 864 -87.38 33.41 -10.69
N TRP L 865 -86.63 33.85 -9.67
CA TRP L 865 -85.71 34.97 -9.81
C TRP L 865 -84.30 34.56 -10.19
N MET L 866 -84.16 33.36 -10.75
CA MET L 866 -82.86 32.86 -11.19
C MET L 866 -82.28 33.72 -12.31
N ASP L 867 -80.96 33.92 -12.26
CA ASP L 867 -80.26 34.73 -13.26
C ASP L 867 -79.49 33.84 -14.22
N TYR L 868 -80.18 33.37 -15.25
CA TYR L 868 -79.58 32.53 -16.28
C TYR L 868 -78.46 33.24 -17.05
N THR L 869 -78.63 34.55 -17.21
CA THR L 869 -77.64 35.40 -17.90
C THR L 869 -76.31 35.41 -17.15
N VAL L 870 -76.35 35.79 -15.87
CA VAL L 870 -75.15 35.92 -15.04
C VAL L 870 -74.49 34.58 -14.76
N LEU L 871 -75.29 33.55 -14.50
CA LEU L 871 -74.77 32.21 -14.20
C LEU L 871 -73.97 31.63 -15.37
N LEU L 872 -74.53 31.73 -16.58
CA LEU L 872 -73.91 31.20 -17.78
C LEU L 872 -72.64 31.99 -18.17
N GLU L 873 -72.73 33.32 -18.07
CA GLU L 873 -71.62 34.21 -18.37
C GLU L 873 -70.39 33.96 -17.49
N LYS L 874 -70.62 33.72 -16.20
CA LYS L 874 -69.54 33.57 -15.22
C LYS L 874 -68.91 32.18 -15.15
N THR L 875 -69.71 31.15 -15.41
CA THR L 875 -69.26 29.76 -15.27
C THR L 875 -68.84 29.14 -16.59
N PHE L 876 -69.55 29.47 -17.67
CA PHE L 876 -69.38 28.80 -18.95
C PHE L 876 -68.72 29.67 -20.03
N ILE L 877 -69.30 30.83 -20.32
CA ILE L 877 -68.84 31.67 -21.43
C ILE L 877 -67.44 32.26 -21.21
N LYS L 878 -67.25 32.97 -20.10
CA LYS L 878 -65.96 33.63 -19.81
C LYS L 878 -64.74 32.70 -19.85
N PRO L 879 -64.82 31.49 -19.27
CA PRO L 879 -63.70 30.55 -19.42
C PRO L 879 -63.54 30.03 -20.86
N LEU L 880 -64.65 29.87 -21.57
CA LEU L 880 -64.63 29.40 -22.96
C LEU L 880 -64.05 30.45 -23.91
N GLU L 881 -64.33 31.73 -23.63
CA GLU L 881 -63.74 32.85 -24.35
C GLU L 881 -62.22 32.81 -24.28
N GLY L 882 -61.70 32.48 -23.10
CA GLY L 882 -60.26 32.34 -22.88
C GLY L 882 -59.63 31.23 -23.73
N PHE L 883 -60.40 30.19 -24.01
CA PHE L 883 -59.92 29.09 -24.84
C PHE L 883 -59.96 29.49 -26.31
N THR L 884 -61.08 30.08 -26.72
CA THR L 884 -61.30 30.45 -28.12
C THR L 884 -60.51 31.69 -28.55
N SER L 885 -60.02 32.45 -27.58
CA SER L 885 -59.15 33.61 -27.86
C SER L 885 -57.74 33.15 -28.20
N ALA L 886 -57.25 32.17 -27.45
CA ALA L 886 -55.92 31.61 -27.66
C ALA L 886 -55.88 30.72 -28.90
N ALA L 887 -56.92 29.90 -29.08
CA ALA L 887 -57.03 29.01 -30.24
C ALA L 887 -57.56 29.73 -31.49
N LYS L 888 -57.90 31.01 -31.32
CA LYS L 888 -58.33 31.90 -32.41
C LYS L 888 -59.57 31.42 -33.16
N LEU L 889 -60.61 31.07 -32.39
CA LEU L 889 -61.88 30.61 -32.93
C LEU L 889 -63.05 31.43 -32.38
N ASP L 890 -64.20 31.32 -33.05
CA ASP L 890 -65.42 31.98 -32.62
C ASP L 890 -66.52 30.95 -32.35
N TYR L 891 -67.06 30.96 -31.14
CA TYR L 891 -68.20 30.10 -30.81
C TYR L 891 -69.50 30.66 -31.39
N GLU L 892 -69.47 31.94 -31.75
CA GLU L 892 -70.60 32.58 -32.43
C GLU L 892 -70.22 32.83 -33.88
N LYS L 893 -71.06 32.32 -34.79
CA LYS L 893 -70.78 32.34 -36.22
C LYS L 893 -70.87 33.73 -36.84
N LYS L 894 -69.85 34.09 -37.60
CA LYS L 894 -69.83 35.35 -38.37
C LYS L 894 -70.71 35.23 -39.62
N ALA L 895 -71.36 36.32 -39.97
CA ALA L 895 -72.13 36.40 -41.22
C ALA L 895 -71.16 36.46 -42.40
N SER L 896 -71.13 35.38 -43.18
CA SER L 896 -70.17 35.24 -44.26
C SER L 896 -70.78 35.58 -45.63
N LEU L 897 -70.00 36.26 -46.46
CA LEU L 897 -70.45 36.70 -47.77
C LEU L 897 -70.33 35.58 -48.82
N PHE L 898 -71.17 34.55 -48.66
CA PHE L 898 -71.18 33.41 -49.57
C PHE L 898 -72.61 32.96 -49.87
#